data_6PD2
#
_entry.id   6PD2
#
_cell.length_a   76.450
_cell.length_b   154.050
_cell.length_c   134.580
_cell.angle_alpha   90.00
_cell.angle_beta   90.90
_cell.angle_gamma   90.00
#
_symmetry.space_group_name_H-M   'P 1 21 1'
#
loop_
_entity.id
_entity.type
_entity.pdbx_description
1 polymer 'Nucleotidyl transferase/aminotransferase, class V'
2 non-polymer "PYRIDOXAL-5'-PHOSPHATE"
3 non-polymer 'MAGNESIUM ION'
4 non-polymer 'PHOSPHATE ION'
5 non-polymer "5'-O-[(S)-{[(R)-(2-aminoethyl)(hydroxy)phosphoryl]oxy}(hydroxy)phosphoryl]cytidine"
6 non-polymer 1,2-ETHANEDIOL
7 non-polymer 'ACETATE ION'
8 non-polymer GLYCEROL
9 water water
#
_entity_poly.entity_id   1
_entity_poly.type   'polypeptide(L)'
_entity_poly.pdbx_seq_one_letter_code
;MIKQAVILAGGLGSRLKDKTKTMPKGFLEIGGTAIVEQSVQKLLAHGIEKIVIGTGHCNEYYDNLAKKYPAIITVKNENY
ANTGSMGTLEVCASFVNESFLLLESDLIYDSAGLFSLINDERKNLILASGATKSGDEVYLEADEKNCLTGLSKNRDALKN
IFGELVGITKLTKSTLDKMCAYAKIHHSDLPKMEYEHALLEAAKTIPVAIKRIEYFVWREIDNEDHLEMAVKNIYPHIVE
NEKLRAVRREVLLNPGPATTTDSVKYAQVSADICPREKAFGDLMQWLCDELKLFALASETNPDEYETVMFGCSGTGADEV
MVSSCVPDTGRLLVIDNGSYGARMAKIADIYKIPMDIFKSSTYEPLDLQKLEAEFATKKYTHLACVYHETTTGLLNPLHI
ICPMAKKYGMVTIVDAVSAYCGMPMDLKSLGIDFMASTSNKNIQGMAGVGFVICNKAELEKTKDYPMRNYYLNLYDQYAY
FAKTHQTRFTPPVQTMYALRQAVLETKQETVQKRYERYTACWNILVAAIKKLGLKMLVKEEHQSHFITAILEPETPKYSF
EALHDFAAEHSFTIYPGKLGNIDTFRIANIGDIQPEEMRRFTVKLKEYMNGIGVGVLEHHHHHH
;
_entity_poly.pdbx_strand_id   A,B,C,D
#
loop_
_chem_comp.id
_chem_comp.type
_chem_comp.name
_chem_comp.formula
0RC non-polymer 5'-O-[(S)-{[(R)-(2-aminoethyl)(hydroxy)phosphoryl]oxy}(hydroxy)phosphoryl]cytidine 'C11 H20 N4 O10 P2'
ACT non-polymer 'ACETATE ION' 'C2 H3 O2 -1'
EDO non-polymer 1,2-ETHANEDIOL 'C2 H6 O2'
GOL non-polymer GLYCEROL 'C3 H8 O3'
MG non-polymer 'MAGNESIUM ION' 'Mg 2'
PLP non-polymer PYRIDOXAL-5'-PHOSPHATE 'C8 H10 N O6 P'
PO4 non-polymer 'PHOSPHATE ION' 'O4 P -3'
#
# COMPACT_ATOMS: atom_id res chain seq x y z
N MET A 1 14.00 1.41 38.50
CA MET A 1 14.58 0.46 39.44
C MET A 1 15.76 1.12 40.14
N ILE A 2 16.01 0.73 41.38
CA ILE A 2 17.15 1.25 42.14
C ILE A 2 18.36 0.35 41.92
N LYS A 3 19.45 0.92 41.41
CA LYS A 3 20.64 0.13 41.14
C LYS A 3 21.74 0.32 42.17
N GLN A 4 21.63 1.32 43.04
CA GLN A 4 22.70 1.65 43.96
C GLN A 4 22.19 1.73 45.40
N ALA A 5 23.10 1.45 46.33
CA ALA A 5 22.85 1.53 47.77
C ALA A 5 24.12 1.99 48.48
N VAL A 6 23.92 2.56 49.64
CA VAL A 6 25.01 3.04 50.49
C VAL A 6 24.73 2.52 51.88
N ILE A 7 25.71 1.85 52.48
CA ILE A 7 25.65 1.43 53.88
C ILE A 7 26.60 2.33 54.66
N LEU A 8 26.08 3.06 55.64
CA LEU A 8 26.96 3.88 56.48
C LEU A 8 27.45 2.99 57.62
N ALA A 9 28.76 2.71 57.67
CA ALA A 9 29.32 1.75 58.64
C ALA A 9 30.67 2.24 59.20
N GLY A 10 30.81 3.54 59.43
CA GLY A 10 32.03 4.02 60.05
C GLY A 10 32.02 4.11 61.57
N GLY A 11 30.88 3.82 62.20
CA GLY A 11 30.73 4.11 63.61
C GLY A 11 31.46 3.16 64.52
N LEU A 12 31.70 3.65 65.74
CA LEU A 12 32.45 2.90 66.74
C LEU A 12 31.59 1.86 67.43
N GLY A 13 30.27 2.08 67.49
CA GLY A 13 29.37 1.23 68.26
C GLY A 13 29.67 1.17 69.75
N SER A 14 30.22 2.27 70.30
CA SER A 14 30.73 2.31 71.68
C SER A 14 29.76 1.71 72.69
N ARG A 15 28.45 1.90 72.49
CA ARG A 15 27.44 1.41 73.42
C ARG A 15 27.38 -0.12 73.52
N LEU A 16 28.00 -0.85 72.58
CA LEU A 16 28.11 -2.31 72.69
C LEU A 16 29.37 -2.73 73.45
N LYS A 17 30.22 -1.78 73.83
CA LYS A 17 31.32 -1.98 74.78
C LYS A 17 32.26 -3.04 74.21
N ASP A 18 32.50 -4.15 74.90
CA ASP A 18 33.52 -5.11 74.49
C ASP A 18 33.23 -5.70 73.12
N LYS A 19 31.94 -5.86 72.77
CA LYS A 19 31.56 -6.47 71.49
C LYS A 19 32.19 -5.74 70.30
N THR A 20 32.32 -4.41 70.41
CA THR A 20 32.77 -3.58 69.31
C THR A 20 34.15 -2.97 69.54
N LYS A 21 34.87 -3.38 70.59
CA LYS A 21 36.22 -2.87 70.77
C LYS A 21 37.11 -3.21 69.58
N THR A 22 36.85 -4.33 68.92
CA THR A 22 37.72 -4.87 67.88
C THR A 22 37.00 -5.05 66.55
N MET A 23 35.72 -4.62 66.46
CA MET A 23 34.80 -5.09 65.43
C MET A 23 33.70 -4.07 65.16
N PRO A 24 33.30 -3.86 63.91
CA PRO A 24 32.09 -3.06 63.66
C PRO A 24 30.84 -3.84 64.05
N LYS A 25 29.84 -3.11 64.52
CA LYS A 25 28.65 -3.83 64.99
C LYS A 25 27.86 -4.45 63.83
N GLY A 26 28.12 -4.06 62.58
CA GLY A 26 27.49 -4.77 61.48
C GLY A 26 27.86 -6.24 61.45
N PHE A 27 28.96 -6.61 62.10
CA PHE A 27 29.48 -7.95 62.10
C PHE A 27 29.09 -8.75 63.32
N LEU A 28 28.18 -8.22 64.15
CA LEU A 28 27.45 -9.11 65.03
C LEU A 28 26.75 -10.16 64.19
N GLU A 29 26.63 -11.37 64.75
CA GLU A 29 26.10 -12.52 64.05
C GLU A 29 24.81 -12.98 64.72
N ILE A 30 23.75 -13.06 63.94
CA ILE A 30 22.51 -13.68 64.38
C ILE A 30 22.19 -14.74 63.34
N GLY A 31 21.84 -15.94 63.80
CA GLY A 31 21.57 -17.03 62.89
C GLY A 31 22.74 -17.46 62.04
N GLY A 32 23.98 -17.18 62.49
CA GLY A 32 25.17 -17.67 61.83
C GLY A 32 25.89 -16.71 60.89
N THR A 33 25.37 -15.50 60.70
CA THR A 33 25.89 -14.63 59.66
C THR A 33 25.87 -13.19 60.15
N ALA A 34 26.89 -12.43 59.76
CA ALA A 34 26.95 -11.02 60.11
C ALA A 34 25.65 -10.32 59.68
N ILE A 35 25.08 -9.49 60.56
CA ILE A 35 23.84 -8.83 60.18
C ILE A 35 24.05 -8.00 58.92
N VAL A 36 25.23 -7.39 58.78
CA VAL A 36 25.39 -6.53 57.61
C VAL A 36 25.58 -7.37 56.36
N GLU A 37 26.08 -8.60 56.48
CA GLU A 37 26.19 -9.46 55.32
C GLU A 37 24.80 -9.91 54.86
N GLN A 38 23.91 -10.20 55.81
CA GLN A 38 22.52 -10.45 55.46
C GLN A 38 21.91 -9.27 54.72
N SER A 39 22.17 -8.04 55.18
CA SER A 39 21.62 -6.88 54.48
C SER A 39 22.19 -6.81 53.06
N VAL A 40 23.48 -7.10 52.91
CA VAL A 40 24.10 -7.10 51.58
C VAL A 40 23.42 -8.11 50.66
N GLN A 41 23.09 -9.30 51.18
CA GLN A 41 22.45 -10.30 50.34
C GLN A 41 21.03 -9.88 49.96
N LYS A 42 20.31 -9.25 50.89
CA LYS A 42 18.97 -8.76 50.62
C LYS A 42 18.98 -7.64 49.58
N LEU A 43 19.96 -6.73 49.66
CA LEU A 43 20.11 -5.68 48.67
C LEU A 43 20.37 -6.26 47.27
N LEU A 44 21.40 -7.11 47.14
CA LEU A 44 21.69 -7.74 45.86
C LEU A 44 20.49 -8.54 45.36
N ALA A 45 19.78 -9.20 46.28
CA ALA A 45 18.62 -10.00 45.90
C ALA A 45 17.51 -9.17 45.28
N HIS A 46 17.41 -7.90 45.66
CA HIS A 46 16.50 -6.99 44.98
C HIS A 46 17.16 -6.21 43.85
N GLY A 47 18.23 -6.75 43.25
CA GLY A 47 18.75 -6.20 42.02
C GLY A 47 19.65 -4.98 42.16
N ILE A 48 20.03 -4.61 43.39
CA ILE A 48 21.07 -3.61 43.61
C ILE A 48 22.37 -4.13 43.03
N GLU A 49 23.03 -3.32 42.22
CA GLU A 49 24.24 -3.81 41.55
C GLU A 49 25.52 -3.17 42.07
N LYS A 50 25.42 -2.12 42.87
CA LYS A 50 26.59 -1.43 43.44
C LYS A 50 26.25 -1.04 44.86
N ILE A 51 27.04 -1.52 45.83
CA ILE A 51 26.84 -1.23 47.26
C ILE A 51 28.07 -0.47 47.75
N VAL A 52 27.90 0.80 48.08
CA VAL A 52 28.98 1.67 48.55
C VAL A 52 28.97 1.65 50.07
N ILE A 53 30.00 1.08 50.66
CA ILE A 53 30.05 0.94 52.11
C ILE A 53 31.06 1.95 52.63
N GLY A 54 30.56 2.94 53.38
CA GLY A 54 31.43 3.89 54.06
C GLY A 54 31.98 3.31 55.35
N THR A 55 33.30 3.14 55.38
CA THR A 55 33.96 2.44 56.46
C THR A 55 34.72 3.41 57.35
N GLY A 56 35.12 2.89 58.50
CA GLY A 56 35.94 3.68 59.41
C GLY A 56 36.53 2.75 60.45
N HIS A 57 35.92 2.73 61.61
CA HIS A 57 36.29 1.81 62.70
C HIS A 57 36.37 0.38 62.22
N CYS A 58 37.56 -0.22 62.39
CA CYS A 58 37.77 -1.63 62.07
C CYS A 58 37.40 -1.95 60.61
N ASN A 59 37.70 -1.01 59.72
CA ASN A 59 37.27 -1.11 58.32
C ASN A 59 37.69 -2.42 57.66
N GLU A 60 38.67 -3.13 58.25
CA GLU A 60 39.19 -4.37 57.68
C GLU A 60 38.09 -5.41 57.50
N TYR A 61 37.17 -5.51 58.44
CA TYR A 61 36.06 -6.44 58.33
C TYR A 61 35.27 -6.20 57.04
N TYR A 62 35.09 -4.93 56.68
CA TYR A 62 34.34 -4.59 55.48
C TYR A 62 35.18 -4.79 54.23
N ASP A 63 36.47 -4.46 54.28
CA ASP A 63 37.34 -4.77 53.15
C ASP A 63 37.33 -6.27 52.85
N ASN A 64 37.27 -7.09 53.91
CA ASN A 64 37.25 -8.54 53.70
C ASN A 64 35.89 -9.03 53.22
N LEU A 65 34.80 -8.42 53.70
CA LEU A 65 33.50 -8.67 53.10
C LEU A 65 33.51 -8.41 51.61
N ALA A 66 33.99 -7.23 51.20
CA ALA A 66 34.03 -6.91 49.77
C ALA A 66 34.69 -7.99 48.93
N LYS A 67 35.65 -8.75 49.50
CA LYS A 67 36.26 -9.85 48.74
C LYS A 67 35.25 -10.93 48.39
N LYS A 68 34.18 -11.07 49.17
CA LYS A 68 33.16 -12.09 48.90
C LYS A 68 32.03 -11.59 48.00
N TYR A 69 31.90 -10.27 47.86
CA TYR A 69 30.77 -9.66 47.15
C TYR A 69 31.32 -8.59 46.22
N PRO A 70 31.54 -8.92 44.95
CA PRO A 70 32.11 -7.97 43.98
C PRO A 70 31.35 -6.65 43.87
N ALA A 71 30.07 -6.64 44.24
CA ALA A 71 29.28 -5.42 44.14
C ALA A 71 29.69 -4.36 45.18
N ILE A 72 30.41 -4.75 46.22
CA ILE A 72 30.79 -3.82 47.28
C ILE A 72 31.99 -3.00 46.84
N ILE A 73 31.92 -1.70 47.10
CA ILE A 73 33.11 -0.85 47.13
C ILE A 73 33.19 -0.25 48.54
N THR A 74 34.37 -0.34 49.15
CA THR A 74 34.60 0.30 50.44
C THR A 74 35.32 1.63 50.24
N VAL A 75 34.93 2.62 51.03
CA VAL A 75 35.56 3.93 51.04
C VAL A 75 35.63 4.38 52.50
N LYS A 76 36.84 4.65 52.98
CA LYS A 76 37.05 4.92 54.41
C LYS A 76 36.90 6.41 54.71
N ASN A 77 36.07 6.72 55.71
CA ASN A 77 36.04 8.03 56.34
C ASN A 77 37.24 8.03 57.28
N GLU A 78 38.36 8.61 56.83
CA GLU A 78 39.59 8.57 57.62
C GLU A 78 39.42 9.29 58.96
N ASN A 79 38.47 10.22 59.03
CA ASN A 79 38.23 10.99 60.25
C ASN A 79 37.03 10.48 61.03
N TYR A 80 36.77 9.16 61.00
CA TYR A 80 35.50 8.65 61.50
C TYR A 80 35.32 8.95 62.97
N ALA A 81 36.43 9.04 63.71
CA ALA A 81 36.37 9.29 65.15
C ALA A 81 35.75 10.64 65.47
N ASN A 82 35.98 11.64 64.62
CA ASN A 82 35.59 13.00 64.95
C ASN A 82 34.41 13.51 64.12
N THR A 83 33.78 12.66 63.31
CA THR A 83 32.55 13.04 62.65
C THR A 83 31.41 12.13 63.09
N GLY A 84 30.20 12.52 62.68
CA GLY A 84 29.01 11.72 62.85
C GLY A 84 28.72 10.94 61.58
N SER A 85 27.50 10.42 61.49
CA SER A 85 27.21 9.55 60.35
C SER A 85 27.17 10.33 59.03
N MET A 86 26.91 11.66 59.08
CA MET A 86 26.89 12.46 57.84
C MET A 86 28.26 12.53 57.20
N GLY A 87 29.32 12.63 58.02
CA GLY A 87 30.67 12.68 57.48
C GLY A 87 31.04 11.44 56.70
N THR A 88 30.60 10.27 57.17
CA THR A 88 30.83 9.04 56.41
C THR A 88 30.07 9.03 55.08
N LEU A 89 28.79 9.43 55.09
CA LEU A 89 28.04 9.59 53.85
C LEU A 89 28.73 10.59 52.90
N GLU A 90 29.41 11.60 53.44
CA GLU A 90 30.10 12.57 52.59
C GLU A 90 31.23 11.93 51.78
N VAL A 91 32.06 11.06 52.39
CA VAL A 91 33.12 10.45 51.58
C VAL A 91 32.53 9.45 50.58
N CYS A 92 31.29 8.99 50.80
CA CYS A 92 30.68 8.02 49.88
C CYS A 92 30.09 8.67 48.63
N ALA A 93 29.66 9.94 48.72
CA ALA A 93 28.70 10.48 47.75
C ALA A 93 29.26 10.57 46.33
N SER A 94 30.58 10.80 46.19
CA SER A 94 31.14 10.86 44.84
C SER A 94 31.01 9.53 44.12
N PHE A 95 30.68 8.46 44.85
CA PHE A 95 30.51 7.13 44.28
C PHE A 95 29.07 6.83 43.95
N VAL A 96 28.16 7.76 44.23
CA VAL A 96 26.74 7.60 43.97
C VAL A 96 26.38 8.56 42.84
N ASN A 97 25.72 8.05 41.80
CA ASN A 97 25.38 8.92 40.67
C ASN A 97 23.93 8.81 40.22
N GLU A 98 23.10 8.05 40.93
CA GLU A 98 21.68 8.03 40.63
C GLU A 98 20.92 7.78 41.93
N SER A 99 19.61 7.59 41.81
CA SER A 99 18.80 7.29 42.98
C SER A 99 19.30 6.02 43.67
N PHE A 100 19.12 5.96 44.99
CA PHE A 100 19.81 4.95 45.77
C PHE A 100 19.10 4.73 47.11
N LEU A 101 19.32 3.55 47.66
CA LEU A 101 18.93 3.22 49.02
C LEU A 101 20.07 3.57 50.00
N LEU A 102 19.70 4.12 51.15
CA LEU A 102 20.67 4.51 52.15
C LEU A 102 20.34 3.77 53.43
N LEU A 103 21.26 2.92 53.89
CA LEU A 103 21.02 2.02 55.02
C LEU A 103 22.03 2.23 56.15
N GLU A 104 21.52 2.07 57.36
CA GLU A 104 22.35 1.98 58.56
C GLU A 104 22.92 0.57 58.65
N SER A 105 24.07 0.43 59.33
CA SER A 105 24.78 -0.85 59.36
C SER A 105 24.34 -1.78 60.49
N ASP A 106 23.53 -1.31 61.45
CA ASP A 106 23.17 -2.12 62.61
C ASP A 106 21.74 -2.62 62.54
N LEU A 107 21.25 -2.87 61.33
CA LEU A 107 19.86 -3.22 61.10
C LEU A 107 19.71 -4.70 60.80
N ILE A 108 18.62 -5.29 61.29
CA ILE A 108 17.96 -6.42 60.65
C ILE A 108 16.56 -5.98 60.25
N TYR A 109 16.08 -6.50 59.14
CA TYR A 109 14.81 -6.00 58.63
C TYR A 109 14.24 -7.02 57.67
N ASP A 110 12.91 -7.07 57.63
CA ASP A 110 12.17 -7.72 56.57
C ASP A 110 12.52 -7.09 55.22
N SER A 111 13.09 -7.88 54.30
CA SER A 111 13.40 -7.38 52.96
C SER A 111 12.19 -6.79 52.22
N ALA A 112 10.96 -7.01 52.70
CA ALA A 112 9.84 -6.35 52.01
C ALA A 112 9.90 -4.84 52.16
N GLY A 113 10.72 -4.31 53.08
CA GLY A 113 10.93 -2.87 53.12
C GLY A 113 11.73 -2.37 51.92
N LEU A 114 12.68 -3.18 51.44
CA LEU A 114 13.40 -2.87 50.20
C LEU A 114 12.45 -2.84 49.00
N PHE A 115 11.71 -3.90 48.82
CA PHE A 115 10.74 -3.99 47.73
C PHE A 115 9.76 -2.81 47.75
N SER A 116 9.26 -2.46 48.95
CA SER A 116 8.18 -1.48 49.08
C SER A 116 8.69 -0.07 48.79
N LEU A 117 9.93 0.25 49.20
CA LEU A 117 10.52 1.54 48.85
C LEU A 117 10.83 1.60 47.37
N ILE A 118 11.35 0.50 46.79
CA ILE A 118 11.68 0.50 45.36
C ILE A 118 10.42 0.70 44.52
N ASN A 119 9.29 0.19 44.99
CA ASN A 119 8.07 0.16 44.18
C ASN A 119 7.11 1.28 44.52
N ASP A 120 7.54 2.23 45.31
CA ASP A 120 6.76 3.41 45.60
C ASP A 120 7.11 4.48 44.58
N GLU A 121 6.10 5.20 44.07
CA GLU A 121 6.38 6.23 43.08
C GLU A 121 7.10 7.44 43.65
N ARG A 122 7.07 7.63 44.96
CA ARG A 122 7.70 8.82 45.51
C ARG A 122 9.22 8.69 45.48
N LYS A 123 9.92 9.73 44.98
CA LYS A 123 11.34 9.59 44.73
C LYS A 123 12.18 9.67 45.99
N ASN A 124 11.74 10.43 46.99
CA ASN A 124 12.50 10.62 48.22
C ASN A 124 11.61 10.16 49.39
N LEU A 125 12.02 9.09 50.07
CA LEU A 125 11.07 8.29 50.83
C LEU A 125 11.76 7.60 52.00
N ILE A 126 11.35 7.94 53.22
CA ILE A 126 11.87 7.32 54.44
C ILE A 126 10.98 6.13 54.81
N LEU A 127 11.57 4.97 55.01
CA LEU A 127 10.84 3.86 55.60
C LEU A 127 10.73 4.09 57.11
N ALA A 128 9.50 4.09 57.60
CA ALA A 128 9.22 4.24 59.01
C ALA A 128 8.31 3.12 59.47
N SER A 129 8.35 2.86 60.77
CA SER A 129 7.54 1.85 61.42
C SER A 129 6.62 2.48 62.45
N GLY A 130 5.74 1.65 62.98
CA GLY A 130 5.02 1.94 64.18
C GLY A 130 5.90 1.76 65.38
N ALA A 131 5.29 1.94 66.56
CA ALA A 131 5.99 1.87 67.84
C ALA A 131 6.70 0.54 68.04
N THR A 132 7.96 0.61 68.46
CA THR A 132 8.78 -0.56 68.68
C THR A 132 9.12 -0.81 70.14
N LYS A 133 8.99 0.19 71.02
CA LYS A 133 9.36 0.05 72.43
C LYS A 133 10.76 -0.52 72.55
N SER A 134 11.71 0.06 71.83
CA SER A 134 13.05 -0.52 71.77
C SER A 134 14.12 0.32 72.45
N GLY A 135 13.86 1.59 72.70
CA GLY A 135 14.91 2.48 73.17
C GLY A 135 15.69 3.09 72.01
N ASP A 136 16.00 4.38 72.15
CA ASP A 136 16.78 5.14 71.18
C ASP A 136 16.01 5.41 69.89
N GLU A 137 14.67 5.42 69.98
CA GLU A 137 13.84 5.63 68.79
C GLU A 137 14.03 7.05 68.26
N VAL A 138 14.20 7.18 66.94
CA VAL A 138 14.19 8.47 66.28
C VAL A 138 12.81 8.68 65.70
N TYR A 139 12.12 9.72 66.19
CA TYR A 139 10.74 9.96 65.85
C TYR A 139 10.65 11.01 64.75
N LEU A 140 9.70 10.78 63.83
CA LEU A 140 9.51 11.62 62.65
C LEU A 140 8.24 12.44 62.83
N GLU A 141 8.36 13.73 62.55
CA GLU A 141 7.23 14.63 62.44
C GLU A 141 6.92 14.83 60.96
N ALA A 142 5.62 14.76 60.61
CA ALA A 142 5.17 14.79 59.22
C ALA A 142 4.06 15.81 59.03
N ASP A 143 4.01 16.40 57.84
CA ASP A 143 2.94 17.32 57.49
C ASP A 143 1.76 16.55 56.88
N GLU A 144 0.75 17.27 56.39
CA GLU A 144 -0.47 16.65 55.89
C GLU A 144 -0.25 15.83 54.62
N LYS A 145 0.86 16.05 53.89
CA LYS A 145 1.24 15.21 52.76
C LYS A 145 2.15 14.06 53.19
N ASN A 146 2.23 13.79 54.48
CA ASN A 146 3.09 12.76 55.06
C ASN A 146 4.57 13.00 54.76
N CYS A 147 4.95 14.25 54.54
CA CYS A 147 6.34 14.62 54.30
C CYS A 147 7.00 15.10 55.59
N LEU A 148 8.32 14.94 55.66
CA LEU A 148 9.06 15.14 56.90
C LEU A 148 9.19 16.62 57.22
N THR A 149 8.82 16.99 58.46
CA THR A 149 9.00 18.34 58.96
C THR A 149 9.83 18.41 60.24
N GLY A 150 10.05 17.30 60.94
CA GLY A 150 10.95 17.32 62.07
C GLY A 150 11.38 15.93 62.42
N LEU A 151 12.53 15.83 63.11
CA LEU A 151 12.93 14.53 63.68
C LEU A 151 13.80 14.73 64.91
N SER A 152 13.68 13.77 65.85
CA SER A 152 14.31 13.86 67.16
C SER A 152 14.13 12.56 67.92
N LYS A 153 15.09 12.26 68.80
CA LYS A 153 14.98 11.16 69.74
C LYS A 153 14.14 11.55 70.97
N ASN A 154 13.88 12.84 71.17
CA ASN A 154 13.02 13.32 72.24
C ASN A 154 11.64 13.58 71.64
N ARG A 155 10.69 12.70 71.95
CA ARG A 155 9.39 12.77 71.29
C ARG A 155 8.65 14.07 71.60
N ASP A 156 9.03 14.75 72.70
CA ASP A 156 8.39 15.99 73.12
C ASP A 156 8.94 17.21 72.38
N ALA A 157 10.05 17.08 71.66
CA ALA A 157 10.53 18.14 70.80
C ALA A 157 9.78 18.23 69.47
N LEU A 158 8.75 17.41 69.25
CA LEU A 158 8.06 17.35 67.97
C LEU A 158 6.59 17.73 68.13
N LYS A 159 6.01 18.23 67.03
CA LYS A 159 4.61 18.63 67.05
C LYS A 159 3.66 17.47 66.77
N ASN A 160 4.14 16.38 66.16
CA ASN A 160 3.38 15.15 66.02
C ASN A 160 4.36 14.00 65.86
N ILE A 161 3.86 12.78 66.06
CA ILE A 161 4.68 11.57 65.97
C ILE A 161 4.13 10.72 64.82
N PHE A 162 4.72 10.83 63.63
CA PHE A 162 4.21 10.06 62.50
C PHE A 162 4.64 8.60 62.59
N GLY A 163 5.92 8.38 62.88
CA GLY A 163 6.42 7.03 63.05
C GLY A 163 7.88 7.09 63.47
N GLU A 164 8.52 5.93 63.54
CA GLU A 164 9.94 5.86 63.86
C GLU A 164 10.79 5.64 62.61
N LEU A 165 11.94 6.30 62.56
CA LEU A 165 12.89 6.07 61.47
C LEU A 165 13.44 4.65 61.54
N VAL A 166 13.31 3.91 60.42
CA VAL A 166 13.85 2.54 60.36
C VAL A 166 15.35 2.57 60.06
N GLY A 167 15.79 3.51 59.23
CA GLY A 167 17.17 3.54 58.79
C GLY A 167 17.38 3.03 57.39
N ILE A 168 16.32 2.95 56.57
CA ILE A 168 16.39 2.52 55.17
C ILE A 168 15.64 3.60 54.41
N THR A 169 16.36 4.39 53.62
CA THR A 169 15.80 5.57 52.98
C THR A 169 16.14 5.59 51.50
N LYS A 170 15.14 5.86 50.66
CA LYS A 170 15.37 6.01 49.23
C LYS A 170 15.58 7.49 48.89
N LEU A 171 16.63 7.80 48.13
CA LEU A 171 16.94 9.20 47.89
C LEU A 171 17.39 9.44 46.45
N THR A 172 17.18 10.66 45.96
CA THR A 172 17.77 11.05 44.70
C THR A 172 19.19 11.55 44.91
N LYS A 173 19.97 11.49 43.82
CA LYS A 173 21.28 12.13 43.80
C LYS A 173 21.18 13.62 44.14
N SER A 174 20.11 14.30 43.73
CA SER A 174 20.03 15.73 44.03
C SER A 174 19.79 15.96 45.52
N THR A 175 19.03 15.06 46.17
CA THR A 175 18.84 15.19 47.60
C THR A 175 20.15 14.95 48.34
N LEU A 176 20.95 13.98 47.86
CA LEU A 176 22.28 13.74 48.43
C LEU A 176 23.19 14.97 48.25
N ASP A 177 23.19 15.55 47.05
CA ASP A 177 23.93 16.82 46.84
C ASP A 177 23.55 17.87 47.88
N LYS A 178 22.26 18.04 48.13
CA LYS A 178 21.82 19.04 49.10
C LYS A 178 22.34 18.70 50.51
N MET A 179 22.24 17.43 50.91
CA MET A 179 22.75 17.03 52.21
C MET A 179 24.26 17.28 52.31
N CYS A 180 25.01 16.92 51.25
CA CYS A 180 26.45 17.12 51.32
C CYS A 180 26.84 18.59 51.27
N ALA A 181 26.00 19.44 50.68
CA ALA A 181 26.31 20.88 50.69
C ALA A 181 26.06 21.49 52.07
N TYR A 182 25.00 21.05 52.74
CA TYR A 182 24.73 21.54 54.10
C TYR A 182 25.74 20.98 55.11
N ALA A 183 26.12 19.71 54.97
CA ALA A 183 27.16 19.13 55.82
C ALA A 183 28.49 19.88 55.67
N LYS A 184 28.92 20.12 54.43
CA LYS A 184 30.19 20.78 54.18
C LYS A 184 30.23 22.18 54.78
N ILE A 185 29.15 22.95 54.61
CA ILE A 185 29.15 24.30 55.12
C ILE A 185 29.10 24.34 56.65
N HIS A 186 28.87 23.19 57.29
CA HIS A 186 28.87 23.11 58.75
C HIS A 186 29.98 22.20 59.28
N HIS A 187 31.09 22.08 58.54
CA HIS A 187 32.20 21.23 58.97
C HIS A 187 32.87 21.75 60.25
N SER A 188 32.76 23.05 60.53
CA SER A 188 33.38 23.64 61.71
C SER A 188 32.46 23.60 62.92
N ASP A 189 31.19 23.97 62.73
CA ASP A 189 30.28 24.13 63.86
C ASP A 189 29.48 22.87 64.16
N LEU A 190 29.25 22.02 63.16
CA LEU A 190 28.53 20.76 63.36
C LEU A 190 29.39 19.62 62.84
N PRO A 191 30.53 19.35 63.48
CA PRO A 191 31.44 18.35 62.94
C PRO A 191 30.93 16.93 63.07
N LYS A 192 30.04 16.67 64.02
CA LYS A 192 29.52 15.32 64.24
C LYS A 192 28.07 15.23 63.74
N MET A 193 27.78 15.95 62.66
CA MET A 193 26.42 15.94 62.12
C MET A 193 25.97 14.52 61.81
N GLU A 194 24.76 14.19 62.21
CA GLU A 194 24.21 12.89 61.86
C GLU A 194 23.49 13.01 60.52
N TYR A 195 23.41 11.91 59.78
CA TYR A 195 22.83 12.02 58.44
C TYR A 195 21.37 12.40 58.51
N GLU A 196 20.69 12.04 59.60
CA GLU A 196 19.29 12.41 59.74
C GLU A 196 19.15 13.93 59.76
N HIS A 197 20.08 14.61 60.43
CA HIS A 197 19.99 16.06 60.56
C HIS A 197 20.08 16.73 59.19
N ALA A 198 21.03 16.30 58.36
CA ALA A 198 21.15 16.87 57.02
C ALA A 198 19.96 16.51 56.15
N LEU A 199 19.31 15.37 56.43
CA LEU A 199 18.14 14.99 55.65
C LEU A 199 16.95 15.85 56.02
N LEU A 200 16.81 16.14 57.33
CA LEU A 200 15.80 17.08 57.79
C LEU A 200 15.98 18.45 57.15
N GLU A 201 17.23 18.94 57.14
CA GLU A 201 17.50 20.21 56.46
C GLU A 201 17.11 20.14 54.99
N ALA A 202 17.59 19.11 54.29
CA ALA A 202 17.26 18.96 52.88
C ALA A 202 15.75 18.94 52.68
N ALA A 203 15.02 18.29 53.60
CA ALA A 203 13.56 18.17 53.49
C ALA A 203 12.83 19.50 53.55
N LYS A 204 13.52 20.59 53.90
CA LYS A 204 12.86 21.90 53.91
C LYS A 204 12.57 22.40 52.51
N THR A 205 13.39 22.02 51.53
CA THR A 205 13.23 22.55 50.18
C THR A 205 12.91 21.48 49.15
N ILE A 206 13.27 20.21 49.42
CA ILE A 206 12.95 19.07 48.59
C ILE A 206 12.02 18.19 49.40
N PRO A 207 10.81 17.92 48.95
CA PRO A 207 9.89 17.12 49.76
C PRO A 207 10.44 15.72 49.96
N VAL A 208 10.43 15.29 51.23
CA VAL A 208 10.93 13.98 51.61
C VAL A 208 9.76 13.31 52.33
N ALA A 209 9.09 12.39 51.64
CA ALA A 209 7.94 11.72 52.20
C ALA A 209 8.39 10.64 53.18
N ILE A 210 7.43 10.19 53.99
CA ILE A 210 7.61 9.09 54.94
C ILE A 210 6.58 8.02 54.60
N LYS A 211 7.03 6.77 54.46
CA LYS A 211 6.14 5.62 54.28
C LYS A 211 6.09 4.83 55.59
N ARG A 212 4.99 4.97 56.31
CA ARG A 212 4.80 4.35 57.61
C ARG A 212 4.23 2.95 57.45
N ILE A 213 5.05 1.92 57.70
CA ILE A 213 4.59 0.53 57.71
C ILE A 213 4.36 0.16 59.17
N GLU A 214 3.10 0.15 59.60
CA GLU A 214 2.79 0.06 61.03
C GLU A 214 3.45 -1.15 61.68
N TYR A 215 3.42 -2.28 60.99
CA TYR A 215 3.85 -3.53 61.59
C TYR A 215 5.19 -3.99 61.05
N PHE A 216 5.93 -3.13 60.35
CA PHE A 216 7.22 -3.52 59.79
C PHE A 216 8.10 -4.15 60.86
N VAL A 217 8.67 -5.30 60.52
CA VAL A 217 9.45 -6.09 61.45
C VAL A 217 10.92 -5.76 61.22
N TRP A 218 11.54 -5.13 62.21
CA TRP A 218 12.91 -4.65 62.09
C TRP A 218 13.48 -4.38 63.48
N ARG A 219 14.80 -4.27 63.53
CA ARG A 219 15.46 -3.84 64.75
C ARG A 219 16.85 -3.29 64.41
N GLU A 220 17.19 -2.15 65.01
CA GLU A 220 18.55 -1.67 65.07
C GLU A 220 19.19 -2.18 66.36
N ILE A 221 20.50 -2.38 66.34
CA ILE A 221 21.23 -2.98 67.46
C ILE A 221 22.34 -2.01 67.85
N ASP A 222 22.04 -1.13 68.80
CA ASP A 222 23.02 -0.22 69.39
C ASP A 222 23.67 -0.78 70.65
N ASN A 223 22.99 -1.70 71.36
CA ASN A 223 23.40 -2.12 72.70
C ASN A 223 22.83 -3.52 72.97
N GLU A 224 22.98 -3.99 74.20
CA GLU A 224 22.62 -5.37 74.50
C GLU A 224 21.13 -5.60 74.59
N ASP A 225 20.36 -4.59 75.00
CA ASP A 225 18.89 -4.73 75.01
C ASP A 225 18.35 -4.92 73.60
N HIS A 226 18.77 -4.06 72.66
CA HIS A 226 18.43 -4.24 71.25
C HIS A 226 18.79 -5.64 70.76
N LEU A 227 19.97 -6.14 71.14
CA LEU A 227 20.41 -7.44 70.66
C LEU A 227 19.52 -8.56 71.21
N GLU A 228 19.09 -8.41 72.46
CA GLU A 228 18.14 -9.34 73.06
C GLU A 228 16.83 -9.36 72.28
N MET A 229 16.29 -8.16 71.96
CA MET A 229 15.09 -8.09 71.13
C MET A 229 15.31 -8.72 69.76
N ALA A 230 16.47 -8.48 69.15
CA ALA A 230 16.78 -9.08 67.86
C ALA A 230 16.78 -10.61 67.94
N VAL A 231 17.53 -11.17 68.90
CA VAL A 231 17.82 -12.59 68.92
C VAL A 231 16.59 -13.38 69.32
N LYS A 232 15.82 -12.85 70.26
CA LYS A 232 14.68 -13.58 70.79
C LYS A 232 13.39 -13.34 70.03
N ASN A 233 13.21 -12.15 69.46
CA ASN A 233 11.94 -11.83 68.86
C ASN A 233 12.03 -11.45 67.39
N ILE A 234 12.85 -10.48 67.03
CA ILE A 234 12.68 -9.88 65.71
C ILE A 234 13.24 -10.79 64.62
N TYR A 235 14.43 -11.36 64.87
CA TYR A 235 15.03 -12.22 63.86
C TYR A 235 14.16 -13.43 63.51
N PRO A 236 13.66 -14.23 64.47
CA PRO A 236 12.82 -15.35 64.05
C PRO A 236 11.56 -14.90 63.31
N HIS A 237 11.04 -13.72 63.65
CA HIS A 237 9.92 -13.16 62.90
C HIS A 237 10.33 -12.82 61.47
N ILE A 238 11.44 -12.11 61.30
CA ILE A 238 11.92 -11.80 59.94
C ILE A 238 12.07 -13.09 59.13
N VAL A 239 12.66 -14.12 59.74
CA VAL A 239 12.86 -15.39 59.03
C VAL A 239 11.53 -15.93 58.54
N GLU A 240 10.53 -15.95 59.40
CA GLU A 240 9.21 -16.40 59.02
C GLU A 240 8.63 -15.57 57.88
N ASN A 241 8.76 -14.24 57.97
CA ASN A 241 8.19 -13.38 56.93
C ASN A 241 8.87 -13.61 55.60
N GLU A 242 10.19 -13.72 55.60
CA GLU A 242 10.85 -13.92 54.33
C GLU A 242 10.59 -15.31 53.78
N LYS A 243 10.35 -16.28 54.65
CA LYS A 243 10.01 -17.61 54.15
C LYS A 243 8.58 -17.66 53.62
N LEU A 244 7.71 -16.72 54.00
CA LEU A 244 6.39 -16.71 53.39
C LEU A 244 6.46 -16.50 51.88
N ARG A 245 7.51 -15.81 51.39
CA ARG A 245 7.66 -15.56 49.96
C ARG A 245 8.52 -16.60 49.25
N ALA A 246 8.95 -17.64 49.97
CA ALA A 246 9.74 -18.72 49.39
C ALA A 246 8.94 -19.47 48.34
N VAL A 247 9.58 -19.75 47.21
CA VAL A 247 8.98 -20.47 46.08
C VAL A 247 9.35 -21.94 46.23
N ARG A 248 8.38 -22.81 46.00
CA ARG A 248 8.62 -24.26 45.93
C ARG A 248 9.92 -24.59 45.22
N ARG A 249 10.83 -25.32 45.87
CA ARG A 249 12.14 -25.59 45.27
C ARG A 249 12.12 -26.99 44.67
N GLU A 250 12.02 -27.07 43.34
CA GLU A 250 12.19 -28.32 42.61
C GLU A 250 13.64 -28.40 42.14
N VAL A 251 14.30 -29.53 42.41
CA VAL A 251 15.69 -29.69 42.00
C VAL A 251 15.67 -30.33 40.61
N LEU A 252 15.99 -29.56 39.57
CA LEU A 252 15.97 -30.07 38.20
C LEU A 252 17.31 -30.68 37.79
N LEU A 253 17.26 -31.94 37.33
CA LEU A 253 18.44 -32.63 36.80
C LEU A 253 18.33 -32.79 35.29
N ASN A 254 17.76 -31.80 34.63
CA ASN A 254 17.69 -31.68 33.19
C ASN A 254 18.47 -30.43 32.79
N PRO A 255 18.97 -30.36 31.57
CA PRO A 255 19.99 -29.35 31.26
C PRO A 255 19.50 -27.92 31.03
N GLY A 256 18.38 -27.54 31.59
CA GLY A 256 17.92 -26.18 31.47
C GLY A 256 16.67 -26.07 30.61
N PRO A 257 15.69 -25.27 31.06
CA PRO A 257 15.51 -24.58 32.33
C PRO A 257 15.93 -25.47 33.51
N ALA A 258 16.70 -24.93 34.44
CA ALA A 258 17.17 -25.69 35.60
C ALA A 258 16.68 -24.97 36.86
N THR A 259 17.02 -25.48 38.04
CA THR A 259 16.56 -24.82 39.25
C THR A 259 17.15 -23.40 39.29
N THR A 260 16.33 -22.41 39.68
CA THR A 260 16.75 -21.03 39.78
C THR A 260 16.72 -20.55 41.23
N THR A 261 17.45 -19.47 41.50
CA THR A 261 17.26 -18.73 42.75
C THR A 261 15.91 -18.01 42.74
N ASP A 262 15.41 -17.69 43.94
CA ASP A 262 14.13 -16.99 43.97
C ASP A 262 14.31 -15.51 43.65
N SER A 263 15.53 -14.98 43.83
CA SER A 263 15.84 -13.62 43.40
C SER A 263 15.80 -13.50 41.86
N VAL A 264 16.17 -14.54 41.14
CA VAL A 264 15.98 -14.49 39.69
C VAL A 264 14.50 -14.53 39.35
N LYS A 265 13.72 -15.40 40.05
CA LYS A 265 12.28 -15.50 39.80
C LYS A 265 11.58 -14.19 40.10
N TYR A 266 11.84 -13.59 41.26
CA TYR A 266 11.18 -12.32 41.56
C TYR A 266 11.69 -11.15 40.72
N ALA A 267 12.86 -11.25 40.11
CA ALA A 267 13.29 -10.19 39.19
C ALA A 267 12.34 -10.03 38.00
N GLN A 268 11.47 -11.01 37.72
CA GLN A 268 10.50 -10.85 36.65
C GLN A 268 9.40 -9.86 37.00
N VAL A 269 9.22 -9.58 38.30
CA VAL A 269 8.16 -8.73 38.79
C VAL A 269 8.73 -7.31 38.86
N SER A 270 8.14 -6.39 38.12
CA SER A 270 8.64 -5.01 38.11
C SER A 270 7.54 -4.13 37.56
N ALA A 271 7.73 -2.81 37.66
CA ALA A 271 6.76 -1.92 37.05
C ALA A 271 6.64 -2.21 35.55
N ASP A 272 5.43 -2.04 35.03
CA ASP A 272 5.27 -2.20 33.59
C ASP A 272 6.03 -1.10 32.87
N ILE A 273 6.56 -1.43 31.69
CA ILE A 273 7.38 -0.44 31.00
C ILE A 273 7.25 -0.66 29.51
N CYS A 274 7.27 0.45 28.77
CA CYS A 274 7.30 0.44 27.31
C CYS A 274 8.74 0.17 26.85
N PRO A 275 8.99 -0.90 26.10
CA PRO A 275 10.38 -1.29 25.83
C PRO A 275 11.10 -0.32 24.90
N ARG A 276 10.41 0.67 24.34
CA ARG A 276 11.13 1.66 23.54
C ARG A 276 11.58 2.86 24.37
N GLU A 277 11.17 2.92 25.64
CA GLU A 277 11.72 3.93 26.54
C GLU A 277 13.22 3.83 26.60
N LYS A 278 13.86 5.00 26.77
CA LYS A 278 15.32 5.07 26.88
C LYS A 278 15.84 4.16 28.00
N ALA A 279 15.18 4.17 29.16
CA ALA A 279 15.66 3.37 30.26
C ALA A 279 15.72 1.90 29.87
N PHE A 280 14.75 1.42 29.10
CA PHE A 280 14.80 0.01 28.72
C PHE A 280 15.83 -0.23 27.64
N GLY A 281 16.06 0.75 26.75
CA GLY A 281 17.20 0.65 25.84
C GLY A 281 18.53 0.62 26.57
N ASP A 282 18.64 1.37 27.67
CA ASP A 282 19.89 1.33 28.43
C ASP A 282 20.07 -0.04 29.09
N LEU A 283 18.97 -0.63 29.57
CA LEU A 283 19.05 -1.99 30.13
C LEU A 283 19.47 -3.00 29.08
N MET A 284 18.89 -2.93 27.88
CA MET A 284 19.32 -3.83 26.81
C MET A 284 20.79 -3.60 26.45
N GLN A 285 21.26 -2.36 26.49
CA GLN A 285 22.67 -2.11 26.21
C GLN A 285 23.55 -2.72 27.29
N TRP A 286 23.15 -2.57 28.56
CA TRP A 286 23.91 -3.13 29.66
C TRP A 286 23.95 -4.65 29.55
N LEU A 287 22.81 -5.28 29.24
CA LEU A 287 22.78 -6.73 28.99
C LEU A 287 23.74 -7.15 27.86
N CYS A 288 23.75 -6.41 26.74
CA CYS A 288 24.72 -6.73 25.68
C CYS A 288 26.16 -6.58 26.17
N ASP A 289 26.43 -5.51 26.91
CA ASP A 289 27.80 -5.24 27.36
C ASP A 289 28.26 -6.34 28.30
N GLU A 290 27.37 -6.76 29.20
CA GLU A 290 27.77 -7.67 30.25
C GLU A 290 27.75 -9.12 29.82
N LEU A 291 26.81 -9.49 28.93
CA LEU A 291 26.72 -10.89 28.48
C LEU A 291 28.02 -11.33 27.83
N LYS A 292 28.59 -10.49 26.97
CA LYS A 292 29.74 -10.90 26.14
C LYS A 292 30.99 -11.11 27.00
N LEU A 293 31.04 -10.47 28.18
CA LEU A 293 32.17 -10.60 29.08
C LEU A 293 32.33 -12.03 29.57
N PHE A 294 31.21 -12.75 29.79
CA PHE A 294 31.29 -14.13 30.27
C PHE A 294 31.88 -15.07 29.22
N ALA A 295 32.04 -14.61 27.98
CA ALA A 295 32.65 -15.35 26.90
C ALA A 295 34.06 -14.87 26.53
N LEU A 296 34.62 -13.92 27.29
CA LEU A 296 35.94 -13.38 27.00
C LEU A 296 36.86 -13.49 28.21
N ALA A 297 38.15 -13.71 27.94
CA ALA A 297 39.16 -13.57 28.98
C ALA A 297 39.38 -12.10 29.31
N SER A 298 39.72 -11.83 30.58
CA SER A 298 39.83 -10.45 31.04
C SER A 298 40.82 -9.66 30.20
N GLU A 299 41.80 -10.33 29.58
CA GLU A 299 42.74 -9.63 28.72
C GLU A 299 42.24 -9.40 27.30
N THR A 300 41.11 -9.99 26.92
CA THR A 300 40.56 -9.71 25.59
C THR A 300 39.81 -8.40 25.64
N ASN A 301 40.06 -7.54 24.66
CA ASN A 301 39.38 -6.25 24.60
C ASN A 301 37.90 -6.47 24.28
N PRO A 302 36.99 -6.13 25.20
CA PRO A 302 35.55 -6.30 24.90
C PRO A 302 35.09 -5.54 23.67
N ASP A 303 35.70 -4.38 23.34
CA ASP A 303 35.18 -3.64 22.20
C ASP A 303 35.32 -4.40 20.89
N GLU A 304 36.07 -5.51 20.87
CA GLU A 304 36.18 -6.34 19.66
C GLU A 304 34.95 -7.22 19.42
N TYR A 305 33.99 -7.23 20.35
CA TYR A 305 32.86 -8.15 20.32
C TYR A 305 31.54 -7.41 20.54
N GLU A 306 30.46 -7.94 19.94
CA GLU A 306 29.11 -7.46 20.14
C GLU A 306 28.21 -8.58 20.64
N THR A 307 27.14 -8.21 21.34
CA THR A 307 26.05 -9.15 21.65
C THR A 307 24.81 -8.72 20.89
N VAL A 308 24.06 -9.69 20.37
CA VAL A 308 22.80 -9.43 19.66
C VAL A 308 21.71 -10.31 20.29
N MET A 309 20.74 -9.66 20.95
CA MET A 309 19.66 -10.33 21.69
C MET A 309 18.39 -10.41 20.85
N PHE A 310 17.76 -11.59 20.88
CA PHE A 310 16.50 -11.87 20.23
C PHE A 310 15.53 -12.49 21.21
N GLY A 311 14.22 -12.28 20.96
CA GLY A 311 13.17 -13.03 21.63
C GLY A 311 12.95 -14.38 20.95
N CYS A 312 13.63 -15.39 21.47
CA CYS A 312 13.59 -16.74 20.88
C CYS A 312 14.43 -17.68 21.74
N SER A 313 14.43 -18.97 21.36
CA SER A 313 15.11 -19.97 22.14
C SER A 313 16.50 -20.22 21.60
N GLY A 314 17.16 -21.22 22.20
CA GLY A 314 18.49 -21.59 21.74
C GLY A 314 18.50 -22.05 20.31
N THR A 315 17.50 -22.83 19.92
CA THR A 315 17.43 -23.21 18.51
C THR A 315 17.29 -21.95 17.67
N GLY A 316 16.48 -21.00 18.15
CA GLY A 316 16.34 -19.72 17.45
C GLY A 316 17.67 -19.03 17.22
N ALA A 317 18.49 -18.94 18.28
CA ALA A 317 19.81 -18.33 18.15
C ALA A 317 20.74 -19.09 17.19
N ASP A 318 20.74 -20.41 17.25
CA ASP A 318 21.48 -21.20 16.25
C ASP A 318 20.99 -20.88 14.86
N GLU A 319 19.67 -20.75 14.70
CA GLU A 319 19.17 -20.49 13.36
C GLU A 319 19.52 -19.07 12.92
N VAL A 320 19.53 -18.09 13.84
CA VAL A 320 20.05 -16.76 13.52
C VAL A 320 21.42 -16.89 12.87
N MET A 321 22.31 -17.65 13.53
CA MET A 321 23.70 -17.75 13.06
C MET A 321 23.80 -18.43 11.71
N VAL A 322 23.25 -19.64 11.57
CA VAL A 322 23.32 -20.34 10.28
C VAL A 322 22.72 -19.49 9.17
N SER A 323 21.58 -18.84 9.44
CA SER A 323 20.81 -18.17 8.39
C SER A 323 21.24 -16.74 8.13
N SER A 324 22.30 -16.24 8.83
CA SER A 324 22.78 -14.85 8.69
C SER A 324 24.28 -14.71 8.46
N CYS A 325 25.07 -15.79 8.59
CA CYS A 325 26.54 -15.65 8.56
C CYS A 325 27.20 -16.36 7.39
N VAL A 326 26.45 -17.05 6.53
CA VAL A 326 27.08 -17.81 5.47
C VAL A 326 26.49 -17.41 4.12
N PRO A 327 27.19 -16.64 3.29
CA PRO A 327 26.64 -16.26 1.99
C PRO A 327 26.61 -17.43 1.02
N ASP A 328 25.73 -17.30 0.01
CA ASP A 328 25.65 -18.32 -1.03
C ASP A 328 26.95 -18.47 -1.81
N THR A 329 27.84 -17.48 -1.72
CA THR A 329 29.15 -17.52 -2.37
C THR A 329 30.14 -18.39 -1.63
N GLY A 330 29.82 -18.78 -0.40
CA GLY A 330 30.67 -19.66 0.39
C GLY A 330 30.12 -21.07 0.44
N ARG A 331 30.68 -21.84 1.37
CA ARG A 331 30.20 -23.20 1.62
C ARG A 331 30.43 -23.56 3.09
N LEU A 332 29.38 -24.06 3.74
CA LEU A 332 29.42 -24.40 5.17
C LEU A 332 29.73 -25.88 5.39
N LEU A 333 30.57 -26.17 6.40
CA LEU A 333 30.76 -27.51 6.91
C LEU A 333 30.15 -27.57 8.30
N VAL A 334 29.20 -28.48 8.51
CA VAL A 334 28.54 -28.66 9.80
C VAL A 334 29.08 -29.94 10.41
N ILE A 335 29.51 -29.86 11.65
CA ILE A 335 29.91 -31.04 12.40
C ILE A 335 28.65 -31.61 13.03
N ASP A 336 28.24 -32.80 12.60
CA ASP A 336 27.09 -33.51 13.19
C ASP A 336 27.62 -34.64 14.05
N ASN A 337 27.74 -34.41 15.36
CA ASN A 337 27.94 -35.52 16.29
C ASN A 337 26.95 -35.43 17.45
N GLY A 338 25.70 -35.12 17.13
CA GLY A 338 24.66 -35.03 18.12
C GLY A 338 23.43 -34.31 17.59
N SER A 339 22.40 -34.26 18.44
CA SER A 339 21.13 -33.71 17.98
C SER A 339 21.26 -32.24 17.59
N TYR A 340 22.13 -31.49 18.26
CA TYR A 340 22.20 -30.04 18.01
C TYR A 340 23.08 -29.72 16.81
N GLY A 341 24.10 -30.54 16.55
CA GLY A 341 24.83 -30.42 15.29
C GLY A 341 23.97 -30.88 14.12
N ALA A 342 23.18 -31.94 14.33
CA ALA A 342 22.27 -32.39 13.26
C ALA A 342 21.22 -31.32 12.99
N ARG A 343 20.76 -30.65 14.04
CA ARG A 343 19.77 -29.59 13.87
C ARG A 343 20.32 -28.46 13.01
N MET A 344 21.61 -28.11 13.19
CA MET A 344 22.14 -26.98 12.43
C MET A 344 22.30 -27.35 10.97
N ALA A 345 22.54 -28.63 10.69
CA ALA A 345 22.66 -29.05 9.29
C ALA A 345 21.30 -29.04 8.62
N LYS A 346 20.25 -29.38 9.38
CA LYS A 346 18.91 -29.36 8.80
C LYS A 346 18.44 -27.92 8.55
N ILE A 347 18.84 -27.01 9.43
CA ILE A 347 18.53 -25.58 9.23
C ILE A 347 19.21 -25.06 7.98
N ALA A 348 20.49 -25.39 7.80
CA ALA A 348 21.22 -24.91 6.63
C ALA A 348 20.60 -25.49 5.35
N ASP A 349 20.15 -26.73 5.44
CA ASP A 349 19.53 -27.35 4.28
C ASP A 349 18.18 -26.71 3.96
N ILE A 350 17.37 -26.43 4.97
CA ILE A 350 16.09 -25.74 4.72
C ILE A 350 16.34 -24.43 4.00
N TYR A 351 17.40 -23.71 4.38
CA TYR A 351 17.69 -22.43 3.74
C TYR A 351 18.42 -22.54 2.42
N LYS A 352 18.77 -23.77 2.01
CA LYS A 352 19.53 -24.06 0.78
C LYS A 352 20.91 -23.40 0.82
N ILE A 353 21.52 -23.37 1.99
CA ILE A 353 22.89 -22.89 2.10
C ILE A 353 23.83 -23.97 1.58
N PRO A 354 24.79 -23.65 0.72
CA PRO A 354 25.78 -24.68 0.31
C PRO A 354 26.48 -25.24 1.54
N MET A 355 26.50 -26.58 1.64
CA MET A 355 26.83 -27.21 2.92
C MET A 355 27.17 -28.68 2.73
N ASP A 356 28.23 -29.14 3.38
CA ASP A 356 28.43 -30.56 3.64
C ASP A 356 28.43 -30.83 5.15
N ILE A 357 28.18 -32.09 5.52
CA ILE A 357 28.14 -32.51 6.91
C ILE A 357 29.37 -33.37 7.18
N PHE A 358 29.96 -33.17 8.36
CA PHE A 358 31.01 -34.05 8.89
C PHE A 358 30.37 -34.83 10.02
N LYS A 359 30.09 -36.11 9.78
CA LYS A 359 29.30 -36.91 10.70
C LYS A 359 30.22 -37.76 11.57
N SER A 360 29.91 -37.84 12.88
CA SER A 360 30.80 -38.50 13.84
C SER A 360 29.98 -38.98 15.02
N SER A 361 30.59 -39.86 15.81
CA SER A 361 29.88 -40.55 16.89
C SER A 361 29.34 -39.56 17.91
N THR A 362 28.19 -39.89 18.48
CA THR A 362 27.58 -39.01 19.48
C THR A 362 28.25 -39.11 20.84
N TYR A 363 29.15 -40.09 21.04
CA TYR A 363 29.71 -40.30 22.38
C TYR A 363 31.20 -40.53 22.40
N GLU A 364 31.83 -40.80 21.28
CA GLU A 364 33.28 -40.83 21.24
C GLU A 364 33.79 -39.61 20.51
N PRO A 365 34.99 -39.11 20.87
CA PRO A 365 35.48 -37.84 20.31
C PRO A 365 35.70 -37.91 18.80
N LEU A 366 35.65 -36.73 18.17
CA LEU A 366 35.89 -36.57 16.74
C LEU A 366 37.32 -36.91 16.37
N ASP A 367 37.48 -37.47 15.17
CA ASP A 367 38.79 -37.65 14.55
C ASP A 367 39.25 -36.29 14.01
N LEU A 368 40.26 -35.69 14.65
CA LEU A 368 40.79 -34.38 14.25
C LEU A 368 41.66 -34.45 12.99
N GLN A 369 42.26 -35.61 12.70
CA GLN A 369 42.97 -35.78 11.44
C GLN A 369 42.00 -35.71 10.26
N LYS A 370 40.90 -36.44 10.35
CA LYS A 370 39.91 -36.41 9.27
C LYS A 370 39.26 -35.03 9.14
N LEU A 371 39.04 -34.35 10.28
CA LEU A 371 38.45 -33.02 10.29
C LEU A 371 39.40 -32.01 9.63
N GLU A 372 40.68 -32.02 10.02
CA GLU A 372 41.64 -31.13 9.41
C GLU A 372 41.75 -31.38 7.92
N ALA A 373 41.64 -32.64 7.50
CA ALA A 373 41.64 -32.97 6.09
C ALA A 373 40.50 -32.27 5.36
N GLU A 374 39.33 -32.18 5.98
CA GLU A 374 38.22 -31.49 5.32
C GLU A 374 38.44 -29.97 5.28
N PHE A 375 39.06 -29.39 6.32
CA PHE A 375 39.42 -27.97 6.24
C PHE A 375 40.43 -27.74 5.14
N ALA A 376 41.30 -28.74 4.90
CA ALA A 376 42.45 -28.60 4.02
C ALA A 376 42.06 -28.63 2.55
N THR A 377 40.86 -29.13 2.23
CA THR A 377 40.38 -29.11 0.85
C THR A 377 40.15 -27.68 0.33
N LYS A 378 40.06 -26.69 1.24
CA LYS A 378 39.70 -25.30 0.95
C LYS A 378 38.28 -25.13 0.41
N LYS A 379 37.43 -26.16 0.47
CA LYS A 379 36.05 -26.09 -0.01
C LYS A 379 35.12 -25.31 0.92
N TYR A 380 35.54 -24.99 2.14
CA TYR A 380 34.66 -24.49 3.18
C TYR A 380 35.11 -23.10 3.65
N THR A 381 34.23 -22.11 3.51
CA THR A 381 34.48 -20.80 4.07
C THR A 381 34.08 -20.71 5.55
N HIS A 382 33.15 -21.56 5.98
CA HIS A 382 32.53 -21.50 7.29
C HIS A 382 32.40 -22.89 7.90
N LEU A 383 32.44 -22.91 9.24
CA LEU A 383 32.26 -24.10 10.05
C LEU A 383 31.18 -23.80 11.08
N ALA A 384 30.24 -24.73 11.27
CA ALA A 384 29.28 -24.63 12.36
C ALA A 384 29.39 -25.89 13.22
N CYS A 385 29.46 -25.71 14.53
CA CYS A 385 29.70 -26.86 15.40
C CYS A 385 29.14 -26.54 16.77
N VAL A 386 29.00 -27.58 17.59
CA VAL A 386 28.54 -27.47 18.97
C VAL A 386 29.72 -27.67 19.92
N TYR A 387 29.80 -26.81 20.97
CA TYR A 387 30.78 -26.99 22.03
C TYR A 387 30.42 -28.15 22.96
N HIS A 388 29.27 -28.06 23.65
CA HIS A 388 28.80 -29.13 24.54
C HIS A 388 27.60 -29.82 23.91
N GLU A 389 27.77 -31.10 23.56
CA GLU A 389 26.68 -31.82 22.90
C GLU A 389 25.85 -32.45 24.00
N THR A 390 24.82 -31.71 24.36
CA THR A 390 23.94 -32.05 25.47
C THR A 390 23.23 -33.39 25.25
N THR A 391 23.08 -33.82 23.99
CA THR A 391 22.64 -35.16 23.65
C THR A 391 23.22 -36.24 24.57
N THR A 392 24.54 -36.18 24.83
CA THR A 392 25.24 -37.21 25.61
C THR A 392 26.12 -36.68 26.72
N GLY A 393 26.39 -35.36 26.78
CA GLY A 393 27.41 -34.77 27.64
C GLY A 393 28.80 -34.74 27.03
N LEU A 394 28.95 -35.12 25.76
CA LEU A 394 30.24 -35.04 25.10
C LEU A 394 30.65 -33.57 24.94
N LEU A 395 31.89 -33.26 25.31
CA LEU A 395 32.48 -31.93 25.13
C LEU A 395 33.45 -31.94 23.94
N ASN A 396 33.08 -31.23 22.86
CA ASN A 396 33.93 -31.17 21.67
C ASN A 396 35.10 -30.24 21.92
N PRO A 397 36.31 -30.57 21.47
CA PRO A 397 37.50 -29.78 21.84
C PRO A 397 37.65 -28.54 20.96
N LEU A 398 36.74 -27.59 21.16
CA LEU A 398 36.74 -26.42 20.29
C LEU A 398 37.96 -25.51 20.55
N HIS A 399 38.59 -25.60 21.72
CA HIS A 399 39.90 -24.95 21.89
C HIS A 399 40.93 -25.49 20.91
N ILE A 400 40.69 -26.65 20.32
CA ILE A 400 41.52 -27.15 19.24
C ILE A 400 40.89 -26.94 17.88
N ILE A 401 39.60 -27.23 17.76
CA ILE A 401 39.00 -27.24 16.44
C ILE A 401 38.91 -25.84 15.86
N CYS A 402 38.55 -24.85 16.67
CA CYS A 402 38.18 -23.60 16.03
C CYS A 402 39.42 -22.78 15.67
N PRO A 403 40.46 -22.73 16.51
CA PRO A 403 41.71 -22.14 16.02
C PRO A 403 42.26 -22.84 14.79
N MET A 404 42.07 -24.16 14.69
CA MET A 404 42.47 -24.85 13.47
C MET A 404 41.62 -24.40 12.27
N ALA A 405 40.30 -24.27 12.45
CA ALA A 405 39.47 -23.73 11.38
C ALA A 405 39.95 -22.34 10.93
N LYS A 406 40.29 -21.48 11.89
CA LYS A 406 40.78 -20.13 11.56
C LYS A 406 42.10 -20.20 10.78
N LYS A 407 42.98 -21.14 11.14
CA LYS A 407 44.25 -21.26 10.42
C LYS A 407 44.01 -21.62 8.96
N TYR A 408 42.89 -22.25 8.66
CA TYR A 408 42.50 -22.55 7.30
C TYR A 408 41.62 -21.46 6.70
N GLY A 409 41.51 -20.32 7.37
CA GLY A 409 40.84 -19.18 6.78
C GLY A 409 39.34 -19.22 6.87
N MET A 410 38.79 -20.05 7.75
CA MET A 410 37.35 -20.25 7.83
C MET A 410 36.75 -19.39 8.93
N VAL A 411 35.47 -19.05 8.76
CA VAL A 411 34.73 -18.36 9.81
C VAL A 411 34.11 -19.41 10.71
N THR A 412 34.15 -19.18 12.02
CA THR A 412 33.65 -20.18 12.97
C THR A 412 32.30 -19.77 13.56
N ILE A 413 31.36 -20.70 13.52
CA ILE A 413 29.99 -20.54 14.01
C ILE A 413 29.78 -21.59 15.10
N VAL A 414 29.56 -21.16 16.34
CA VAL A 414 29.62 -22.09 17.48
C VAL A 414 28.32 -22.05 18.28
N ASP A 415 27.69 -23.20 18.44
CA ASP A 415 26.62 -23.36 19.41
C ASP A 415 27.30 -23.65 20.74
N ALA A 416 27.28 -22.67 21.65
CA ALA A 416 27.71 -22.87 23.02
C ALA A 416 26.54 -22.83 23.99
N VAL A 417 25.35 -23.19 23.48
CA VAL A 417 24.11 -23.01 24.21
C VAL A 417 24.21 -23.59 25.63
N SER A 418 24.71 -24.83 25.75
CA SER A 418 24.86 -25.47 27.05
C SER A 418 26.32 -25.46 27.55
N ALA A 419 27.15 -24.58 27.02
CA ALA A 419 28.52 -24.44 27.52
C ALA A 419 28.76 -23.09 28.16
N TYR A 420 28.36 -22.02 27.47
CA TYR A 420 28.56 -20.66 27.96
C TYR A 420 28.10 -20.51 29.41
N CYS A 421 28.93 -19.87 30.23
CA CYS A 421 28.71 -19.59 31.65
C CYS A 421 28.85 -20.80 32.54
N GLY A 422 29.09 -21.98 32.00
CA GLY A 422 29.29 -23.14 32.86
C GLY A 422 30.75 -23.46 33.00
N MET A 423 31.55 -23.00 32.04
CA MET A 423 32.98 -23.15 32.01
C MET A 423 33.52 -21.84 31.46
N PRO A 424 34.76 -21.47 31.79
CA PRO A 424 35.34 -20.25 31.23
C PRO A 424 35.53 -20.36 29.73
N MET A 425 35.38 -19.23 29.07
CA MET A 425 35.44 -19.16 27.62
C MET A 425 36.10 -17.85 27.22
N ASP A 426 37.00 -17.92 26.24
CA ASP A 426 37.59 -16.73 25.64
C ASP A 426 37.44 -16.88 24.14
N LEU A 427 36.41 -16.23 23.58
CA LEU A 427 36.17 -16.33 22.14
C LEU A 427 37.42 -15.99 21.34
N LYS A 428 38.28 -15.11 21.85
CA LYS A 428 39.43 -14.66 21.07
C LYS A 428 40.44 -15.79 20.89
N SER A 429 40.94 -16.36 22.00
CA SER A 429 41.87 -17.49 21.91
C SER A 429 41.18 -18.79 21.49
N LEU A 430 39.87 -18.87 21.65
CA LEU A 430 39.15 -20.03 21.15
C LEU A 430 38.94 -19.98 19.65
N GLY A 431 39.25 -18.84 19.02
CA GLY A 431 39.09 -18.74 17.59
C GLY A 431 37.64 -18.74 17.17
N ILE A 432 36.75 -18.18 17.99
CA ILE A 432 35.31 -18.25 17.76
C ILE A 432 34.81 -16.87 17.32
N ASP A 433 34.20 -16.84 16.14
CA ASP A 433 33.63 -15.66 15.49
C ASP A 433 32.19 -15.38 15.91
N PHE A 434 31.36 -16.41 16.03
CA PHE A 434 29.98 -16.23 16.47
C PHE A 434 29.63 -17.32 17.46
N MET A 435 29.03 -16.94 18.60
CA MET A 435 28.70 -17.89 19.66
C MET A 435 27.28 -17.65 20.13
N ALA A 436 26.47 -18.70 20.19
CA ALA A 436 25.08 -18.60 20.59
C ALA A 436 24.86 -19.18 21.98
N SER A 437 23.97 -18.57 22.74
CA SER A 437 23.49 -19.19 23.97
C SER A 437 22.13 -18.60 24.29
N THR A 438 21.61 -18.89 25.49
CA THR A 438 20.27 -18.47 25.89
C THR A 438 20.29 -18.02 27.33
N SER A 439 19.15 -17.49 27.75
CA SER A 439 19.05 -16.95 29.09
C SER A 439 18.67 -18.02 30.11
N ASN A 440 18.47 -19.27 29.71
CA ASN A 440 18.00 -20.22 30.71
C ASN A 440 18.84 -21.48 30.84
N LYS A 441 20.07 -21.49 30.32
CA LYS A 441 20.97 -22.61 30.63
C LYS A 441 21.88 -22.25 31.80
N ASN A 442 23.21 -22.23 31.57
CA ASN A 442 24.17 -22.07 32.66
C ASN A 442 24.25 -20.66 33.22
N ILE A 443 23.61 -19.67 32.58
CA ILE A 443 23.54 -18.36 33.19
C ILE A 443 22.45 -18.30 34.23
N GLN A 444 21.50 -19.26 34.22
CA GLN A 444 20.50 -19.49 35.29
C GLN A 444 19.44 -18.37 35.39
N GLY A 445 19.04 -17.80 34.26
CA GLY A 445 17.86 -16.96 34.18
C GLY A 445 16.67 -17.73 33.65
N MET A 446 15.67 -17.01 33.18
CA MET A 446 14.41 -17.57 32.68
C MET A 446 14.44 -17.61 31.16
N ALA A 447 13.80 -18.64 30.59
CA ALA A 447 13.81 -18.83 29.15
C ALA A 447 13.17 -17.66 28.40
N GLY A 448 13.77 -17.28 27.27
CA GLY A 448 13.05 -16.40 26.36
C GLY A 448 13.89 -15.42 25.58
N VAL A 449 15.17 -15.30 25.96
CA VAL A 449 16.15 -14.40 25.35
C VAL A 449 17.27 -15.26 24.80
N GLY A 450 17.36 -15.37 23.48
CA GLY A 450 18.51 -15.98 22.84
C GLY A 450 19.43 -14.92 22.29
N PHE A 451 20.72 -15.25 22.22
CA PHE A 451 21.66 -14.20 21.85
C PHE A 451 22.89 -14.79 21.16
N VAL A 452 23.50 -13.96 20.34
CA VAL A 452 24.71 -14.29 19.61
C VAL A 452 25.80 -13.32 20.03
N ILE A 453 26.89 -13.84 20.56
CA ILE A 453 28.05 -13.00 20.86
C ILE A 453 28.98 -13.11 19.66
N CYS A 454 29.33 -11.96 19.08
CA CYS A 454 29.98 -11.87 17.77
C CYS A 454 31.32 -11.16 17.84
N ASN A 455 32.33 -11.72 17.17
CA ASN A 455 33.46 -10.90 16.77
C ASN A 455 32.96 -9.72 15.92
N LYS A 456 33.07 -8.50 16.41
CA LYS A 456 32.50 -7.32 15.73
C LYS A 456 32.91 -7.23 14.26
N ALA A 457 34.18 -7.45 13.95
CA ALA A 457 34.61 -7.32 12.57
C ALA A 457 33.95 -8.37 11.67
N GLU A 458 33.78 -9.61 12.17
CA GLU A 458 33.14 -10.63 11.36
C GLU A 458 31.64 -10.37 11.25
N LEU A 459 31.01 -9.93 12.34
CA LEU A 459 29.65 -9.43 12.24
C LEU A 459 29.52 -8.39 11.12
N GLU A 460 30.40 -7.37 11.12
CA GLU A 460 30.33 -6.31 10.11
C GLU A 460 30.43 -6.88 8.70
N LYS A 461 31.30 -7.90 8.51
CA LYS A 461 31.50 -8.46 7.18
C LYS A 461 30.21 -8.97 6.56
N THR A 462 29.19 -9.26 7.38
CA THR A 462 27.91 -9.73 6.86
C THR A 462 26.94 -8.61 6.51
N LYS A 463 27.33 -7.34 6.64
CA LYS A 463 26.43 -6.21 6.42
C LYS A 463 25.66 -6.35 5.10
N ASP A 464 26.33 -6.74 4.02
CA ASP A 464 25.68 -6.78 2.72
C ASP A 464 25.19 -8.18 2.29
N TYR A 465 25.13 -9.14 3.20
CA TYR A 465 24.55 -10.43 2.85
C TYR A 465 23.06 -10.30 2.55
N PRO A 466 22.57 -10.95 1.50
CA PRO A 466 21.11 -11.03 1.34
C PRO A 466 20.48 -11.67 2.57
N MET A 467 19.39 -11.06 3.03
CA MET A 467 18.61 -11.59 4.14
C MET A 467 17.95 -12.91 3.73
N ARG A 468 17.81 -13.82 4.70
CA ARG A 468 17.23 -15.12 4.40
C ARG A 468 15.92 -15.29 5.11
N ASN A 469 15.66 -14.40 6.03
CA ASN A 469 14.51 -14.34 6.92
C ASN A 469 14.48 -12.91 7.43
N TYR A 470 13.57 -12.61 8.34
CA TYR A 470 13.45 -11.26 8.88
C TYR A 470 13.63 -11.25 10.40
N TYR A 471 12.76 -11.93 11.15
CA TYR A 471 12.83 -11.89 12.61
C TYR A 471 14.19 -12.33 13.14
N LEU A 472 14.82 -13.31 12.47
CA LEU A 472 16.05 -13.93 12.93
C LEU A 472 17.29 -13.48 12.15
N ASN A 473 17.24 -12.34 11.47
CA ASN A 473 18.41 -11.85 10.73
C ASN A 473 19.37 -11.13 11.66
N LEU A 474 20.59 -11.68 11.81
CA LEU A 474 21.56 -11.14 12.77
C LEU A 474 21.90 -9.67 12.51
N TYR A 475 22.27 -9.32 11.26
CA TYR A 475 22.83 -7.97 11.06
C TYR A 475 21.79 -6.88 11.30
N ASP A 476 20.56 -7.08 10.81
CA ASP A 476 19.51 -6.09 10.99
C ASP A 476 19.15 -5.92 12.47
N GLN A 477 19.08 -7.03 13.21
CA GLN A 477 18.77 -6.92 14.63
C GLN A 477 19.85 -6.11 15.35
N TYR A 478 21.11 -6.32 14.96
CA TYR A 478 22.23 -5.56 15.51
C TYR A 478 22.22 -4.10 15.06
N ALA A 479 22.03 -3.89 13.76
CA ALA A 479 22.16 -2.57 13.19
C ALA A 479 21.06 -1.65 13.72
N TYR A 480 19.81 -2.16 13.77
CA TYR A 480 18.72 -1.34 14.28
C TYR A 480 18.99 -0.85 15.71
N PHE A 481 19.48 -1.74 16.58
CA PHE A 481 19.68 -1.25 17.95
C PHE A 481 20.86 -0.30 18.02
N ALA A 482 21.89 -0.50 17.19
CA ALA A 482 23.00 0.44 17.19
C ALA A 482 22.53 1.85 16.81
N LYS A 483 21.58 1.93 15.90
CA LYS A 483 21.10 3.21 15.37
C LYS A 483 20.09 3.86 16.29
N THR A 484 19.17 3.10 16.86
CA THR A 484 18.01 3.66 17.53
C THR A 484 18.02 3.52 19.04
N HIS A 485 18.97 2.76 19.62
CA HIS A 485 18.89 2.36 21.02
C HIS A 485 17.56 1.68 21.33
N GLN A 486 16.87 1.15 20.32
CA GLN A 486 15.71 0.31 20.50
C GLN A 486 15.94 -1.01 19.78
N THR A 487 15.27 -2.07 20.27
CA THR A 487 15.28 -3.35 19.56
C THR A 487 14.12 -3.37 18.55
N ARG A 488 14.30 -4.11 17.45
CA ARG A 488 13.42 -4.01 16.28
C ARG A 488 11.94 -4.20 16.63
N PHE A 489 11.61 -5.24 17.42
CA PHE A 489 10.23 -5.64 17.75
C PHE A 489 10.10 -5.73 19.28
N THR A 490 8.89 -6.00 19.77
CA THR A 490 8.67 -6.12 21.23
C THR A 490 9.53 -7.25 21.80
N PRO A 491 10.40 -6.98 22.77
CA PRO A 491 11.19 -8.07 23.38
C PRO A 491 10.49 -8.61 24.60
N PRO A 492 10.96 -9.76 25.14
CA PRO A 492 10.41 -10.30 26.40
C PRO A 492 10.91 -9.51 27.61
N VAL A 493 10.21 -8.40 27.84
CA VAL A 493 10.61 -7.39 28.81
C VAL A 493 10.92 -8.00 30.16
N GLN A 494 9.93 -8.69 30.75
CA GLN A 494 10.10 -9.23 32.09
C GLN A 494 11.20 -10.31 32.15
N THR A 495 11.36 -11.08 31.07
CA THR A 495 12.44 -12.08 31.01
C THR A 495 13.81 -11.41 31.00
N MET A 496 13.85 -10.18 30.48
CA MET A 496 15.09 -9.42 30.41
C MET A 496 15.41 -8.80 31.74
N TYR A 497 14.39 -8.51 32.52
CA TYR A 497 14.66 -8.14 33.91
C TYR A 497 15.23 -9.33 34.66
N ALA A 498 14.68 -10.52 34.42
CA ALA A 498 15.22 -11.72 35.03
C ALA A 498 16.64 -11.97 34.57
N LEU A 499 16.93 -11.70 33.29
CA LEU A 499 18.27 -11.99 32.79
C LEU A 499 19.31 -11.09 33.43
N ARG A 500 18.99 -9.80 33.63
CA ARG A 500 19.88 -8.91 34.34
C ARG A 500 20.20 -9.46 35.73
N GLN A 501 19.18 -9.85 36.50
CA GLN A 501 19.42 -10.48 37.81
C GLN A 501 20.33 -11.69 37.69
N ALA A 502 20.07 -12.57 36.70
CA ALA A 502 20.94 -13.74 36.54
C ALA A 502 22.36 -13.31 36.15
N VAL A 503 22.50 -12.20 35.43
CA VAL A 503 23.83 -11.70 35.09
C VAL A 503 24.52 -11.21 36.37
N LEU A 504 23.82 -10.45 37.21
CA LEU A 504 24.44 -10.00 38.46
C LEU A 504 24.88 -11.18 39.32
N GLU A 505 24.06 -12.23 39.37
CA GLU A 505 24.40 -13.39 40.16
C GLU A 505 25.55 -14.20 39.58
N THR A 506 25.67 -14.24 38.25
CA THR A 506 26.83 -14.85 37.64
C THR A 506 28.11 -14.05 37.93
N LYS A 507 28.03 -12.71 37.94
CA LYS A 507 29.19 -11.92 38.35
C LYS A 507 29.51 -12.13 39.83
N GLN A 508 28.49 -12.29 40.68
CA GLN A 508 28.73 -12.54 42.10
C GLN A 508 29.42 -13.87 42.31
N GLU A 509 28.98 -14.92 41.58
CA GLU A 509 29.58 -16.25 41.72
C GLU A 509 30.94 -16.34 41.03
N THR A 510 31.05 -15.71 39.85
CA THR A 510 32.08 -15.89 38.83
C THR A 510 31.91 -17.22 38.11
N VAL A 511 32.18 -17.21 36.80
CA VAL A 511 32.01 -18.40 36.01
C VAL A 511 32.91 -19.53 36.52
N GLN A 512 34.13 -19.18 36.93
CA GLN A 512 35.10 -20.16 37.41
C GLN A 512 34.55 -20.99 38.57
N LYS A 513 33.96 -20.30 39.54
CA LYS A 513 33.39 -21.01 40.69
C LYS A 513 32.10 -21.72 40.33
N ARG A 514 31.31 -21.16 39.43
CA ARG A 514 30.13 -21.91 38.95
C ARG A 514 30.58 -23.22 38.31
N TYR A 515 31.61 -23.16 37.48
CA TYR A 515 32.19 -24.37 36.90
C TYR A 515 32.62 -25.34 37.99
N GLU A 516 33.18 -24.83 39.08
CA GLU A 516 33.65 -25.70 40.16
C GLU A 516 32.48 -26.35 40.88
N ARG A 517 31.41 -25.60 41.11
CA ARG A 517 30.20 -26.14 41.74
C ARG A 517 29.50 -27.16 40.83
N TYR A 518 29.44 -26.88 39.51
CA TYR A 518 28.91 -27.87 38.57
C TYR A 518 29.76 -29.14 38.59
N THR A 519 31.08 -28.98 38.64
CA THR A 519 31.94 -30.15 38.59
C THR A 519 31.94 -30.90 39.91
N ALA A 520 31.80 -30.20 41.04
CA ALA A 520 31.61 -30.88 42.33
C ALA A 520 30.36 -31.75 42.32
N CYS A 521 29.22 -31.21 41.86
CA CYS A 521 28.03 -32.04 41.73
C CYS A 521 28.27 -33.24 40.83
N TRP A 522 28.90 -33.00 39.68
CA TRP A 522 29.21 -34.11 38.76
C TRP A 522 30.09 -35.16 39.44
N ASN A 523 31.16 -34.74 40.15
CA ASN A 523 32.03 -35.66 40.87
C ASN A 523 31.23 -36.58 41.78
N ILE A 524 30.25 -36.02 42.50
CA ILE A 524 29.41 -36.83 43.38
C ILE A 524 28.62 -37.86 42.58
N LEU A 525 28.05 -37.45 41.44
CA LEU A 525 27.19 -38.34 40.66
C LEU A 525 27.99 -39.49 40.09
N VAL A 526 29.16 -39.20 39.50
CA VAL A 526 29.95 -40.24 38.87
C VAL A 526 30.43 -41.26 39.90
N ALA A 527 30.81 -40.81 41.09
CA ALA A 527 31.24 -41.74 42.13
C ALA A 527 30.12 -42.68 42.52
N ALA A 528 28.91 -42.14 42.67
CA ALA A 528 27.73 -42.94 42.95
C ALA A 528 27.35 -43.83 41.78
N ILE A 529 27.54 -43.36 40.54
CA ILE A 529 27.30 -44.23 39.39
C ILE A 529 28.22 -45.45 39.46
N LYS A 530 29.50 -45.21 39.76
CA LYS A 530 30.46 -46.31 39.79
C LYS A 530 30.11 -47.30 40.89
N LYS A 531 29.81 -46.79 42.09
CA LYS A 531 29.46 -47.67 43.21
C LYS A 531 28.29 -48.59 42.86
N LEU A 532 27.29 -48.07 42.14
CA LEU A 532 26.12 -48.86 41.77
C LEU A 532 26.39 -49.80 40.61
N GLY A 533 27.56 -49.76 39.99
CA GLY A 533 27.83 -50.58 38.82
C GLY A 533 27.23 -50.07 37.53
N LEU A 534 26.79 -48.82 37.49
CA LEU A 534 26.21 -48.26 36.29
C LEU A 534 27.32 -47.84 35.30
N LYS A 535 26.95 -47.75 34.03
CA LYS A 535 27.91 -47.42 32.98
C LYS A 535 27.60 -46.07 32.35
N MET A 536 28.65 -45.33 32.02
CA MET A 536 28.51 -44.01 31.42
C MET A 536 28.77 -44.12 29.93
N LEU A 537 27.92 -43.45 29.14
CA LEU A 537 28.03 -43.57 27.69
C LEU A 537 29.33 -42.99 27.18
N VAL A 538 29.72 -41.84 27.72
CA VAL A 538 30.92 -41.11 27.33
C VAL A 538 31.97 -41.35 28.39
N LYS A 539 33.24 -41.46 27.98
CA LYS A 539 34.35 -41.55 28.92
C LYS A 539 34.53 -40.24 29.65
N GLU A 540 34.81 -40.33 30.97
CA GLU A 540 34.89 -39.14 31.83
C GLU A 540 35.80 -38.07 31.26
N GLU A 541 36.91 -38.49 30.65
CA GLU A 541 37.88 -37.55 30.06
C GLU A 541 37.24 -36.67 29.01
N HIS A 542 36.14 -37.12 28.40
CA HIS A 542 35.54 -36.44 27.26
C HIS A 542 34.25 -35.70 27.61
N GLN A 543 33.84 -35.70 28.88
CA GLN A 543 32.57 -35.16 29.30
C GLN A 543 32.67 -33.68 29.66
N SER A 544 31.52 -33.00 29.56
CA SER A 544 31.39 -31.59 29.93
C SER A 544 31.36 -31.34 31.43
N HIS A 545 30.90 -32.33 32.21
CA HIS A 545 30.56 -32.27 33.64
C HIS A 545 29.19 -31.63 33.89
N PHE A 546 28.42 -31.32 32.84
CA PHE A 546 27.13 -30.64 33.00
C PHE A 546 25.93 -31.57 32.84
N ILE A 547 26.11 -32.70 32.17
CA ILE A 547 25.07 -33.71 32.02
C ILE A 547 25.76 -35.02 31.71
N THR A 548 25.22 -36.11 32.24
CA THR A 548 25.83 -37.42 32.18
C THR A 548 24.82 -38.42 31.62
N ALA A 549 25.11 -38.96 30.45
CA ALA A 549 24.29 -40.03 29.89
C ALA A 549 24.70 -41.34 30.53
N ILE A 550 23.71 -42.06 31.09
CA ILE A 550 23.90 -43.33 31.81
C ILE A 550 23.12 -44.43 31.08
N LEU A 551 23.81 -45.53 30.76
CA LEU A 551 23.13 -46.66 30.13
C LEU A 551 22.05 -47.22 31.05
N GLU A 552 20.89 -47.52 30.48
CA GLU A 552 19.79 -48.07 31.23
C GLU A 552 20.16 -49.47 31.72
N PRO A 553 19.90 -49.80 32.98
CA PRO A 553 20.16 -51.18 33.45
C PRO A 553 19.39 -52.17 32.59
N GLU A 554 20.03 -53.34 32.36
CA GLU A 554 19.50 -54.35 31.45
C GLU A 554 18.29 -55.08 32.01
N THR A 555 18.13 -55.11 33.33
CA THR A 555 17.07 -55.89 33.94
C THR A 555 15.70 -55.37 33.49
N PRO A 556 14.75 -56.27 33.17
CA PRO A 556 13.40 -55.80 32.80
C PRO A 556 12.70 -55.05 33.91
N LYS A 557 13.23 -55.08 35.13
CA LYS A 557 12.56 -54.40 36.21
C LYS A 557 12.75 -52.88 36.13
N TYR A 558 13.78 -52.43 35.41
CA TYR A 558 14.02 -51.01 35.20
C TYR A 558 13.03 -50.42 34.18
N SER A 559 12.57 -49.21 34.44
CA SER A 559 12.07 -48.35 33.35
C SER A 559 12.44 -46.91 33.67
N PHE A 560 12.60 -46.10 32.62
CA PHE A 560 12.76 -44.68 32.86
C PHE A 560 11.62 -44.14 33.69
N GLU A 561 10.38 -44.48 33.28
CA GLU A 561 9.18 -43.92 33.92
C GLU A 561 9.15 -44.19 35.42
N ALA A 562 9.50 -45.43 35.84
CA ALA A 562 9.48 -45.74 37.26
C ALA A 562 10.55 -44.97 38.02
N LEU A 563 11.76 -44.90 37.49
CA LEU A 563 12.79 -44.10 38.16
C LEU A 563 12.40 -42.63 38.16
N HIS A 564 11.80 -42.15 37.07
CA HIS A 564 11.41 -40.75 36.97
C HIS A 564 10.36 -40.40 38.00
N ASP A 565 9.32 -41.23 38.13
CA ASP A 565 8.23 -40.89 39.05
C ASP A 565 8.68 -40.99 40.49
N PHE A 566 9.58 -41.93 40.79
CA PHE A 566 10.11 -42.04 42.15
C PHE A 566 10.93 -40.80 42.49
N ALA A 567 11.83 -40.42 41.58
CA ALA A 567 12.68 -39.26 41.84
C ALA A 567 11.84 -38.01 42.00
N ALA A 568 10.74 -37.90 41.24
CA ALA A 568 9.86 -36.74 41.30
C ALA A 568 9.16 -36.62 42.64
N GLU A 569 8.86 -37.76 43.28
CA GLU A 569 8.29 -37.71 44.61
C GLU A 569 9.26 -37.10 45.60
N HIS A 570 10.56 -37.09 45.28
CA HIS A 570 11.60 -36.51 46.12
C HIS A 570 12.14 -35.21 45.56
N SER A 571 11.35 -34.54 44.72
CA SER A 571 11.62 -33.18 44.24
C SER A 571 12.84 -33.13 43.32
N PHE A 572 13.13 -34.25 42.66
CA PHE A 572 14.17 -34.35 41.65
C PHE A 572 13.53 -34.65 40.30
N THR A 573 13.87 -33.86 39.29
CA THR A 573 13.36 -34.09 37.92
C THR A 573 14.49 -34.65 37.07
N ILE A 574 14.37 -35.89 36.62
CA ILE A 574 15.40 -36.48 35.76
C ILE A 574 14.93 -36.43 34.31
N TYR A 575 15.82 -36.82 33.39
CA TYR A 575 15.65 -36.54 31.97
C TYR A 575 15.87 -37.80 31.14
N PRO A 576 15.05 -38.04 30.11
CA PRO A 576 15.28 -39.23 29.27
C PRO A 576 16.52 -39.11 28.38
N GLY A 577 17.03 -40.28 27.98
CA GLY A 577 18.01 -40.37 26.92
C GLY A 577 17.47 -39.84 25.59
N LYS A 578 18.40 -39.53 24.69
CA LYS A 578 18.06 -38.90 23.42
C LYS A 578 18.48 -39.70 22.20
N LEU A 579 19.01 -40.89 22.37
CA LEU A 579 19.52 -41.68 21.26
C LEU A 579 18.51 -42.74 20.88
N GLY A 580 18.30 -42.92 19.56
CA GLY A 580 17.40 -43.98 19.12
C GLY A 580 18.00 -45.36 19.28
N ASN A 581 19.30 -45.49 19.03
CA ASN A 581 19.99 -46.78 18.92
C ASN A 581 20.54 -47.32 20.25
N ILE A 582 20.69 -46.48 21.27
CA ILE A 582 21.29 -46.85 22.55
C ILE A 582 20.44 -46.31 23.67
N ASP A 583 20.08 -47.16 24.63
CA ASP A 583 19.18 -46.74 25.70
C ASP A 583 19.99 -46.11 26.83
N THR A 584 19.66 -44.88 27.18
CA THR A 584 20.30 -44.18 28.28
C THR A 584 19.26 -43.36 29.03
N PHE A 585 19.61 -42.94 30.24
CA PHE A 585 18.95 -41.78 30.84
C PHE A 585 20.02 -40.73 31.14
N ARG A 586 19.58 -39.54 31.46
CA ARG A 586 20.49 -38.42 31.64
C ARG A 586 20.23 -37.71 32.97
N ILE A 587 21.31 -37.39 33.68
CA ILE A 587 21.27 -36.61 34.91
C ILE A 587 22.13 -35.38 34.64
N ALA A 588 21.51 -34.20 34.58
CA ALA A 588 22.26 -32.96 34.46
C ALA A 588 22.47 -32.38 35.87
N ASN A 589 23.46 -31.46 35.99
CA ASN A 589 23.71 -30.74 37.25
C ASN A 589 24.12 -29.27 36.99
N ILE A 590 23.17 -28.47 36.51
CA ILE A 590 23.39 -27.04 36.33
C ILE A 590 22.34 -26.23 37.09
N GLY A 591 22.23 -24.93 36.79
CA GLY A 591 21.32 -24.13 37.61
C GLY A 591 21.81 -24.01 39.05
N ASP A 592 20.88 -23.73 39.94
CA ASP A 592 21.19 -23.43 41.34
C ASP A 592 21.42 -24.68 42.18
N ILE A 593 21.59 -25.86 41.56
CA ILE A 593 21.75 -27.10 42.34
C ILE A 593 22.96 -27.01 43.27
N GLN A 594 22.81 -27.57 44.51
CA GLN A 594 23.93 -27.53 45.42
C GLN A 594 24.52 -28.93 45.57
N PRO A 595 25.83 -29.03 45.88
CA PRO A 595 26.42 -30.36 46.03
C PRO A 595 25.65 -31.27 46.94
N GLU A 596 25.21 -30.77 48.12
CA GLU A 596 24.41 -31.60 49.02
C GLU A 596 23.12 -32.08 48.35
N GLU A 597 22.56 -31.27 47.45
CA GLU A 597 21.35 -31.75 46.77
C GLU A 597 21.64 -32.91 45.82
N MET A 598 22.77 -32.85 45.11
CA MET A 598 23.13 -33.98 44.28
C MET A 598 23.46 -35.20 45.13
N ARG A 599 24.05 -34.99 46.32
CA ARG A 599 24.26 -36.10 47.22
C ARG A 599 22.94 -36.76 47.57
N ARG A 600 21.96 -35.96 48.00
CA ARG A 600 20.66 -36.54 48.35
C ARG A 600 20.04 -37.26 47.17
N PHE A 601 20.23 -36.75 45.96
CA PHE A 601 19.70 -37.46 44.79
C PHE A 601 20.35 -38.83 44.64
N THR A 602 21.68 -38.91 44.74
CA THR A 602 22.33 -40.21 44.60
C THR A 602 21.81 -41.21 45.63
N VAL A 603 21.46 -40.75 46.83
CA VAL A 603 20.90 -41.66 47.82
C VAL A 603 19.60 -42.27 47.30
N LYS A 604 18.74 -41.42 46.76
CA LYS A 604 17.47 -41.89 46.19
C LYS A 604 17.71 -42.80 44.98
N LEU A 605 18.70 -42.47 44.14
CA LEU A 605 19.00 -43.32 42.99
C LEU A 605 19.41 -44.71 43.46
N LYS A 606 20.18 -44.76 44.54
CA LYS A 606 20.64 -46.04 45.05
C LYS A 606 19.49 -46.80 45.67
N GLU A 607 18.62 -46.10 46.38
CA GLU A 607 17.37 -46.71 46.80
C GLU A 607 16.69 -47.42 45.64
N TYR A 608 16.42 -46.66 44.57
CA TYR A 608 15.67 -47.24 43.45
C TYR A 608 16.43 -48.39 42.81
N MET A 609 17.69 -48.17 42.43
CA MET A 609 18.46 -49.21 41.74
C MET A 609 18.56 -50.47 42.58
N ASN A 610 18.87 -50.32 43.87
CA ASN A 610 18.92 -51.49 44.75
C ASN A 610 17.58 -52.21 44.77
N GLY A 611 16.50 -51.46 44.80
CA GLY A 611 15.17 -52.04 44.83
C GLY A 611 14.85 -52.90 43.64
N ILE A 612 15.51 -52.69 42.50
CA ILE A 612 15.28 -53.55 41.34
C ILE A 612 16.44 -54.52 41.12
N GLY A 613 17.36 -54.61 42.09
CA GLY A 613 18.44 -55.60 42.01
C GLY A 613 19.69 -55.10 41.34
N VAL A 614 19.81 -53.78 41.14
CA VAL A 614 21.01 -53.19 40.56
C VAL A 614 21.86 -52.62 41.69
N GLY A 615 23.16 -52.86 41.62
CA GLY A 615 24.09 -52.40 42.65
C GLY A 615 24.18 -53.33 43.86
N MET B 1 -14.39 27.06 -43.47
CA MET B 1 -14.99 25.85 -44.01
C MET B 1 -16.11 26.13 -45.01
N ILE B 2 -16.15 25.33 -46.07
CA ILE B 2 -17.22 25.40 -47.06
C ILE B 2 -18.40 24.55 -46.56
N LYS B 3 -19.55 25.17 -46.42
CA LYS B 3 -20.71 24.50 -45.86
C LYS B 3 -21.81 24.26 -46.88
N GLN B 4 -21.76 24.90 -48.02
CA GLN B 4 -22.91 24.93 -48.93
C GLN B 4 -22.44 24.55 -50.31
N ALA B 5 -23.39 24.05 -51.11
CA ALA B 5 -23.11 23.51 -52.43
C ALA B 5 -24.35 23.65 -53.31
N VAL B 6 -24.12 23.89 -54.60
CA VAL B 6 -25.17 24.07 -55.59
C VAL B 6 -24.90 23.09 -56.73
N ILE B 7 -25.88 22.26 -57.04
CA ILE B 7 -25.81 21.38 -58.20
C ILE B 7 -26.81 21.90 -59.22
N LEU B 8 -26.33 22.26 -60.41
CA LEU B 8 -27.21 22.63 -61.52
C LEU B 8 -27.71 21.36 -62.22
N ALA B 9 -29.02 21.08 -62.12
CA ALA B 9 -29.55 19.84 -62.67
C ALA B 9 -30.89 20.02 -63.40
N GLY B 10 -31.10 21.18 -64.04
CA GLY B 10 -32.37 21.38 -64.73
C GLY B 10 -32.41 20.95 -66.21
N GLY B 11 -31.28 20.51 -66.77
CA GLY B 11 -31.18 20.38 -68.22
C GLY B 11 -31.78 19.10 -68.77
N LEU B 12 -31.97 19.12 -70.11
CA LEU B 12 -32.70 18.05 -70.78
C LEU B 12 -31.84 16.83 -71.05
N GLY B 13 -30.51 17.00 -71.10
CA GLY B 13 -29.64 15.92 -71.56
C GLY B 13 -30.03 15.34 -72.92
N SER B 14 -30.32 16.21 -73.89
CA SER B 14 -30.86 15.75 -75.18
C SER B 14 -29.93 14.78 -75.87
N ARG B 15 -28.62 15.02 -75.81
CA ARG B 15 -27.64 14.19 -76.50
C ARG B 15 -27.62 12.74 -76.03
N LEU B 16 -28.39 12.39 -74.99
CA LEU B 16 -28.48 11.02 -74.51
C LEU B 16 -29.75 10.33 -74.98
N LYS B 17 -30.57 11.02 -75.75
CA LYS B 17 -31.68 10.45 -76.52
C LYS B 17 -32.54 9.62 -75.56
N ASP B 18 -32.75 8.33 -75.82
CA ASP B 18 -33.71 7.53 -75.06
C ASP B 18 -33.46 7.59 -73.56
N LYS B 19 -32.21 7.42 -73.15
CA LYS B 19 -31.88 7.26 -71.73
C LYS B 19 -32.40 8.42 -70.87
N THR B 20 -32.49 9.62 -71.43
CA THR B 20 -32.94 10.79 -70.68
C THR B 20 -34.32 11.28 -71.08
N LYS B 21 -35.10 10.47 -71.83
CA LYS B 21 -36.39 10.95 -72.27
C LYS B 21 -37.30 11.23 -71.08
N THR B 22 -37.32 10.35 -70.08
CA THR B 22 -38.12 10.58 -68.87
C THR B 22 -37.27 10.58 -67.59
N MET B 23 -35.99 11.01 -67.68
CA MET B 23 -35.08 10.95 -66.53
C MET B 23 -33.95 11.95 -66.67
N PRO B 24 -33.59 12.69 -65.60
CA PRO B 24 -32.41 13.56 -65.66
C PRO B 24 -31.13 12.75 -65.81
N LYS B 25 -30.14 13.34 -66.48
CA LYS B 25 -28.95 12.54 -66.70
C LYS B 25 -28.10 12.37 -65.44
N GLY B 26 -28.34 13.16 -64.37
CA GLY B 26 -27.69 12.87 -63.09
C GLY B 26 -28.09 11.51 -62.53
N PHE B 27 -29.17 10.93 -63.04
CA PHE B 27 -29.63 9.66 -62.50
C PHE B 27 -29.17 8.46 -63.32
N LEU B 28 -28.36 8.68 -64.36
CA LEU B 28 -27.56 7.60 -64.91
C LEU B 28 -26.88 6.83 -63.79
N GLU B 29 -26.89 5.51 -63.90
CA GLU B 29 -26.37 4.64 -62.85
C GLU B 29 -25.03 4.04 -63.29
N ILE B 30 -23.97 4.31 -62.53
CA ILE B 30 -22.70 3.61 -62.69
C ILE B 30 -22.35 2.96 -61.37
N GLY B 31 -21.91 1.70 -61.42
CA GLY B 31 -21.65 0.95 -60.20
C GLY B 31 -22.88 0.68 -59.37
N GLY B 32 -24.07 0.87 -59.92
CA GLY B 32 -25.31 0.57 -59.23
C GLY B 32 -25.96 1.73 -58.53
N THR B 33 -25.41 2.95 -58.66
CA THR B 33 -25.97 4.11 -58.00
C THR B 33 -25.96 5.28 -58.97
N ALA B 34 -27.00 6.11 -58.92
CA ALA B 34 -27.01 7.36 -59.66
C ALA B 34 -25.72 8.17 -59.42
N ILE B 35 -25.14 8.67 -60.51
CA ILE B 35 -23.91 9.45 -60.38
C ILE B 35 -24.17 10.71 -59.56
N VAL B 36 -25.37 11.28 -59.68
CA VAL B 36 -25.63 12.48 -58.90
C VAL B 36 -25.79 12.12 -57.43
N GLU B 37 -26.22 10.89 -57.10
CA GLU B 37 -26.23 10.50 -55.69
C GLU B 37 -24.81 10.29 -55.17
N GLN B 38 -23.94 9.73 -55.98
CA GLN B 38 -22.54 9.64 -55.57
C GLN B 38 -21.96 11.02 -55.29
N SER B 39 -22.33 12.02 -56.09
CA SER B 39 -21.82 13.35 -55.86
C SER B 39 -22.31 13.91 -54.52
N VAL B 40 -23.63 13.79 -54.26
CA VAL B 40 -24.22 14.19 -52.98
C VAL B 40 -23.47 13.57 -51.79
N GLN B 41 -23.28 12.24 -51.84
CA GLN B 41 -22.58 11.53 -50.77
C GLN B 41 -21.18 12.08 -50.56
N LYS B 42 -20.44 12.22 -51.66
CA LYS B 42 -19.12 12.81 -51.58
C LYS B 42 -19.15 14.22 -50.97
N LEU B 43 -20.18 15.02 -51.30
CA LEU B 43 -20.27 16.38 -50.75
C LEU B 43 -20.52 16.35 -49.23
N LEU B 44 -21.50 15.55 -48.80
CA LEU B 44 -21.75 15.38 -47.37
C LEU B 44 -20.53 14.84 -46.64
N ALA B 45 -19.80 13.91 -47.25
CA ALA B 45 -18.59 13.38 -46.61
C ALA B 45 -17.53 14.45 -46.37
N HIS B 46 -17.56 15.55 -47.11
CA HIS B 46 -16.61 16.62 -46.89
C HIS B 46 -17.20 17.76 -46.08
N GLY B 47 -18.27 17.50 -45.35
CA GLY B 47 -18.78 18.53 -44.45
C GLY B 47 -19.79 19.50 -45.04
N ILE B 48 -20.14 19.39 -46.33
CA ILE B 48 -21.22 20.22 -46.87
C ILE B 48 -22.47 19.93 -46.07
N GLU B 49 -23.15 20.98 -45.62
CA GLU B 49 -24.36 20.72 -44.85
C GLU B 49 -25.63 21.15 -45.57
N LYS B 50 -25.50 21.84 -46.70
CA LYS B 50 -26.65 22.25 -47.49
C LYS B 50 -26.30 22.15 -48.97
N ILE B 51 -27.12 21.42 -49.71
CA ILE B 51 -26.93 21.18 -51.14
C ILE B 51 -28.17 21.72 -51.84
N VAL B 52 -28.01 22.80 -52.58
CA VAL B 52 -29.11 23.35 -53.36
C VAL B 52 -29.05 22.72 -54.73
N ILE B 53 -30.13 22.05 -55.10
CA ILE B 53 -30.20 21.39 -56.41
C ILE B 53 -31.25 22.12 -57.22
N GLY B 54 -30.81 22.75 -58.30
CA GLY B 54 -31.73 23.40 -59.19
C GLY B 54 -32.28 22.41 -60.18
N THR B 55 -33.59 22.22 -60.18
CA THR B 55 -34.17 21.15 -60.99
C THR B 55 -34.80 21.75 -62.25
N GLY B 56 -35.45 20.87 -63.00
CA GLY B 56 -36.07 21.23 -64.27
C GLY B 56 -36.68 20.01 -64.92
N HIS B 57 -35.99 19.49 -65.95
CA HIS B 57 -36.44 18.43 -66.86
C HIS B 57 -37.38 17.39 -66.25
N CYS B 58 -36.89 16.60 -65.30
CA CYS B 58 -37.71 15.57 -64.66
C CYS B 58 -37.46 15.72 -63.15
N ASN B 59 -37.97 16.82 -62.61
CA ASN B 59 -37.53 17.27 -61.29
C ASN B 59 -37.93 16.32 -60.18
N GLU B 60 -38.99 15.51 -60.39
CA GLU B 60 -39.43 14.58 -59.34
C GLU B 60 -38.32 13.63 -58.92
N TYR B 61 -37.46 13.22 -59.86
CA TYR B 61 -36.28 12.42 -59.49
C TYR B 61 -35.50 13.07 -58.35
N TYR B 62 -35.29 14.40 -58.40
CA TYR B 62 -34.48 15.08 -57.39
C TYR B 62 -35.28 15.38 -56.13
N ASP B 63 -36.59 15.60 -56.27
CA ASP B 63 -37.44 15.75 -55.10
C ASP B 63 -37.49 14.47 -54.30
N ASN B 64 -37.58 13.31 -54.97
CA ASN B 64 -37.56 12.04 -54.24
C ASN B 64 -36.18 11.72 -53.66
N LEU B 65 -35.10 12.12 -54.35
CA LEU B 65 -33.77 11.92 -53.81
C LEU B 65 -33.57 12.78 -52.57
N ALA B 66 -34.20 13.96 -52.55
CA ALA B 66 -34.20 14.83 -51.38
C ALA B 66 -34.89 14.18 -50.19
N LYS B 67 -35.93 13.37 -50.42
CA LYS B 67 -36.57 12.66 -49.31
C LYS B 67 -35.57 11.78 -48.57
N LYS B 68 -34.51 11.35 -49.26
CA LYS B 68 -33.49 10.50 -48.65
C LYS B 68 -32.39 11.31 -47.97
N TYR B 69 -32.10 12.52 -48.45
CA TYR B 69 -31.02 13.33 -47.88
C TYR B 69 -31.52 14.67 -47.36
N PRO B 70 -31.71 14.83 -46.05
CA PRO B 70 -32.27 16.08 -45.52
C PRO B 70 -31.47 17.31 -45.91
N ALA B 71 -30.16 17.15 -46.16
CA ALA B 71 -29.34 18.28 -46.59
C ALA B 71 -29.80 18.90 -47.91
N ILE B 72 -30.51 18.15 -48.77
CA ILE B 72 -30.87 18.66 -50.09
C ILE B 72 -32.11 19.55 -49.99
N ILE B 73 -32.06 20.70 -50.66
CA ILE B 73 -33.24 21.48 -51.02
C ILE B 73 -33.32 21.51 -52.56
N THR B 74 -34.47 21.14 -53.09
CA THR B 74 -34.73 21.34 -54.51
C THR B 74 -35.42 22.68 -54.75
N VAL B 75 -35.04 23.35 -55.83
CA VAL B 75 -35.70 24.58 -56.29
C VAL B 75 -35.77 24.52 -57.82
N LYS B 76 -37.00 24.58 -58.36
CA LYS B 76 -37.18 24.27 -59.78
C LYS B 76 -37.05 25.53 -60.64
N ASN B 77 -36.29 25.41 -61.72
CA ASN B 77 -36.29 26.40 -62.78
C ASN B 77 -37.42 25.99 -63.72
N GLU B 78 -38.59 26.59 -63.54
CA GLU B 78 -39.73 26.15 -64.34
C GLU B 78 -39.58 26.51 -65.80
N ASN B 79 -38.80 27.55 -66.12
CA ASN B 79 -38.48 27.89 -67.51
C ASN B 79 -37.24 27.16 -68.01
N TYR B 80 -36.92 25.97 -67.46
CA TYR B 80 -35.68 25.27 -67.80
C TYR B 80 -35.55 24.99 -69.30
N ALA B 81 -36.67 24.65 -69.95
CA ALA B 81 -36.58 24.29 -71.36
C ALA B 81 -36.08 25.44 -72.21
N ASN B 82 -36.32 26.68 -71.80
CA ASN B 82 -36.00 27.84 -72.61
C ASN B 82 -34.75 28.58 -72.14
N THR B 83 -34.05 28.09 -71.12
CA THR B 83 -32.87 28.80 -70.65
C THR B 83 -31.65 27.89 -70.71
N GLY B 84 -30.49 28.47 -70.43
CA GLY B 84 -29.25 27.75 -70.29
C GLY B 84 -29.01 27.36 -68.84
N SER B 85 -27.78 26.94 -68.55
CA SER B 85 -27.50 26.53 -67.18
C SER B 85 -27.47 27.70 -66.23
N MET B 86 -27.24 28.92 -66.75
CA MET B 86 -27.22 30.08 -65.86
C MET B 86 -28.62 30.39 -65.32
N GLY B 87 -29.66 30.18 -66.14
CA GLY B 87 -31.01 30.41 -65.65
C GLY B 87 -31.34 29.56 -64.44
N THR B 88 -30.89 28.30 -64.45
CA THR B 88 -31.08 27.45 -63.28
C THR B 88 -30.30 27.97 -62.08
N LEU B 89 -29.07 28.44 -62.28
CA LEU B 89 -28.32 29.00 -61.17
C LEU B 89 -29.03 30.20 -60.56
N GLU B 90 -29.59 31.07 -61.42
CA GLU B 90 -30.32 32.25 -60.95
C GLU B 90 -31.42 31.87 -59.97
N VAL B 91 -32.16 30.78 -60.23
CA VAL B 91 -33.24 30.47 -59.30
C VAL B 91 -32.68 29.89 -58.01
N CYS B 92 -31.46 29.33 -58.05
CA CYS B 92 -30.82 28.81 -56.85
C CYS B 92 -30.22 29.91 -55.98
N ALA B 93 -29.87 31.06 -56.58
CA ALA B 93 -28.93 31.98 -55.95
C ALA B 93 -29.40 32.44 -54.58
N SER B 94 -30.68 32.76 -54.45
CA SER B 94 -31.24 33.20 -53.17
C SER B 94 -31.09 32.17 -52.05
N PHE B 95 -30.88 30.88 -52.37
CA PHE B 95 -30.66 29.86 -51.34
C PHE B 95 -29.20 29.71 -50.93
N VAL B 96 -28.28 30.44 -51.57
CA VAL B 96 -26.87 30.47 -51.20
C VAL B 96 -26.59 31.76 -50.45
N ASN B 97 -25.93 31.65 -49.28
CA ASN B 97 -25.59 32.81 -48.45
C ASN B 97 -24.10 32.92 -48.15
N GLU B 98 -23.30 31.95 -48.56
CA GLU B 98 -21.90 31.84 -48.15
C GLU B 98 -21.08 31.43 -49.35
N SER B 99 -19.77 31.27 -49.17
CA SER B 99 -19.01 30.60 -50.21
C SER B 99 -19.54 29.18 -50.37
N PHE B 100 -19.49 28.67 -51.59
CA PHE B 100 -20.12 27.39 -51.89
C PHE B 100 -19.34 26.70 -53.01
N LEU B 101 -19.62 25.41 -53.18
CA LEU B 101 -19.14 24.67 -54.33
C LEU B 101 -20.27 24.56 -55.35
N LEU B 102 -19.96 24.86 -56.62
CA LEU B 102 -20.91 24.80 -57.73
C LEU B 102 -20.56 23.61 -58.61
N LEU B 103 -21.50 22.71 -58.81
CA LEU B 103 -21.19 21.48 -59.53
C LEU B 103 -22.18 21.23 -60.65
N GLU B 104 -21.68 20.67 -61.76
CA GLU B 104 -22.52 20.14 -62.82
C GLU B 104 -23.05 18.78 -62.39
N SER B 105 -24.23 18.41 -62.90
CA SER B 105 -24.90 17.20 -62.42
C SER B 105 -24.49 15.91 -63.14
N ASP B 106 -23.78 16.02 -64.27
CA ASP B 106 -23.47 14.85 -65.09
C ASP B 106 -22.04 14.37 -64.90
N LEU B 107 -21.45 14.60 -63.71
CA LEU B 107 -20.06 14.30 -63.39
C LEU B 107 -19.91 13.03 -62.55
N ILE B 108 -18.82 12.31 -62.78
CA ILE B 108 -18.20 11.49 -61.76
C ILE B 108 -16.82 12.05 -61.53
N TYR B 109 -16.32 12.00 -60.29
CA TYR B 109 -15.03 12.67 -60.05
C TYR B 109 -14.37 12.08 -58.80
N ASP B 110 -13.03 12.08 -58.82
CA ASP B 110 -12.25 11.76 -57.64
C ASP B 110 -12.52 12.81 -56.56
N SER B 111 -12.96 12.34 -55.39
CA SER B 111 -13.35 13.23 -54.29
C SER B 111 -12.20 14.09 -53.81
N ALA B 112 -10.95 13.76 -54.18
CA ALA B 112 -9.82 14.64 -53.89
C ALA B 112 -10.00 16.03 -54.47
N GLY B 113 -10.80 16.18 -55.52
CA GLY B 113 -11.05 17.50 -56.06
C GLY B 113 -11.79 18.39 -55.08
N LEU B 114 -12.76 17.81 -54.35
CA LEU B 114 -13.48 18.57 -53.33
C LEU B 114 -12.54 19.03 -52.22
N PHE B 115 -11.77 18.08 -51.67
CA PHE B 115 -10.75 18.39 -50.66
C PHE B 115 -9.81 19.48 -51.13
N SER B 116 -9.25 19.32 -52.34
CA SER B 116 -8.25 20.28 -52.83
C SER B 116 -8.83 21.67 -52.96
N LEU B 117 -10.04 21.79 -53.52
CA LEU B 117 -10.71 23.10 -53.61
C LEU B 117 -10.97 23.69 -52.23
N ILE B 118 -11.45 22.87 -51.30
CA ILE B 118 -11.82 23.38 -49.98
C ILE B 118 -10.59 23.92 -49.26
N ASN B 119 -9.46 23.27 -49.43
CA ASN B 119 -8.23 23.57 -48.69
C ASN B 119 -7.29 24.56 -49.39
N ASP B 120 -7.66 25.07 -50.55
CA ASP B 120 -6.83 26.03 -51.26
C ASP B 120 -7.24 27.43 -50.77
N GLU B 121 -6.24 28.27 -50.45
CA GLU B 121 -6.52 29.58 -49.88
C GLU B 121 -7.41 30.43 -50.78
N ARG B 122 -7.26 30.29 -52.10
CA ARG B 122 -7.95 31.19 -53.02
C ARG B 122 -9.48 31.07 -52.91
N LYS B 123 -10.16 32.22 -52.94
CA LYS B 123 -11.59 32.28 -52.63
C LYS B 123 -12.45 31.83 -53.80
N ASN B 124 -12.07 32.17 -55.04
CA ASN B 124 -12.79 31.79 -56.25
C ASN B 124 -11.85 30.91 -57.09
N LEU B 125 -12.22 29.64 -57.26
CA LEU B 125 -11.26 28.65 -57.74
C LEU B 125 -11.96 27.62 -58.62
N ILE B 126 -11.48 27.51 -59.86
CA ILE B 126 -12.01 26.59 -60.87
C ILE B 126 -11.15 25.33 -60.90
N LEU B 127 -11.73 24.18 -60.61
CA LEU B 127 -11.01 22.93 -60.78
C LEU B 127 -10.89 22.60 -62.26
N ALA B 128 -9.65 22.37 -62.73
CA ALA B 128 -9.37 22.06 -64.12
C ALA B 128 -8.42 20.88 -64.22
N SER B 129 -8.51 20.14 -65.31
CA SER B 129 -7.70 18.95 -65.51
C SER B 129 -6.81 19.13 -66.74
N GLY B 130 -5.86 18.21 -66.88
CA GLY B 130 -5.15 18.03 -68.14
C GLY B 130 -6.10 17.53 -69.20
N ALA B 131 -5.53 17.26 -70.38
CA ALA B 131 -6.35 16.90 -71.54
C ALA B 131 -7.01 15.55 -71.32
N THR B 132 -8.32 15.49 -71.57
CA THR B 132 -9.11 14.29 -71.39
C THR B 132 -9.40 13.55 -72.69
N LYS B 133 -9.22 14.19 -73.86
CA LYS B 133 -9.45 13.56 -75.15
C LYS B 133 -10.83 12.90 -75.19
N SER B 134 -11.82 13.67 -74.74
CA SER B 134 -13.14 13.14 -74.41
C SER B 134 -14.27 13.70 -75.25
N GLY B 135 -14.05 14.82 -75.93
CA GLY B 135 -15.11 15.47 -76.68
C GLY B 135 -15.91 16.41 -75.82
N ASP B 136 -16.28 17.56 -76.39
CA ASP B 136 -17.10 18.57 -75.74
C ASP B 136 -16.36 19.30 -74.62
N GLU B 137 -15.02 19.26 -74.65
CA GLU B 137 -14.19 19.93 -73.66
C GLU B 137 -14.44 21.45 -73.62
N VAL B 138 -14.40 22.02 -72.42
CA VAL B 138 -14.46 23.47 -72.22
C VAL B 138 -13.06 23.94 -71.86
N TYR B 139 -12.38 24.59 -72.80
CA TYR B 139 -11.00 24.98 -72.57
C TYR B 139 -10.95 26.31 -71.84
N LEU B 140 -9.94 26.47 -70.98
CA LEU B 140 -9.78 27.67 -70.17
C LEU B 140 -8.48 28.35 -70.55
N GLU B 141 -8.55 29.67 -70.70
CA GLU B 141 -7.39 30.49 -71.00
C GLU B 141 -7.08 31.34 -69.77
N ALA B 142 -5.83 31.33 -69.35
CA ALA B 142 -5.45 31.95 -68.10
C ALA B 142 -4.38 33.00 -68.34
N ASP B 143 -4.19 33.88 -67.35
CA ASP B 143 -3.09 34.82 -67.40
C ASP B 143 -1.86 34.21 -66.71
N GLU B 144 -0.92 35.06 -66.29
CA GLU B 144 0.28 34.62 -65.58
C GLU B 144 0.03 34.37 -64.10
N LYS B 145 -1.14 34.74 -63.58
CA LYS B 145 -1.53 34.43 -62.22
C LYS B 145 -2.46 33.22 -62.14
N ASN B 146 -2.58 32.47 -63.25
CA ASN B 146 -3.51 31.35 -63.37
C ASN B 146 -4.95 31.80 -63.14
N CYS B 147 -5.27 33.03 -63.51
CA CYS B 147 -6.63 33.54 -63.38
C CYS B 147 -7.32 33.56 -64.74
N LEU B 148 -8.64 33.38 -64.72
CA LEU B 148 -9.40 33.08 -65.94
C LEU B 148 -9.57 34.34 -66.78
N THR B 149 -9.15 34.27 -68.05
CA THR B 149 -9.31 35.37 -69.00
C THR B 149 -10.15 35.00 -70.23
N GLY B 150 -10.46 33.73 -70.44
CA GLY B 150 -11.33 33.31 -71.52
C GLY B 150 -11.63 31.82 -71.50
N LEU B 151 -12.78 31.42 -72.04
CA LEU B 151 -13.12 30.01 -72.17
C LEU B 151 -14.03 29.81 -73.38
N SER B 152 -14.04 28.59 -73.89
CA SER B 152 -14.80 28.19 -75.08
C SER B 152 -14.64 26.70 -75.33
N LYS B 153 -15.64 26.09 -75.97
CA LYS B 153 -15.46 24.72 -76.46
C LYS B 153 -14.59 24.68 -77.71
N ASN B 154 -14.37 25.83 -78.35
CA ASN B 154 -13.54 25.92 -79.56
C ASN B 154 -12.13 26.33 -79.15
N ARG B 155 -11.17 25.41 -79.29
CA ARG B 155 -9.85 25.69 -78.72
C ARG B 155 -9.12 26.80 -79.47
N ASP B 156 -9.40 26.98 -80.76
CA ASP B 156 -8.73 28.03 -81.52
C ASP B 156 -9.22 29.43 -81.17
N ALA B 157 -10.32 29.56 -80.44
CA ALA B 157 -10.76 30.86 -79.98
C ALA B 157 -9.99 31.38 -78.78
N LEU B 158 -8.86 30.76 -78.42
CA LEU B 158 -8.21 31.05 -77.13
C LEU B 158 -6.73 31.35 -77.31
N LYS B 159 -6.25 32.34 -76.54
CA LYS B 159 -4.86 32.78 -76.60
C LYS B 159 -3.91 31.72 -76.05
N ASN B 160 -4.36 30.97 -75.05
CA ASN B 160 -3.60 29.85 -74.52
C ASN B 160 -4.59 28.84 -73.96
N ILE B 161 -4.09 27.65 -73.69
CA ILE B 161 -4.90 26.59 -73.10
C ILE B 161 -4.23 26.19 -71.80
N PHE B 162 -4.83 26.59 -70.69
CA PHE B 162 -4.32 26.25 -69.37
C PHE B 162 -4.85 24.92 -68.86
N GLY B 163 -6.02 24.48 -69.33
CA GLY B 163 -6.60 23.22 -68.92
C GLY B 163 -8.07 23.18 -69.29
N GLU B 164 -8.73 22.12 -68.83
CA GLU B 164 -10.15 21.91 -69.13
C GLU B 164 -10.99 22.12 -67.87
N LEU B 165 -12.17 22.70 -68.04
CA LEU B 165 -13.08 22.91 -66.92
C LEU B 165 -13.71 21.58 -66.48
N VAL B 166 -13.47 21.21 -65.23
CA VAL B 166 -14.04 19.98 -64.72
C VAL B 166 -15.53 20.15 -64.50
N GLY B 167 -15.96 21.33 -64.11
CA GLY B 167 -17.33 21.52 -63.67
C GLY B 167 -17.52 21.45 -62.17
N ILE B 168 -16.48 21.68 -61.38
CA ILE B 168 -16.61 21.91 -59.94
C ILE B 168 -15.83 23.18 -59.60
N THR B 169 -16.53 24.17 -59.05
CA THR B 169 -15.94 25.49 -58.86
C THR B 169 -16.32 26.08 -57.52
N LYS B 170 -15.32 26.53 -56.76
CA LYS B 170 -15.57 27.22 -55.50
C LYS B 170 -15.71 28.71 -55.77
N LEU B 171 -16.83 29.30 -55.34
CA LEU B 171 -17.13 30.71 -55.58
C LEU B 171 -17.60 31.37 -54.31
N THR B 172 -17.47 32.70 -54.29
CA THR B 172 -17.95 33.51 -53.18
C THR B 172 -19.37 33.98 -53.48
N LYS B 173 -20.12 34.30 -52.42
CA LYS B 173 -21.47 34.82 -52.62
C LYS B 173 -21.44 36.05 -53.52
N SER B 174 -20.43 36.91 -53.35
CA SER B 174 -20.39 38.14 -54.16
C SER B 174 -20.07 37.84 -55.62
N THR B 175 -19.34 36.73 -55.90
CA THR B 175 -19.16 36.34 -57.29
C THR B 175 -20.49 35.88 -57.88
N LEU B 176 -21.33 35.22 -57.08
CA LEU B 176 -22.62 34.76 -57.56
C LEU B 176 -23.54 35.95 -57.82
N ASP B 177 -23.46 36.97 -56.95
CA ASP B 177 -24.21 38.21 -57.17
C ASP B 177 -23.91 38.79 -58.54
N LYS B 178 -22.64 38.83 -58.93
CA LYS B 178 -22.29 39.37 -60.24
C LYS B 178 -22.88 38.51 -61.36
N MET B 179 -22.71 37.19 -61.27
CA MET B 179 -23.13 36.32 -62.36
C MET B 179 -24.62 36.44 -62.62
N CYS B 180 -25.41 36.57 -61.56
CA CYS B 180 -26.84 36.77 -61.69
C CYS B 180 -27.17 38.19 -62.17
N ALA B 181 -26.49 39.20 -61.64
CA ALA B 181 -26.76 40.58 -62.07
C ALA B 181 -26.54 40.70 -63.57
N TYR B 182 -25.38 40.22 -64.05
CA TYR B 182 -25.08 40.20 -65.47
C TYR B 182 -26.05 39.31 -66.22
N ALA B 183 -26.54 38.25 -65.59
CA ALA B 183 -27.48 37.36 -66.24
C ALA B 183 -28.81 38.07 -66.51
N LYS B 184 -29.33 38.79 -65.51
CA LYS B 184 -30.61 39.47 -65.66
C LYS B 184 -30.57 40.48 -66.80
N ILE B 185 -29.44 41.18 -66.95
CA ILE B 185 -29.32 42.16 -68.03
C ILE B 185 -29.48 41.50 -69.38
N HIS B 186 -29.04 40.26 -69.52
CA HIS B 186 -29.09 39.59 -70.81
C HIS B 186 -30.15 38.50 -70.88
N HIS B 187 -31.22 38.64 -70.07
CA HIS B 187 -32.35 37.73 -70.15
C HIS B 187 -32.99 37.74 -71.54
N SER B 188 -33.03 38.91 -72.20
CA SER B 188 -33.70 39.04 -73.49
C SER B 188 -32.82 38.56 -74.64
N ASP B 189 -31.57 38.99 -74.67
CA ASP B 189 -30.70 38.71 -75.80
C ASP B 189 -29.97 37.39 -75.66
N LEU B 190 -29.53 37.05 -74.46
CA LEU B 190 -28.83 35.79 -74.19
C LEU B 190 -29.65 35.03 -73.15
N PRO B 191 -30.79 34.45 -73.54
CA PRO B 191 -31.61 33.72 -72.57
C PRO B 191 -31.14 32.29 -72.34
N LYS B 192 -30.28 31.77 -73.22
CA LYS B 192 -29.73 30.42 -73.08
C LYS B 192 -28.33 30.44 -72.47
N MET B 193 -28.03 31.47 -71.68
CA MET B 193 -26.68 31.65 -71.16
C MET B 193 -26.28 30.47 -70.28
N GLU B 194 -25.09 29.92 -70.54
CA GLU B 194 -24.46 28.92 -69.68
C GLU B 194 -23.81 29.60 -68.49
N TYR B 195 -23.81 28.93 -67.32
CA TYR B 195 -23.20 29.58 -66.16
C TYR B 195 -21.72 29.89 -66.40
N GLU B 196 -21.04 29.09 -67.22
CA GLU B 196 -19.64 29.37 -67.53
C GLU B 196 -19.50 30.76 -68.13
N HIS B 197 -20.45 31.14 -69.00
CA HIS B 197 -20.40 32.45 -69.63
C HIS B 197 -20.40 33.55 -68.59
N ALA B 198 -21.34 33.47 -67.64
CA ALA B 198 -21.45 34.50 -66.61
C ALA B 198 -20.23 34.52 -65.71
N LEU B 199 -19.70 33.34 -65.38
CA LEU B 199 -18.48 33.27 -64.60
C LEU B 199 -17.32 33.99 -65.31
N LEU B 200 -17.20 33.78 -66.63
CA LEU B 200 -16.13 34.45 -67.37
C LEU B 200 -16.32 35.96 -67.33
N GLU B 201 -17.52 36.43 -67.69
CA GLU B 201 -17.84 37.85 -67.54
C GLU B 201 -17.45 38.34 -66.15
N ALA B 202 -17.88 37.61 -65.10
CA ALA B 202 -17.56 38.00 -63.73
C ALA B 202 -16.06 38.04 -63.48
N ALA B 203 -15.29 37.17 -64.15
CA ALA B 203 -13.85 37.16 -63.94
C ALA B 203 -13.15 38.38 -64.53
N LYS B 204 -13.90 39.28 -65.19
CA LYS B 204 -13.28 40.51 -65.69
C LYS B 204 -12.99 41.49 -64.56
N THR B 205 -13.83 41.50 -63.52
CA THR B 205 -13.65 42.40 -62.40
C THR B 205 -13.33 41.70 -61.08
N ILE B 206 -13.68 40.44 -60.93
CA ILE B 206 -13.30 39.63 -59.77
C ILE B 206 -12.36 38.53 -60.25
N PRO B 207 -11.14 38.43 -59.72
CA PRO B 207 -10.21 37.42 -60.24
C PRO B 207 -10.69 36.03 -59.85
N VAL B 208 -10.82 35.17 -60.86
CA VAL B 208 -11.22 33.78 -60.67
C VAL B 208 -9.99 32.95 -60.97
N ALA B 209 -9.51 32.21 -59.99
CA ALA B 209 -8.29 31.46 -60.19
C ALA B 209 -8.60 30.07 -60.72
N ILE B 210 -7.58 29.44 -61.29
CA ILE B 210 -7.69 28.09 -61.87
C ILE B 210 -6.67 27.18 -61.19
N LYS B 211 -7.16 26.08 -60.63
CA LYS B 211 -6.29 25.06 -60.04
C LYS B 211 -6.30 23.87 -60.99
N ARG B 212 -5.19 23.69 -61.69
CA ARG B 212 -5.06 22.64 -62.68
C ARG B 212 -4.44 21.39 -62.05
N ILE B 213 -5.19 20.29 -62.07
CA ILE B 213 -4.67 19.00 -61.64
C ILE B 213 -4.47 18.18 -62.91
N GLU B 214 -3.22 18.11 -63.39
CA GLU B 214 -2.95 17.52 -64.69
C GLU B 214 -3.58 16.14 -64.84
N TYR B 215 -3.49 15.32 -63.81
CA TYR B 215 -3.93 13.92 -63.90
C TYR B 215 -5.26 13.67 -63.20
N PHE B 216 -6.06 14.70 -62.98
CA PHE B 216 -7.30 14.52 -62.24
C PHE B 216 -8.20 13.52 -62.99
N VAL B 217 -8.73 12.54 -62.25
CA VAL B 217 -9.58 11.50 -62.83
C VAL B 217 -11.04 11.95 -62.70
N TRP B 218 -11.69 12.18 -63.83
CA TRP B 218 -13.07 12.65 -63.83
C TRP B 218 -13.70 12.39 -65.18
N ARG B 219 -15.02 12.53 -65.23
CA ARG B 219 -15.72 12.52 -66.52
C ARG B 219 -17.10 13.14 -66.38
N GLU B 220 -17.46 13.99 -67.34
CA GLU B 220 -18.86 14.35 -67.51
C GLU B 220 -19.46 13.44 -68.59
N ILE B 221 -20.78 13.23 -68.51
CA ILE B 221 -21.48 12.31 -69.41
C ILE B 221 -22.59 13.07 -70.13
N ASP B 222 -22.31 13.50 -71.36
CA ASP B 222 -23.30 14.12 -72.23
C ASP B 222 -23.94 13.15 -73.22
N ASN B 223 -23.28 12.04 -73.52
CA ASN B 223 -23.70 11.13 -74.58
C ASN B 223 -23.13 9.74 -74.30
N GLU B 224 -23.17 8.89 -75.32
CA GLU B 224 -22.82 7.49 -75.17
C GLU B 224 -21.31 7.25 -75.20
N ASP B 225 -20.55 8.05 -75.96
CA ASP B 225 -19.09 7.97 -75.90
C ASP B 225 -18.58 8.30 -74.49
N HIS B 226 -19.08 9.38 -73.90
CA HIS B 226 -18.75 9.70 -72.51
C HIS B 226 -19.09 8.56 -71.57
N LEU B 227 -20.34 8.09 -71.65
CA LEU B 227 -20.81 7.00 -70.80
C LEU B 227 -19.91 5.78 -70.92
N GLU B 228 -19.40 5.51 -72.13
CA GLU B 228 -18.50 4.37 -72.32
C GLU B 228 -17.15 4.60 -71.65
N MET B 229 -16.60 5.82 -71.78
CA MET B 229 -15.39 6.18 -71.06
C MET B 229 -15.57 6.04 -69.55
N ALA B 230 -16.64 6.64 -69.02
CA ALA B 230 -16.89 6.58 -67.57
C ALA B 230 -17.00 5.15 -67.09
N VAL B 231 -17.70 4.30 -67.85
CA VAL B 231 -17.97 2.94 -67.39
C VAL B 231 -16.73 2.05 -67.51
N LYS B 232 -15.99 2.15 -68.61
CA LYS B 232 -14.89 1.21 -68.80
C LYS B 232 -13.57 1.73 -68.23
N ASN B 233 -13.42 3.04 -68.03
CA ASN B 233 -12.12 3.56 -67.66
C ASN B 233 -12.12 4.44 -66.42
N ILE B 234 -13.02 5.43 -66.38
CA ILE B 234 -12.94 6.47 -65.37
C ILE B 234 -13.51 5.99 -64.05
N TYR B 235 -14.69 5.39 -64.09
CA TYR B 235 -15.28 4.90 -62.84
C TYR B 235 -14.42 3.87 -62.14
N PRO B 236 -13.84 2.86 -62.80
CA PRO B 236 -12.95 1.98 -62.03
C PRO B 236 -11.76 2.72 -61.45
N HIS B 237 -11.21 3.69 -62.21
CA HIS B 237 -10.06 4.44 -61.72
C HIS B 237 -10.41 5.30 -60.51
N ILE B 238 -11.57 5.99 -60.55
CA ILE B 238 -12.01 6.75 -59.39
C ILE B 238 -12.14 5.83 -58.18
N VAL B 239 -12.74 4.65 -58.38
CA VAL B 239 -12.92 3.72 -57.27
C VAL B 239 -11.57 3.37 -56.66
N GLU B 240 -10.56 3.11 -57.51
CA GLU B 240 -9.22 2.78 -57.00
C GLU B 240 -8.62 3.94 -56.22
N ASN B 241 -8.69 5.16 -56.77
CA ASN B 241 -8.13 6.33 -56.10
C ASN B 241 -8.77 6.57 -54.76
N GLU B 242 -10.08 6.45 -54.68
CA GLU B 242 -10.74 6.69 -53.42
C GLU B 242 -10.44 5.61 -52.40
N LYS B 243 -10.45 4.33 -52.79
CA LYS B 243 -10.08 3.29 -51.83
C LYS B 243 -8.62 3.42 -51.36
N LEU B 244 -7.78 4.15 -52.10
CA LEU B 244 -6.41 4.38 -51.64
C LEU B 244 -6.40 5.16 -50.34
N ARG B 245 -7.45 5.95 -50.08
CA ARG B 245 -7.69 6.71 -48.84
C ARG B 245 -8.54 5.95 -47.83
N ALA B 246 -9.05 4.76 -48.15
CA ALA B 246 -9.87 4.04 -47.19
C ALA B 246 -9.02 3.62 -45.98
N VAL B 247 -9.55 3.82 -44.80
CA VAL B 247 -8.87 3.44 -43.55
C VAL B 247 -9.27 2.01 -43.20
N ARG B 248 -8.39 1.27 -42.53
CA ARG B 248 -8.73 -0.11 -42.19
C ARG B 248 -10.03 -0.13 -41.40
N ARG B 249 -10.92 -1.06 -41.74
CA ARG B 249 -12.22 -1.15 -41.09
C ARG B 249 -12.19 -2.28 -40.06
N GLU B 250 -11.98 -1.90 -38.80
CA GLU B 250 -12.12 -2.81 -37.67
C GLU B 250 -13.58 -2.74 -37.19
N VAL B 251 -14.24 -3.89 -37.12
CA VAL B 251 -15.62 -3.94 -36.66
C VAL B 251 -15.58 -4.02 -35.13
N LEU B 252 -15.94 -2.94 -34.47
CA LEU B 252 -15.79 -2.88 -33.02
C LEU B 252 -17.07 -3.34 -32.35
N LEU B 253 -16.98 -4.43 -31.58
CA LEU B 253 -18.11 -4.93 -30.81
C LEU B 253 -17.98 -4.59 -29.33
N ASN B 254 -17.29 -3.49 -29.02
CA ASN B 254 -17.27 -2.89 -27.70
C ASN B 254 -18.05 -1.58 -27.70
N PRO B 255 -18.56 -1.13 -26.55
CA PRO B 255 -19.64 -0.12 -26.57
C PRO B 255 -19.25 1.34 -26.78
N GLY B 256 -18.14 1.62 -27.48
CA GLY B 256 -17.68 2.98 -27.70
C GLY B 256 -16.35 3.22 -26.99
N PRO B 257 -15.32 3.72 -27.70
CA PRO B 257 -15.23 4.01 -29.13
C PRO B 257 -15.62 2.80 -29.96
N ALA B 258 -16.29 3.05 -31.07
CA ALA B 258 -16.72 1.91 -31.89
C ALA B 258 -16.34 2.20 -33.34
N THR B 259 -16.81 1.40 -34.29
CA THR B 259 -16.38 1.62 -35.67
C THR B 259 -16.95 2.95 -36.14
N THR B 260 -16.15 3.70 -36.89
CA THR B 260 -16.65 5.00 -37.38
C THR B 260 -16.64 5.01 -38.90
N THR B 261 -17.32 6.00 -39.46
CA THR B 261 -17.19 6.21 -40.89
C THR B 261 -15.84 6.90 -41.16
N ASP B 262 -15.33 6.73 -42.38
CA ASP B 262 -14.08 7.39 -42.71
C ASP B 262 -14.25 8.90 -42.89
N SER B 263 -15.46 9.37 -43.17
CA SER B 263 -15.67 10.82 -43.24
C SER B 263 -15.63 11.44 -41.84
N VAL B 264 -16.10 10.71 -40.82
CA VAL B 264 -15.90 11.20 -39.45
C VAL B 264 -14.41 11.25 -39.11
N LYS B 265 -13.66 10.22 -39.51
CA LYS B 265 -12.20 10.19 -39.29
C LYS B 265 -11.52 11.42 -39.94
N TYR B 266 -11.67 11.57 -41.26
CA TYR B 266 -11.00 12.66 -41.96
C TYR B 266 -11.52 14.06 -41.56
N ALA B 267 -12.68 14.13 -40.91
CA ALA B 267 -13.15 15.42 -40.45
C ALA B 267 -12.30 15.98 -39.31
N GLN B 268 -11.45 15.17 -38.67
CA GLN B 268 -10.49 15.78 -37.74
C GLN B 268 -9.38 16.51 -38.47
N VAL B 269 -9.24 16.31 -39.78
CA VAL B 269 -8.13 16.88 -40.54
C VAL B 269 -8.59 18.25 -41.06
N SER B 270 -8.01 19.33 -40.55
CA SER B 270 -8.48 20.64 -40.98
C SER B 270 -7.39 21.68 -40.79
N ALA B 271 -7.64 22.86 -41.35
CA ALA B 271 -6.75 23.98 -41.14
C ALA B 271 -6.59 24.20 -39.64
N ASP B 272 -5.35 24.51 -39.23
CA ASP B 272 -5.12 24.85 -37.82
C ASP B 272 -5.85 26.14 -37.50
N ILE B 273 -6.46 26.19 -36.31
CA ILE B 273 -7.28 27.34 -35.90
C ILE B 273 -7.10 27.60 -34.41
N CYS B 274 -7.11 28.90 -34.07
CA CYS B 274 -7.08 29.33 -32.68
C CYS B 274 -8.48 29.26 -32.10
N PRO B 275 -8.70 28.50 -31.03
CA PRO B 275 -10.07 28.20 -30.59
C PRO B 275 -10.81 29.41 -30.02
N ARG B 276 -10.14 30.55 -29.82
CA ARG B 276 -10.84 31.76 -29.39
C ARG B 276 -11.38 32.56 -30.55
N GLU B 277 -10.99 32.21 -31.78
CA GLU B 277 -11.49 32.89 -32.96
C GLU B 277 -13.01 32.80 -33.01
N LYS B 278 -13.64 33.91 -33.42
CA LYS B 278 -15.10 33.98 -33.53
C LYS B 278 -15.64 32.79 -34.31
N ALA B 279 -14.94 32.39 -35.39
CA ALA B 279 -15.42 31.27 -36.20
C ALA B 279 -15.41 29.97 -35.41
N PHE B 280 -14.48 29.81 -34.47
CA PHE B 280 -14.56 28.60 -33.70
C PHE B 280 -15.61 28.70 -32.61
N GLY B 281 -15.82 29.91 -32.08
CA GLY B 281 -16.91 30.11 -31.16
C GLY B 281 -18.26 29.82 -31.81
N ASP B 282 -18.41 30.17 -33.08
CA ASP B 282 -19.63 29.83 -33.82
C ASP B 282 -19.79 28.32 -33.99
N LEU B 283 -18.70 27.60 -34.29
CA LEU B 283 -18.80 26.15 -34.37
C LEU B 283 -19.29 25.56 -33.05
N MET B 284 -18.70 26.00 -31.92
CA MET B 284 -19.15 25.48 -30.63
C MET B 284 -20.62 25.81 -30.36
N GLN B 285 -21.05 27.03 -30.69
CA GLN B 285 -22.47 27.38 -30.57
C GLN B 285 -23.35 26.41 -31.35
N TRP B 286 -23.00 26.18 -32.62
CA TRP B 286 -23.74 25.26 -33.48
C TRP B 286 -23.75 23.84 -32.88
N LEU B 287 -22.60 23.38 -32.40
CA LEU B 287 -22.54 22.07 -31.76
C LEU B 287 -23.48 22.01 -30.55
N CYS B 288 -23.46 23.05 -29.69
CA CYS B 288 -24.40 23.06 -28.57
C CYS B 288 -25.84 23.04 -29.04
N ASP B 289 -26.14 23.83 -30.09
CA ASP B 289 -27.51 23.97 -30.60
C ASP B 289 -28.01 22.65 -31.17
N GLU B 290 -27.14 21.95 -31.89
CA GLU B 290 -27.56 20.72 -32.55
C GLU B 290 -27.52 19.53 -31.62
N LEU B 291 -26.57 19.50 -30.68
CA LEU B 291 -26.47 18.33 -29.80
C LEU B 291 -27.71 18.19 -28.94
N LYS B 292 -28.25 19.30 -28.42
CA LYS B 292 -29.42 19.16 -27.56
C LYS B 292 -30.65 18.66 -28.33
N LEU B 293 -30.68 18.82 -29.67
CA LEU B 293 -31.87 18.40 -30.42
C LEU B 293 -32.05 16.88 -30.43
N PHE B 294 -30.95 16.10 -30.38
CA PHE B 294 -31.04 14.65 -30.36
C PHE B 294 -31.65 14.12 -29.06
N ALA B 295 -31.62 14.91 -28.02
CA ALA B 295 -32.24 14.51 -26.76
C ALA B 295 -33.67 15.01 -26.64
N LEU B 296 -34.25 15.56 -27.71
CA LEU B 296 -35.55 16.23 -27.63
C LEU B 296 -36.50 15.82 -28.74
N ALA B 297 -37.79 15.73 -28.38
CA ALA B 297 -38.85 15.59 -29.36
C ALA B 297 -39.02 16.91 -30.13
N SER B 298 -39.49 16.79 -31.37
CA SER B 298 -39.70 17.96 -32.23
C SER B 298 -40.67 18.98 -31.61
N GLU B 299 -41.67 18.50 -30.87
CA GLU B 299 -42.65 19.34 -30.18
C GLU B 299 -42.11 20.00 -28.91
N THR B 300 -40.90 19.66 -28.48
CA THR B 300 -40.31 20.31 -27.31
C THR B 300 -39.52 21.52 -27.77
N ASN B 301 -39.76 22.64 -27.12
CA ASN B 301 -39.11 23.90 -27.45
C ASN B 301 -37.62 23.82 -27.14
N PRO B 302 -36.72 23.92 -28.13
CA PRO B 302 -35.29 23.77 -27.80
C PRO B 302 -34.76 24.89 -26.92
N ASP B 303 -35.44 26.04 -26.84
CA ASP B 303 -34.94 27.16 -26.03
C ASP B 303 -35.06 26.89 -24.53
N GLU B 304 -35.87 25.91 -24.12
CA GLU B 304 -35.87 25.54 -22.71
C GLU B 304 -34.67 24.66 -22.34
N TYR B 305 -33.73 24.41 -23.28
CA TYR B 305 -32.57 23.56 -23.03
C TYR B 305 -31.26 24.21 -23.49
N GLU B 306 -30.18 23.81 -22.82
CA GLU B 306 -28.82 24.21 -23.14
C GLU B 306 -27.90 23.00 -23.18
N THR B 307 -26.78 23.15 -23.90
CA THR B 307 -25.70 22.18 -23.91
C THR B 307 -24.42 22.84 -23.42
N VAL B 308 -23.71 22.15 -22.53
CA VAL B 308 -22.42 22.60 -22.00
C VAL B 308 -21.36 21.56 -22.36
N MET B 309 -20.37 21.96 -23.16
CA MET B 309 -19.33 21.03 -23.60
C MET B 309 -18.05 21.28 -22.81
N PHE B 310 -17.30 20.19 -22.59
CA PHE B 310 -16.07 20.10 -21.84
C PHE B 310 -15.10 19.22 -22.61
N GLY B 311 -13.81 19.44 -22.38
CA GLY B 311 -12.84 18.49 -22.88
C GLY B 311 -12.61 17.43 -21.82
N CYS B 312 -13.27 16.27 -21.96
CA CYS B 312 -13.21 15.17 -21.01
C CYS B 312 -13.99 13.99 -21.52
N SER B 313 -14.03 12.93 -20.72
CA SER B 313 -14.71 11.69 -21.07
C SER B 313 -16.11 11.68 -20.44
N GLY B 314 -16.83 10.56 -20.64
CA GLY B 314 -18.17 10.44 -20.09
C GLY B 314 -18.19 10.42 -18.57
N THR B 315 -17.20 9.80 -17.96
CA THR B 315 -17.06 9.88 -16.51
C THR B 315 -16.84 11.32 -16.09
N GLY B 316 -16.04 12.07 -16.86
CA GLY B 316 -15.90 13.48 -16.63
C GLY B 316 -17.24 14.19 -16.60
N ALA B 317 -18.08 13.92 -17.60
CA ALA B 317 -19.36 14.60 -17.68
C ALA B 317 -20.27 14.20 -16.53
N ASP B 318 -20.31 12.90 -16.16
CA ASP B 318 -21.02 12.50 -14.95
C ASP B 318 -20.52 13.27 -13.73
N GLU B 319 -19.19 13.42 -13.61
CA GLU B 319 -18.62 14.15 -12.49
C GLU B 319 -19.02 15.63 -12.55
N VAL B 320 -19.07 16.22 -13.75
CA VAL B 320 -19.60 17.59 -13.87
C VAL B 320 -20.95 17.70 -13.15
N MET B 321 -21.88 16.78 -13.49
CA MET B 321 -23.25 16.87 -13.00
C MET B 321 -23.32 16.67 -11.48
N VAL B 322 -22.67 15.63 -10.99
CA VAL B 322 -22.76 15.31 -9.58
C VAL B 322 -22.14 16.42 -8.75
N SER B 323 -21.05 16.99 -9.21
CA SER B 323 -20.28 17.98 -8.48
C SER B 323 -20.79 19.41 -8.67
N SER B 324 -21.74 19.65 -9.58
CA SER B 324 -22.23 21.01 -9.79
C SER B 324 -23.73 21.16 -9.63
N CYS B 325 -24.47 20.07 -9.43
CA CYS B 325 -25.93 20.14 -9.49
C CYS B 325 -26.59 19.87 -8.16
N VAL B 326 -25.83 19.55 -7.11
CA VAL B 326 -26.45 19.17 -5.86
C VAL B 326 -25.82 20.04 -4.77
N PRO B 327 -26.55 20.98 -4.17
CA PRO B 327 -25.99 21.79 -3.08
C PRO B 327 -25.88 21.03 -1.76
N ASP B 328 -25.03 21.55 -0.88
CA ASP B 328 -24.85 20.92 0.42
C ASP B 328 -26.13 20.95 1.24
N THR B 329 -27.04 21.89 0.96
CA THR B 329 -28.32 21.94 1.65
C THR B 329 -29.29 20.86 1.21
N GLY B 330 -29.01 20.18 0.09
CA GLY B 330 -29.85 19.10 -0.38
C GLY B 330 -29.29 17.73 -0.01
N ARG B 331 -29.84 16.71 -0.66
CA ARG B 331 -29.44 15.32 -0.42
C ARG B 331 -29.74 14.50 -1.67
N LEU B 332 -28.75 13.74 -2.12
CA LEU B 332 -28.80 13.02 -3.37
C LEU B 332 -29.11 11.53 -3.14
N LEU B 333 -30.01 10.98 -3.96
CA LEU B 333 -30.22 9.54 -4.03
C LEU B 333 -29.58 9.00 -5.30
N VAL B 334 -28.57 8.15 -5.16
CA VAL B 334 -27.92 7.54 -6.30
C VAL B 334 -28.46 6.12 -6.44
N ILE B 335 -28.96 5.80 -7.62
CA ILE B 335 -29.31 4.43 -7.98
C ILE B 335 -28.03 3.75 -8.43
N ASP B 336 -27.67 2.69 -7.75
CA ASP B 336 -26.54 1.88 -8.14
C ASP B 336 -27.10 0.53 -8.57
N ASN B 337 -27.27 0.32 -9.88
CA ASN B 337 -27.53 -1.04 -10.34
C ASN B 337 -26.56 -1.40 -11.45
N GLY B 338 -25.30 -1.05 -11.22
CA GLY B 338 -24.25 -1.28 -12.20
C GLY B 338 -23.05 -0.40 -11.93
N SER B 339 -22.02 -0.61 -12.77
CA SER B 339 -20.74 0.03 -12.51
C SER B 339 -20.83 1.56 -12.62
N TYR B 340 -21.73 2.08 -13.47
CA TYR B 340 -21.71 3.53 -13.68
C TYR B 340 -22.54 4.26 -12.64
N GLY B 341 -23.58 3.60 -12.12
CA GLY B 341 -24.25 4.13 -10.95
C GLY B 341 -23.37 4.08 -9.72
N ALA B 342 -22.72 2.93 -9.49
CA ALA B 342 -21.69 2.85 -8.45
C ALA B 342 -20.70 4.00 -8.60
N ARG B 343 -20.29 4.29 -9.83
CA ARG B 343 -19.27 5.32 -10.04
C ARG B 343 -19.79 6.70 -9.66
N MET B 344 -21.04 7.01 -9.99
CA MET B 344 -21.54 8.32 -9.59
C MET B 344 -21.67 8.41 -8.07
N ALA B 345 -22.04 7.31 -7.41
CA ALA B 345 -22.07 7.27 -5.94
C ALA B 345 -20.68 7.53 -5.35
N LYS B 346 -19.64 6.93 -5.94
CA LYS B 346 -18.30 7.16 -5.44
C LYS B 346 -17.90 8.63 -5.62
N ILE B 347 -18.20 9.20 -6.78
CA ILE B 347 -17.94 10.62 -7.00
C ILE B 347 -18.61 11.46 -5.93
N ALA B 348 -19.90 11.20 -5.68
CA ALA B 348 -20.67 11.98 -4.69
C ALA B 348 -20.06 11.88 -3.28
N ASP B 349 -19.56 10.71 -2.94
CA ASP B 349 -18.88 10.50 -1.65
C ASP B 349 -17.57 11.27 -1.58
N ILE B 350 -16.75 11.18 -2.64
CA ILE B 350 -15.48 11.91 -2.68
C ILE B 350 -15.70 13.39 -2.43
N TYR B 351 -16.80 13.94 -2.98
CA TYR B 351 -17.10 15.35 -2.85
C TYR B 351 -17.88 15.68 -1.58
N LYS B 352 -18.24 14.66 -0.79
CA LYS B 352 -18.94 14.84 0.48
C LYS B 352 -20.29 15.53 0.28
N ILE B 353 -20.96 15.17 -0.81
CA ILE B 353 -22.35 15.57 -1.03
C ILE B 353 -23.25 14.69 -0.16
N PRO B 354 -24.25 15.23 0.55
CA PRO B 354 -25.18 14.37 1.29
C PRO B 354 -25.92 13.42 0.37
N MET B 355 -25.90 12.12 0.71
CA MET B 355 -26.26 11.14 -0.30
C MET B 355 -26.49 9.76 0.31
N ASP B 356 -27.52 9.07 -0.16
CA ASP B 356 -27.70 7.65 0.06
C ASP B 356 -27.74 6.91 -1.28
N ILE B 357 -27.46 5.61 -1.22
CA ILE B 357 -27.38 4.75 -2.40
C ILE B 357 -28.62 3.87 -2.41
N PHE B 358 -29.27 3.76 -3.57
CA PHE B 358 -30.30 2.74 -3.78
C PHE B 358 -29.65 1.62 -4.60
N LYS B 359 -29.19 0.57 -3.93
CA LYS B 359 -28.49 -0.54 -4.59
C LYS B 359 -29.48 -1.57 -5.10
N SER B 360 -29.21 -2.12 -6.29
CA SER B 360 -30.11 -3.08 -6.91
C SER B 360 -29.33 -3.99 -7.86
N SER B 361 -29.95 -5.12 -8.23
CA SER B 361 -29.31 -6.08 -9.11
C SER B 361 -28.75 -5.41 -10.36
N THR B 362 -27.65 -5.95 -10.89
CA THR B 362 -27.11 -5.42 -12.14
C THR B 362 -27.82 -5.95 -13.38
N TYR B 363 -28.62 -7.00 -13.26
CA TYR B 363 -29.24 -7.61 -14.44
C TYR B 363 -30.74 -7.83 -14.30
N GLU B 364 -31.31 -7.59 -13.15
CA GLU B 364 -32.75 -7.62 -13.00
C GLU B 364 -33.30 -6.22 -12.74
N PRO B 365 -34.53 -5.95 -13.17
CA PRO B 365 -35.08 -4.59 -13.06
C PRO B 365 -35.10 -4.08 -11.62
N LEU B 366 -34.95 -2.76 -11.49
CA LEU B 366 -35.21 -2.08 -10.24
C LEU B 366 -36.65 -2.35 -9.80
N ASP B 367 -36.82 -2.59 -8.49
CA ASP B 367 -38.15 -2.58 -7.88
C ASP B 367 -38.65 -1.14 -7.84
N LEU B 368 -39.63 -0.79 -8.69
CA LEU B 368 -40.12 0.58 -8.77
C LEU B 368 -40.99 0.97 -7.59
N GLN B 369 -41.58 -0.03 -6.92
CA GLN B 369 -42.31 0.24 -5.69
C GLN B 369 -41.39 0.64 -4.55
N LYS B 370 -40.28 -0.08 -4.38
CA LYS B 370 -39.32 0.27 -3.33
C LYS B 370 -38.59 1.56 -3.66
N LEU B 371 -38.35 1.84 -4.94
CA LEU B 371 -37.75 3.13 -5.30
C LEU B 371 -38.70 4.28 -4.97
N GLU B 372 -39.99 4.15 -5.33
CA GLU B 372 -40.93 5.25 -5.07
C GLU B 372 -41.07 5.52 -3.56
N ALA B 373 -40.91 4.49 -2.72
CA ALA B 373 -40.97 4.71 -1.28
C ALA B 373 -39.79 5.53 -0.77
N GLU B 374 -38.61 5.38 -1.36
CA GLU B 374 -37.53 6.30 -0.97
C GLU B 374 -37.83 7.72 -1.43
N PHE B 375 -38.37 7.88 -2.65
CA PHE B 375 -38.82 9.21 -3.10
C PHE B 375 -39.75 9.81 -2.09
N ALA B 376 -40.72 9.03 -1.62
CA ALA B 376 -41.80 9.52 -0.77
C ALA B 376 -41.34 9.87 0.65
N THR B 377 -40.12 9.53 1.05
CA THR B 377 -39.65 10.02 2.34
C THR B 377 -39.43 11.53 2.33
N LYS B 378 -39.39 12.15 1.16
CA LYS B 378 -39.11 13.58 1.01
C LYS B 378 -37.74 13.94 1.58
N LYS B 379 -36.85 12.95 1.74
CA LYS B 379 -35.48 13.18 2.21
C LYS B 379 -34.56 13.67 1.10
N TYR B 380 -34.88 13.40 -0.16
CA TYR B 380 -33.97 13.62 -1.28
C TYR B 380 -34.47 14.75 -2.16
N THR B 381 -33.55 15.67 -2.49
CA THR B 381 -33.83 16.76 -3.42
C THR B 381 -33.43 16.44 -4.86
N HIS B 382 -32.58 15.43 -5.05
CA HIS B 382 -31.91 15.15 -6.31
C HIS B 382 -31.76 13.64 -6.45
N LEU B 383 -31.94 13.15 -7.69
CA LEU B 383 -31.74 11.75 -8.05
C LEU B 383 -30.70 11.69 -9.17
N ALA B 384 -29.74 10.78 -9.02
CA ALA B 384 -28.79 10.48 -10.09
C ALA B 384 -28.95 9.01 -10.46
N CYS B 385 -28.98 8.73 -11.76
CA CYS B 385 -29.21 7.37 -12.22
C CYS B 385 -28.67 7.25 -13.63
N VAL B 386 -28.63 6.01 -14.09
CA VAL B 386 -28.09 5.62 -15.40
C VAL B 386 -29.24 5.09 -16.25
N TYR B 387 -29.24 5.46 -17.54
CA TYR B 387 -30.29 5.04 -18.44
C TYR B 387 -29.97 3.67 -19.01
N HIS B 388 -28.83 3.54 -19.66
CA HIS B 388 -28.35 2.28 -20.18
C HIS B 388 -27.13 1.86 -19.36
N GLU B 389 -27.25 0.73 -18.64
CA GLU B 389 -26.15 0.22 -17.82
C GLU B 389 -25.35 -0.71 -18.68
N THR B 390 -24.34 -0.14 -19.32
CA THR B 390 -23.45 -0.88 -20.22
C THR B 390 -22.73 -2.03 -19.51
N THR B 391 -22.68 -1.99 -18.18
CA THR B 391 -22.19 -3.13 -17.40
C THR B 391 -22.79 -4.44 -17.88
N THR B 392 -24.09 -4.45 -18.11
CA THR B 392 -24.77 -5.67 -18.53
C THR B 392 -25.64 -5.51 -19.76
N GLY B 393 -25.98 -4.29 -20.15
CA GLY B 393 -26.94 -4.04 -21.20
C GLY B 393 -28.34 -3.79 -20.69
N LEU B 394 -28.52 -3.85 -19.37
CA LEU B 394 -29.79 -3.52 -18.76
C LEU B 394 -30.18 -2.09 -19.10
N LEU B 395 -31.45 -1.90 -19.49
CA LEU B 395 -32.05 -0.59 -19.76
C LEU B 395 -32.94 -0.20 -18.58
N ASN B 396 -32.54 0.86 -17.84
CA ASN B 396 -33.41 1.28 -16.75
C ASN B 396 -34.55 2.11 -17.32
N PRO B 397 -35.71 2.02 -16.75
CA PRO B 397 -36.89 2.62 -17.44
C PRO B 397 -37.11 4.08 -17.06
N LEU B 398 -36.21 4.94 -17.53
CA LEU B 398 -36.21 6.32 -17.03
C LEU B 398 -37.42 7.11 -17.46
N HIS B 399 -38.22 6.59 -18.41
CA HIS B 399 -39.49 7.22 -18.78
C HIS B 399 -40.55 7.05 -17.72
N ILE B 400 -40.40 6.06 -16.83
CA ILE B 400 -41.18 5.95 -15.60
C ILE B 400 -40.46 6.61 -14.42
N ILE B 401 -39.17 6.32 -14.24
CA ILE B 401 -38.48 6.72 -13.02
C ILE B 401 -38.34 8.24 -12.92
N CYS B 402 -37.95 8.88 -13.99
CA CYS B 402 -37.61 10.27 -13.77
C CYS B 402 -38.87 11.14 -13.63
N PRO B 403 -39.94 10.92 -14.42
CA PRO B 403 -41.17 11.66 -14.13
C PRO B 403 -41.71 11.40 -12.72
N MET B 404 -41.55 10.17 -12.22
CA MET B 404 -41.96 9.88 -10.86
C MET B 404 -41.18 10.74 -9.87
N ALA B 405 -39.85 10.80 -10.04
CA ALA B 405 -39.02 11.67 -9.20
C ALA B 405 -39.44 13.13 -9.31
N LYS B 406 -39.75 13.61 -10.53
CA LYS B 406 -40.21 14.98 -10.68
C LYS B 406 -41.48 15.22 -9.87
N LYS B 407 -42.34 14.21 -9.80
CA LYS B 407 -43.60 14.33 -9.07
C LYS B 407 -43.36 14.50 -7.58
N TYR B 408 -42.25 13.99 -7.06
CA TYR B 408 -41.87 14.18 -5.67
C TYR B 408 -41.01 15.42 -5.45
N GLY B 409 -40.90 16.29 -6.45
CA GLY B 409 -40.13 17.52 -6.28
C GLY B 409 -38.64 17.35 -6.43
N MET B 410 -38.17 16.29 -7.10
CA MET B 410 -36.73 16.05 -7.18
C MET B 410 -36.17 16.49 -8.52
N VAL B 411 -34.93 16.96 -8.48
CA VAL B 411 -34.17 17.32 -9.67
C VAL B 411 -33.46 16.08 -10.19
N THR B 412 -33.61 15.79 -11.48
CA THR B 412 -33.08 14.57 -12.06
C THR B 412 -31.75 14.81 -12.74
N ILE B 413 -30.81 13.93 -12.47
CA ILE B 413 -29.45 13.93 -13.01
C ILE B 413 -29.27 12.57 -13.63
N VAL B 414 -29.04 12.51 -14.94
CA VAL B 414 -29.12 11.24 -15.66
C VAL B 414 -27.87 11.02 -16.47
N ASP B 415 -27.23 9.88 -16.25
CA ASP B 415 -26.16 9.44 -17.13
C ASP B 415 -26.83 8.69 -18.27
N ALA B 416 -26.84 9.28 -19.46
CA ALA B 416 -27.33 8.64 -20.67
C ALA B 416 -26.18 8.45 -21.66
N VAL B 417 -24.98 8.19 -21.11
CA VAL B 417 -23.78 8.18 -21.93
C VAL B 417 -23.87 7.17 -23.07
N SER B 418 -24.43 5.98 -22.80
CA SER B 418 -24.57 4.90 -23.76
C SER B 418 -26.01 4.72 -24.22
N ALA B 419 -26.83 5.74 -24.06
CA ALA B 419 -28.22 5.72 -24.50
C ALA B 419 -28.50 6.78 -25.54
N TYR B 420 -28.03 8.00 -25.28
CA TYR B 420 -28.28 9.13 -26.17
C TYR B 420 -27.79 8.82 -27.59
N CYS B 421 -28.64 9.17 -28.57
CA CYS B 421 -28.44 8.98 -30.00
C CYS B 421 -28.55 7.53 -30.43
N GLY B 422 -28.80 6.61 -29.51
CA GLY B 422 -29.03 5.21 -29.86
C GLY B 422 -30.51 4.89 -29.88
N MET B 423 -31.29 5.68 -29.15
CA MET B 423 -32.74 5.58 -29.07
C MET B 423 -33.32 6.99 -29.02
N PRO B 424 -34.56 7.17 -29.46
CA PRO B 424 -35.23 8.47 -29.28
C PRO B 424 -35.31 8.83 -27.81
N MET B 425 -35.05 10.09 -27.52
CA MET B 425 -35.14 10.61 -26.17
C MET B 425 -35.81 11.96 -26.27
N ASP B 426 -36.68 12.26 -25.30
CA ASP B 426 -37.26 13.59 -25.15
C ASP B 426 -37.14 14.01 -23.69
N LEU B 427 -36.19 14.91 -23.39
CA LEU B 427 -35.89 15.23 -22.00
C LEU B 427 -37.10 15.78 -21.27
N LYS B 428 -37.97 16.52 -21.97
CA LYS B 428 -39.14 17.11 -21.32
C LYS B 428 -40.10 16.04 -20.80
N SER B 429 -40.56 15.12 -21.67
CA SER B 429 -41.48 14.08 -21.20
C SER B 429 -40.77 13.02 -20.34
N LEU B 430 -39.47 12.80 -20.57
CA LEU B 430 -38.72 11.96 -19.64
C LEU B 430 -38.55 12.62 -18.27
N GLY B 431 -38.90 13.89 -18.12
CA GLY B 431 -38.63 14.61 -16.87
C GLY B 431 -37.18 14.61 -16.45
N ILE B 432 -36.26 14.73 -17.40
CA ILE B 432 -34.83 14.79 -17.12
C ILE B 432 -34.37 16.25 -17.08
N ASP B 433 -33.74 16.64 -15.97
CA ASP B 433 -33.17 17.97 -15.79
C ASP B 433 -31.73 18.09 -16.29
N PHE B 434 -30.92 17.03 -16.18
CA PHE B 434 -29.54 17.08 -16.64
C PHE B 434 -29.17 15.73 -17.25
N MET B 435 -28.53 15.77 -18.42
CA MET B 435 -28.25 14.58 -19.21
C MET B 435 -26.82 14.64 -19.73
N ALA B 436 -26.07 13.56 -19.51
CA ALA B 436 -24.67 13.50 -19.93
C ALA B 436 -24.47 12.44 -21.00
N SER B 437 -23.66 12.75 -22.01
CA SER B 437 -23.16 11.77 -22.96
C SER B 437 -21.79 12.23 -23.49
N THR B 438 -21.26 11.53 -24.48
CA THR B 438 -19.96 11.88 -25.03
C THR B 438 -19.96 11.88 -26.54
N SER B 439 -18.82 12.30 -27.08
CA SER B 439 -18.69 12.35 -28.51
C SER B 439 -18.45 10.98 -29.16
N ASN B 440 -18.15 9.91 -28.40
CA ASN B 440 -17.69 8.66 -29.04
C ASN B 440 -18.58 7.46 -28.75
N LYS B 441 -19.78 7.66 -28.24
CA LYS B 441 -20.66 6.52 -28.14
C LYS B 441 -21.68 6.54 -29.28
N ASN B 442 -22.99 6.59 -29.00
CA ASN B 442 -23.93 6.33 -30.10
C ASN B 442 -24.02 7.46 -31.15
N ILE B 443 -23.36 8.61 -30.94
CA ILE B 443 -23.32 9.69 -31.92
C ILE B 443 -22.19 9.47 -32.92
N GLN B 444 -21.29 8.49 -32.65
CA GLN B 444 -20.31 7.95 -33.61
C GLN B 444 -19.24 8.96 -34.02
N GLY B 445 -18.83 9.84 -33.09
CA GLY B 445 -17.66 10.68 -33.28
C GLY B 445 -16.43 10.07 -32.60
N MET B 446 -15.38 10.88 -32.49
CA MET B 446 -14.17 10.53 -31.76
C MET B 446 -14.24 11.07 -30.33
N ALA B 447 -13.56 10.35 -29.42
CA ALA B 447 -13.65 10.64 -27.99
C ALA B 447 -12.96 11.94 -27.65
N GLY B 448 -13.46 12.62 -26.63
CA GLY B 448 -12.78 13.82 -26.14
C GLY B 448 -13.69 14.98 -25.76
N VAL B 449 -14.92 15.02 -26.27
CA VAL B 449 -15.91 16.00 -25.85
C VAL B 449 -16.97 15.30 -24.99
N GLY B 450 -17.03 15.66 -23.73
CA GLY B 450 -18.13 15.22 -22.89
C GLY B 450 -19.08 16.41 -22.77
N PHE B 451 -20.36 16.11 -22.57
CA PHE B 451 -21.30 17.22 -22.51
C PHE B 451 -22.50 16.86 -21.64
N VAL B 452 -23.13 17.91 -21.11
CA VAL B 452 -24.33 17.82 -20.31
C VAL B 452 -25.40 18.67 -21.00
N ILE B 453 -26.50 18.04 -21.34
CA ILE B 453 -27.69 18.73 -21.85
C ILE B 453 -28.59 19.05 -20.66
N CYS B 454 -28.98 20.31 -20.53
CA CYS B 454 -29.56 20.83 -19.29
C CYS B 454 -30.88 21.53 -19.58
N ASN B 455 -31.85 21.30 -18.71
CA ASN B 455 -33.04 22.15 -18.66
C ASN B 455 -32.61 23.55 -18.19
N LYS B 456 -32.88 24.57 -19.00
CA LYS B 456 -32.27 25.87 -18.78
C LYS B 456 -32.61 26.41 -17.39
N ALA B 457 -33.89 26.34 -17.00
CA ALA B 457 -34.31 26.83 -15.68
C ALA B 457 -33.55 26.14 -14.54
N GLU B 458 -33.29 24.84 -14.69
CA GLU B 458 -32.60 24.11 -13.62
C GLU B 458 -31.12 24.40 -13.63
N LEU B 459 -30.52 24.52 -14.81
CA LEU B 459 -29.17 25.04 -14.91
C LEU B 459 -29.02 26.33 -14.12
N GLU B 460 -29.90 27.31 -14.40
CA GLU B 460 -29.77 28.61 -13.74
C GLU B 460 -30.06 28.55 -12.23
N LYS B 461 -30.81 27.56 -11.75
CA LYS B 461 -30.95 27.41 -10.30
C LYS B 461 -29.64 27.07 -9.59
N THR B 462 -28.57 26.67 -10.31
CA THR B 462 -27.29 26.30 -9.71
C THR B 462 -26.29 27.46 -9.71
N LYS B 463 -26.71 28.64 -10.16
CA LYS B 463 -25.82 29.77 -10.37
C LYS B 463 -25.01 30.11 -9.12
N ASP B 464 -25.68 30.22 -7.98
CA ASP B 464 -25.05 30.60 -6.74
C ASP B 464 -24.52 29.41 -5.93
N TYR B 465 -24.51 28.19 -6.49
CA TYR B 465 -23.94 27.06 -5.76
C TYR B 465 -22.45 27.28 -5.56
N PRO B 466 -21.92 27.11 -4.34
CA PRO B 466 -20.47 27.08 -4.16
C PRO B 466 -19.83 26.06 -5.10
N MET B 467 -18.76 26.47 -5.79
CA MET B 467 -18.05 25.54 -6.66
C MET B 467 -17.40 24.44 -5.84
N ARG B 468 -17.42 23.21 -6.36
CA ARG B 468 -16.73 22.09 -5.73
C ARG B 468 -15.42 21.75 -6.43
N ASN B 469 -15.19 22.33 -7.60
CA ASN B 469 -14.06 22.10 -8.48
C ASN B 469 -14.07 23.26 -9.46
N TYR B 470 -13.15 23.26 -10.41
CA TYR B 470 -13.00 24.38 -11.35
C TYR B 470 -13.19 23.92 -12.79
N TYR B 471 -12.38 22.94 -13.23
CA TYR B 471 -12.41 22.47 -14.62
C TYR B 471 -13.74 21.84 -14.99
N LEU B 472 -14.38 21.13 -14.04
CA LEU B 472 -15.59 20.37 -14.27
C LEU B 472 -16.83 21.03 -13.69
N ASN B 473 -16.78 22.32 -13.36
CA ASN B 473 -17.94 23.01 -12.82
C ASN B 473 -18.88 23.43 -13.96
N LEU B 474 -20.12 22.94 -13.89
CA LEU B 474 -21.08 23.14 -14.97
C LEU B 474 -21.40 24.63 -15.17
N TYR B 475 -21.78 25.34 -14.10
CA TYR B 475 -22.31 26.71 -14.29
C TYR B 475 -21.27 27.64 -14.89
N ASP B 476 -20.02 27.54 -14.42
CA ASP B 476 -19.01 28.48 -14.89
C ASP B 476 -18.65 28.19 -16.34
N GLN B 477 -18.57 26.90 -16.70
CA GLN B 477 -18.34 26.54 -18.11
C GLN B 477 -19.47 27.08 -18.99
N TYR B 478 -20.72 26.92 -18.55
CA TYR B 478 -21.86 27.47 -19.31
C TYR B 478 -21.80 29.00 -19.40
N ALA B 479 -21.57 29.67 -18.27
CA ALA B 479 -21.75 31.12 -18.21
C ALA B 479 -20.68 31.85 -19.00
N TYR B 480 -19.42 31.38 -18.91
CA TYR B 480 -18.31 31.99 -19.65
C TYR B 480 -18.55 31.97 -21.16
N PHE B 481 -18.95 30.83 -21.69
CA PHE B 481 -19.23 30.78 -23.13
C PHE B 481 -20.39 31.69 -23.51
N ALA B 482 -21.45 31.71 -22.69
CA ALA B 482 -22.57 32.59 -23.00
C ALA B 482 -22.16 34.05 -23.01
N LYS B 483 -21.21 34.43 -22.14
CA LYS B 483 -20.76 35.81 -22.01
C LYS B 483 -19.77 36.21 -23.08
N THR B 484 -18.84 35.31 -23.41
CA THR B 484 -17.72 35.64 -24.27
C THR B 484 -17.78 35.03 -25.65
N HIS B 485 -18.64 34.03 -25.89
CA HIS B 485 -18.60 33.24 -27.12
C HIS B 485 -17.27 32.48 -27.25
N GLN B 486 -16.57 32.26 -26.13
CA GLN B 486 -15.37 31.44 -26.04
C GLN B 486 -15.59 30.36 -24.98
N THR B 487 -14.98 29.19 -25.16
CA THR B 487 -14.95 28.25 -24.05
C THR B 487 -13.80 28.62 -23.07
N ARG B 488 -13.94 28.22 -21.79
CA ARG B 488 -13.06 28.70 -20.73
C ARG B 488 -11.58 28.39 -21.02
N PHE B 489 -11.27 27.16 -21.40
CA PHE B 489 -9.90 26.72 -21.61
C PHE B 489 -9.77 26.19 -23.06
N THR B 490 -8.58 25.71 -23.42
CA THR B 490 -8.38 25.16 -24.78
C THR B 490 -9.24 23.91 -24.97
N PRO B 491 -10.16 23.88 -25.94
CA PRO B 491 -10.96 22.67 -26.17
C PRO B 491 -10.25 21.73 -27.13
N PRO B 492 -10.72 20.47 -27.22
CA PRO B 492 -10.18 19.57 -28.25
C PRO B 492 -10.68 19.99 -29.64
N VAL B 493 -9.95 20.92 -30.27
CA VAL B 493 -10.40 21.57 -31.52
C VAL B 493 -10.76 20.53 -32.58
N GLN B 494 -9.79 19.68 -32.93
CA GLN B 494 -9.95 18.72 -34.01
C GLN B 494 -11.03 17.68 -33.70
N THR B 495 -11.18 17.33 -32.41
CA THR B 495 -12.25 16.42 -31.97
C THR B 495 -13.63 17.03 -32.18
N MET B 496 -13.72 18.34 -32.04
CA MET B 496 -14.98 19.05 -32.24
C MET B 496 -15.32 19.17 -33.71
N TYR B 497 -14.32 19.24 -34.59
CA TYR B 497 -14.63 19.16 -36.02
C TYR B 497 -15.19 17.78 -36.38
N ALA B 498 -14.58 16.70 -35.85
CA ALA B 498 -15.14 15.39 -36.13
C ALA B 498 -16.55 15.25 -35.57
N LEU B 499 -16.79 15.81 -34.38
CA LEU B 499 -18.11 15.72 -33.76
C LEU B 499 -19.17 16.43 -34.61
N ARG B 500 -18.83 17.59 -35.18
CA ARG B 500 -19.74 18.21 -36.13
C ARG B 500 -20.05 17.26 -37.28
N GLN B 501 -19.05 16.56 -37.82
CA GLN B 501 -19.34 15.60 -38.88
C GLN B 501 -20.23 14.46 -38.38
N ALA B 502 -19.95 13.99 -37.16
CA ALA B 502 -20.79 12.95 -36.55
C ALA B 502 -22.22 13.46 -36.35
N VAL B 503 -22.37 14.73 -35.93
CA VAL B 503 -23.70 15.35 -35.82
C VAL B 503 -24.42 15.34 -37.16
N LEU B 504 -23.74 15.83 -38.21
CA LEU B 504 -24.31 15.85 -39.55
C LEU B 504 -24.78 14.47 -40.01
N GLU B 505 -23.90 13.46 -39.90
CA GLU B 505 -24.28 12.10 -40.30
C GLU B 505 -25.35 11.52 -39.39
N THR B 506 -25.49 12.07 -38.18
CA THR B 506 -26.57 11.64 -37.31
C THR B 506 -27.89 12.25 -37.79
N LYS B 507 -27.85 13.49 -38.28
CA LYS B 507 -29.05 14.09 -38.82
C LYS B 507 -29.46 13.42 -40.13
N GLN B 508 -28.48 12.90 -40.88
CA GLN B 508 -28.78 12.15 -42.10
C GLN B 508 -29.38 10.79 -41.79
N GLU B 509 -28.81 10.08 -40.82
CA GLU B 509 -29.42 8.80 -40.50
C GLU B 509 -30.77 8.96 -39.82
N THR B 510 -30.86 9.94 -38.89
CA THR B 510 -31.91 10.11 -37.89
C THR B 510 -31.77 9.10 -36.75
N VAL B 511 -32.07 9.57 -35.54
CA VAL B 511 -31.96 8.73 -34.36
C VAL B 511 -32.85 7.51 -34.47
N GLN B 512 -34.08 7.70 -34.98
CA GLN B 512 -34.99 6.57 -35.05
C GLN B 512 -34.42 5.47 -35.90
N LYS B 513 -33.88 5.80 -37.09
CA LYS B 513 -33.37 4.74 -37.93
C LYS B 513 -32.05 4.20 -37.39
N ARG B 514 -31.26 5.05 -36.70
CA ARG B 514 -30.06 4.51 -36.06
C ARG B 514 -30.44 3.44 -35.06
N TYR B 515 -31.50 3.69 -34.27
CA TYR B 515 -32.00 2.70 -33.32
C TYR B 515 -32.43 1.42 -34.02
N GLU B 516 -33.05 1.54 -35.19
CA GLU B 516 -33.48 0.33 -35.89
C GLU B 516 -32.29 -0.45 -36.42
N ARG B 517 -31.24 0.23 -36.87
CA ARG B 517 -30.04 -0.46 -37.32
C ARG B 517 -29.36 -1.19 -36.16
N TYR B 518 -29.14 -0.49 -35.04
CA TYR B 518 -28.60 -1.15 -33.84
C TYR B 518 -29.47 -2.36 -33.47
N THR B 519 -30.79 -2.16 -33.43
CA THR B 519 -31.65 -3.25 -33.03
C THR B 519 -31.64 -4.36 -34.08
N ALA B 520 -31.43 -4.02 -35.36
CA ALA B 520 -31.28 -5.05 -36.39
C ALA B 520 -30.08 -5.93 -36.09
N CYS B 521 -28.96 -5.30 -35.75
CA CYS B 521 -27.76 -6.06 -35.41
C CYS B 521 -28.04 -6.93 -34.19
N TRP B 522 -28.69 -6.37 -33.18
CA TRP B 522 -28.94 -7.11 -31.95
C TRP B 522 -29.80 -8.33 -32.22
N ASN B 523 -30.87 -8.15 -33.00
CA ASN B 523 -31.72 -9.29 -33.36
C ASN B 523 -30.91 -10.44 -33.92
N ILE B 524 -30.05 -10.14 -34.90
CA ILE B 524 -29.17 -11.15 -35.49
C ILE B 524 -28.33 -11.83 -34.42
N LEU B 525 -27.70 -11.04 -33.54
CA LEU B 525 -26.95 -11.62 -32.44
C LEU B 525 -27.83 -12.49 -31.54
N VAL B 526 -29.02 -12.00 -31.16
CA VAL B 526 -29.81 -12.79 -30.21
C VAL B 526 -30.24 -14.13 -30.82
N ALA B 527 -30.66 -14.12 -32.09
CA ALA B 527 -31.01 -15.39 -32.74
C ALA B 527 -29.82 -16.35 -32.71
N ALA B 528 -28.64 -15.85 -33.08
CA ALA B 528 -27.45 -16.70 -33.09
C ALA B 528 -27.15 -17.24 -31.70
N ILE B 529 -27.28 -16.38 -30.69
CA ILE B 529 -27.01 -16.78 -29.30
C ILE B 529 -27.88 -17.96 -28.91
N LYS B 530 -29.19 -17.88 -29.23
CA LYS B 530 -30.14 -18.92 -28.83
C LYS B 530 -29.87 -20.22 -29.57
N LYS B 531 -29.51 -20.15 -30.86
CA LYS B 531 -29.23 -21.41 -31.56
C LYS B 531 -28.00 -22.09 -30.98
N LEU B 532 -27.07 -21.33 -30.43
CA LEU B 532 -25.88 -21.97 -29.88
C LEU B 532 -26.10 -22.49 -28.46
N GLY B 533 -27.27 -22.25 -27.87
CA GLY B 533 -27.49 -22.64 -26.49
C GLY B 533 -26.87 -21.70 -25.48
N LEU B 534 -26.34 -20.56 -25.92
CA LEU B 534 -25.75 -19.60 -24.99
C LEU B 534 -26.86 -18.88 -24.24
N LYS B 535 -26.57 -18.44 -23.03
CA LYS B 535 -27.57 -17.77 -22.21
C LYS B 535 -27.20 -16.31 -22.00
N MET B 536 -28.22 -15.46 -22.02
CA MET B 536 -28.06 -14.04 -21.80
C MET B 536 -28.33 -13.71 -20.33
N LEU B 537 -27.46 -12.89 -19.76
CA LEU B 537 -27.60 -12.52 -18.34
C LEU B 537 -28.89 -11.72 -18.09
N VAL B 538 -29.23 -10.81 -19.00
CA VAL B 538 -30.42 -9.96 -18.84
C VAL B 538 -31.54 -10.46 -19.73
N LYS B 539 -32.77 -10.41 -19.21
CA LYS B 539 -33.92 -10.79 -20.03
C LYS B 539 -34.05 -9.83 -21.21
N GLU B 540 -34.43 -10.39 -22.37
CA GLU B 540 -34.54 -9.60 -23.59
C GLU B 540 -35.44 -8.38 -23.41
N GLU B 541 -36.55 -8.55 -22.68
CA GLU B 541 -37.48 -7.45 -22.48
C GLU B 541 -36.88 -6.31 -21.68
N HIS B 542 -35.74 -6.53 -21.02
CA HIS B 542 -35.10 -5.49 -20.21
C HIS B 542 -33.80 -4.98 -20.81
N GLN B 543 -33.46 -5.39 -22.02
CA GLN B 543 -32.17 -5.03 -22.61
C GLN B 543 -32.27 -3.74 -23.42
N SER B 544 -31.12 -3.09 -23.57
CA SER B 544 -31.04 -1.83 -24.33
C SER B 544 -31.02 -2.06 -25.83
N HIS B 545 -30.69 -3.28 -26.27
CA HIS B 545 -30.34 -3.61 -27.64
C HIS B 545 -29.01 -3.05 -28.07
N PHE B 546 -28.21 -2.49 -27.15
CA PHE B 546 -26.92 -1.92 -27.57
C PHE B 546 -25.72 -2.71 -27.12
N ILE B 547 -25.84 -3.52 -26.07
CA ILE B 547 -24.77 -4.43 -25.69
C ILE B 547 -25.41 -5.60 -24.96
N THR B 548 -24.86 -6.79 -25.20
CA THR B 548 -25.43 -8.03 -24.70
C THR B 548 -24.39 -8.77 -23.89
N ALA B 549 -24.68 -8.95 -22.60
CA ALA B 549 -23.85 -9.71 -21.70
C ALA B 549 -24.27 -11.17 -21.81
N ILE B 550 -23.32 -12.03 -22.17
CA ILE B 550 -23.55 -13.46 -22.43
C ILE B 550 -22.75 -14.26 -21.43
N LEU B 551 -23.41 -15.23 -20.79
CA LEU B 551 -22.75 -16.11 -19.83
C LEU B 551 -21.69 -16.96 -20.53
N GLU B 552 -20.50 -17.01 -19.94
CA GLU B 552 -19.43 -17.78 -20.53
C GLU B 552 -19.77 -19.27 -20.47
N PRO B 553 -19.57 -20.02 -21.56
CA PRO B 553 -19.81 -21.47 -21.51
C PRO B 553 -19.07 -22.09 -20.35
N GLU B 554 -19.60 -23.17 -19.81
CA GLU B 554 -18.98 -23.79 -18.65
C GLU B 554 -17.78 -24.67 -18.98
N THR B 555 -17.72 -25.20 -20.20
CA THR B 555 -16.67 -26.15 -20.52
C THR B 555 -15.29 -25.51 -20.30
N PRO B 556 -14.32 -26.27 -19.79
CA PRO B 556 -12.96 -25.71 -19.61
C PRO B 556 -12.28 -25.34 -20.90
N LYS B 557 -12.81 -25.77 -22.05
CA LYS B 557 -12.19 -25.39 -23.31
C LYS B 557 -12.44 -23.92 -23.64
N TYR B 558 -13.42 -23.29 -22.98
CA TYR B 558 -13.72 -21.87 -23.24
C TYR B 558 -12.69 -20.99 -22.55
N SER B 559 -12.22 -19.96 -23.26
CA SER B 559 -11.61 -18.82 -22.59
C SER B 559 -11.99 -17.53 -23.32
N PHE B 560 -12.16 -16.45 -22.54
CA PHE B 560 -12.38 -15.17 -23.20
C PHE B 560 -11.26 -14.92 -24.19
N GLU B 561 -10.02 -15.24 -23.78
CA GLU B 561 -8.86 -14.85 -24.55
C GLU B 561 -8.77 -15.61 -25.88
N ALA B 562 -9.10 -16.91 -25.90
CA ALA B 562 -9.13 -17.64 -27.16
C ALA B 562 -10.19 -17.09 -28.12
N LEU B 563 -11.42 -16.91 -27.64
CA LEU B 563 -12.46 -16.32 -28.48
C LEU B 563 -12.10 -14.90 -28.90
N HIS B 564 -11.55 -14.11 -27.99
CA HIS B 564 -11.18 -12.74 -28.33
C HIS B 564 -10.17 -12.71 -29.46
N ASP B 565 -9.15 -13.58 -29.37
CA ASP B 565 -8.07 -13.60 -30.34
C ASP B 565 -8.53 -14.16 -31.68
N PHE B 566 -9.39 -15.17 -31.64
CA PHE B 566 -9.99 -15.67 -32.88
C PHE B 566 -10.77 -14.57 -33.58
N ALA B 567 -11.73 -13.97 -32.86
CA ALA B 567 -12.55 -12.91 -33.42
C ALA B 567 -11.73 -11.77 -34.01
N ALA B 568 -10.64 -11.36 -33.33
CA ALA B 568 -9.78 -10.26 -33.81
C ALA B 568 -9.01 -10.62 -35.08
N GLU B 569 -8.63 -11.90 -35.24
CA GLU B 569 -8.09 -12.37 -36.51
C GLU B 569 -9.02 -12.08 -37.67
N HIS B 570 -10.30 -11.92 -37.40
CA HIS B 570 -11.26 -11.63 -38.45
C HIS B 570 -11.81 -10.22 -38.34
N SER B 571 -11.04 -9.33 -37.72
CA SER B 571 -11.36 -7.90 -37.61
C SER B 571 -12.62 -7.65 -36.78
N PHE B 572 -12.93 -8.50 -35.81
CA PHE B 572 -13.98 -8.23 -34.83
C PHE B 572 -13.37 -8.06 -33.43
N THR B 573 -13.71 -6.98 -32.73
CA THR B 573 -13.18 -6.73 -31.38
C THR B 573 -14.29 -7.02 -30.39
N ILE B 574 -14.13 -8.05 -29.55
CA ILE B 574 -15.17 -8.32 -28.55
C ILE B 574 -14.70 -7.75 -27.20
N TYR B 575 -15.54 -7.86 -26.17
CA TYR B 575 -15.32 -7.13 -24.92
C TYR B 575 -15.54 -8.01 -23.71
N PRO B 576 -14.69 -7.91 -22.68
CA PRO B 576 -14.88 -8.80 -21.51
C PRO B 576 -16.11 -8.43 -20.69
N GLY B 577 -16.50 -9.35 -19.82
CA GLY B 577 -17.55 -9.04 -18.87
C GLY B 577 -17.06 -8.14 -17.75
N LYS B 578 -17.98 -7.53 -17.01
CA LYS B 578 -17.61 -6.53 -16.01
C LYS B 578 -18.03 -6.89 -14.59
N LEU B 579 -18.57 -8.08 -14.34
CA LEU B 579 -19.05 -8.48 -13.01
C LEU B 579 -18.07 -9.49 -12.42
N GLY B 580 -17.55 -9.19 -11.23
CA GLY B 580 -16.57 -10.09 -10.63
C GLY B 580 -17.13 -11.45 -10.28
N ASN B 581 -18.37 -11.50 -9.82
CA ASN B 581 -18.93 -12.74 -9.30
C ASN B 581 -19.54 -13.63 -10.39
N ILE B 582 -19.89 -13.09 -11.56
CA ILE B 582 -20.61 -13.79 -12.61
C ILE B 582 -19.84 -13.62 -13.91
N ASP B 583 -19.44 -14.73 -14.52
CA ASP B 583 -18.58 -14.67 -15.69
C ASP B 583 -19.42 -14.43 -16.94
N THR B 584 -19.12 -13.36 -17.66
CA THR B 584 -19.80 -13.03 -18.91
C THR B 584 -18.78 -12.52 -19.90
N PHE B 585 -19.18 -12.49 -21.18
CA PHE B 585 -18.54 -11.63 -22.17
C PHE B 585 -19.61 -10.75 -22.83
N ARG B 586 -19.18 -9.63 -23.41
CA ARG B 586 -20.11 -8.64 -23.94
C ARG B 586 -19.83 -8.46 -25.42
N ILE B 587 -20.91 -8.51 -26.21
CA ILE B 587 -20.92 -8.10 -27.63
C ILE B 587 -21.83 -6.90 -27.74
N ALA B 588 -21.26 -5.76 -28.16
CA ALA B 588 -21.97 -4.53 -28.43
C ALA B 588 -22.21 -4.41 -29.94
N ASN B 589 -23.18 -3.57 -30.31
CA ASN B 589 -23.40 -3.32 -31.74
C ASN B 589 -23.85 -1.88 -31.96
N ILE B 590 -22.94 -0.94 -31.66
CA ILE B 590 -23.14 0.47 -31.97
C ILE B 590 -22.09 0.92 -32.98
N GLY B 591 -21.96 2.24 -33.16
CA GLY B 591 -21.05 2.68 -34.21
C GLY B 591 -21.57 2.34 -35.60
N ASP B 592 -20.66 2.39 -36.57
CA ASP B 592 -21.03 2.21 -37.96
C ASP B 592 -21.27 0.75 -38.34
N ILE B 593 -21.53 -0.13 -37.35
CA ILE B 593 -21.71 -1.55 -37.66
C ILE B 593 -22.94 -1.75 -38.54
N GLN B 594 -22.80 -2.62 -39.60
CA GLN B 594 -23.87 -2.98 -40.51
C GLN B 594 -24.41 -4.37 -40.16
N PRO B 595 -25.72 -4.59 -40.35
CA PRO B 595 -26.29 -5.92 -40.03
C PRO B 595 -25.50 -7.08 -40.62
N GLU B 596 -25.00 -6.92 -41.84
CA GLU B 596 -24.29 -8.02 -42.49
C GLU B 596 -22.96 -8.30 -41.80
N GLU B 597 -22.33 -7.26 -41.23
CA GLU B 597 -21.13 -7.50 -40.44
C GLU B 597 -21.44 -8.22 -39.14
N MET B 598 -22.61 -7.98 -38.53
CA MET B 598 -22.92 -8.70 -37.29
C MET B 598 -23.23 -10.15 -37.62
N ARG B 599 -23.94 -10.39 -38.73
CA ARG B 599 -24.16 -11.76 -39.19
C ARG B 599 -22.83 -12.47 -39.43
N ARG B 600 -21.88 -11.79 -40.08
CA ARG B 600 -20.59 -12.43 -40.29
C ARG B 600 -19.89 -12.69 -38.96
N PHE B 601 -20.04 -11.79 -37.99
CA PHE B 601 -19.53 -12.11 -36.66
C PHE B 601 -20.20 -13.38 -36.11
N THR B 602 -21.53 -13.51 -36.25
CA THR B 602 -22.19 -14.65 -35.62
C THR B 602 -21.75 -15.96 -36.25
N VAL B 603 -21.36 -15.92 -37.53
CA VAL B 603 -20.76 -17.07 -38.18
C VAL B 603 -19.45 -17.44 -37.50
N LYS B 604 -18.61 -16.44 -37.26
CA LYS B 604 -17.35 -16.71 -36.56
C LYS B 604 -17.59 -17.13 -35.12
N LEU B 605 -18.61 -16.61 -34.47
CA LEU B 605 -18.89 -17.05 -33.11
C LEU B 605 -19.26 -18.53 -33.09
N LYS B 606 -20.03 -18.98 -34.08
CA LYS B 606 -20.48 -20.36 -34.12
C LYS B 606 -19.31 -21.29 -34.44
N GLU B 607 -18.49 -20.92 -35.42
CA GLU B 607 -17.24 -21.61 -35.69
C GLU B 607 -16.44 -21.87 -34.41
N TYR B 608 -16.29 -20.84 -33.57
CA TYR B 608 -15.51 -21.01 -32.33
C TYR B 608 -16.25 -21.88 -31.31
N MET B 609 -17.51 -21.57 -31.04
CA MET B 609 -18.23 -22.29 -30.01
C MET B 609 -18.39 -23.75 -30.38
N ASN B 610 -18.65 -24.02 -31.65
CA ASN B 610 -18.72 -25.39 -32.16
C ASN B 610 -17.39 -26.09 -31.98
N GLY B 611 -16.29 -25.39 -32.28
CA GLY B 611 -14.97 -25.98 -32.13
C GLY B 611 -14.64 -26.43 -30.73
N ILE B 612 -15.20 -25.78 -29.72
CA ILE B 612 -14.95 -26.13 -28.32
C ILE B 612 -16.12 -26.91 -27.71
N GLY B 613 -17.01 -27.46 -28.55
CA GLY B 613 -18.07 -28.35 -28.12
C GLY B 613 -19.39 -27.72 -27.75
N VAL B 614 -19.61 -26.45 -28.06
CA VAL B 614 -20.80 -25.74 -27.60
C VAL B 614 -21.75 -25.51 -28.76
N GLY B 615 -23.04 -25.72 -28.52
CA GLY B 615 -24.05 -25.55 -29.56
C GLY B 615 -24.36 -26.81 -30.33
N MET C 1 1.62 -26.31 40.59
CA MET C 1 0.54 -25.38 40.94
C MET C 1 -0.70 -26.11 41.49
N ILE C 2 -1.62 -25.32 42.04
CA ILE C 2 -2.89 -25.79 42.59
C ILE C 2 -3.98 -25.07 41.82
N LYS C 3 -4.91 -25.83 41.20
CA LYS C 3 -5.88 -25.25 40.27
C LYS C 3 -7.31 -25.15 40.81
N GLN C 4 -7.62 -25.82 41.93
CA GLN C 4 -8.99 -25.97 42.41
C GLN C 4 -9.06 -25.58 43.87
N ALA C 5 -10.21 -25.04 44.29
CA ALA C 5 -10.48 -24.73 45.68
C ALA C 5 -11.92 -25.06 46.00
N VAL C 6 -12.23 -25.18 47.30
CA VAL C 6 -13.56 -25.46 47.82
C VAL C 6 -13.84 -24.50 48.97
N ILE C 7 -14.99 -23.86 48.94
CA ILE C 7 -15.45 -23.08 50.06
C ILE C 7 -16.69 -23.75 50.65
N LEU C 8 -16.59 -24.14 51.91
CA LEU C 8 -17.74 -24.61 52.68
C LEU C 8 -18.52 -23.42 53.19
N ALA C 9 -19.77 -23.28 52.73
CA ALA C 9 -20.55 -22.07 52.97
C ALA C 9 -22.02 -22.38 53.24
N GLY C 10 -22.33 -23.55 53.82
CA GLY C 10 -23.71 -23.97 53.97
C GLY C 10 -24.38 -23.61 55.29
N GLY C 11 -23.59 -23.23 56.29
CA GLY C 11 -24.09 -23.05 57.64
C GLY C 11 -24.90 -21.78 57.88
N LEU C 12 -25.49 -21.75 59.08
CA LEU C 12 -26.51 -20.78 59.44
C LEU C 12 -25.94 -19.48 59.97
N GLY C 13 -24.75 -19.51 60.56
CA GLY C 13 -24.20 -18.32 61.19
C GLY C 13 -24.99 -17.88 62.40
N SER C 14 -25.60 -18.83 63.11
CA SER C 14 -26.56 -18.55 64.17
C SER C 14 -26.00 -17.60 65.21
N ARG C 15 -24.74 -17.81 65.62
CA ARG C 15 -24.10 -16.96 66.63
C ARG C 15 -24.03 -15.48 66.23
N LEU C 16 -24.35 -15.12 64.99
CA LEU C 16 -24.38 -13.71 64.59
C LEU C 16 -25.78 -13.10 64.63
N LYS C 17 -26.80 -13.87 65.04
CA LYS C 17 -28.13 -13.37 65.42
C LYS C 17 -28.80 -12.70 64.21
N ASP C 18 -29.09 -11.40 64.25
CA ASP C 18 -29.91 -10.78 63.21
C ASP C 18 -29.13 -10.59 61.91
N LYS C 19 -27.82 -10.48 61.99
CA LYS C 19 -27.04 -10.23 60.78
C LYS C 19 -27.09 -11.43 59.82
N THR C 20 -27.40 -12.62 60.33
CA THR C 20 -27.44 -13.84 59.53
C THR C 20 -28.85 -14.40 59.39
N LYS C 21 -29.88 -13.66 59.83
CA LYS C 21 -31.26 -14.13 59.69
C LYS C 21 -31.58 -14.42 58.23
N THR C 22 -31.12 -13.55 57.32
CA THR C 22 -31.49 -13.46 55.92
C THR C 22 -30.26 -13.61 55.02
N MET C 23 -29.10 -13.96 55.60
CA MET C 23 -27.85 -13.81 54.86
C MET C 23 -26.76 -14.74 55.35
N PRO C 24 -25.96 -15.33 54.47
CA PRO C 24 -24.78 -16.10 54.94
C PRO C 24 -23.72 -15.15 55.49
N LYS C 25 -22.98 -15.63 56.51
CA LYS C 25 -22.02 -14.72 57.13
C LYS C 25 -20.84 -14.42 56.22
N GLY C 26 -20.59 -15.25 55.20
CA GLY C 26 -19.59 -14.86 54.22
C GLY C 26 -19.88 -13.55 53.53
N PHE C 27 -21.13 -13.08 53.56
CA PHE C 27 -21.44 -11.80 52.93
C PHE C 27 -21.44 -10.62 53.89
N LEU C 28 -20.95 -10.81 55.12
CA LEU C 28 -20.61 -9.65 55.94
C LEU C 28 -19.55 -8.81 55.22
N GLU C 29 -19.73 -7.49 55.24
CA GLU C 29 -18.87 -6.61 54.48
C GLU C 29 -17.84 -5.93 55.38
N ILE C 30 -16.60 -5.88 54.91
CA ILE C 30 -15.52 -5.10 55.52
C ILE C 30 -14.79 -4.41 54.39
N GLY C 31 -14.65 -3.09 54.50
CA GLY C 31 -14.06 -2.33 53.41
C GLY C 31 -14.89 -2.27 52.16
N GLY C 32 -16.21 -2.42 52.28
CA GLY C 32 -17.11 -2.34 51.15
C GLY C 32 -17.33 -3.62 50.36
N THR C 33 -16.73 -4.74 50.76
CA THR C 33 -16.86 -5.98 49.98
C THR C 33 -17.12 -7.14 50.93
N ALA C 34 -18.08 -7.99 50.56
CA ALA C 34 -18.29 -9.26 51.26
C ALA C 34 -16.97 -9.98 51.49
N ILE C 35 -16.75 -10.42 52.74
CA ILE C 35 -15.50 -11.12 53.04
C ILE C 35 -15.30 -12.33 52.12
N VAL C 36 -16.38 -13.02 51.76
CA VAL C 36 -16.19 -14.25 50.96
C VAL C 36 -15.91 -13.91 49.49
N GLU C 37 -16.37 -12.75 49.02
CA GLU C 37 -15.94 -12.30 47.70
C GLU C 37 -14.49 -11.86 47.73
N GLN C 38 -14.05 -11.26 48.85
CA GLN C 38 -12.64 -10.96 48.99
C GLN C 38 -11.80 -12.22 48.91
N SER C 39 -12.30 -13.33 49.44
CA SER C 39 -11.53 -14.57 49.39
C SER C 39 -11.49 -15.14 47.97
N VAL C 40 -12.62 -15.07 47.27
CA VAL C 40 -12.67 -15.53 45.89
C VAL C 40 -11.64 -14.77 45.04
N GLN C 41 -11.53 -13.46 45.26
CA GLN C 41 -10.59 -12.65 44.51
C GLN C 41 -9.15 -13.07 44.77
N LYS C 42 -8.81 -13.37 46.02
CA LYS C 42 -7.43 -13.76 46.29
C LYS C 42 -7.17 -15.16 45.75
N LEU C 43 -8.18 -16.04 45.78
CA LEU C 43 -8.02 -17.36 45.18
C LEU C 43 -7.72 -17.23 43.69
N LEU C 44 -8.61 -16.55 42.95
CA LEU C 44 -8.44 -16.33 41.51
C LEU C 44 -7.10 -15.68 41.19
N ALA C 45 -6.61 -14.80 42.08
CA ALA C 45 -5.38 -14.08 41.86
C ALA C 45 -4.15 -14.96 42.04
N HIS C 46 -4.30 -16.11 42.69
CA HIS C 46 -3.22 -17.07 42.87
C HIS C 46 -3.32 -18.24 41.90
N GLY C 47 -4.14 -18.12 40.85
CA GLY C 47 -4.15 -19.11 39.79
C GLY C 47 -5.20 -20.20 39.92
N ILE C 48 -6.08 -20.10 40.91
CA ILE C 48 -7.19 -21.04 41.00
C ILE C 48 -8.15 -20.77 39.87
N GLU C 49 -8.61 -21.84 39.22
CA GLU C 49 -9.47 -21.69 38.06
C GLU C 49 -10.88 -22.18 38.28
N LYS C 50 -11.13 -22.91 39.37
CA LYS C 50 -12.43 -23.46 39.69
C LYS C 50 -12.62 -23.39 41.19
N ILE C 51 -13.69 -22.71 41.63
CA ILE C 51 -13.98 -22.51 43.05
C ILE C 51 -15.34 -23.13 43.31
N VAL C 52 -15.34 -24.32 43.90
CA VAL C 52 -16.57 -25.03 44.26
C VAL C 52 -17.04 -24.50 45.60
N ILE C 53 -18.25 -23.91 45.62
CA ILE C 53 -18.80 -23.37 46.85
C ILE C 53 -19.95 -24.27 47.28
N GLY C 54 -19.79 -24.91 48.43
CA GLY C 54 -20.88 -25.67 49.02
C GLY C 54 -21.84 -24.75 49.76
N THR C 55 -23.07 -24.68 49.30
CA THR C 55 -24.03 -23.75 49.84
C THR C 55 -25.10 -24.48 50.67
N GLY C 56 -26.00 -23.69 51.22
CA GLY C 56 -27.12 -24.20 52.01
C GLY C 56 -27.98 -23.02 52.45
N HIS C 57 -27.61 -22.44 53.58
CA HIS C 57 -28.36 -21.34 54.16
C HIS C 57 -28.31 -20.12 53.23
N CYS C 58 -29.47 -19.72 52.73
CA CYS C 58 -29.57 -18.53 51.88
C CYS C 58 -28.62 -18.63 50.69
N ASN C 59 -28.62 -19.81 50.06
CA ASN C 59 -27.69 -20.11 48.97
C ASN C 59 -27.79 -19.13 47.81
N GLU C 60 -28.90 -18.38 47.74
CA GLU C 60 -29.08 -17.46 46.64
C GLU C 60 -28.04 -16.33 46.63
N TYR C 61 -27.56 -15.90 47.80
CA TYR C 61 -26.46 -14.93 47.78
C TYR C 61 -25.26 -15.48 47.02
N TYR C 62 -24.97 -16.77 47.20
CA TYR C 62 -23.82 -17.38 46.53
C TYR C 62 -24.10 -17.63 45.06
N ASP C 63 -25.35 -17.93 44.71
CA ASP C 63 -25.67 -18.10 43.31
C ASP C 63 -25.53 -16.78 42.56
N ASN C 64 -25.87 -15.66 43.21
CA ASN C 64 -25.69 -14.36 42.55
C ASN C 64 -24.22 -13.97 42.49
N LEU C 65 -23.46 -14.30 43.54
CA LEU C 65 -22.00 -14.20 43.47
C LEU C 65 -21.45 -14.98 42.28
N ALA C 66 -21.98 -16.18 42.04
CA ALA C 66 -21.45 -17.00 40.94
C ALA C 66 -21.67 -16.35 39.59
N LYS C 67 -22.71 -15.51 39.46
CA LYS C 67 -22.94 -14.79 38.21
C LYS C 67 -21.79 -13.85 37.88
N LYS C 68 -21.08 -13.37 38.89
CA LYS C 68 -20.02 -12.38 38.73
C LYS C 68 -18.64 -13.02 38.55
N TYR C 69 -18.45 -14.27 38.96
CA TYR C 69 -17.16 -14.96 38.85
C TYR C 69 -17.40 -16.31 38.21
N PRO C 70 -17.12 -16.43 36.91
CA PRO C 70 -17.44 -17.68 36.19
C PRO C 70 -16.67 -18.89 36.68
N ALA C 71 -15.56 -18.68 37.40
CA ALA C 71 -14.83 -19.80 37.97
C ALA C 71 -15.62 -20.50 39.09
N ILE C 72 -16.69 -19.88 39.57
CA ILE C 72 -17.46 -20.39 40.70
C ILE C 72 -18.52 -21.37 40.20
N ILE C 73 -18.62 -22.53 40.85
CA ILE C 73 -19.77 -23.41 40.70
C ILE C 73 -20.38 -23.61 42.08
N THR C 74 -21.66 -23.34 42.21
CA THR C 74 -22.31 -23.59 43.49
C THR C 74 -22.96 -24.96 43.47
N VAL C 75 -22.92 -25.63 44.63
CA VAL C 75 -23.59 -26.90 44.80
C VAL C 75 -24.21 -26.89 46.18
N LYS C 76 -25.53 -27.04 46.24
CA LYS C 76 -26.24 -26.87 47.50
C LYS C 76 -26.32 -28.20 48.24
N ASN C 77 -25.93 -28.18 49.52
CA ASN C 77 -26.28 -29.24 50.46
C ASN C 77 -27.71 -28.95 50.89
N GLU C 78 -28.67 -29.72 50.36
CA GLU C 78 -30.06 -29.42 50.68
C GLU C 78 -30.37 -29.68 52.14
N ASN C 79 -29.60 -30.56 52.78
CA ASN C 79 -29.79 -30.94 54.18
C ASN C 79 -28.88 -30.16 55.13
N TYR C 80 -28.56 -28.89 54.80
CA TYR C 80 -27.56 -28.16 55.57
C TYR C 80 -28.00 -27.98 57.01
N ALA C 81 -29.30 -27.84 57.25
CA ALA C 81 -29.79 -27.68 58.62
C ALA C 81 -29.53 -28.92 59.48
N ASN C 82 -29.29 -30.08 58.88
CA ASN C 82 -29.19 -31.35 59.62
C ASN C 82 -27.85 -32.06 59.40
N THR C 83 -26.89 -31.43 58.75
CA THR C 83 -25.50 -31.90 58.75
C THR C 83 -24.60 -30.85 59.37
N GLY C 84 -23.33 -31.18 59.49
CA GLY C 84 -22.29 -30.22 59.78
C GLY C 84 -21.54 -29.81 58.53
N SER C 85 -20.34 -29.26 58.74
CA SER C 85 -19.54 -28.79 57.61
C SER C 85 -19.01 -29.95 56.75
N MET C 86 -18.86 -31.15 57.33
CA MET C 86 -18.38 -32.26 56.52
C MET C 86 -19.42 -32.67 55.49
N GLY C 87 -20.70 -32.63 55.88
CA GLY C 87 -21.75 -32.95 54.93
C GLY C 87 -21.78 -32.01 53.75
N THR C 88 -21.44 -30.74 53.96
CA THR C 88 -21.38 -29.84 52.82
C THR C 88 -20.16 -30.16 51.97
N LEU C 89 -19.03 -30.46 52.60
CA LEU C 89 -17.87 -30.94 51.84
C LEU C 89 -18.20 -32.20 51.03
N GLU C 90 -19.06 -33.07 51.57
CA GLU C 90 -19.42 -34.30 50.88
C GLU C 90 -20.10 -34.00 49.54
N VAL C 91 -21.06 -33.08 49.52
CA VAL C 91 -21.77 -32.82 48.28
C VAL C 91 -20.85 -32.08 47.28
N CYS C 92 -19.80 -31.40 47.77
CA CYS C 92 -18.84 -30.77 46.87
C CYS C 92 -17.84 -31.74 46.27
N ALA C 93 -17.72 -32.95 46.82
CA ALA C 93 -16.54 -33.78 46.58
C ALA C 93 -16.44 -34.27 45.13
N SER C 94 -17.57 -34.62 44.51
CA SER C 94 -17.52 -35.11 43.14
C SER C 94 -17.11 -34.00 42.15
N PHE C 95 -17.06 -32.75 42.60
CA PHE C 95 -16.65 -31.62 41.75
C PHE C 95 -15.16 -31.31 41.90
N VAL C 96 -14.43 -32.13 42.64
CA VAL C 96 -13.02 -31.94 42.92
C VAL C 96 -12.28 -33.12 42.34
N ASN C 97 -11.32 -32.86 41.47
CA ASN C 97 -10.61 -33.93 40.82
C ASN C 97 -9.11 -33.87 41.05
N GLU C 98 -8.62 -32.85 41.74
CA GLU C 98 -7.18 -32.69 41.94
C GLU C 98 -6.92 -32.23 43.35
N SER C 99 -5.65 -32.03 43.67
CA SER C 99 -5.30 -31.31 44.88
C SER C 99 -5.94 -29.92 44.85
N PHE C 100 -6.35 -29.46 46.04
CA PHE C 100 -7.24 -28.32 46.15
C PHE C 100 -6.99 -27.60 47.47
N LEU C 101 -7.34 -26.32 47.51
CA LEU C 101 -7.38 -25.58 48.76
C LEU C 101 -8.80 -25.65 49.32
N LEU C 102 -8.93 -25.93 50.62
CA LEU C 102 -10.21 -26.03 51.30
C LEU C 102 -10.33 -24.88 52.29
N LEU C 103 -11.40 -24.08 52.16
CA LEU C 103 -11.51 -22.83 52.92
C LEU C 103 -12.84 -22.73 53.63
N GLU C 104 -12.80 -22.18 54.85
CA GLU C 104 -13.99 -21.73 55.53
C GLU C 104 -14.47 -20.42 54.90
N SER C 105 -15.78 -20.17 55.00
CA SER C 105 -16.39 -19.02 54.31
C SER C 105 -16.38 -17.73 55.12
N ASP C 106 -16.11 -17.80 56.42
CA ASP C 106 -16.16 -16.63 57.30
C ASP C 106 -14.78 -16.05 57.62
N LEU C 107 -13.83 -16.21 56.69
CA LEU C 107 -12.43 -15.86 56.94
C LEU C 107 -12.03 -14.58 56.22
N ILE C 108 -11.18 -13.80 56.88
CA ILE C 108 -10.34 -12.82 56.20
C ILE C 108 -8.93 -13.18 56.57
N TYR C 109 -8.00 -13.03 55.61
CA TYR C 109 -6.65 -13.56 55.79
C TYR C 109 -5.69 -12.82 54.88
N ASP C 110 -4.43 -12.74 55.33
CA ASP C 110 -3.31 -12.43 54.44
C ASP C 110 -3.25 -13.46 53.31
N SER C 111 -3.28 -12.97 52.07
CA SER C 111 -3.20 -13.87 50.93
C SER C 111 -1.87 -14.62 50.86
N ALA C 112 -0.82 -14.10 51.50
CA ALA C 112 0.40 -14.89 51.65
C ALA C 112 0.14 -16.31 52.13
N GLY C 113 -0.97 -16.54 52.83
CA GLY C 113 -1.30 -17.89 53.25
C GLY C 113 -1.60 -18.81 52.08
N LEU C 114 -2.33 -18.31 51.08
CA LEU C 114 -2.51 -19.08 49.84
C LEU C 114 -1.16 -19.39 49.22
N PHE C 115 -0.34 -18.36 49.01
CA PHE C 115 0.96 -18.54 48.37
C PHE C 115 1.82 -19.56 49.10
N SER C 116 1.84 -19.48 50.43
CA SER C 116 2.69 -20.36 51.23
C SER C 116 2.20 -21.80 51.20
N LEU C 117 0.90 -22.03 51.24
CA LEU C 117 0.41 -23.41 51.10
C LEU C 117 0.71 -23.97 49.72
N ILE C 118 0.50 -23.16 48.68
CA ILE C 118 0.73 -23.62 47.31
C ILE C 118 2.20 -23.97 47.10
N ASN C 119 3.10 -23.20 47.70
CA ASN C 119 4.50 -23.42 47.42
C ASN C 119 5.18 -24.36 48.41
N ASP C 120 4.48 -24.85 49.39
CA ASP C 120 5.07 -25.87 50.26
C ASP C 120 5.04 -27.22 49.55
N GLU C 121 6.14 -27.99 49.64
CA GLU C 121 6.21 -29.30 48.99
C GLU C 121 5.32 -30.37 49.63
N ARG C 122 4.94 -30.22 50.90
CA ARG C 122 4.08 -31.21 51.55
C ARG C 122 2.65 -31.13 50.99
N LYS C 123 2.11 -32.28 50.59
CA LYS C 123 0.90 -32.30 49.76
C LYS C 123 -0.39 -32.13 50.56
N ASN C 124 -0.39 -32.53 51.83
CA ASN C 124 -1.51 -32.34 52.74
C ASN C 124 -1.04 -31.45 53.87
N LEU C 125 -1.67 -30.28 54.03
CA LEU C 125 -1.06 -29.22 54.84
C LEU C 125 -2.12 -28.27 55.36
N ILE C 126 -2.20 -28.18 56.68
CA ILE C 126 -3.09 -27.26 57.38
C ILE C 126 -2.30 -26.00 57.67
N LEU C 127 -2.86 -24.83 57.29
CA LEU C 127 -2.27 -23.57 57.71
C LEU C 127 -2.68 -23.28 59.18
N ALA C 128 -1.69 -23.02 60.03
CA ALA C 128 -1.96 -22.69 61.42
C ALA C 128 -1.26 -21.39 61.78
N SER C 129 -1.77 -20.76 62.83
CA SER C 129 -1.19 -19.55 63.37
C SER C 129 -0.87 -19.74 64.85
N GLY C 130 -0.10 -18.79 65.38
CA GLY C 130 0.09 -18.66 66.80
C GLY C 130 -1.17 -18.17 67.46
N ALA C 131 -1.08 -17.93 68.77
CA ALA C 131 -2.27 -17.64 69.55
C ALA C 131 -2.93 -16.34 69.10
N THR C 132 -4.27 -16.36 68.96
CA THR C 132 -5.00 -15.18 68.52
C THR C 132 -5.83 -14.48 69.59
N LYS C 133 -6.12 -15.14 70.72
CA LYS C 133 -6.94 -14.54 71.79
C LYS C 133 -8.31 -14.15 71.27
N SER C 134 -8.89 -14.97 70.39
CA SER C 134 -10.08 -14.61 69.64
C SER C 134 -11.35 -15.25 70.18
N GLY C 135 -11.22 -16.37 70.87
CA GLY C 135 -12.42 -17.12 71.20
C GLY C 135 -12.77 -18.10 70.11
N ASP C 136 -13.31 -19.26 70.52
CA ASP C 136 -13.73 -20.34 69.61
C ASP C 136 -12.57 -20.91 68.83
N GLU C 137 -11.37 -20.89 69.44
CA GLU C 137 -10.18 -21.38 68.75
C GLU C 137 -10.24 -22.89 68.57
N VAL C 138 -9.75 -23.36 67.43
CA VAL C 138 -9.58 -24.79 67.20
C VAL C 138 -8.09 -25.09 67.34
N TYR C 139 -7.71 -25.75 68.43
CA TYR C 139 -6.30 -25.98 68.74
C TYR C 139 -5.84 -27.26 68.07
N LEU C 140 -4.59 -27.28 67.62
CA LEU C 140 -4.03 -28.44 66.95
C LEU C 140 -2.92 -29.05 67.78
N GLU C 141 -2.92 -30.38 67.85
CA GLU C 141 -1.90 -31.19 68.50
C GLU C 141 -1.10 -31.89 67.41
N ALA C 142 0.22 -31.89 67.55
CA ALA C 142 1.10 -32.36 66.48
C ALA C 142 2.17 -33.27 67.04
N ASP C 143 2.64 -34.19 66.21
CA ASP C 143 3.70 -35.10 66.59
C ASP C 143 5.05 -34.46 66.24
N GLU C 144 6.13 -35.23 66.38
CA GLU C 144 7.46 -34.63 66.25
C GLU C 144 7.78 -34.23 64.81
N LYS C 145 6.99 -34.72 63.83
CA LYS C 145 7.13 -34.29 62.44
C LYS C 145 6.12 -33.21 62.05
N ASN C 146 5.58 -32.47 63.01
CA ASN C 146 4.59 -31.41 62.76
C ASN C 146 3.39 -31.93 61.98
N CYS C 147 3.02 -33.19 62.21
CA CYS C 147 1.84 -33.77 61.60
C CYS C 147 0.71 -33.89 62.61
N LEU C 148 -0.52 -33.78 62.11
CA LEU C 148 -1.68 -33.68 62.97
C LEU C 148 -1.95 -35.00 63.68
N THR C 149 -2.19 -34.93 65.01
CA THR C 149 -2.57 -36.09 65.80
C THR C 149 -3.81 -35.86 66.67
N GLY C 150 -4.25 -34.62 66.84
CA GLY C 150 -5.49 -34.36 67.57
C GLY C 150 -5.93 -32.94 67.32
N LEU C 151 -7.21 -32.68 67.59
CA LEU C 151 -7.65 -31.29 67.59
C LEU C 151 -8.90 -31.16 68.44
N SER C 152 -9.14 -29.95 68.95
CA SER C 152 -10.26 -29.68 69.83
C SER C 152 -10.37 -28.18 70.08
N LYS C 153 -11.60 -27.73 70.33
CA LYS C 153 -11.77 -26.39 70.89
C LYS C 153 -11.43 -26.35 72.37
N ASN C 154 -11.18 -27.52 72.97
CA ASN C 154 -10.83 -27.66 74.39
C ASN C 154 -9.31 -27.86 74.50
N ARG C 155 -8.60 -26.83 74.96
CA ARG C 155 -7.14 -26.92 75.09
C ARG C 155 -6.69 -28.13 75.89
N ASP C 156 -7.42 -28.46 76.95
CA ASP C 156 -6.91 -29.47 77.86
C ASP C 156 -7.05 -30.89 77.30
N ALA C 157 -7.89 -31.09 76.29
CA ALA C 157 -8.07 -32.42 75.70
C ALA C 157 -6.92 -32.79 74.76
N LEU C 158 -5.86 -32.00 74.67
CA LEU C 158 -4.77 -32.26 73.75
C LEU C 158 -3.47 -32.42 74.54
N LYS C 159 -2.58 -33.25 74.01
CA LYS C 159 -1.31 -33.45 74.68
C LYS C 159 -0.32 -32.32 74.42
N ASN C 160 -0.61 -31.44 73.45
CA ASN C 160 0.24 -30.31 73.14
C ASN C 160 -0.55 -29.34 72.27
N ILE C 161 -0.12 -28.07 72.28
CA ILE C 161 -0.76 -27.02 71.50
C ILE C 161 0.27 -26.59 70.45
N PHE C 162 0.10 -27.05 69.22
CA PHE C 162 1.03 -26.66 68.16
C PHE C 162 0.64 -25.36 67.48
N GLY C 163 -0.66 -25.09 67.36
CA GLY C 163 -1.09 -23.81 66.81
C GLY C 163 -2.59 -23.82 66.70
N GLU C 164 -3.15 -22.75 66.11
CA GLU C 164 -4.58 -22.62 65.89
C GLU C 164 -4.92 -22.86 64.41
N LEU C 165 -6.01 -23.60 64.16
CA LEU C 165 -6.40 -23.90 62.78
C LEU C 165 -6.95 -22.64 62.11
N VAL C 166 -6.35 -22.25 60.97
CA VAL C 166 -6.81 -21.01 60.33
C VAL C 166 -8.10 -21.26 59.56
N GLY C 167 -8.25 -22.43 58.96
CA GLY C 167 -9.38 -22.71 58.11
C GLY C 167 -9.06 -22.68 56.64
N ILE C 168 -7.77 -22.68 56.30
CA ILE C 168 -7.32 -22.87 54.93
C ILE C 168 -6.36 -24.07 54.89
N THR C 169 -6.74 -25.11 54.15
CA THR C 169 -6.00 -26.37 54.17
C THR C 169 -5.79 -26.86 52.74
N LYS C 170 -4.57 -27.30 52.41
CA LYS C 170 -4.31 -27.92 51.10
C LYS C 170 -4.43 -29.45 51.25
N LEU C 171 -5.25 -30.09 50.39
CA LEU C 171 -5.44 -31.54 50.45
C LEU C 171 -5.33 -32.15 49.06
N THR C 172 -4.97 -33.43 49.03
CA THR C 172 -5.09 -34.22 47.81
C THR C 172 -6.53 -34.73 47.65
N LYS C 173 -6.84 -35.19 46.43
CA LYS C 173 -8.12 -35.85 46.21
C LYS C 173 -8.23 -37.15 47.01
N SER C 174 -7.13 -37.89 47.13
CA SER C 174 -7.19 -39.13 47.91
C SER C 174 -7.43 -38.86 49.39
N THR C 175 -6.90 -37.77 49.95
CA THR C 175 -7.27 -37.40 51.31
C THR C 175 -8.76 -37.06 51.39
N LEU C 176 -9.29 -36.34 50.41
CA LEU C 176 -10.73 -36.05 50.36
C LEU C 176 -11.58 -37.32 50.29
N ASP C 177 -11.20 -38.26 49.44
CA ASP C 177 -11.86 -39.57 49.39
C ASP C 177 -11.95 -40.18 50.77
N LYS C 178 -10.81 -40.21 51.47
CA LYS C 178 -10.76 -40.83 52.78
C LYS C 178 -11.71 -40.12 53.72
N MET C 179 -11.67 -38.78 53.74
CA MET C 179 -12.55 -38.02 54.61
C MET C 179 -14.01 -38.33 54.31
N CYS C 180 -14.36 -38.41 53.02
CA CYS C 180 -15.76 -38.65 52.67
C CYS C 180 -16.17 -40.10 52.99
N ALA C 181 -15.28 -41.08 52.77
CA ALA C 181 -15.61 -42.46 53.13
C ALA C 181 -15.85 -42.58 54.63
N TYR C 182 -15.05 -41.90 55.45
CA TYR C 182 -15.26 -41.97 56.90
C TYR C 182 -16.56 -41.29 57.30
N ALA C 183 -16.92 -40.18 56.63
CA ALA C 183 -18.15 -39.49 56.96
C ALA C 183 -19.39 -40.31 56.59
N LYS C 184 -19.37 -40.99 55.45
CA LYS C 184 -20.54 -41.78 55.05
C LYS C 184 -20.73 -42.98 55.98
N ILE C 185 -19.63 -43.59 56.41
CA ILE C 185 -19.67 -44.66 57.40
C ILE C 185 -20.37 -44.21 58.69
N HIS C 186 -20.28 -42.91 59.01
CA HIS C 186 -20.85 -42.34 60.23
C HIS C 186 -22.03 -41.39 59.96
N HIS C 187 -22.73 -41.58 58.83
CA HIS C 187 -23.95 -40.82 58.56
C HIS C 187 -24.98 -40.97 59.67
N SER C 188 -25.10 -42.18 60.23
CA SER C 188 -26.14 -42.43 61.22
C SER C 188 -25.78 -41.84 62.57
N ASP C 189 -24.59 -42.16 63.09
CA ASP C 189 -24.20 -41.76 64.44
C ASP C 189 -23.57 -40.38 64.54
N LEU C 190 -23.03 -39.85 63.44
CA LEU C 190 -22.38 -38.54 63.47
C LEU C 190 -22.87 -37.68 62.31
N PRO C 191 -24.19 -37.39 62.27
CA PRO C 191 -24.74 -36.71 61.07
C PRO C 191 -24.37 -35.25 61.00
N LYS C 192 -23.94 -34.64 62.09
CA LYS C 192 -23.45 -33.26 62.09
C LYS C 192 -21.92 -33.18 62.14
N MET C 193 -21.22 -34.19 61.61
CA MET C 193 -19.75 -34.20 61.65
C MET C 193 -19.19 -32.92 61.02
N GLU C 194 -18.18 -32.34 61.68
CA GLU C 194 -17.50 -31.16 61.17
C GLU C 194 -16.31 -31.63 60.32
N TYR C 195 -15.97 -30.86 59.28
CA TYR C 195 -14.93 -31.34 58.38
C TYR C 195 -13.59 -31.52 59.12
N GLU C 196 -13.36 -30.74 60.19
CA GLU C 196 -12.16 -30.92 61.01
C GLU C 196 -12.09 -32.31 61.60
N HIS C 197 -13.24 -32.82 62.06
CA HIS C 197 -13.30 -34.17 62.61
C HIS C 197 -12.82 -35.19 61.59
N ALA C 198 -13.39 -35.14 60.39
CA ALA C 198 -13.00 -36.12 59.37
C ALA C 198 -11.54 -35.97 58.96
N LEU C 199 -11.00 -34.74 58.96
CA LEU C 199 -9.61 -34.57 58.56
C LEU C 199 -8.69 -35.19 59.60
N LEU C 200 -9.02 -35.04 60.88
CA LEU C 200 -8.26 -35.69 61.95
C LEU C 200 -8.26 -37.21 61.81
N GLU C 201 -9.40 -37.78 61.42
CA GLU C 201 -9.45 -39.22 61.19
C GLU C 201 -8.60 -39.63 59.99
N ALA C 202 -8.71 -38.90 58.87
CA ALA C 202 -7.84 -39.16 57.73
C ALA C 202 -6.37 -39.12 58.15
N ALA C 203 -6.03 -38.19 59.04
CA ALA C 203 -4.64 -38.00 59.43
C ALA C 203 -4.07 -39.20 60.19
N LYS C 204 -4.92 -40.18 60.57
CA LYS C 204 -4.45 -41.38 61.24
C LYS C 204 -3.76 -42.37 60.30
N THR C 205 -4.06 -42.30 59.01
CA THR C 205 -3.39 -43.14 58.03
C THR C 205 -2.74 -42.36 56.88
N ILE C 206 -3.05 -41.07 56.72
CA ILE C 206 -2.36 -40.20 55.76
C ILE C 206 -1.75 -39.05 56.56
N PRO C 207 -0.43 -38.85 56.48
CA PRO C 207 0.19 -37.71 57.19
C PRO C 207 -0.38 -36.39 56.69
N VAL C 208 -0.92 -35.61 57.62
CA VAL C 208 -1.38 -34.26 57.34
C VAL C 208 -0.48 -33.34 58.13
N ALA C 209 0.36 -32.59 57.41
CA ALA C 209 1.30 -31.69 58.06
C ALA C 209 0.61 -30.38 58.41
N ILE C 210 1.23 -29.64 59.32
CA ILE C 210 0.71 -28.38 59.80
C ILE C 210 1.78 -27.33 59.55
N LYS C 211 1.42 -26.30 58.82
CA LYS C 211 2.34 -25.20 58.59
C LYS C 211 1.95 -24.10 59.56
N ARG C 212 2.76 -23.91 60.60
CA ARG C 212 2.48 -22.94 61.63
C ARG C 212 3.15 -21.63 61.26
N ILE C 213 2.34 -20.63 60.94
CA ILE C 213 2.83 -19.28 60.71
C ILE C 213 2.49 -18.50 61.95
N GLU C 214 3.48 -18.34 62.84
CA GLU C 214 3.24 -17.75 64.16
C GLU C 214 2.50 -16.42 64.06
N TYR C 215 2.99 -15.50 63.23
CA TYR C 215 2.41 -14.17 63.18
C TYR C 215 1.36 -14.00 62.09
N PHE C 216 0.82 -15.10 61.57
CA PHE C 216 -0.14 -15.00 60.46
C PHE C 216 -1.34 -14.14 60.85
N VAL C 217 -1.71 -13.24 59.95
CA VAL C 217 -2.74 -12.23 60.17
C VAL C 217 -4.04 -12.70 59.55
N TRP C 218 -5.03 -13.06 60.38
CA TRP C 218 -6.27 -13.63 59.86
C TRP C 218 -7.33 -13.48 60.93
N ARG C 219 -8.58 -13.72 60.53
CA ARG C 219 -9.66 -13.81 61.49
C ARG C 219 -10.86 -14.53 60.88
N GLU C 220 -11.47 -15.45 61.64
CA GLU C 220 -12.80 -15.98 61.37
C GLU C 220 -13.84 -15.16 62.11
N ILE C 221 -15.02 -15.02 61.52
CA ILE C 221 -16.07 -14.22 62.12
C ILE C 221 -17.27 -15.11 62.39
N ASP C 222 -17.43 -15.52 63.65
CA ASP C 222 -18.62 -16.19 64.13
C ASP C 222 -19.58 -15.29 64.88
N ASN C 223 -19.10 -14.20 65.47
CA ASN C 223 -19.94 -13.40 66.38
C ASN C 223 -19.57 -11.92 66.26
N GLU C 224 -20.18 -11.09 67.12
CA GLU C 224 -19.89 -9.65 67.10
C GLU C 224 -18.49 -9.35 67.61
N ASP C 225 -17.94 -10.18 68.51
CA ASP C 225 -16.60 -9.91 69.03
C ASP C 225 -15.55 -10.14 67.94
N HIS C 226 -15.63 -11.29 67.27
CA HIS C 226 -14.78 -11.54 66.10
C HIS C 226 -14.87 -10.40 65.11
N LEU C 227 -16.09 -9.98 64.79
CA LEU C 227 -16.27 -8.93 63.79
C LEU C 227 -15.57 -7.65 64.23
N GLU C 228 -15.54 -7.37 65.54
CA GLU C 228 -14.91 -6.15 66.01
C GLU C 228 -13.39 -6.22 65.85
N MET C 229 -12.77 -7.35 66.24
CA MET C 229 -11.34 -7.51 66.00
C MET C 229 -11.03 -7.46 64.49
N ALA C 230 -11.91 -8.03 63.67
CA ALA C 230 -11.71 -8.01 62.22
C ALA C 230 -11.68 -6.57 61.71
N VAL C 231 -12.67 -5.76 62.10
CA VAL C 231 -12.82 -4.41 61.56
C VAL C 231 -11.78 -3.46 62.13
N LYS C 232 -11.55 -3.52 63.45
CA LYS C 232 -10.65 -2.55 64.09
C LYS C 232 -9.18 -2.85 63.83
N ASN C 233 -8.79 -4.13 63.81
CA ASN C 233 -7.38 -4.52 63.85
C ASN C 233 -6.94 -5.40 62.69
N ILE C 234 -7.59 -6.55 62.47
CA ILE C 234 -7.05 -7.55 61.55
C ILE C 234 -7.11 -7.05 60.10
N TYR C 235 -8.28 -6.54 59.68
CA TYR C 235 -8.44 -6.11 58.29
C TYR C 235 -7.47 -5.00 57.93
N PRO C 236 -7.34 -3.90 58.71
CA PRO C 236 -6.33 -2.89 58.33
C PRO C 236 -4.93 -3.48 58.25
N HIS C 237 -4.63 -4.49 59.09
CA HIS C 237 -3.33 -5.13 59.05
C HIS C 237 -3.14 -5.94 57.77
N ILE C 238 -4.14 -6.73 57.39
CA ILE C 238 -4.06 -7.45 56.12
C ILE C 238 -3.85 -6.46 54.98
N VAL C 239 -4.65 -5.40 54.96
CA VAL C 239 -4.49 -4.38 53.91
C VAL C 239 -3.04 -3.93 53.82
N GLU C 240 -2.42 -3.65 54.97
CA GLU C 240 -1.03 -3.23 54.94
C GLU C 240 -0.14 -4.37 54.42
N ASN C 241 -0.35 -5.59 54.92
CA ASN C 241 0.49 -6.69 54.47
C ASN C 241 0.37 -6.87 52.96
N GLU C 242 -0.84 -6.82 52.44
CA GLU C 242 -0.98 -7.08 51.01
C GLU C 242 -0.42 -5.93 50.19
N LYS C 243 -0.50 -4.68 50.68
CA LYS C 243 0.04 -3.59 49.88
C LYS C 243 1.57 -3.58 49.88
N LEU C 244 2.23 -4.21 50.87
CA LEU C 244 3.70 -4.32 50.79
C LEU C 244 4.15 -5.05 49.53
N ARG C 245 3.31 -5.91 48.96
CA ARG C 245 3.66 -6.64 47.74
C ARG C 245 3.26 -5.91 46.46
N ALA C 246 2.56 -4.78 46.57
CA ALA C 246 2.08 -4.09 45.37
C ALA C 246 3.26 -3.59 44.53
N VAL C 247 3.14 -3.73 43.23
CA VAL C 247 4.16 -3.28 42.28
C VAL C 247 3.81 -1.88 41.84
N ARG C 248 4.82 -1.06 41.62
CA ARG C 248 4.51 0.30 41.20
C ARG C 248 3.68 0.25 39.92
N ARG C 249 2.67 1.08 39.87
CA ARG C 249 1.74 1.04 38.74
C ARG C 249 2.03 2.22 37.83
N GLU C 250 2.62 1.93 36.67
CA GLU C 250 2.77 2.88 35.59
C GLU C 250 1.62 2.70 34.63
N VAL C 251 0.98 3.80 34.26
CA VAL C 251 -0.14 3.71 33.33
C VAL C 251 0.44 3.84 31.92
N LEU C 252 0.44 2.73 31.19
CA LEU C 252 1.03 2.72 29.86
C LEU C 252 -0.06 3.11 28.85
N LEU C 253 0.18 4.21 28.14
CA LEU C 253 -0.64 4.65 27.01
C LEU C 253 -0.01 4.31 25.68
N ASN C 254 0.85 3.29 25.65
CA ASN C 254 1.37 2.67 24.45
C ASN C 254 0.69 1.33 24.24
N PRO C 255 0.62 0.85 23.03
CA PRO C 255 -0.35 -0.22 22.76
C PRO C 255 0.11 -1.64 23.10
N GLY C 256 0.95 -1.87 24.09
CA GLY C 256 1.38 -3.22 24.35
C GLY C 256 2.86 -3.44 24.11
N PRO C 257 3.58 -3.92 25.14
CA PRO C 257 3.18 -4.17 26.53
C PRO C 257 2.43 -3.02 27.16
N ALA C 258 1.44 -3.27 28.02
CA ALA C 258 0.72 -2.19 28.67
C ALA C 258 0.60 -2.45 30.18
N THR C 259 -0.18 -1.65 30.89
CA THR C 259 -0.29 -1.89 32.33
C THR C 259 -0.94 -3.25 32.58
N THR C 260 -0.34 -4.03 33.47
CA THR C 260 -0.83 -5.37 33.77
C THR C 260 -1.35 -5.42 35.20
N THR C 261 -2.13 -6.45 35.50
CA THR C 261 -2.48 -6.68 36.90
C THR C 261 -1.26 -7.23 37.63
N ASP C 262 -1.18 -6.98 38.94
CA ASP C 262 -0.08 -7.56 39.70
C ASP C 262 -0.24 -9.08 39.82
N SER C 263 -1.47 -9.59 39.75
CA SER C 263 -1.67 -11.04 39.73
C SER C 263 -1.04 -11.68 38.49
N VAL C 264 -1.17 -11.02 37.33
CA VAL C 264 -0.46 -11.47 36.12
C VAL C 264 1.06 -11.36 36.30
N LYS C 265 1.56 -10.30 36.95
CA LYS C 265 3.00 -10.27 37.20
C LYS C 265 3.45 -11.44 38.07
N TYR C 266 2.81 -11.64 39.22
CA TYR C 266 3.30 -12.67 40.13
C TYR C 266 3.03 -14.10 39.60
N ALA C 267 2.13 -14.24 38.61
CA ALA C 267 1.97 -15.57 38.02
C ALA C 267 3.24 -16.03 37.33
N GLN C 268 4.18 -15.13 37.05
CA GLN C 268 5.44 -15.59 36.51
C GLN C 268 6.30 -16.31 37.53
N VAL C 269 5.98 -16.15 38.82
CA VAL C 269 6.81 -16.69 39.90
C VAL C 269 6.23 -18.06 40.20
N SER C 270 7.01 -19.12 39.95
CA SER C 270 6.53 -20.48 40.15
C SER C 270 7.70 -21.43 40.41
N ALA C 271 7.34 -22.63 40.90
CA ALA C 271 8.28 -23.76 40.92
C ALA C 271 8.94 -23.93 39.56
N ASP C 272 10.28 -24.07 39.56
CA ASP C 272 11.00 -24.39 38.34
C ASP C 272 10.48 -25.71 37.78
N ILE C 273 10.43 -25.81 36.47
CA ILE C 273 9.85 -26.99 35.86
C ILE C 273 10.56 -27.21 34.52
N CYS C 274 10.80 -28.47 34.23
CA CYS C 274 11.29 -28.90 32.94
C CYS C 274 10.12 -28.85 31.97
N PRO C 275 10.21 -28.09 30.86
CA PRO C 275 9.05 -27.93 29.96
C PRO C 275 8.61 -29.21 29.25
N ARG C 276 9.40 -30.26 29.25
CA ARG C 276 8.95 -31.49 28.59
C ARG C 276 8.15 -32.40 29.52
N GLU C 277 8.06 -32.05 30.80
CA GLU C 277 7.19 -32.74 31.76
C GLU C 277 5.73 -32.73 31.34
N LYS C 278 5.04 -33.85 31.61
CA LYS C 278 3.65 -34.00 31.20
C LYS C 278 2.80 -32.85 31.72
N ALA C 279 2.99 -32.46 32.98
CA ALA C 279 2.28 -31.34 33.57
C ALA C 279 2.40 -30.07 32.71
N PHE C 280 3.59 -29.76 32.21
CA PHE C 280 3.74 -28.58 31.36
C PHE C 280 3.22 -28.80 29.93
N GLY C 281 3.36 -30.01 29.39
CA GLY C 281 2.60 -30.37 28.20
C GLY C 281 1.09 -30.14 28.34
N ASP C 282 0.52 -30.45 29.51
CA ASP C 282 -0.89 -30.20 29.75
C ASP C 282 -1.20 -28.71 29.84
N LEU C 283 -0.28 -27.92 30.39
CA LEU C 283 -0.51 -26.47 30.43
C LEU C 283 -0.59 -25.87 29.03
N MET C 284 0.42 -26.14 28.21
CA MET C 284 0.42 -25.66 26.82
C MET C 284 -0.83 -26.10 26.06
N GLN C 285 -1.30 -27.35 26.28
CA GLN C 285 -2.56 -27.82 25.68
C GLN C 285 -3.73 -26.97 26.13
N TRP C 286 -3.84 -26.73 27.44
CA TRP C 286 -4.85 -25.86 27.99
C TRP C 286 -4.80 -24.48 27.32
N LEU C 287 -3.62 -23.88 27.27
CA LEU C 287 -3.45 -22.58 26.61
C LEU C 287 -3.94 -22.60 25.16
N CYS C 288 -3.51 -23.59 24.39
CA CYS C 288 -4.02 -23.72 23.02
C CYS C 288 -5.54 -23.78 23.01
N ASP C 289 -6.15 -24.58 23.90
CA ASP C 289 -7.60 -24.79 23.85
C ASP C 289 -8.36 -23.54 24.26
N GLU C 290 -7.77 -22.73 25.15
CA GLU C 290 -8.43 -21.56 25.66
C GLU C 290 -8.15 -20.33 24.79
N LEU C 291 -6.94 -20.17 24.27
CA LEU C 291 -6.64 -19.01 23.42
C LEU C 291 -7.53 -18.97 22.18
N LYS C 292 -7.77 -20.11 21.55
CA LYS C 292 -8.60 -20.10 20.33
C LYS C 292 -10.06 -19.72 20.59
N LEU C 293 -10.55 -19.85 21.83
CA LEU C 293 -11.94 -19.51 22.09
C LEU C 293 -12.20 -18.00 22.11
N PHE C 294 -11.21 -17.20 22.50
CA PHE C 294 -11.36 -15.74 22.40
C PHE C 294 -11.41 -15.25 20.96
N ALA C 295 -11.10 -16.11 19.97
CA ALA C 295 -11.24 -15.77 18.55
C ALA C 295 -12.48 -16.39 17.90
N LEU C 296 -13.36 -17.02 18.68
CA LEU C 296 -14.50 -17.74 18.14
C LEU C 296 -15.76 -17.36 18.90
N ALA C 297 -16.89 -17.33 18.16
CA ALA C 297 -18.22 -17.28 18.76
C ALA C 297 -18.53 -18.61 19.44
N SER C 298 -19.38 -18.54 20.49
CA SER C 298 -19.78 -19.75 21.21
C SER C 298 -20.44 -20.79 20.29
N GLU C 299 -21.17 -20.33 19.27
CA GLU C 299 -21.81 -21.21 18.29
C GLU C 299 -20.82 -21.83 17.31
N THR C 300 -19.56 -21.42 17.30
CA THR C 300 -18.58 -22.01 16.41
C THR C 300 -17.94 -23.20 17.09
N ASN C 301 -17.73 -24.26 16.33
CA ASN C 301 -17.20 -25.53 16.82
C ASN C 301 -15.71 -25.38 17.09
N PRO C 302 -15.28 -25.36 18.35
CA PRO C 302 -13.84 -25.16 18.62
C PRO C 302 -12.98 -26.26 18.05
N ASP C 303 -13.57 -27.43 17.77
CA ASP C 303 -12.80 -28.50 17.16
C ASP C 303 -12.38 -28.18 15.72
N GLU C 304 -12.97 -27.15 15.10
CA GLU C 304 -12.59 -26.78 13.73
C GLU C 304 -11.33 -25.93 13.69
N TYR C 305 -10.74 -25.64 14.87
CA TYR C 305 -9.66 -24.68 15.06
C TYR C 305 -8.56 -25.28 15.94
N GLU C 306 -7.33 -24.85 15.70
CA GLU C 306 -6.14 -25.22 16.47
C GLU C 306 -5.47 -23.93 16.91
N THR C 307 -4.53 -24.01 17.87
CA THR C 307 -3.62 -22.91 18.20
C THR C 307 -2.18 -23.41 18.14
N VAL C 308 -1.28 -22.60 17.60
CA VAL C 308 0.12 -22.95 17.54
C VAL C 308 0.92 -21.87 18.21
N MET C 309 1.56 -22.21 19.32
CA MET C 309 2.28 -21.27 20.16
C MET C 309 3.78 -21.37 19.90
N PHE C 310 4.45 -20.21 19.92
CA PHE C 310 5.90 -20.09 19.71
C PHE C 310 6.50 -19.13 20.73
N GLY C 311 7.81 -19.25 20.94
CA GLY C 311 8.57 -18.29 21.70
C GLY C 311 9.05 -17.18 20.76
N CYS C 312 8.23 -16.16 20.53
CA CYS C 312 8.63 -15.08 19.65
C CYS C 312 7.69 -13.91 19.88
N SER C 313 7.95 -12.81 19.19
CA SER C 313 7.15 -11.61 19.29
C SER C 313 6.06 -11.64 18.23
N GLY C 314 5.22 -10.60 18.22
CA GLY C 314 4.16 -10.51 17.22
C GLY C 314 4.67 -10.50 15.78
N THR C 315 5.77 -9.79 15.53
CA THR C 315 6.42 -9.87 14.23
C THR C 315 6.80 -11.33 13.91
N GLY C 316 7.28 -12.08 14.92
CA GLY C 316 7.58 -13.49 14.68
C GLY C 316 6.34 -14.26 14.28
N ALA C 317 5.23 -14.02 14.95
CA ALA C 317 4.00 -14.74 14.61
C ALA C 317 3.54 -14.41 13.19
N ASP C 318 3.62 -13.14 12.79
CA ASP C 318 3.29 -12.78 11.41
C ASP C 318 4.21 -13.50 10.45
N GLU C 319 5.50 -13.59 10.79
CA GLU C 319 6.45 -14.25 9.92
C GLU C 319 6.15 -15.74 9.84
N VAL C 320 5.74 -16.33 10.97
CA VAL C 320 5.26 -17.73 10.94
C VAL C 320 4.21 -17.86 9.84
N MET C 321 3.20 -16.97 9.86
CA MET C 321 2.11 -17.14 8.90
C MET C 321 2.60 -16.92 7.48
N VAL C 322 3.34 -15.82 7.26
CA VAL C 322 3.73 -15.50 5.90
C VAL C 322 4.61 -16.59 5.34
N SER C 323 5.45 -17.17 6.18
CA SER C 323 6.48 -18.08 5.66
C SER C 323 6.06 -19.53 5.68
N SER C 324 4.89 -19.86 6.25
CA SER C 324 4.44 -21.24 6.37
C SER C 324 3.11 -21.49 5.67
N CYS C 325 2.40 -20.46 5.22
CA CYS C 325 1.06 -20.66 4.71
C CYS C 325 0.87 -20.39 3.21
N VAL C 326 1.93 -20.05 2.48
CA VAL C 326 1.74 -19.65 1.08
C VAL C 326 2.82 -20.36 0.29
N PRO C 327 2.46 -21.38 -0.47
CA PRO C 327 3.45 -22.14 -1.21
C PRO C 327 3.81 -21.43 -2.52
N ASP C 328 4.96 -21.80 -3.05
CA ASP C 328 5.34 -21.21 -4.35
C ASP C 328 4.33 -21.50 -5.45
N THR C 329 3.53 -22.58 -5.33
CA THR C 329 2.52 -22.87 -6.35
C THR C 329 1.39 -21.84 -6.35
N GLY C 330 1.30 -21.00 -5.32
CA GLY C 330 0.28 -19.98 -5.24
C GLY C 330 0.80 -18.59 -5.53
N ARG C 331 0.02 -17.59 -5.15
CA ARG C 331 0.40 -16.19 -5.26
C ARG C 331 -0.33 -15.42 -4.17
N LEU C 332 0.42 -14.63 -3.38
CA LEU C 332 -0.10 -13.89 -2.25
C LEU C 332 -0.40 -12.43 -2.60
N LEU C 333 -1.57 -11.94 -2.18
CA LEU C 333 -1.87 -10.51 -2.20
C LEU C 333 -1.70 -9.97 -0.78
N VAL C 334 -0.79 -9.01 -0.58
CA VAL C 334 -0.62 -8.37 0.73
C VAL C 334 -1.28 -7.00 0.68
N ILE C 335 -2.22 -6.73 1.58
CA ILE C 335 -2.71 -5.35 1.78
C ILE C 335 -1.69 -4.54 2.58
N ASP C 336 -1.28 -3.40 2.04
CA ASP C 336 -0.34 -2.53 2.75
C ASP C 336 -1.04 -1.19 2.97
N ASN C 337 -1.65 -1.02 4.14
CA ASN C 337 -2.16 0.30 4.50
C ASN C 337 -1.68 0.68 5.90
N GLY C 338 -0.41 0.37 6.19
CA GLY C 338 0.17 0.65 7.49
C GLY C 338 1.46 -0.12 7.68
N SER C 339 2.15 0.22 8.78
CA SER C 339 3.46 -0.35 9.07
C SER C 339 3.45 -1.88 9.12
N TYR C 340 2.38 -2.49 9.59
CA TYR C 340 2.44 -3.93 9.79
C TYR C 340 1.99 -4.70 8.55
N GLY C 341 1.14 -4.09 7.75
CA GLY C 341 0.89 -4.60 6.40
C GLY C 341 2.13 -4.52 5.53
N ALA C 342 2.82 -3.36 5.54
CA ALA C 342 4.10 -3.23 4.83
C ALA C 342 5.10 -4.26 5.34
N ARG C 343 5.05 -4.57 6.63
CA ARG C 343 6.03 -5.45 7.22
C ARG C 343 5.80 -6.86 6.73
N MET C 344 4.54 -7.25 6.59
CA MET C 344 4.23 -8.56 6.06
C MET C 344 4.64 -8.65 4.61
N ALA C 345 4.51 -7.53 3.85
CA ALA C 345 4.99 -7.51 2.47
C ALA C 345 6.50 -7.66 2.41
N LYS C 346 7.21 -7.01 3.31
CA LYS C 346 8.66 -7.09 3.29
C LYS C 346 9.11 -8.52 3.62
N ILE C 347 8.43 -9.16 4.56
CA ILE C 347 8.78 -10.54 4.91
C ILE C 347 8.52 -11.45 3.71
N ALA C 348 7.36 -11.29 3.09
CA ALA C 348 6.99 -12.07 1.91
C ALA C 348 8.06 -11.98 0.84
N ASP C 349 8.53 -10.77 0.55
CA ASP C 349 9.55 -10.56 -0.47
C ASP C 349 10.90 -11.19 -0.12
N ILE C 350 11.29 -11.17 1.17
CA ILE C 350 12.59 -11.74 1.54
C ILE C 350 12.59 -13.25 1.30
N TYR C 351 11.48 -13.90 1.58
CA TYR C 351 11.36 -15.34 1.32
C TYR C 351 11.11 -15.65 -0.16
N LYS C 352 10.89 -14.62 -0.99
CA LYS C 352 10.67 -14.78 -2.43
C LYS C 352 9.36 -15.53 -2.71
N ILE C 353 8.32 -15.20 -1.95
CA ILE C 353 6.99 -15.77 -2.18
C ILE C 353 6.35 -15.01 -3.34
N PRO C 354 5.73 -15.67 -4.32
CA PRO C 354 5.09 -14.91 -5.39
C PRO C 354 3.98 -14.05 -4.81
N MET C 355 4.00 -12.76 -5.11
CA MET C 355 3.16 -11.83 -4.37
C MET C 355 3.01 -10.53 -5.14
N ASP C 356 1.86 -9.90 -4.95
CA ASP C 356 1.67 -8.49 -5.28
C ASP C 356 1.25 -7.78 -4.01
N ILE C 357 1.37 -6.44 -4.02
CA ILE C 357 0.95 -5.62 -2.91
C ILE C 357 -0.27 -4.80 -3.32
N PHE C 358 -1.25 -4.68 -2.43
CA PHE C 358 -2.37 -3.75 -2.62
C PHE C 358 -2.13 -2.62 -1.64
N LYS C 359 -1.64 -1.49 -2.15
CA LYS C 359 -1.33 -0.33 -1.34
C LYS C 359 -2.56 0.56 -1.20
N SER C 360 -2.66 1.19 -0.03
CA SER C 360 -3.73 2.12 0.28
C SER C 360 -3.27 3.05 1.40
N SER C 361 -4.08 4.07 1.65
CA SER C 361 -3.74 5.09 2.64
C SER C 361 -3.63 4.50 4.03
N THR C 362 -2.72 5.08 4.82
CA THR C 362 -2.57 4.69 6.22
C THR C 362 -3.64 5.28 7.12
N TYR C 363 -4.47 6.20 6.62
CA TYR C 363 -5.50 6.77 7.45
C TYR C 363 -6.81 6.99 6.71
N GLU C 364 -6.90 6.66 5.37
CA GLU C 364 -8.24 6.59 4.79
C GLU C 364 -8.69 5.13 4.72
N PRO C 365 -9.98 4.85 4.87
CA PRO C 365 -10.45 3.45 4.75
C PRO C 365 -10.16 2.88 3.36
N LEU C 366 -9.91 1.57 3.29
CA LEU C 366 -9.66 0.96 2.00
C LEU C 366 -10.92 0.98 1.14
N ASP C 367 -10.70 1.03 -0.17
CA ASP C 367 -11.77 1.04 -1.14
C ASP C 367 -12.15 -0.41 -1.38
N LEU C 368 -13.30 -0.82 -0.85
CA LEU C 368 -13.69 -2.22 -0.92
C LEU C 368 -13.94 -2.65 -2.35
N GLN C 369 -14.34 -1.69 -3.20
CA GLN C 369 -14.59 -1.96 -4.62
C GLN C 369 -13.31 -2.30 -5.35
N LYS C 370 -12.27 -1.50 -5.13
CA LYS C 370 -11.00 -1.78 -5.80
C LYS C 370 -10.41 -3.13 -5.35
N LEU C 371 -10.58 -3.43 -4.07
CA LEU C 371 -10.06 -4.68 -3.54
C LEU C 371 -10.78 -5.88 -4.15
N GLU C 372 -12.11 -5.81 -4.25
CA GLU C 372 -12.83 -6.91 -4.88
C GLU C 372 -12.38 -7.10 -6.33
N ALA C 373 -12.16 -6.00 -7.05
CA ALA C 373 -11.68 -6.13 -8.43
C ALA C 373 -10.32 -6.83 -8.47
N GLU C 374 -9.50 -6.63 -7.44
CA GLU C 374 -8.24 -7.35 -7.40
C GLU C 374 -8.45 -8.83 -7.14
N PHE C 375 -9.36 -9.18 -6.22
CA PHE C 375 -9.66 -10.58 -5.94
C PHE C 375 -10.23 -11.25 -7.20
N ALA C 376 -11.04 -10.51 -7.96
CA ALA C 376 -11.80 -11.10 -9.06
C ALA C 376 -10.90 -11.42 -10.24
N THR C 377 -9.66 -10.90 -10.25
CA THR C 377 -8.70 -11.28 -11.27
C THR C 377 -8.35 -12.76 -11.19
N LYS C 378 -8.71 -13.42 -10.09
CA LYS C 378 -8.40 -14.82 -9.82
C LYS C 378 -6.90 -15.09 -9.87
N LYS C 379 -6.06 -14.08 -9.68
CA LYS C 379 -4.61 -14.27 -9.68
C LYS C 379 -4.03 -14.70 -8.33
N TYR C 380 -4.82 -14.64 -7.26
CA TYR C 380 -4.30 -14.74 -5.90
C TYR C 380 -4.96 -15.91 -5.20
N THR C 381 -4.13 -16.80 -4.66
CA THR C 381 -4.61 -17.89 -3.85
C THR C 381 -4.70 -17.54 -2.37
N HIS C 382 -4.12 -16.39 -1.97
CA HIS C 382 -3.91 -16.07 -0.57
C HIS C 382 -3.99 -14.55 -0.40
N LEU C 383 -4.54 -14.12 0.72
CA LEU C 383 -4.57 -12.74 1.14
C LEU C 383 -3.87 -12.65 2.50
N ALA C 384 -3.01 -11.65 2.69
CA ALA C 384 -2.52 -11.29 4.02
C ALA C 384 -2.89 -9.85 4.32
N CYS C 385 -3.39 -9.58 5.53
CA CYS C 385 -3.84 -8.25 5.89
C CYS C 385 -3.82 -8.11 7.42
N VAL C 386 -3.98 -6.86 7.86
CA VAL C 386 -3.94 -6.42 9.25
C VAL C 386 -5.35 -5.99 9.66
N TYR C 387 -5.86 -6.53 10.79
CA TYR C 387 -7.14 -6.11 11.32
C TYR C 387 -7.05 -4.67 11.86
N HIS C 388 -6.19 -4.46 12.87
CA HIS C 388 -5.99 -3.16 13.50
C HIS C 388 -4.61 -2.62 13.17
N GLU C 389 -4.55 -1.51 12.44
CA GLU C 389 -3.26 -0.90 12.08
C GLU C 389 -2.92 0.06 13.20
N THR C 390 -2.18 -0.44 14.20
CA THR C 390 -1.79 0.36 15.35
C THR C 390 -0.88 1.54 14.99
N THR C 391 -0.34 1.57 13.77
CA THR C 391 0.28 2.76 13.19
C THR C 391 -0.56 4.01 13.45
N THR C 392 -1.84 3.90 13.15
CA THR C 392 -2.74 5.02 13.22
C THR C 392 -4.01 4.74 13.99
N GLY C 393 -4.26 3.51 14.42
CA GLY C 393 -5.56 3.20 15.01
C GLY C 393 -6.64 2.90 14.00
N LEU C 394 -6.28 2.86 12.71
CA LEU C 394 -7.20 2.49 11.65
C LEU C 394 -7.57 1.02 11.78
N LEU C 395 -8.88 0.75 11.81
CA LEU C 395 -9.42 -0.62 11.90
C LEU C 395 -9.93 -1.02 10.52
N ASN C 396 -9.34 -2.02 9.95
CA ASN C 396 -9.81 -2.50 8.64
C ASN C 396 -11.08 -3.32 8.81
N PRO C 397 -12.04 -3.24 7.84
CA PRO C 397 -13.33 -3.96 8.00
C PRO C 397 -13.25 -5.44 7.61
N LEU C 398 -12.56 -6.25 8.44
CA LEU C 398 -12.26 -7.60 7.97
C LEU C 398 -13.50 -8.47 7.94
N HIS C 399 -14.56 -8.03 8.62
CA HIS C 399 -15.81 -8.73 8.57
C HIS C 399 -16.47 -8.62 7.20
N ILE C 400 -15.99 -7.70 6.36
CA ILE C 400 -16.32 -7.64 4.93
C ILE C 400 -15.23 -8.27 4.08
N ILE C 401 -13.98 -7.88 4.34
CA ILE C 401 -12.88 -8.17 3.42
C ILE C 401 -12.60 -9.67 3.37
N CYS C 402 -12.53 -10.30 4.55
CA CYS C 402 -12.08 -11.70 4.53
C CYS C 402 -13.16 -12.65 3.99
N PRO C 403 -14.44 -12.53 4.33
CA PRO C 403 -15.43 -13.39 3.64
C PRO C 403 -15.48 -13.15 2.14
N MET C 404 -15.25 -11.92 1.68
CA MET C 404 -15.16 -11.66 0.24
C MET C 404 -14.01 -12.45 -0.36
N ALA C 405 -12.83 -12.34 0.23
CA ALA C 405 -11.70 -13.14 -0.23
C ALA C 405 -12.05 -14.63 -0.27
N LYS C 406 -12.73 -15.14 0.76
CA LYS C 406 -13.12 -16.55 0.78
C LYS C 406 -14.06 -16.86 -0.38
N LYS C 407 -15.02 -15.97 -0.65
CA LYS C 407 -15.93 -16.17 -1.78
C LYS C 407 -15.16 -16.25 -3.10
N TYR C 408 -13.99 -15.60 -3.17
CA TYR C 408 -13.13 -15.67 -4.36
C TYR C 408 -12.13 -16.82 -4.29
N GLY C 409 -12.30 -17.77 -3.37
CA GLY C 409 -11.47 -18.96 -3.35
C GLY C 409 -10.13 -18.80 -2.68
N MET C 410 -9.97 -17.76 -1.88
CA MET C 410 -8.70 -17.38 -1.30
C MET C 410 -8.58 -17.87 0.13
N VAL C 411 -7.37 -18.30 0.51
CA VAL C 411 -7.02 -18.54 1.91
C VAL C 411 -6.67 -17.23 2.60
N THR C 412 -7.13 -17.03 3.84
CA THR C 412 -7.00 -15.71 4.47
C THR C 412 -6.04 -15.78 5.67
N ILE C 413 -5.11 -14.83 5.68
CA ILE C 413 -4.03 -14.74 6.69
C ILE C 413 -4.12 -13.37 7.33
N VAL C 414 -4.38 -13.31 8.65
CA VAL C 414 -4.74 -12.07 9.31
C VAL C 414 -3.80 -11.81 10.50
N ASP C 415 -3.13 -10.67 10.47
CA ASP C 415 -2.48 -10.12 11.67
C ASP C 415 -3.61 -9.48 12.48
N ALA C 416 -3.97 -10.12 13.60
CA ALA C 416 -4.88 -9.49 14.57
C ALA C 416 -4.13 -9.16 15.86
N VAL C 417 -2.82 -8.93 15.73
CA VAL C 417 -1.95 -8.80 16.91
C VAL C 417 -2.54 -7.80 17.91
N SER C 418 -2.98 -6.62 17.44
CA SER C 418 -3.56 -5.60 18.31
C SER C 418 -5.08 -5.59 18.32
N ALA C 419 -5.72 -6.63 17.79
CA ALA C 419 -7.18 -6.67 17.72
C ALA C 419 -7.75 -7.76 18.62
N TYR C 420 -7.19 -8.94 18.52
CA TYR C 420 -7.62 -10.10 19.28
C TYR C 420 -7.64 -9.82 20.77
N CYS C 421 -8.74 -10.20 21.42
CA CYS C 421 -9.03 -10.04 22.85
C CYS C 421 -9.40 -8.60 23.21
N GLY C 422 -9.29 -7.62 22.32
CA GLY C 422 -9.78 -6.28 22.60
C GLY C 422 -11.17 -6.08 22.01
N MET C 423 -11.59 -6.95 21.12
CA MET C 423 -12.93 -6.88 20.56
C MET C 423 -13.38 -8.28 20.22
N PRO C 424 -14.67 -8.59 20.36
CA PRO C 424 -15.16 -9.93 19.97
C PRO C 424 -14.77 -10.25 18.53
N MET C 425 -14.35 -11.50 18.33
CA MET C 425 -13.97 -12.03 17.03
C MET C 425 -14.54 -13.44 16.92
N ASP C 426 -14.98 -13.79 15.73
CA ASP C 426 -15.39 -15.16 15.40
C ASP C 426 -14.73 -15.49 14.07
N LEU C 427 -13.70 -16.32 14.09
CA LEU C 427 -12.98 -16.57 12.85
C LEU C 427 -13.85 -17.27 11.79
N LYS C 428 -14.82 -18.10 12.21
CA LYS C 428 -15.71 -18.75 11.23
C LYS C 428 -16.44 -17.71 10.40
N SER C 429 -17.22 -16.84 11.05
CA SER C 429 -17.96 -15.86 10.28
C SER C 429 -17.07 -14.77 9.67
N LEU C 430 -15.88 -14.51 10.26
CA LEU C 430 -14.99 -13.55 9.65
C LEU C 430 -14.29 -14.12 8.42
N GLY C 431 -14.42 -15.41 8.16
CA GLY C 431 -13.70 -16.00 7.04
C GLY C 431 -12.18 -15.93 7.19
N ILE C 432 -11.69 -16.06 8.42
CA ILE C 432 -10.25 -16.01 8.67
C ILE C 432 -9.69 -17.42 8.84
N ASP C 433 -8.72 -17.78 8.03
CA ASP C 433 -8.07 -19.09 8.11
C ASP C 433 -6.87 -19.13 9.07
N PHE C 434 -6.12 -18.02 9.18
CA PHE C 434 -4.94 -17.91 10.06
C PHE C 434 -4.93 -16.53 10.72
N MET C 435 -4.83 -16.50 12.05
CA MET C 435 -4.91 -15.27 12.83
C MET C 435 -3.77 -15.24 13.85
N ALA C 436 -2.93 -14.19 13.82
CA ALA C 436 -1.81 -14.11 14.77
C ALA C 436 -2.12 -13.10 15.87
N SER C 437 -1.60 -13.37 17.06
CA SER C 437 -1.49 -12.35 18.11
C SER C 437 -0.44 -12.82 19.10
N THR C 438 -0.37 -12.14 20.25
CA THR C 438 0.73 -12.35 21.19
C THR C 438 0.22 -12.25 22.60
N SER C 439 1.11 -12.57 23.52
CA SER C 439 0.74 -12.63 24.92
C SER C 439 0.73 -11.27 25.59
N ASN C 440 1.14 -10.19 24.92
CA ASN C 440 1.37 -8.94 25.66
C ASN C 440 0.55 -7.79 25.12
N LYS C 441 -0.47 -8.06 24.30
CA LYS C 441 -1.33 -6.97 23.88
C LYS C 441 -2.70 -7.09 24.55
N ASN C 442 -3.79 -7.19 23.79
CA ASN C 442 -5.10 -7.06 24.41
C ASN C 442 -5.45 -8.22 25.38
N ILE C 443 -4.66 -9.30 25.41
CA ILE C 443 -4.92 -10.35 26.40
C ILE C 443 -4.31 -9.98 27.75
N GLN C 444 -3.36 -9.05 27.76
CA GLN C 444 -2.83 -8.43 28.98
C GLN C 444 -1.91 -9.37 29.79
N GLY C 445 -1.17 -10.24 29.10
CA GLY C 445 -0.06 -10.96 29.70
C GLY C 445 1.29 -10.29 29.48
N MET C 446 2.34 -11.09 29.63
CA MET C 446 3.72 -10.66 29.44
C MET C 446 4.22 -11.12 28.08
N ALA C 447 5.07 -10.30 27.47
CA ALA C 447 5.60 -10.59 26.14
C ALA C 447 6.49 -11.85 26.13
N GLY C 448 6.35 -12.64 25.05
CA GLY C 448 7.23 -13.78 24.82
C GLY C 448 6.55 -14.94 24.09
N VAL C 449 5.22 -14.99 24.06
CA VAL C 449 4.46 -16.04 23.38
C VAL C 449 3.75 -15.40 22.21
N GLY C 450 4.13 -15.78 21.00
CA GLY C 450 3.42 -15.39 19.80
C GLY C 450 2.70 -16.64 19.31
N PHE C 451 1.47 -16.46 18.81
CA PHE C 451 0.67 -17.63 18.49
C PHE C 451 -0.18 -17.36 17.25
N VAL C 452 -0.58 -18.45 16.62
CA VAL C 452 -1.37 -18.48 15.39
C VAL C 452 -2.58 -19.37 15.63
N ILE C 453 -3.76 -18.80 15.59
CA ILE C 453 -5.00 -19.57 15.67
C ILE C 453 -5.45 -19.92 14.25
N CYS C 454 -5.59 -21.22 13.97
CA CYS C 454 -5.77 -21.79 12.63
C CYS C 454 -7.10 -22.52 12.40
N ASN C 455 -7.70 -22.27 11.24
CA ASN C 455 -8.67 -23.20 10.69
C ASN C 455 -7.98 -24.54 10.51
N LYS C 456 -8.51 -25.56 11.19
CA LYS C 456 -7.78 -26.83 11.24
C LYS C 456 -7.57 -27.40 9.84
N ALA C 457 -8.64 -27.40 9.02
CA ALA C 457 -8.54 -27.93 7.66
C ALA C 457 -7.44 -27.23 6.84
N GLU C 458 -7.38 -25.89 6.89
CA GLU C 458 -6.34 -25.15 6.17
C GLU C 458 -4.96 -25.39 6.75
N LEU C 459 -4.84 -25.44 8.08
CA LEU C 459 -3.56 -25.80 8.68
C LEU C 459 -3.05 -27.12 8.14
N GLU C 460 -3.93 -28.14 8.06
CA GLU C 460 -3.49 -29.45 7.59
C GLU C 460 -3.08 -29.40 6.11
N LYS C 461 -3.66 -28.47 5.35
CA LYS C 461 -3.26 -28.33 3.95
C LYS C 461 -1.79 -27.98 3.81
N THR C 462 -1.21 -27.25 4.80
CA THR C 462 0.16 -26.78 4.70
C THR C 462 1.18 -27.90 4.89
N LYS C 463 0.74 -29.12 5.23
CA LYS C 463 1.69 -30.22 5.41
C LYS C 463 2.49 -30.44 4.15
N ASP C 464 1.88 -30.21 2.99
CA ASP C 464 2.55 -30.43 1.72
C ASP C 464 3.66 -29.44 1.41
N TYR C 465 3.71 -28.30 2.12
CA TYR C 465 4.56 -27.21 1.64
C TYR C 465 6.01 -27.41 2.08
N PRO C 466 6.96 -27.14 1.20
CA PRO C 466 8.37 -27.11 1.61
C PRO C 466 8.58 -26.08 2.71
N MET C 467 9.47 -26.45 3.65
CA MET C 467 9.81 -25.54 4.72
C MET C 467 10.66 -24.38 4.18
N ARG C 468 10.35 -23.17 4.60
CA ARG C 468 11.18 -22.00 4.26
C ARG C 468 12.09 -21.59 5.42
N ASN C 469 11.86 -22.13 6.62
CA ASN C 469 12.63 -21.87 7.82
C ASN C 469 12.30 -23.00 8.81
N TYR C 470 12.86 -22.91 10.01
CA TYR C 470 12.74 -24.05 10.91
C TYR C 470 12.06 -23.63 12.19
N TYR C 471 12.66 -22.68 12.94
CA TYR C 471 12.09 -22.18 14.19
C TYR C 471 10.69 -21.64 14.00
N LEU C 472 10.42 -20.97 12.89
CA LEU C 472 9.14 -20.30 12.71
C LEU C 472 8.20 -21.05 11.77
N ASN C 473 8.42 -22.36 11.54
CA ASN C 473 7.58 -23.13 10.62
C ASN C 473 6.33 -23.65 11.33
N LEU C 474 5.13 -23.23 10.84
CA LEU C 474 3.88 -23.48 11.53
C LEU C 474 3.55 -24.96 11.65
N TYR C 475 3.52 -25.67 10.52
CA TYR C 475 3.11 -27.06 10.53
C TYR C 475 4.00 -27.93 11.41
N ASP C 476 5.32 -27.74 11.32
CA ASP C 476 6.21 -28.58 12.10
C ASP C 476 6.05 -28.33 13.60
N GLN C 477 5.81 -27.06 13.96
CA GLN C 477 5.57 -26.69 15.36
C GLN C 477 4.26 -27.27 15.85
N TYR C 478 3.23 -27.29 14.99
CA TYR C 478 1.94 -27.91 15.33
C TYR C 478 2.09 -29.41 15.49
N ALA C 479 2.70 -30.07 14.50
CA ALA C 479 2.67 -31.54 14.43
C ALA C 479 3.46 -32.16 15.58
N TYR C 480 4.57 -31.52 15.96
CA TYR C 480 5.41 -32.05 17.02
C TYR C 480 4.65 -32.10 18.33
N PHE C 481 3.93 -31.03 18.66
CA PHE C 481 3.11 -31.04 19.87
C PHE C 481 1.97 -32.04 19.74
N ALA C 482 1.38 -32.17 18.55
CA ALA C 482 0.32 -33.16 18.39
C ALA C 482 0.85 -34.58 18.63
N LYS C 483 2.08 -34.85 18.22
CA LYS C 483 2.62 -36.20 18.33
C LYS C 483 3.21 -36.52 19.69
N THR C 484 3.80 -35.52 20.37
CA THR C 484 4.67 -35.75 21.55
C THR C 484 4.12 -35.14 22.82
N HIS C 485 3.10 -34.28 22.73
CA HIS C 485 2.64 -33.48 23.85
C HIS C 485 3.77 -32.61 24.43
N GLN C 486 4.80 -32.33 23.64
CA GLN C 486 5.88 -31.40 23.99
C GLN C 486 6.04 -30.39 22.86
N THR C 487 6.53 -29.19 23.18
CA THR C 487 6.87 -28.26 22.10
C THR C 487 8.28 -28.59 21.60
N ARG C 488 8.53 -28.26 20.32
CA ARG C 488 9.80 -28.59 19.68
C ARG C 488 11.04 -28.15 20.49
N PHE C 489 11.05 -26.92 20.97
CA PHE C 489 12.23 -26.35 21.62
C PHE C 489 11.84 -25.89 23.00
N THR C 490 12.80 -25.40 23.77
CA THR C 490 12.47 -24.79 25.06
C THR C 490 11.56 -23.59 24.85
N PRO C 491 10.37 -23.56 25.46
CA PRO C 491 9.51 -22.36 25.44
C PRO C 491 9.81 -21.47 26.61
N PRO C 492 9.32 -20.20 26.59
CA PRO C 492 9.40 -19.30 27.76
C PRO C 492 8.39 -19.71 28.83
N VAL C 493 8.82 -20.69 29.62
CA VAL C 493 7.99 -21.34 30.62
C VAL C 493 7.23 -20.34 31.48
N GLN C 494 7.98 -19.49 32.16
CA GLN C 494 7.39 -18.56 33.10
C GLN C 494 6.45 -17.57 32.42
N THR C 495 6.75 -17.20 31.18
CA THR C 495 5.86 -16.32 30.43
C THR C 495 4.54 -17.01 30.16
N MET C 496 4.58 -18.33 30.02
CA MET C 496 3.37 -19.12 29.78
C MET C 496 2.55 -19.28 31.05
N TYR C 497 3.20 -19.36 32.22
CA TYR C 497 2.46 -19.27 33.46
C TYR C 497 1.70 -17.95 33.58
N ALA C 498 2.36 -16.84 33.24
CA ALA C 498 1.67 -15.55 33.19
C ALA C 498 0.58 -15.54 32.12
N LEU C 499 0.81 -16.15 30.96
CA LEU C 499 -0.25 -16.17 29.95
C LEU C 499 -1.49 -16.90 30.47
N ARG C 500 -1.29 -18.02 31.18
CA ARG C 500 -2.43 -18.70 31.78
C ARG C 500 -3.24 -17.79 32.69
N GLN C 501 -2.58 -17.01 33.56
CA GLN C 501 -3.30 -16.09 34.45
C GLN C 501 -4.00 -14.99 33.65
N ALA C 502 -3.34 -14.47 32.62
CA ALA C 502 -3.99 -13.48 31.78
C ALA C 502 -5.20 -14.06 31.07
N VAL C 503 -5.11 -15.34 30.64
CA VAL C 503 -6.26 -16.04 30.06
C VAL C 503 -7.38 -16.16 31.09
N LEU C 504 -7.03 -16.55 32.32
CA LEU C 504 -8.05 -16.67 33.37
C LEU C 504 -8.73 -15.33 33.61
N GLU C 505 -7.96 -14.25 33.57
CA GLU C 505 -8.56 -12.95 33.87
C GLU C 505 -9.34 -12.39 32.69
N THR C 506 -9.01 -12.80 31.45
CA THR C 506 -9.83 -12.48 30.29
C THR C 506 -11.16 -13.20 30.36
N LYS C 507 -11.11 -14.49 30.74
CA LYS C 507 -12.35 -15.22 30.96
C LYS C 507 -13.19 -14.55 32.05
N GLN C 508 -12.55 -14.02 33.09
CA GLN C 508 -13.27 -13.35 34.17
C GLN C 508 -13.91 -12.04 33.68
N GLU C 509 -13.14 -11.22 32.94
CA GLU C 509 -13.71 -9.96 32.47
C GLU C 509 -14.73 -10.19 31.36
N THR C 510 -14.42 -11.12 30.44
CA THR C 510 -14.97 -11.37 29.10
C THR C 510 -14.45 -10.38 28.07
N VAL C 511 -14.31 -10.85 26.84
CA VAL C 511 -13.85 -9.96 25.78
C VAL C 511 -14.85 -8.82 25.55
N GLN C 512 -16.15 -9.11 25.59
CA GLN C 512 -17.14 -8.03 25.41
C GLN C 512 -16.98 -6.91 26.45
N LYS C 513 -16.85 -7.26 27.73
CA LYS C 513 -16.68 -6.20 28.72
C LYS C 513 -15.33 -5.48 28.60
N ARG C 514 -14.28 -6.17 28.16
CA ARG C 514 -12.99 -5.52 27.95
C ARG C 514 -13.07 -4.49 26.84
N TYR C 515 -13.72 -4.85 25.73
CA TYR C 515 -13.99 -3.91 24.66
C TYR C 515 -14.70 -2.67 25.19
N GLU C 516 -15.69 -2.87 26.06
CA GLU C 516 -16.40 -1.75 26.63
C GLU C 516 -15.48 -0.89 27.47
N ARG C 517 -14.62 -1.51 28.27
CA ARG C 517 -13.69 -0.76 29.11
C ARG C 517 -12.74 0.08 28.24
N TYR C 518 -12.13 -0.56 27.26
CA TYR C 518 -11.24 0.13 26.35
C TYR C 518 -11.97 1.29 25.67
N THR C 519 -13.14 1.00 25.09
CA THR C 519 -13.92 2.02 24.41
C THR C 519 -14.29 3.16 25.37
N ALA C 520 -14.61 2.81 26.63
CA ALA C 520 -14.90 3.81 27.64
C ALA C 520 -13.75 4.79 27.82
N CYS C 521 -12.53 4.25 27.93
CA CYS C 521 -11.37 5.13 28.02
C CYS C 521 -11.21 5.95 26.75
N TRP C 522 -11.36 5.30 25.58
CA TRP C 522 -11.24 6.01 24.31
C TRP C 522 -12.24 7.16 24.21
N ASN C 523 -13.48 6.94 24.65
CA ASN C 523 -14.47 8.02 24.66
C ASN C 523 -13.99 9.20 25.47
N ILE C 524 -13.45 8.94 26.67
CA ILE C 524 -12.99 10.01 27.54
C ILE C 524 -11.89 10.81 26.83
N LEU C 525 -10.95 10.09 26.24
CA LEU C 525 -9.84 10.73 25.51
C LEU C 525 -10.33 11.55 24.34
N VAL C 526 -11.28 11.01 23.57
CA VAL C 526 -11.76 11.69 22.38
C VAL C 526 -12.46 12.98 22.77
N ALA C 527 -13.28 12.95 23.83
CA ALA C 527 -13.99 14.14 24.25
C ALA C 527 -13.03 15.24 24.71
N ALA C 528 -11.92 14.86 25.34
CA ALA C 528 -10.91 15.82 25.79
C ALA C 528 -10.09 16.35 24.61
N ILE C 529 -9.79 15.46 23.65
CA ILE C 529 -9.15 15.88 22.40
C ILE C 529 -9.95 17.00 21.75
N LYS C 530 -11.28 16.81 21.65
CA LYS C 530 -12.09 17.81 20.97
C LYS C 530 -12.14 19.11 21.77
N LYS C 531 -12.31 19.03 23.10
CA LYS C 531 -12.33 20.22 23.94
C LYS C 531 -11.08 21.07 23.76
N LEU C 532 -9.94 20.43 23.54
CA LEU C 532 -8.67 21.13 23.38
C LEU C 532 -8.46 21.64 21.97
N GLY C 533 -9.29 21.24 21.01
CA GLY C 533 -9.07 21.62 19.64
C GLY C 533 -8.06 20.79 18.93
N LEU C 534 -7.66 19.63 19.50
CA LEU C 534 -6.74 18.74 18.82
C LEU C 534 -7.47 17.98 17.73
N LYS C 535 -6.75 17.56 16.70
CA LYS C 535 -7.37 16.85 15.59
C LYS C 535 -6.86 15.41 15.50
N MET C 536 -7.78 14.51 15.24
CA MET C 536 -7.47 13.09 15.06
C MET C 536 -7.18 12.82 13.59
N LEU C 537 -6.18 11.98 13.35
CA LEU C 537 -5.76 11.71 11.99
C LEU C 537 -6.73 10.79 11.25
N VAL C 538 -7.33 9.86 11.98
CA VAL C 538 -8.29 8.89 11.45
C VAL C 538 -9.67 9.31 11.92
N LYS C 539 -10.64 9.22 11.01
CA LYS C 539 -12.03 9.51 11.37
C LYS C 539 -12.56 8.51 12.40
N GLU C 540 -13.32 9.04 13.37
CA GLU C 540 -13.82 8.22 14.47
C GLU C 540 -14.45 6.93 13.98
N GLU C 541 -15.24 6.99 12.90
CA GLU C 541 -15.95 5.79 12.47
C GLU C 541 -15.00 4.71 11.96
N HIS C 542 -13.77 5.04 11.58
CA HIS C 542 -12.83 4.06 11.08
C HIS C 542 -11.74 3.66 12.10
N GLN C 543 -11.86 4.11 13.35
CA GLN C 543 -10.91 3.82 14.42
C GLN C 543 -11.25 2.52 15.16
N SER C 544 -10.24 1.95 15.80
CA SER C 544 -10.34 0.71 16.56
C SER C 544 -10.85 0.92 17.99
N HIS C 545 -10.77 2.14 18.53
CA HIS C 545 -10.92 2.53 19.93
C HIS C 545 -9.76 2.09 20.84
N PHE C 546 -8.66 1.59 20.28
CA PHE C 546 -7.55 1.05 21.06
C PHE C 546 -6.31 1.94 21.08
N ILE C 547 -6.08 2.72 20.01
CA ILE C 547 -5.01 3.70 19.98
C ILE C 547 -5.47 4.89 19.13
N THR C 548 -5.19 6.11 19.59
CA THR C 548 -5.61 7.30 18.85
C THR C 548 -4.40 8.11 18.40
N ALA C 549 -4.25 8.25 17.08
CA ALA C 549 -3.22 9.07 16.49
C ALA C 549 -3.71 10.52 16.40
N ILE C 550 -2.98 11.42 17.03
CA ILE C 550 -3.37 12.82 17.20
C ILE C 550 -2.36 13.70 16.49
N LEU C 551 -2.86 14.66 15.71
CA LEU C 551 -1.96 15.56 15.00
C LEU C 551 -1.17 16.39 15.99
N GLU C 552 0.12 16.52 15.76
CA GLU C 552 0.89 17.33 16.68
C GLU C 552 0.51 18.78 16.46
N PRO C 553 0.50 19.60 17.53
CA PRO C 553 0.17 21.03 17.37
C PRO C 553 1.27 21.79 16.64
N GLU C 554 0.87 22.83 15.90
CA GLU C 554 1.81 23.53 15.05
C GLU C 554 2.76 24.43 15.84
N THR C 555 2.34 24.90 17.01
CA THR C 555 3.12 25.90 17.74
C THR C 555 4.54 25.38 17.98
N PRO C 556 5.56 26.22 17.79
CA PRO C 556 6.92 25.78 18.09
C PRO C 556 7.13 25.38 19.54
N LYS C 557 6.27 25.83 20.45
CA LYS C 557 6.41 25.49 21.86
C LYS C 557 6.13 24.02 22.13
N TYR C 558 5.46 23.32 21.21
CA TYR C 558 5.19 21.88 21.40
C TYR C 558 6.43 21.04 21.07
N SER C 559 6.63 19.96 21.84
CA SER C 559 7.50 18.87 21.38
C SER C 559 7.00 17.55 21.96
N PHE C 560 7.21 16.46 21.24
CA PHE C 560 6.86 15.18 21.82
C PHE C 560 7.64 14.95 23.11
N GLU C 561 8.93 15.31 23.11
CA GLU C 561 9.79 15.09 24.28
C GLU C 561 9.24 15.79 25.52
N ALA C 562 8.89 17.08 25.41
CA ALA C 562 8.35 17.79 26.56
C ALA C 562 7.07 17.14 27.08
N LEU C 563 6.12 16.84 26.17
CA LEU C 563 4.86 16.28 26.58
C LEU C 563 5.07 14.91 27.21
N HIS C 564 5.93 14.09 26.61
CA HIS C 564 6.23 12.75 27.12
C HIS C 564 6.87 12.81 28.50
N ASP C 565 7.84 13.70 28.67
CA ASP C 565 8.53 13.80 29.95
C ASP C 565 7.61 14.32 31.04
N PHE C 566 6.79 15.33 30.72
CA PHE C 566 5.79 15.78 31.70
C PHE C 566 4.80 14.68 32.07
N ALA C 567 4.24 13.97 31.07
CA ALA C 567 3.33 12.86 31.38
C ALA C 567 4.00 11.83 32.29
N ALA C 568 5.25 11.49 31.99
CA ALA C 568 5.91 10.40 32.71
C ALA C 568 6.08 10.73 34.18
N GLU C 569 6.32 12.01 34.48
CA GLU C 569 6.40 12.45 35.86
C GLU C 569 5.14 12.14 36.63
N HIS C 570 4.00 12.06 35.94
CA HIS C 570 2.74 11.67 36.56
C HIS C 570 2.36 10.24 36.23
N SER C 571 3.35 9.40 35.92
CA SER C 571 3.18 7.95 35.77
C SER C 571 2.32 7.58 34.57
N PHE C 572 2.34 8.40 33.52
CA PHE C 572 1.74 8.06 32.23
C PHE C 572 2.82 7.95 31.18
N THR C 573 2.81 6.86 30.39
CA THR C 573 3.75 6.65 29.28
C THR C 573 3.01 6.83 27.94
N ILE C 574 3.37 7.86 27.17
CA ILE C 574 2.74 8.08 25.86
C ILE C 574 3.68 7.61 24.76
N TYR C 575 3.18 7.56 23.54
CA TYR C 575 3.87 6.90 22.47
C TYR C 575 4.06 7.85 21.28
N PRO C 576 5.20 7.81 20.60
CA PRO C 576 5.41 8.73 19.48
C PRO C 576 4.66 8.26 18.24
N GLY C 577 4.38 9.21 17.34
CA GLY C 577 3.83 8.86 16.05
C GLY C 577 4.82 8.09 15.21
N LYS C 578 4.29 7.44 14.19
CA LYS C 578 5.03 6.45 13.41
C LYS C 578 5.16 6.84 11.94
N LEU C 579 4.59 7.96 11.51
CA LEU C 579 4.35 8.23 10.10
C LEU C 579 5.44 9.12 9.52
N GLY C 580 5.82 8.86 8.27
CA GLY C 580 6.93 9.59 7.67
C GLY C 580 6.66 11.06 7.39
N ASN C 581 5.42 11.40 7.02
CA ASN C 581 5.13 12.72 6.44
C ASN C 581 4.07 13.50 7.20
N ILE C 582 3.50 12.91 8.26
CA ILE C 582 2.53 13.60 9.12
C ILE C 582 3.03 13.48 10.55
N ASP C 583 3.12 14.60 11.26
CA ASP C 583 3.58 14.57 12.65
C ASP C 583 2.40 14.22 13.55
N THR C 584 2.51 13.11 14.29
CA THR C 584 1.48 12.68 15.22
C THR C 584 2.12 12.20 16.50
N PHE C 585 1.34 12.21 17.58
CA PHE C 585 1.63 11.39 18.75
C PHE C 585 0.45 10.43 18.95
N ARG C 586 0.69 9.33 19.69
CA ARG C 586 -0.32 8.30 19.88
C ARG C 586 -0.66 8.10 21.35
N ILE C 587 -1.95 7.96 21.65
CA ILE C 587 -2.45 7.62 22.98
C ILE C 587 -3.24 6.32 22.85
N ALA C 588 -2.70 5.24 23.41
CA ALA C 588 -3.35 3.94 23.49
C ALA C 588 -4.05 3.82 24.85
N ASN C 589 -5.06 2.93 24.90
CA ASN C 589 -5.74 2.61 26.14
C ASN C 589 -6.10 1.12 26.18
N ILE C 590 -5.09 0.25 26.25
CA ILE C 590 -5.36 -1.18 26.42
C ILE C 590 -4.71 -1.61 27.74
N GLY C 591 -4.65 -2.90 28.03
CA GLY C 591 -4.07 -3.27 29.32
C GLY C 591 -5.06 -2.98 30.43
N ASP C 592 -4.56 -2.99 31.65
CA ASP C 592 -5.40 -2.84 32.86
C ASP C 592 -5.84 -1.39 33.11
N ILE C 593 -5.68 -0.48 32.15
CA ILE C 593 -6.05 0.92 32.36
C ILE C 593 -7.53 1.00 32.70
N GLN C 594 -7.86 1.83 33.74
CA GLN C 594 -9.21 2.15 34.18
C GLN C 594 -9.65 3.51 33.66
N PRO C 595 -10.95 3.68 33.42
CA PRO C 595 -11.44 4.99 32.93
C PRO C 595 -11.03 6.19 33.79
N GLU C 596 -11.19 6.12 35.12
CA GLU C 596 -10.67 7.20 35.97
C GLU C 596 -9.21 7.51 35.65
N GLU C 597 -8.42 6.51 35.24
CA GLU C 597 -7.02 6.80 34.96
C GLU C 597 -6.84 7.52 33.63
N MET C 598 -7.64 7.17 32.61
CA MET C 598 -7.61 7.95 31.38
C MET C 598 -8.12 9.37 31.64
N ARG C 599 -9.15 9.54 32.45
CA ARG C 599 -9.57 10.90 32.81
C ARG C 599 -8.43 11.68 33.47
N ARG C 600 -7.70 11.05 34.38
CA ARG C 600 -6.57 11.76 34.99
C ARG C 600 -5.55 12.16 33.95
N PHE C 601 -5.30 11.29 32.98
CA PHE C 601 -4.37 11.66 31.92
C PHE C 601 -4.87 12.88 31.16
N THR C 602 -6.15 12.93 30.79
CA THR C 602 -6.60 14.08 30.00
C THR C 602 -6.49 15.37 30.79
N VAL C 603 -6.66 15.29 32.11
CA VAL C 603 -6.46 16.47 32.95
C VAL C 603 -5.04 16.98 32.80
N LYS C 604 -4.06 16.06 32.86
CA LYS C 604 -2.66 16.45 32.68
C LYS C 604 -2.39 16.87 31.23
N LEU C 605 -3.03 16.23 30.25
CA LEU C 605 -2.86 16.65 28.86
C LEU C 605 -3.35 18.09 28.63
N LYS C 606 -4.49 18.46 29.23
CA LYS C 606 -5.00 19.84 29.15
C LYS C 606 -4.05 20.80 29.85
N GLU C 607 -3.51 20.40 30.99
CA GLU C 607 -2.52 21.24 31.66
C GLU C 607 -1.33 21.55 30.75
N TYR C 608 -0.80 20.52 30.10
CA TYR C 608 0.35 20.71 29.20
C TYR C 608 -0.04 21.53 27.97
N MET C 609 -1.16 21.18 27.33
CA MET C 609 -1.55 21.83 26.10
C MET C 609 -1.89 23.30 26.35
N ASN C 610 -2.59 23.58 27.44
CA ASN C 610 -2.87 24.96 27.81
C ASN C 610 -1.58 25.71 28.12
N GLY C 611 -0.60 25.03 28.71
CA GLY C 611 0.67 25.67 29.04
C GLY C 611 1.41 26.20 27.83
N ILE C 612 1.23 25.59 26.67
CA ILE C 612 1.90 26.03 25.45
C ILE C 612 0.94 26.76 24.52
N GLY C 613 -0.24 27.15 25.01
CA GLY C 613 -1.14 28.00 24.26
C GLY C 613 -2.24 27.31 23.49
N VAL C 614 -2.33 25.97 23.58
CA VAL C 614 -3.31 25.16 22.86
C VAL C 614 -4.52 24.97 23.76
N GLY C 615 -5.72 25.07 23.20
CA GLY C 615 -6.93 24.90 23.98
C GLY C 615 -7.32 26.10 24.82
N VAL C 616 -7.13 27.31 24.29
CA VAL C 616 -7.46 28.56 24.99
C VAL C 616 -6.63 28.68 26.25
N MET D 1 -1.55 0.21 -37.22
CA MET D 1 -0.37 0.97 -37.63
C MET D 1 0.89 0.10 -37.64
N ILE D 2 1.82 0.45 -38.52
CA ILE D 2 3.09 -0.24 -38.69
C ILE D 2 4.16 0.66 -38.09
N LYS D 3 5.03 0.10 -37.26
CA LYS D 3 6.02 0.89 -36.55
C LYS D 3 7.42 0.84 -37.13
N GLN D 4 7.73 -0.15 -37.97
CA GLN D 4 9.11 -0.39 -38.37
C GLN D 4 9.16 -0.58 -39.87
N ALA D 5 10.29 -0.21 -40.46
CA ALA D 5 10.54 -0.43 -41.88
C ALA D 5 11.99 -0.84 -42.04
N VAL D 6 12.25 -1.53 -43.15
CA VAL D 6 13.59 -1.94 -43.57
C VAL D 6 13.82 -1.40 -44.97
N ILE D 7 14.93 -0.70 -45.17
CA ILE D 7 15.34 -0.36 -46.52
C ILE D 7 16.55 -1.21 -46.85
N LEU D 8 16.47 -1.97 -47.95
CA LEU D 8 17.61 -2.71 -48.47
C LEU D 8 18.41 -1.78 -49.36
N ALA D 9 19.65 -1.50 -48.95
CA ALA D 9 20.50 -0.55 -49.67
C ALA D 9 21.93 -1.05 -49.76
N GLY D 10 22.12 -2.38 -49.81
CA GLY D 10 23.46 -2.93 -49.95
C GLY D 10 24.03 -2.95 -51.35
N GLY D 11 23.22 -2.65 -52.38
CA GLY D 11 23.60 -2.91 -53.75
C GLY D 11 24.55 -1.89 -54.36
N LEU D 12 25.05 -2.23 -55.53
CA LEU D 12 26.09 -1.46 -56.20
C LEU D 12 25.59 -0.56 -57.32
N THR D 20 27.22 5.69 -60.10
CA THR D 20 27.23 4.97 -58.83
C THR D 20 28.63 4.45 -58.48
N LYS D 21 29.64 4.99 -59.18
CA LYS D 21 31.03 4.61 -58.94
C LYS D 21 31.40 4.77 -57.47
N THR D 22 31.08 5.93 -56.89
CA THR D 22 31.49 6.27 -55.53
C THR D 22 30.29 6.58 -54.64
N MET D 23 29.09 6.15 -55.06
CA MET D 23 27.85 6.57 -54.44
C MET D 23 26.76 5.51 -54.57
N PRO D 24 25.89 5.35 -53.58
CA PRO D 24 24.79 4.39 -53.73
C PRO D 24 23.63 4.98 -54.52
N LYS D 25 22.83 4.07 -55.08
CA LYS D 25 21.74 4.45 -55.97
C LYS D 25 20.69 5.30 -55.24
N GLY D 26 20.47 5.03 -53.95
CA GLY D 26 19.47 5.79 -53.22
C GLY D 26 19.76 7.27 -53.10
N PHE D 27 21.00 7.69 -53.35
CA PHE D 27 21.33 9.11 -53.19
C PHE D 27 21.35 9.84 -54.52
N LEU D 28 20.88 9.21 -55.58
CA LEU D 28 20.43 9.96 -56.73
C LEU D 28 19.46 11.04 -56.27
N GLU D 29 19.54 12.22 -56.87
CA GLU D 29 18.76 13.36 -56.42
C GLU D 29 17.75 13.76 -57.47
N ILE D 30 16.53 14.05 -57.02
CA ILE D 30 15.47 14.54 -57.89
C ILE D 30 14.68 15.56 -57.09
N GLY D 31 14.42 16.72 -57.70
CA GLY D 31 13.92 17.81 -56.89
C GLY D 31 14.91 18.29 -55.85
N GLY D 32 16.19 17.97 -56.02
CA GLY D 32 17.17 18.45 -55.08
C GLY D 32 17.24 17.72 -53.76
N THR D 33 16.76 16.47 -53.70
CA THR D 33 16.83 15.66 -52.48
C THR D 33 17.06 14.21 -52.88
N ALA D 34 18.01 13.56 -52.22
CA ALA D 34 18.24 12.13 -52.41
C ALA D 34 16.93 11.38 -52.31
N ILE D 35 16.72 10.44 -53.23
CA ILE D 35 15.41 9.79 -53.28
C ILE D 35 15.20 8.92 -52.06
N VAL D 36 16.28 8.37 -51.49
CA VAL D 36 16.10 7.52 -50.32
C VAL D 36 15.82 8.38 -49.08
N GLU D 37 16.22 9.66 -49.09
CA GLU D 37 15.83 10.55 -48.00
C GLU D 37 14.36 10.94 -48.10
N GLN D 38 13.89 11.22 -49.33
CA GLN D 38 12.45 11.39 -49.55
C GLN D 38 11.68 10.17 -49.06
N SER D 39 12.19 8.97 -49.31
CA SER D 39 11.51 7.79 -48.81
C SER D 39 11.51 7.78 -47.29
N VAL D 40 12.67 7.97 -46.67
CA VAL D 40 12.72 8.09 -45.21
C VAL D 40 11.71 9.11 -44.70
N GLN D 41 11.60 10.25 -45.37
CA GLN D 41 10.68 11.28 -44.88
C GLN D 41 9.24 10.81 -44.97
N LYS D 42 8.89 10.10 -46.05
CA LYS D 42 7.53 9.60 -46.21
C LYS D 42 7.22 8.53 -45.19
N LEU D 43 8.18 7.67 -44.88
CA LEU D 43 7.95 6.62 -43.89
C LEU D 43 7.72 7.24 -42.52
N LEU D 44 8.52 8.26 -42.18
CA LEU D 44 8.39 8.88 -40.88
C LEU D 44 7.05 9.61 -40.75
N ALA D 45 6.62 10.25 -41.83
CA ALA D 45 5.37 10.99 -41.83
C ALA D 45 4.15 10.07 -41.78
N HIS D 46 4.33 8.76 -42.00
CA HIS D 46 3.25 7.78 -41.82
C HIS D 46 3.36 7.04 -40.49
N GLY D 47 4.13 7.55 -39.54
CA GLY D 47 4.14 6.97 -38.21
C GLY D 47 5.18 5.87 -37.96
N ILE D 48 6.10 5.62 -38.89
CA ILE D 48 7.20 4.66 -38.68
C ILE D 48 8.18 5.26 -37.69
N GLU D 49 8.64 4.45 -36.72
CA GLU D 49 9.47 4.99 -35.63
C GLU D 49 10.89 4.46 -35.63
N LYS D 50 11.18 3.45 -36.45
CA LYS D 50 12.51 2.87 -36.57
C LYS D 50 12.67 2.45 -38.03
N ILE D 51 13.75 2.91 -38.66
CA ILE D 51 14.03 2.58 -40.05
C ILE D 51 15.37 1.87 -40.09
N VAL D 52 15.35 0.56 -40.33
CA VAL D 52 16.58 -0.23 -40.40
C VAL D 52 17.08 -0.20 -41.84
N ILE D 53 18.24 0.38 -42.07
CA ILE D 53 18.79 0.47 -43.41
C ILE D 53 19.95 -0.51 -43.52
N GLY D 54 19.77 -1.53 -44.36
CA GLY D 54 20.83 -2.48 -44.63
C GLY D 54 21.79 -1.88 -45.65
N THR D 55 23.00 -1.57 -45.22
CA THR D 55 23.98 -0.88 -46.05
C THR D 55 25.01 -1.85 -46.58
N GLY D 56 25.83 -1.35 -47.49
CA GLY D 56 26.86 -2.16 -48.12
C GLY D 56 27.80 -1.31 -48.93
N HIS D 57 27.56 -1.24 -50.23
CA HIS D 57 28.31 -0.36 -51.12
C HIS D 57 28.24 1.08 -50.63
N CYS D 58 29.40 1.69 -50.38
CA CYS D 58 29.52 3.11 -49.99
C CYS D 58 28.59 3.47 -48.82
N ASN D 59 28.56 2.59 -47.81
CA ASN D 59 27.63 2.74 -46.69
C ASN D 59 27.80 4.05 -45.93
N GLU D 60 28.91 4.76 -46.11
CA GLU D 60 29.11 6.01 -45.39
C GLU D 60 28.01 7.01 -45.71
N TYR D 61 27.53 7.03 -46.96
CA TYR D 61 26.41 7.90 -47.32
C TYR D 61 25.24 7.69 -46.37
N TYR D 62 24.94 6.41 -46.06
CA TYR D 62 23.80 6.06 -45.22
C TYR D 62 24.08 6.35 -43.75
N ASP D 63 25.31 6.11 -43.29
CA ASP D 63 25.69 6.50 -41.95
C ASP D 63 25.53 8.01 -41.75
N ASN D 64 25.92 8.80 -42.77
CA ASN D 64 25.73 10.25 -42.74
C ASN D 64 24.25 10.62 -42.72
N LEU D 65 23.43 9.87 -43.46
CA LEU D 65 22.01 10.15 -43.49
C LEU D 65 21.36 9.87 -42.14
N ALA D 66 21.83 8.83 -41.44
CA ALA D 66 21.30 8.55 -40.12
C ALA D 66 21.66 9.64 -39.12
N LYS D 67 22.70 10.43 -39.38
CA LYS D 67 23.01 11.58 -38.54
C LYS D 67 21.89 12.63 -38.60
N LYS D 68 21.11 12.65 -39.68
CA LYS D 68 19.99 13.58 -39.86
C LYS D 68 18.68 13.07 -39.27
N TYR D 69 18.46 11.76 -39.26
CA TYR D 69 17.17 11.17 -38.87
C TYR D 69 17.42 10.17 -37.75
N PRO D 70 17.14 10.55 -36.51
CA PRO D 70 17.36 9.63 -35.38
C PRO D 70 16.71 8.25 -35.54
N ALA D 71 15.64 8.15 -36.32
CA ALA D 71 14.90 6.91 -36.42
C ALA D 71 15.65 5.83 -37.18
N ILE D 72 16.69 6.22 -37.93
CA ILE D 72 17.47 5.32 -38.75
C ILE D 72 18.49 4.55 -37.91
N ILE D 73 18.58 3.23 -38.14
CA ILE D 73 19.72 2.44 -37.70
C ILE D 73 20.33 1.80 -38.94
N THR D 74 21.64 2.00 -39.14
CA THR D 74 22.35 1.39 -40.27
C THR D 74 23.05 0.13 -39.79
N VAL D 75 22.79 -0.98 -40.47
CA VAL D 75 23.54 -2.23 -40.27
C VAL D 75 24.14 -2.62 -41.61
N LYS D 76 25.43 -2.98 -41.60
CA LYS D 76 26.17 -3.22 -42.83
C LYS D 76 26.24 -4.71 -43.11
N ASN D 77 25.88 -5.07 -44.34
CA ASN D 77 26.21 -6.36 -44.95
C ASN D 77 27.66 -6.27 -45.40
N GLU D 78 28.58 -6.85 -44.61
CA GLU D 78 30.01 -6.71 -44.91
C GLU D 78 30.37 -7.43 -46.20
N ASN D 79 29.73 -8.58 -46.45
CA ASN D 79 29.90 -9.37 -47.66
C ASN D 79 28.89 -9.00 -48.75
N TYR D 80 28.51 -7.72 -48.84
CA TYR D 80 27.45 -7.32 -49.76
C TYR D 80 27.81 -7.58 -51.22
N ALA D 81 29.11 -7.60 -51.55
CA ALA D 81 29.51 -7.82 -52.93
C ALA D 81 29.28 -9.26 -53.36
N ASN D 82 29.17 -10.17 -52.40
CA ASN D 82 29.03 -11.60 -52.67
C ASN D 82 27.67 -12.16 -52.28
N THR D 83 26.72 -11.31 -51.88
CA THR D 83 25.35 -11.76 -51.69
C THR D 83 24.42 -10.89 -52.51
N GLY D 84 23.16 -11.28 -52.51
CA GLY D 84 22.08 -10.52 -53.10
C GLY D 84 21.31 -9.77 -52.03
N SER D 85 20.12 -9.29 -52.41
CA SER D 85 19.32 -8.49 -51.50
C SER D 85 18.86 -9.31 -50.29
N MET D 86 18.66 -10.62 -50.44
CA MET D 86 18.22 -11.39 -49.28
C MET D 86 19.28 -11.40 -48.18
N GLY D 87 20.55 -11.54 -48.56
CA GLY D 87 21.61 -11.53 -47.57
C GLY D 87 21.64 -10.25 -46.77
N THR D 88 21.39 -9.12 -47.43
CA THR D 88 21.25 -7.85 -46.72
C THR D 88 20.04 -7.85 -45.79
N LEU D 89 18.90 -8.37 -46.26
CA LEU D 89 17.74 -8.53 -45.39
C LEU D 89 18.06 -9.41 -44.19
N GLU D 90 18.86 -10.45 -44.40
CA GLU D 90 19.20 -11.34 -43.29
C GLU D 90 19.92 -10.58 -42.17
N VAL D 91 20.83 -9.67 -42.51
CA VAL D 91 21.55 -8.98 -41.44
C VAL D 91 20.71 -7.89 -40.79
N CYS D 92 19.64 -7.43 -41.45
CA CYS D 92 18.70 -6.48 -40.85
C CYS D 92 17.76 -7.14 -39.85
N ALA D 93 17.52 -8.45 -40.00
CA ALA D 93 16.34 -9.10 -39.43
C ALA D 93 16.32 -9.03 -37.90
N SER D 94 17.49 -9.16 -37.26
CA SER D 94 17.56 -9.08 -35.80
C SER D 94 17.07 -7.74 -35.27
N PHE D 95 17.10 -6.69 -36.10
CA PHE D 95 16.65 -5.36 -35.68
C PHE D 95 15.16 -5.15 -35.89
N VAL D 96 14.48 -6.07 -36.55
CA VAL D 96 13.03 -6.02 -36.76
C VAL D 96 12.40 -6.95 -35.75
N ASN D 97 11.39 -6.45 -35.04
CA ASN D 97 10.72 -7.28 -34.06
C ASN D 97 9.21 -7.33 -34.20
N GLU D 98 8.59 -6.53 -35.07
CA GLU D 98 7.20 -6.82 -35.43
C GLU D 98 6.98 -6.53 -36.91
N SER D 99 5.72 -6.42 -37.28
CA SER D 99 5.35 -6.20 -38.68
C SER D 99 6.04 -4.94 -39.19
N PHE D 100 6.30 -4.91 -40.50
CA PHE D 100 7.14 -3.85 -41.03
C PHE D 100 6.90 -3.71 -42.52
N LEU D 101 7.26 -2.53 -43.04
CA LEU D 101 7.37 -2.30 -44.47
C LEU D 101 8.80 -2.58 -44.92
N LEU D 102 8.93 -3.20 -46.08
CA LEU D 102 10.22 -3.57 -46.66
C LEU D 102 10.36 -2.91 -48.02
N LEU D 103 11.30 -1.98 -48.14
CA LEU D 103 11.40 -1.16 -49.34
C LEU D 103 12.77 -1.29 -49.98
N GLU D 104 12.80 -1.26 -51.31
CA GLU D 104 14.03 -1.10 -52.08
C GLU D 104 14.44 0.36 -52.06
N SER D 105 15.74 0.59 -52.13
CA SER D 105 16.26 1.94 -51.92
C SER D 105 16.27 2.78 -53.18
N ASP D 106 16.04 2.18 -54.36
CA ASP D 106 16.06 2.90 -55.62
C ASP D 106 14.66 3.30 -56.10
N LEU D 107 13.73 3.54 -55.18
CA LEU D 107 12.37 3.88 -55.55
C LEU D 107 12.07 5.35 -55.36
N ILE D 108 11.15 5.84 -56.18
CA ILE D 108 10.32 6.99 -55.84
C ILE D 108 8.87 6.55 -55.97
N TYR D 109 8.02 7.08 -55.10
CA TYR D 109 6.65 6.57 -55.08
C TYR D 109 5.71 7.57 -54.46
N ASP D 110 4.46 7.53 -54.91
CA ASP D 110 3.35 8.16 -54.22
C ASP D 110 3.22 7.58 -52.82
N SER D 111 3.13 8.46 -51.80
CA SER D 111 3.11 7.97 -50.42
C SER D 111 1.83 7.22 -50.10
N ALA D 112 0.75 7.45 -50.86
CA ALA D 112 -0.49 6.70 -50.67
C ALA D 112 -0.23 5.20 -50.67
N GLY D 113 0.84 4.75 -51.33
CA GLY D 113 1.20 3.35 -51.27
C GLY D 113 1.49 2.89 -49.85
N LEU D 114 2.28 3.67 -49.11
CA LEU D 114 2.53 3.41 -47.69
C LEU D 114 1.22 3.36 -46.92
N PHE D 115 0.40 4.42 -47.04
CA PHE D 115 -0.90 4.44 -46.37
C PHE D 115 -1.75 3.21 -46.74
N SER D 116 -1.73 2.82 -48.01
CA SER D 116 -2.62 1.76 -48.47
C SER D 116 -2.20 0.40 -47.91
N LEU D 117 -0.90 0.08 -47.93
CA LEU D 117 -0.45 -1.15 -47.30
C LEU D 117 -0.75 -1.15 -45.80
N ILE D 118 -0.57 0.00 -45.15
CA ILE D 118 -0.75 0.08 -43.71
C ILE D 118 -2.20 -0.19 -43.36
N ASN D 119 -3.11 0.29 -44.19
CA ASN D 119 -4.51 0.20 -43.87
C ASN D 119 -5.18 -1.02 -44.47
N ASP D 120 -4.44 -1.90 -45.13
CA ASP D 120 -5.02 -3.15 -45.63
C ASP D 120 -5.06 -4.18 -44.51
N GLU D 121 -6.20 -4.86 -44.37
CA GLU D 121 -6.31 -5.79 -43.27
C GLU D 121 -5.45 -7.02 -43.48
N ARG D 122 -5.02 -7.29 -44.72
CA ARG D 122 -4.15 -8.44 -45.00
C ARG D 122 -2.73 -8.19 -44.51
N LYS D 123 -2.15 -9.21 -43.87
CA LYS D 123 -0.99 -9.04 -43.00
C LYS D 123 0.32 -9.16 -43.73
N ASN D 124 0.37 -9.98 -44.78
CA ASN D 124 1.52 -10.10 -45.67
C ASN D 124 1.05 -9.68 -47.06
N LEU D 125 1.65 -8.59 -47.59
CA LEU D 125 1.01 -7.84 -48.68
C LEU D 125 2.05 -7.16 -49.57
N ILE D 126 2.11 -7.58 -50.83
CA ILE D 126 3.01 -7.00 -51.82
C ILE D 126 2.26 -5.91 -52.56
N LEU D 127 2.82 -4.71 -52.58
CA LEU D 127 2.25 -3.64 -53.41
C LEU D 127 2.65 -3.87 -54.87
N ALA D 128 1.67 -3.82 -55.76
CA ALA D 128 1.88 -4.05 -57.18
C ALA D 128 1.27 -2.92 -57.99
N SER D 129 1.79 -2.70 -59.20
CA SER D 129 1.17 -1.76 -60.12
C SER D 129 0.78 -2.45 -61.43
N GLY D 130 0.04 -1.71 -62.26
CA GLY D 130 -0.21 -2.14 -63.61
C GLY D 130 1.04 -1.91 -64.45
N ALA D 131 0.90 -2.10 -65.77
CA ALA D 131 2.05 -2.10 -66.65
C ALA D 131 2.78 -0.76 -66.58
N THR D 132 4.09 -0.81 -66.37
CA THR D 132 4.87 0.41 -66.35
C THR D 132 5.64 0.65 -67.64
N LYS D 133 5.82 -0.38 -68.48
CA LYS D 133 6.59 -0.27 -69.71
C LYS D 133 7.92 0.45 -69.44
N SER D 134 8.67 -0.11 -68.49
CA SER D 134 9.85 0.53 -67.96
C SER D 134 11.12 -0.28 -68.11
N GLY D 135 11.02 -1.57 -68.39
CA GLY D 135 12.15 -2.48 -68.34
C GLY D 135 12.39 -3.04 -66.95
N ASP D 136 13.04 -4.21 -66.92
CA ASP D 136 13.48 -4.83 -65.68
C ASP D 136 12.32 -5.11 -64.72
N GLU D 137 11.13 -5.32 -65.30
CA GLU D 137 9.93 -5.57 -64.51
C GLU D 137 9.98 -6.95 -63.86
N VAL D 138 9.67 -6.99 -62.57
CA VAL D 138 9.44 -8.23 -61.85
C VAL D 138 7.94 -8.48 -61.88
N TYR D 139 7.51 -9.46 -62.69
CA TYR D 139 6.09 -9.75 -62.85
C TYR D 139 5.61 -10.75 -61.79
N LEU D 140 4.35 -10.60 -61.41
CA LEU D 140 3.77 -11.38 -60.33
C LEU D 140 2.69 -12.29 -60.89
N GLU D 141 2.71 -13.54 -60.41
CA GLU D 141 1.72 -14.55 -60.73
C GLU D 141 0.87 -14.77 -59.48
N ALA D 142 -0.46 -14.76 -59.65
CA ALA D 142 -1.38 -14.85 -58.52
C ALA D 142 -2.35 -16.02 -58.71
N ASP D 143 -2.86 -16.53 -57.58
CA ASP D 143 -3.95 -17.52 -57.57
C ASP D 143 -5.28 -16.77 -57.53
N GLU D 144 -6.38 -17.50 -57.31
CA GLU D 144 -7.71 -16.89 -57.32
C GLU D 144 -8.00 -16.06 -56.07
N LYS D 145 -7.19 -16.17 -55.01
CA LYS D 145 -7.32 -15.29 -53.85
C LYS D 145 -6.29 -14.16 -53.88
N ASN D 146 -5.76 -13.85 -55.07
CA ASN D 146 -4.80 -12.77 -55.30
C ASN D 146 -3.53 -12.94 -54.46
N CYS D 147 -3.11 -14.18 -54.25
CA CYS D 147 -1.93 -14.47 -53.44
C CYS D 147 -0.80 -14.99 -54.34
N LEU D 148 0.43 -14.64 -53.97
CA LEU D 148 1.59 -14.93 -54.79
C LEU D 148 1.80 -16.42 -55.04
N THR D 149 1.94 -16.80 -56.31
CA THR D 149 2.33 -18.17 -56.67
C THR D 149 3.54 -18.23 -57.59
N GLY D 150 3.98 -17.10 -58.14
CA GLY D 150 5.24 -17.07 -58.84
C GLY D 150 5.66 -15.65 -59.15
N LEU D 151 6.93 -15.51 -59.52
CA LEU D 151 7.43 -14.22 -59.96
C LEU D 151 8.68 -14.41 -60.78
N SER D 152 8.90 -13.49 -61.71
CA SER D 152 10.01 -13.63 -62.65
C SER D 152 10.08 -12.35 -63.46
N LYS D 153 11.29 -11.98 -63.87
CA LYS D 153 11.44 -10.94 -64.87
C LYS D 153 11.08 -11.45 -66.27
N ASN D 154 10.97 -12.77 -66.46
CA ASN D 154 10.58 -13.36 -67.74
C ASN D 154 9.06 -13.53 -67.74
N ARG D 155 8.37 -12.62 -68.42
CA ARG D 155 6.91 -12.66 -68.45
C ARG D 155 6.39 -14.01 -68.95
N ASP D 156 7.16 -14.70 -69.79
CA ASP D 156 6.72 -15.98 -70.32
C ASP D 156 6.83 -17.12 -69.32
N ALA D 157 7.54 -16.93 -68.21
CA ALA D 157 7.76 -17.98 -67.25
C ALA D 157 6.61 -18.16 -66.27
N LEU D 158 5.53 -17.39 -66.41
CA LEU D 158 4.44 -17.37 -65.44
C LEU D 158 3.14 -17.82 -66.09
N LYS D 159 2.29 -18.46 -65.28
CA LYS D 159 1.01 -18.93 -65.79
C LYS D 159 0.05 -17.78 -65.98
N ASN D 160 0.20 -16.71 -65.21
CA ASN D 160 -0.54 -15.49 -65.43
C ASN D 160 0.29 -14.32 -64.93
N ILE D 161 -0.08 -13.14 -65.39
CA ILE D 161 0.56 -11.89 -64.99
C ILE D 161 -0.48 -11.13 -64.18
N PHE D 162 -0.24 -10.98 -62.87
CA PHE D 162 -1.19 -10.24 -62.06
C PHE D 162 -0.80 -8.77 -61.90
N GLY D 163 0.48 -8.47 -61.73
CA GLY D 163 0.90 -7.09 -61.65
C GLY D 163 2.40 -7.01 -61.66
N GLU D 164 2.93 -5.80 -61.45
CA GLU D 164 4.37 -5.62 -61.31
C GLU D 164 4.71 -5.35 -59.85
N LEU D 165 5.72 -6.06 -59.33
CA LEU D 165 6.25 -5.77 -57.99
C LEU D 165 6.80 -4.35 -57.90
N VAL D 166 6.29 -3.56 -56.94
CA VAL D 166 6.75 -2.19 -56.81
C VAL D 166 8.06 -2.11 -56.02
N GLY D 167 8.25 -3.02 -55.06
CA GLY D 167 9.38 -2.95 -54.16
C GLY D 167 9.05 -2.41 -52.78
N ILE D 168 7.78 -2.38 -52.40
CA ILE D 168 7.31 -1.97 -51.07
C ILE D 168 6.35 -3.05 -50.61
N THR D 169 6.64 -3.69 -49.50
CA THR D 169 5.90 -4.87 -49.11
C THR D 169 5.71 -4.86 -47.60
N LYS D 170 4.52 -5.22 -47.13
CA LYS D 170 4.26 -5.33 -45.69
C LYS D 170 4.39 -6.79 -45.26
N LEU D 171 5.18 -7.06 -44.24
CA LEU D 171 5.30 -8.43 -43.73
C LEU D 171 5.33 -8.45 -42.21
N THR D 172 5.00 -9.60 -41.66
CA THR D 172 5.15 -9.86 -40.24
C THR D 172 6.56 -10.39 -39.92
N LYS D 173 6.90 -10.35 -38.63
CA LYS D 173 8.17 -10.91 -38.19
C LYS D 173 8.25 -12.40 -38.47
N SER D 174 7.13 -13.11 -38.34
CA SER D 174 7.16 -14.55 -38.52
C SER D 174 7.37 -14.92 -39.99
N THR D 175 6.94 -14.05 -40.92
CA THR D 175 7.24 -14.27 -42.34
C THR D 175 8.72 -14.02 -42.63
N LEU D 176 9.24 -12.91 -42.12
CA LEU D 176 10.68 -12.64 -42.21
C LEU D 176 11.48 -13.80 -41.64
N ASP D 177 10.97 -14.42 -40.57
CA ASP D 177 11.62 -15.59 -39.96
C ASP D 177 11.75 -16.74 -40.96
N LYS D 178 10.64 -17.07 -41.64
CA LYS D 178 10.69 -18.10 -42.68
C LYS D 178 11.64 -17.70 -43.79
N MET D 179 11.57 -16.45 -44.23
CA MET D 179 12.44 -15.99 -45.31
C MET D 179 13.90 -16.16 -44.95
N CYS D 180 14.27 -15.82 -43.71
CA CYS D 180 15.66 -15.89 -43.31
C CYS D 180 16.11 -17.33 -43.10
N ALA D 181 15.24 -18.17 -42.52
CA ALA D 181 15.56 -19.59 -42.36
C ALA D 181 15.81 -20.25 -43.71
N TYR D 182 14.95 -19.99 -44.69
CA TYR D 182 15.17 -20.51 -46.02
C TYR D 182 16.48 -20.00 -46.60
N ALA D 183 16.79 -18.71 -46.40
CA ALA D 183 18.00 -18.16 -46.98
C ALA D 183 19.26 -18.76 -46.37
N LYS D 184 19.23 -19.03 -45.07
CA LYS D 184 20.43 -19.51 -44.39
C LYS D 184 20.71 -20.96 -44.75
N ILE D 185 19.66 -21.76 -44.90
CA ILE D 185 19.79 -23.14 -45.37
C ILE D 185 20.45 -23.16 -46.74
N HIS D 186 20.22 -22.14 -47.56
CA HIS D 186 20.77 -22.07 -48.91
C HIS D 186 21.91 -21.05 -49.03
N HIS D 187 22.65 -20.81 -47.93
CA HIS D 187 23.86 -19.99 -48.04
C HIS D 187 24.86 -20.61 -49.00
N SER D 188 25.04 -21.94 -48.92
CA SER D 188 26.01 -22.65 -49.75
C SER D 188 25.65 -22.56 -51.22
N ASP D 189 24.43 -22.99 -51.58
CA ASP D 189 24.11 -23.14 -52.98
C ASP D 189 23.40 -21.93 -53.59
N LEU D 190 22.84 -21.03 -52.78
CA LEU D 190 22.24 -19.80 -53.30
C LEU D 190 22.72 -18.60 -52.46
N PRO D 191 24.01 -18.26 -52.54
CA PRO D 191 24.51 -17.10 -51.79
C PRO D 191 24.14 -15.74 -52.38
N LYS D 192 23.69 -15.68 -53.64
CA LYS D 192 23.23 -14.44 -54.24
C LYS D 192 21.71 -14.32 -54.29
N MET D 193 21.01 -15.06 -53.45
CA MET D 193 19.55 -15.07 -53.49
C MET D 193 18.96 -13.66 -53.30
N GLU D 194 17.94 -13.34 -54.09
CA GLU D 194 17.23 -12.08 -53.95
C GLU D 194 16.05 -12.24 -53.01
N TYR D 195 15.74 -11.18 -52.26
CA TYR D 195 14.66 -11.28 -51.28
C TYR D 195 13.35 -11.70 -51.94
N GLU D 196 13.16 -11.36 -53.22
CA GLU D 196 11.99 -11.84 -53.97
C GLU D 196 11.90 -13.35 -53.91
N HIS D 197 13.02 -14.04 -54.13
CA HIS D 197 13.02 -15.49 -54.16
C HIS D 197 12.54 -16.07 -52.82
N ALA D 198 13.12 -15.60 -51.71
CA ALA D 198 12.70 -16.10 -50.40
C ALA D 198 11.26 -15.74 -50.07
N LEU D 199 10.78 -14.59 -50.57
CA LEU D 199 9.39 -14.23 -50.36
C LEU D 199 8.46 -15.22 -51.07
N LEU D 200 8.75 -15.51 -52.34
CA LEU D 200 8.04 -16.56 -53.06
C LEU D 200 8.04 -17.87 -52.29
N GLU D 201 9.20 -18.24 -51.75
CA GLU D 201 9.31 -19.47 -50.97
C GLU D 201 8.42 -19.43 -49.74
N ALA D 202 8.46 -18.32 -48.99
CA ALA D 202 7.59 -18.21 -47.82
C ALA D 202 6.13 -18.30 -48.24
N ALA D 203 5.78 -17.77 -49.42
CA ALA D 203 4.42 -17.71 -49.89
C ALA D 203 3.83 -19.09 -50.19
N LYS D 204 4.66 -20.13 -50.21
CA LYS D 204 4.12 -21.47 -50.41
C LYS D 204 3.40 -21.97 -49.17
N THR D 205 3.80 -21.51 -47.98
CA THR D 205 3.17 -21.91 -46.73
C THR D 205 2.52 -20.76 -45.96
N ILE D 206 2.80 -19.52 -46.29
CA ILE D 206 2.14 -18.37 -45.70
C ILE D 206 1.46 -17.61 -46.84
N PRO D 207 0.15 -17.39 -46.79
CA PRO D 207 -0.49 -16.64 -47.88
C PRO D 207 0.09 -15.24 -47.94
N VAL D 208 0.69 -14.92 -49.08
CA VAL D 208 1.30 -13.61 -49.31
C VAL D 208 0.48 -12.94 -50.39
N ALA D 209 -0.30 -11.93 -49.99
CA ALA D 209 -1.25 -11.32 -50.88
C ALA D 209 -0.58 -10.26 -51.75
N ILE D 210 -1.24 -9.96 -52.86
CA ILE D 210 -0.82 -8.88 -53.76
C ILE D 210 -1.92 -7.84 -53.82
N LYS D 211 -1.58 -6.59 -53.51
CA LYS D 211 -2.48 -5.46 -53.67
C LYS D 211 -2.07 -4.77 -54.96
N ARG D 212 -2.89 -4.96 -55.98
CA ARG D 212 -2.64 -4.39 -57.29
C ARG D 212 -3.32 -3.03 -57.39
N ILE D 213 -2.51 -1.99 -57.53
CA ILE D 213 -2.99 -0.62 -57.75
C ILE D 213 -2.65 -0.29 -59.19
N GLU D 214 -3.63 -0.44 -60.10
CA GLU D 214 -3.32 -0.37 -61.54
C GLU D 214 -2.58 0.90 -61.90
N TYR D 215 -3.04 2.03 -61.40
CA TYR D 215 -2.50 3.33 -61.75
C TYR D 215 -1.45 3.85 -60.77
N PHE D 216 -0.96 3.02 -59.85
CA PHE D 216 0.05 3.49 -58.90
C PHE D 216 1.21 4.20 -59.60
N VAL D 217 1.53 5.41 -59.15
CA VAL D 217 2.62 6.20 -59.71
C VAL D 217 3.91 5.90 -58.93
N TRP D 218 4.91 5.33 -59.61
CA TRP D 218 6.16 4.95 -58.95
C TRP D 218 7.21 4.70 -60.01
N ARG D 219 8.46 4.58 -59.56
CA ARG D 219 9.58 4.26 -60.43
C ARG D 219 10.81 3.82 -59.65
N GLU D 220 11.38 2.67 -60.03
CA GLU D 220 12.73 2.32 -59.58
C GLU D 220 13.73 2.83 -60.60
N ILE D 221 14.93 3.13 -60.14
CA ILE D 221 15.98 3.72 -60.98
C ILE D 221 17.16 2.76 -60.94
N ASP D 222 17.22 1.86 -61.93
CA ASP D 222 18.39 1.01 -62.15
C ASP D 222 19.37 1.61 -63.15
N ASN D 223 18.92 2.55 -63.98
CA ASN D 223 19.65 2.95 -65.17
C ASN D 223 19.14 4.32 -65.60
N GLU D 224 19.65 4.80 -66.74
CA GLU D 224 19.31 6.16 -67.17
C GLU D 224 17.94 6.24 -67.80
N ASP D 225 17.46 5.15 -68.40
CA ASP D 225 16.09 5.13 -68.91
C ASP D 225 15.11 5.33 -67.77
N HIS D 226 15.24 4.51 -66.71
CA HIS D 226 14.47 4.70 -65.49
C HIS D 226 14.61 6.12 -64.98
N LEU D 227 15.85 6.62 -64.91
CA LEU D 227 16.08 7.97 -64.38
C LEU D 227 15.33 9.01 -65.19
N GLU D 228 15.18 8.77 -66.49
CA GLU D 228 14.53 9.73 -67.36
C GLU D 228 13.01 9.73 -67.13
N MET D 229 12.39 8.54 -67.21
CA MET D 229 11.00 8.38 -66.80
C MET D 229 10.75 9.03 -65.43
N ALA D 230 11.69 8.85 -64.50
CA ALA D 230 11.51 9.39 -63.15
C ALA D 230 11.47 10.91 -63.15
N VAL D 231 12.46 11.55 -63.79
CA VAL D 231 12.55 13.00 -63.69
C VAL D 231 11.50 13.68 -64.56
N LYS D 232 11.33 13.21 -65.79
CA LYS D 232 10.43 13.85 -66.74
C LYS D 232 8.96 13.62 -66.41
N ASN D 233 8.62 12.43 -65.90
CA ASN D 233 7.23 12.01 -65.89
C ASN D 233 6.78 11.63 -64.48
N ILE D 234 7.46 10.67 -63.84
CA ILE D 234 6.92 10.06 -62.62
C ILE D 234 7.01 11.04 -61.45
N TYR D 235 8.18 11.67 -61.25
CA TYR D 235 8.35 12.56 -60.10
C TYR D 235 7.34 13.72 -60.10
N PRO D 236 7.17 14.48 -61.18
CA PRO D 236 6.17 15.55 -61.11
C PRO D 236 4.76 15.05 -60.87
N HIS D 237 4.40 13.86 -61.38
CA HIS D 237 3.10 13.27 -61.08
C HIS D 237 2.96 12.98 -59.58
N ILE D 238 3.98 12.36 -58.98
CA ILE D 238 3.94 12.09 -57.54
C ILE D 238 3.76 13.40 -56.78
N VAL D 239 4.45 14.46 -57.20
CA VAL D 239 4.38 15.74 -56.50
C VAL D 239 2.95 16.25 -56.51
N GLU D 240 2.28 16.18 -57.66
CA GLU D 240 0.87 16.55 -57.73
C GLU D 240 0.01 15.68 -56.84
N ASN D 241 0.22 14.36 -56.88
CA ASN D 241 -0.60 13.45 -56.08
C ASN D 241 -0.47 13.77 -54.57
N GLU D 242 0.75 14.04 -54.12
CA GLU D 242 0.96 14.28 -52.69
C GLU D 242 0.46 15.67 -52.27
N LYS D 243 0.49 16.65 -53.17
CA LYS D 243 -0.05 17.96 -52.82
C LYS D 243 -1.57 17.99 -52.84
N LEU D 244 -2.22 17.02 -53.49
CA LEU D 244 -3.67 16.92 -53.40
C LEU D 244 -4.15 16.75 -51.97
N ARG D 245 -3.31 16.19 -51.09
CA ARG D 245 -3.67 15.97 -49.70
C ARG D 245 -3.15 17.05 -48.76
N ALA D 246 -2.53 18.11 -49.28
CA ALA D 246 -2.05 19.18 -48.42
C ALA D 246 -3.23 19.92 -47.79
N VAL D 247 -3.12 20.18 -46.49
CA VAL D 247 -4.10 20.91 -45.73
C VAL D 247 -3.76 22.38 -45.81
N ARG D 248 -4.79 23.22 -45.89
CA ARG D 248 -4.61 24.66 -45.80
C ARG D 248 -3.74 25.02 -44.61
N ARG D 249 -2.67 25.76 -44.87
CA ARG D 249 -1.73 26.17 -43.83
C ARG D 249 -2.09 27.57 -43.34
N GLU D 250 -2.61 27.64 -42.12
CA GLU D 250 -2.71 28.88 -41.39
C GLU D 250 -1.54 29.00 -40.43
N VAL D 251 -1.00 30.21 -40.33
CA VAL D 251 0.19 30.46 -39.53
C VAL D 251 -0.30 31.07 -38.22
N LEU D 252 -0.32 30.26 -37.18
CA LEU D 252 -0.89 30.66 -35.90
C LEU D 252 0.19 31.37 -35.09
N LEU D 253 -0.09 32.63 -34.70
CA LEU D 253 0.80 33.45 -33.87
C LEU D 253 0.25 33.60 -32.45
N ASN D 254 -0.47 32.60 -31.99
CA ASN D 254 -1.06 32.45 -30.68
C ASN D 254 -0.43 31.23 -30.02
N PRO D 255 -0.34 31.19 -28.70
CA PRO D 255 0.61 30.28 -28.07
C PRO D 255 0.13 28.84 -27.99
N GLY D 256 -0.67 28.38 -28.94
CA GLY D 256 -1.07 26.98 -28.92
C GLY D 256 -2.52 26.76 -28.54
N PRO D 257 -3.25 25.93 -29.30
CA PRO D 257 -2.91 25.21 -30.54
C PRO D 257 -2.21 26.12 -31.52
N ALA D 258 -1.17 25.64 -32.18
CA ALA D 258 -0.46 26.46 -33.15
C ALA D 258 -0.48 25.73 -34.48
N THR D 259 0.30 26.22 -35.44
CA THR D 259 0.38 25.50 -36.70
C THR D 259 1.02 24.13 -36.54
N THR D 260 0.46 23.13 -37.20
CA THR D 260 0.97 21.77 -37.11
C THR D 260 1.44 21.30 -38.48
N THR D 261 2.32 20.30 -38.48
CA THR D 261 2.59 19.53 -39.68
C THR D 261 1.33 18.76 -40.10
N ASP D 262 1.18 18.58 -41.41
CA ASP D 262 0.08 17.73 -41.86
C ASP D 262 0.31 16.26 -41.49
N SER D 263 1.55 15.83 -41.27
CA SER D 263 1.74 14.48 -40.75
C SER D 263 1.08 14.34 -39.37
N VAL D 264 1.28 15.33 -38.48
CA VAL D 264 0.56 15.27 -37.23
C VAL D 264 -0.95 15.28 -37.49
N LYS D 265 -1.42 16.11 -38.43
CA LYS D 265 -2.86 16.09 -38.71
C LYS D 265 -3.32 14.69 -39.18
N TYR D 266 -2.63 14.10 -40.14
CA TYR D 266 -3.12 12.82 -40.64
C TYR D 266 -2.92 11.70 -39.62
N ALA D 267 -2.02 11.88 -38.65
CA ALA D 267 -1.84 10.87 -37.61
C ALA D 267 -3.11 10.57 -36.84
N GLN D 268 -4.09 11.48 -36.88
CA GLN D 268 -5.37 11.28 -36.22
C GLN D 268 -6.24 10.25 -36.95
N VAL D 269 -5.96 10.00 -38.22
CA VAL D 269 -6.79 9.08 -39.00
C VAL D 269 -6.14 7.70 -38.90
N SER D 270 -6.85 6.77 -38.26
CA SER D 270 -6.32 5.42 -38.11
C SER D 270 -7.49 4.47 -37.91
N ALA D 271 -7.20 3.16 -37.90
CA ALA D 271 -8.25 2.19 -37.65
C ALA D 271 -8.86 2.44 -36.29
N ASP D 272 -10.19 2.33 -36.22
CA ASP D 272 -10.86 2.35 -34.93
C ASP D 272 -10.32 1.23 -34.04
N ILE D 273 -10.14 1.54 -32.77
CA ILE D 273 -9.59 0.58 -31.83
C ILE D 273 -10.29 0.79 -30.49
N CYS D 274 -10.49 -0.31 -29.76
CA CYS D 274 -11.01 -0.24 -28.40
C CYS D 274 -9.85 0.09 -27.46
N PRO D 275 -9.95 1.15 -26.64
CA PRO D 275 -8.77 1.59 -25.87
C PRO D 275 -8.38 0.67 -24.75
N ARG D 276 -9.14 -0.38 -24.44
CA ARG D 276 -8.63 -1.34 -23.46
C ARG D 276 -7.86 -2.49 -24.09
N GLU D 277 -7.77 -2.54 -25.43
CA GLU D 277 -6.88 -3.49 -26.10
C GLU D 277 -5.43 -3.31 -25.66
N LYS D 278 -4.70 -4.44 -25.56
CA LYS D 278 -3.30 -4.42 -25.14
C LYS D 278 -2.45 -3.55 -26.07
N ALA D 279 -2.74 -3.56 -27.38
CA ALA D 279 -1.96 -2.74 -28.29
C ALA D 279 -2.12 -1.25 -27.99
N PHE D 280 -3.32 -0.83 -27.60
CA PHE D 280 -3.48 0.56 -27.19
C PHE D 280 -2.89 0.83 -25.80
N GLY D 281 -2.92 -0.15 -24.90
CA GLY D 281 -2.16 0.00 -23.67
C GLY D 281 -0.68 0.20 -23.94
N ASP D 282 -0.13 -0.55 -24.91
CA ASP D 282 1.28 -0.39 -25.24
C ASP D 282 1.58 1.00 -25.80
N LEU D 283 0.68 1.51 -26.64
CA LEU D 283 0.76 2.91 -27.08
C LEU D 283 0.80 3.88 -25.91
N MET D 284 -0.16 3.77 -24.98
CA MET D 284 -0.18 4.68 -23.83
C MET D 284 1.10 4.57 -22.98
N GLN D 285 1.62 3.36 -22.80
CA GLN D 285 2.90 3.16 -22.11
C GLN D 285 4.03 3.86 -22.83
N TRP D 286 4.13 3.65 -24.14
CA TRP D 286 5.11 4.30 -24.97
C TRP D 286 5.07 5.83 -24.80
N LEU D 287 3.90 6.42 -24.93
CA LEU D 287 3.74 7.86 -24.73
C LEU D 287 4.32 8.31 -23.39
N CYS D 288 3.92 7.64 -22.31
CA CYS D 288 4.44 7.95 -20.97
C CYS D 288 5.96 7.88 -20.91
N ASP D 289 6.52 6.77 -21.40
CA ASP D 289 7.96 6.55 -21.41
C ASP D 289 8.70 7.67 -22.16
N GLU D 290 8.16 8.10 -23.29
CA GLU D 290 8.86 9.05 -24.15
C GLU D 290 8.56 10.50 -23.79
N LEU D 291 7.33 10.79 -23.33
CA LEU D 291 7.02 12.15 -22.97
C LEU D 291 7.93 12.65 -21.84
N LYS D 292 8.25 11.78 -20.89
CA LYS D 292 9.02 12.26 -19.76
C LYS D 292 10.46 12.53 -20.15
N LEU D 293 10.96 11.87 -21.19
CA LEU D 293 12.34 12.09 -21.66
C LEU D 293 12.59 13.54 -22.09
N PHE D 294 11.58 14.19 -22.68
CA PHE D 294 11.72 15.61 -23.05
C PHE D 294 11.85 16.55 -21.85
N ALA D 295 11.52 16.11 -20.63
CA ALA D 295 11.70 16.92 -19.43
C ALA D 295 12.87 16.44 -18.58
N LEU D 296 13.73 15.58 -19.14
CA LEU D 296 14.83 15.00 -18.39
C LEU D 296 16.11 15.16 -19.20
N ALA D 297 17.21 15.46 -18.50
CA ALA D 297 18.52 15.38 -19.15
C ALA D 297 18.89 13.92 -19.38
N SER D 298 19.72 13.70 -20.41
CA SER D 298 20.11 12.33 -20.75
C SER D 298 20.82 11.62 -19.59
N GLU D 299 21.48 12.37 -18.71
CA GLU D 299 22.16 11.79 -17.55
C GLU D 299 21.17 11.36 -16.47
N THR D 300 19.96 11.92 -16.48
CA THR D 300 19.01 11.68 -15.41
C THR D 300 18.34 10.34 -15.62
N ASN D 301 18.15 9.59 -14.54
CA ASN D 301 17.63 8.23 -14.67
C ASN D 301 16.12 8.28 -14.93
N PRO D 302 15.65 7.79 -16.08
CA PRO D 302 14.21 7.87 -16.38
C PRO D 302 13.35 7.03 -15.47
N ASP D 303 13.89 5.97 -14.86
CA ASP D 303 13.12 5.19 -13.90
C ASP D 303 12.81 5.99 -12.64
N GLU D 304 13.48 7.10 -12.40
CA GLU D 304 13.10 7.96 -11.31
C GLU D 304 11.85 8.78 -11.59
N TYR D 305 11.26 8.67 -12.79
CA TYR D 305 10.13 9.50 -13.18
C TYR D 305 9.02 8.67 -13.79
N GLU D 306 7.80 9.24 -13.75
CA GLU D 306 6.60 8.66 -14.33
C GLU D 306 5.81 9.77 -15.02
N THR D 307 5.01 9.38 -16.00
CA THR D 307 4.09 10.26 -16.71
C THR D 307 2.69 9.77 -16.47
N VAL D 308 1.78 10.68 -16.16
CA VAL D 308 0.38 10.35 -15.97
C VAL D 308 -0.42 11.15 -16.97
N MET D 309 -1.17 10.46 -17.85
CA MET D 309 -1.94 11.14 -18.89
C MET D 309 -3.42 11.19 -18.54
N PHE D 310 -4.05 12.31 -18.89
CA PHE D 310 -5.49 12.55 -18.74
C PHE D 310 -6.10 13.11 -20.01
N GLY D 311 -7.39 12.85 -20.18
CA GLY D 311 -8.19 13.48 -21.23
C GLY D 311 -8.71 14.81 -20.73
N CYS D 312 -7.90 15.85 -20.90
CA CYS D 312 -8.28 17.16 -20.38
C CYS D 312 -7.34 18.20 -20.97
N SER D 313 -7.65 19.46 -20.70
CA SER D 313 -6.81 20.55 -21.14
C SER D 313 -5.66 20.82 -20.15
N GLY D 314 -4.90 21.89 -20.39
CA GLY D 314 -3.78 22.22 -19.52
C GLY D 314 -4.21 22.73 -18.16
N THR D 315 -5.30 23.49 -18.11
CA THR D 315 -5.94 23.81 -16.85
C THR D 315 -6.33 22.53 -16.12
N GLY D 316 -6.82 21.54 -16.88
CA GLY D 316 -7.05 20.22 -16.32
C GLY D 316 -5.82 19.66 -15.64
N ALA D 317 -4.68 19.71 -16.33
CA ALA D 317 -3.47 19.15 -15.74
C ALA D 317 -3.01 19.92 -14.49
N ASP D 318 -3.16 21.25 -14.50
CA ASP D 318 -2.83 22.03 -13.31
C ASP D 318 -3.76 21.64 -12.17
N GLU D 319 -5.05 21.45 -12.47
CA GLU D 319 -6.00 21.06 -11.43
C GLU D 319 -5.69 19.68 -10.87
N VAL D 320 -5.22 18.77 -11.73
CA VAL D 320 -4.74 17.45 -11.31
C VAL D 320 -3.68 17.59 -10.23
N MET D 321 -2.69 18.44 -10.49
CA MET D 321 -1.56 18.61 -9.57
C MET D 321 -2.01 19.28 -8.30
N VAL D 322 -2.70 20.44 -8.43
CA VAL D 322 -3.10 21.20 -7.26
C VAL D 322 -4.00 20.36 -6.35
N SER D 323 -4.88 19.55 -6.96
CA SER D 323 -5.90 18.82 -6.22
C SER D 323 -5.44 17.47 -5.71
N SER D 324 -4.29 16.98 -6.11
CA SER D 324 -3.84 15.64 -5.76
C SER D 324 -2.47 15.61 -5.09
N CYS D 325 -1.81 16.76 -4.96
CA CYS D 325 -0.44 16.75 -4.49
C CYS D 325 -0.24 17.44 -3.15
N VAL D 326 -1.29 18.05 -2.59
CA VAL D 326 -1.17 18.79 -1.32
C VAL D 326 -2.24 18.32 -0.35
N PRO D 327 -1.88 17.54 0.66
CA PRO D 327 -2.85 17.09 1.66
C PRO D 327 -3.20 18.22 2.61
N ASP D 328 -4.35 18.09 3.29
CA ASP D 328 -4.70 19.06 4.33
C ASP D 328 -3.71 19.07 5.50
N THR D 329 -2.85 18.05 5.62
CA THR D 329 -1.81 18.10 6.64
C THR D 329 -0.73 19.11 6.30
N GLY D 330 -0.70 19.64 5.07
CA GLY D 330 0.34 20.52 4.62
C GLY D 330 -0.16 21.95 4.43
N ARG D 331 0.70 22.76 3.81
CA ARG D 331 0.37 24.14 3.44
C ARG D 331 1.05 24.49 2.13
N LEU D 332 0.29 25.06 1.20
CA LEU D 332 0.73 25.33 -0.16
C LEU D 332 1.04 26.81 -0.33
N LEU D 333 2.15 27.13 -0.98
CA LEU D 333 2.46 28.50 -1.40
C LEU D 333 2.29 28.55 -2.90
N VAL D 334 1.40 29.41 -3.39
CA VAL D 334 1.22 29.60 -4.83
C VAL D 334 1.85 30.93 -5.22
N ILE D 335 2.79 30.88 -6.16
CA ILE D 335 3.28 32.11 -6.78
C ILE D 335 2.26 32.63 -7.80
N ASP D 336 1.84 33.89 -7.62
CA ASP D 336 0.94 34.54 -8.58
C ASP D 336 1.64 35.75 -9.17
N ASN D 337 2.25 35.55 -10.34
CA ASN D 337 2.72 36.68 -11.15
C ASN D 337 2.26 36.50 -12.59
N GLY D 338 1.02 36.08 -12.78
CA GLY D 338 0.41 35.93 -14.11
C GLY D 338 -0.90 35.18 -14.03
N SER D 339 -1.61 35.13 -15.16
CA SER D 339 -2.96 34.54 -15.17
C SER D 339 -2.92 33.08 -14.71
N TYR D 340 -1.89 32.35 -15.06
CA TYR D 340 -1.93 30.92 -14.77
C TYR D 340 -1.50 30.59 -13.35
N GLY D 341 -0.68 31.44 -12.72
CA GLY D 341 -0.43 31.32 -11.29
C GLY D 341 -1.64 31.77 -10.47
N ALA D 342 -2.30 32.85 -10.91
CA ALA D 342 -3.59 33.20 -10.31
C ALA D 342 -4.59 32.06 -10.42
N ARG D 343 -4.61 31.34 -11.56
CA ARG D 343 -5.59 30.29 -11.75
C ARG D 343 -5.36 29.12 -10.80
N MET D 344 -4.10 28.74 -10.59
CA MET D 344 -3.80 27.64 -9.68
C MET D 344 -4.19 28.02 -8.27
N ALA D 345 -3.98 29.30 -7.92
CA ALA D 345 -4.40 29.79 -6.61
C ALA D 345 -5.92 29.75 -6.48
N LYS D 346 -6.63 30.16 -7.53
CA LYS D 346 -8.09 30.06 -7.51
C LYS D 346 -8.53 28.63 -7.29
N ILE D 347 -7.89 27.68 -7.97
CA ILE D 347 -8.24 26.28 -7.83
C ILE D 347 -7.99 25.80 -6.40
N ALA D 348 -6.79 26.11 -5.88
CA ALA D 348 -6.43 25.68 -4.52
C ALA D 348 -7.47 26.14 -3.51
N ASP D 349 -7.88 27.42 -3.61
CA ASP D 349 -8.92 27.97 -2.73
C ASP D 349 -10.25 27.24 -2.89
N ILE D 350 -10.63 26.89 -4.13
CA ILE D 350 -11.88 26.17 -4.36
C ILE D 350 -11.89 24.84 -3.58
N TYR D 351 -10.80 24.10 -3.63
CA TYR D 351 -10.69 22.85 -2.90
C TYR D 351 -10.44 23.03 -1.42
N LYS D 352 -10.26 24.27 -0.94
CA LYS D 352 -10.05 24.55 0.48
C LYS D 352 -8.72 23.95 0.98
N ILE D 353 -7.72 24.01 0.13
CA ILE D 353 -6.38 23.55 0.48
C ILE D 353 -5.69 24.64 1.33
N PRO D 354 -5.05 24.30 2.45
CA PRO D 354 -4.37 25.35 3.23
C PRO D 354 -3.30 26.02 2.37
N MET D 355 -3.45 27.34 2.19
CA MET D 355 -2.68 28.03 1.16
C MET D 355 -2.39 29.47 1.56
N ASP D 356 -1.24 29.98 1.13
CA ASP D 356 -1.04 31.40 0.96
C ASP D 356 -0.62 31.66 -0.48
N ILE D 357 -0.66 32.93 -0.88
CA ILE D 357 -0.23 33.35 -2.21
C ILE D 357 0.95 34.28 -2.08
N PHE D 358 1.97 34.06 -2.92
CA PHE D 358 3.05 35.00 -3.12
C PHE D 358 2.75 35.77 -4.39
N LYS D 359 2.35 37.03 -4.26
CA LYS D 359 2.03 37.85 -5.42
C LYS D 359 3.24 38.66 -5.88
N SER D 360 3.31 38.87 -7.19
CA SER D 360 4.41 39.64 -7.75
C SER D 360 3.97 40.14 -9.12
N SER D 361 4.73 41.10 -9.66
CA SER D 361 4.29 41.75 -10.89
C SER D 361 4.20 40.76 -12.07
N THR D 362 3.26 41.02 -12.97
CA THR D 362 3.11 40.17 -14.16
C THR D 362 4.16 40.42 -15.23
N TYR D 363 5.00 41.48 -15.09
CA TYR D 363 6.05 41.74 -16.07
C TYR D 363 7.41 42.14 -15.49
N GLU D 364 7.53 42.28 -14.23
CA GLU D 364 8.83 42.41 -13.58
C GLU D 364 9.24 41.07 -12.99
N PRO D 365 10.53 40.74 -13.00
CA PRO D 365 10.97 39.43 -12.48
C PRO D 365 10.73 39.31 -10.98
N LEU D 366 10.53 38.07 -10.53
CA LEU D 366 10.31 37.75 -9.12
C LEU D 366 11.52 38.18 -8.33
N ASP D 367 11.29 38.62 -7.12
CA ASP D 367 12.39 38.97 -6.24
C ASP D 367 12.76 37.75 -5.44
N LEU D 368 13.91 37.17 -5.78
CA LEU D 368 14.25 35.83 -5.32
C LEU D 368 14.48 35.81 -3.80
N GLN D 369 14.94 36.94 -3.23
CA GLN D 369 15.23 36.97 -1.80
C GLN D 369 13.93 37.10 -0.98
N LYS D 370 12.97 37.94 -1.40
CA LYS D 370 11.66 37.90 -0.76
C LYS D 370 11.05 36.50 -0.82
N LEU D 371 11.23 35.79 -1.93
CA LEU D 371 10.67 34.45 -2.07
C LEU D 371 11.34 33.46 -1.12
N GLU D 372 12.67 33.45 -1.07
CA GLU D 372 13.38 32.64 -0.09
C GLU D 372 12.91 32.92 1.34
N ALA D 373 12.76 34.21 1.70
CA ALA D 373 12.31 34.54 3.06
C ALA D 373 10.95 33.92 3.37
N GLU D 374 10.07 33.83 2.36
CA GLU D 374 8.82 33.10 2.57
C GLU D 374 9.08 31.62 2.72
N PHE D 375 10.01 31.05 1.94
CA PHE D 375 10.35 29.64 2.12
C PHE D 375 10.90 29.41 3.51
N ALA D 376 11.67 30.37 4.03
CA ALA D 376 12.35 30.15 5.29
C ALA D 376 11.42 30.22 6.50
N THR D 377 10.18 30.68 6.35
CA THR D 377 9.27 30.61 7.49
C THR D 377 8.97 29.17 7.92
N LYS D 378 9.31 28.19 7.08
CA LYS D 378 8.98 26.79 7.30
C LYS D 378 7.48 26.56 7.38
N LYS D 379 6.67 27.51 6.92
CA LYS D 379 5.22 27.35 6.93
C LYS D 379 4.71 26.46 5.81
N TYR D 380 5.50 26.27 4.75
CA TYR D 380 5.00 25.73 3.50
C TYR D 380 5.64 24.38 3.19
N THR D 381 4.79 23.37 2.96
CA THR D 381 5.29 22.07 2.56
C THR D 381 5.36 21.92 1.06
N HIS D 382 4.67 22.80 0.32
CA HIS D 382 4.53 22.69 -1.11
C HIS D 382 4.62 24.07 -1.75
N LEU D 383 5.13 24.09 -2.97
CA LEU D 383 5.12 25.28 -3.81
C LEU D 383 4.40 24.93 -5.11
N ALA D 384 3.55 25.83 -5.61
CA ALA D 384 3.03 25.75 -6.97
C ALA D 384 3.47 27.00 -7.73
N CYS D 385 4.01 26.82 -8.94
CA CYS D 385 4.41 28.00 -9.70
C CYS D 385 4.37 27.67 -11.19
N VAL D 386 4.39 28.72 -11.98
CA VAL D 386 4.36 28.67 -13.44
C VAL D 386 5.78 28.93 -13.95
N TYR D 387 6.21 28.12 -14.92
CA TYR D 387 7.49 28.36 -15.59
C TYR D 387 7.41 29.53 -16.55
N HIS D 388 6.64 29.36 -17.62
CA HIS D 388 6.47 30.39 -18.62
C HIS D 388 5.10 30.98 -18.43
N GLU D 389 5.03 32.27 -18.06
CA GLU D 389 3.74 32.94 -17.85
C GLU D 389 3.31 33.49 -19.20
N THR D 390 2.41 32.76 -19.88
CA THR D 390 2.00 33.07 -21.24
C THR D 390 1.20 34.37 -21.34
N THR D 391 0.69 34.87 -20.21
CA THR D 391 0.05 36.16 -20.14
C THR D 391 0.87 37.26 -20.82
N THR D 392 2.17 37.31 -20.50
CA THR D 392 3.10 38.33 -20.94
C THR D 392 4.30 37.79 -21.68
N GLY D 393 4.58 36.49 -21.59
CA GLY D 393 5.87 35.99 -21.97
C GLY D 393 6.94 36.06 -20.89
N LEU D 394 6.59 36.40 -19.65
CA LEU D 394 7.56 36.35 -18.56
C LEU D 394 7.97 34.91 -18.30
N LEU D 395 9.30 34.65 -18.25
CA LEU D 395 9.89 33.35 -17.90
C LEU D 395 10.42 33.40 -16.46
N ASN D 396 9.76 32.70 -15.55
CA ASN D 396 10.22 32.64 -14.17
C ASN D 396 11.48 31.79 -14.07
N PRO D 397 12.43 32.16 -13.19
CA PRO D 397 13.74 31.45 -13.17
C PRO D 397 13.70 30.18 -12.31
N LEU D 398 13.00 29.16 -12.81
CA LEU D 398 12.74 28.02 -11.95
C LEU D 398 14.00 27.24 -11.67
N HIS D 399 15.03 27.34 -12.51
CA HIS D 399 16.29 26.65 -12.21
C HIS D 399 16.90 27.16 -10.90
N ILE D 400 16.45 28.30 -10.40
CA ILE D 400 16.88 28.81 -9.09
C ILE D 400 15.81 28.61 -8.02
N ILE D 401 14.56 28.93 -8.38
CA ILE D 401 13.46 28.91 -7.43
C ILE D 401 13.18 27.50 -6.94
N CYS D 402 13.11 26.56 -7.88
CA CYS D 402 12.66 25.23 -7.45
C CYS D 402 13.75 24.50 -6.66
N PRO D 403 15.02 24.50 -7.09
CA PRO D 403 16.05 23.92 -6.21
C PRO D 403 16.12 24.61 -4.85
N MET D 404 15.82 25.92 -4.80
CA MET D 404 15.78 26.64 -3.55
C MET D 404 14.64 26.14 -2.67
N ALA D 405 13.47 25.89 -3.26
CA ALA D 405 12.37 25.34 -2.49
C ALA D 405 12.72 23.95 -1.96
N LYS D 406 13.35 23.13 -2.78
CA LYS D 406 13.74 21.79 -2.33
C LYS D 406 14.66 21.88 -1.12
N LYS D 407 15.56 22.87 -1.11
CA LYS D 407 16.51 23.01 -0.01
C LYS D 407 15.79 23.32 1.30
N TYR D 408 14.63 23.96 1.18
CA TYR D 408 13.78 24.28 2.31
C TYR D 408 12.80 23.15 2.64
N GLY D 409 13.00 21.98 2.03
CA GLY D 409 12.21 20.79 2.31
C GLY D 409 10.88 20.74 1.61
N MET D 410 10.66 21.55 0.59
CA MET D 410 9.34 21.74 0.04
C MET D 410 9.16 20.89 -1.22
N VAL D 411 7.92 20.46 -1.47
CA VAL D 411 7.56 19.70 -2.68
C VAL D 411 7.12 20.68 -3.76
N THR D 412 7.65 20.54 -4.98
CA THR D 412 7.48 21.54 -6.03
C THR D 412 6.52 21.03 -7.10
N ILE D 413 5.56 21.90 -7.45
CA ILE D 413 4.49 21.64 -8.42
C ILE D 413 4.62 22.72 -9.48
N VAL D 414 4.90 22.34 -10.74
CA VAL D 414 5.27 23.32 -11.77
C VAL D 414 4.32 23.19 -12.97
N ASP D 415 3.66 24.29 -13.31
CA ASP D 415 2.99 24.47 -14.59
C ASP D 415 4.05 24.83 -15.59
N ALA D 416 4.41 23.88 -16.47
CA ALA D 416 5.29 24.17 -17.59
C ALA D 416 4.56 24.01 -18.91
N VAL D 417 3.24 24.24 -18.86
CA VAL D 417 2.35 23.99 -19.99
C VAL D 417 2.89 24.59 -21.28
N SER D 418 3.42 25.84 -21.19
CA SER D 418 3.91 26.59 -22.35
C SER D 418 5.42 26.63 -22.41
N ALA D 419 6.10 25.74 -21.68
CA ALA D 419 7.55 25.70 -21.61
C ALA D 419 8.12 24.38 -22.09
N TYR D 420 7.57 23.29 -21.58
CA TYR D 420 7.97 21.95 -21.96
C TYR D 420 8.03 21.79 -23.48
N CYS D 421 9.13 21.19 -23.95
CA CYS D 421 9.43 20.95 -25.37
C CYS D 421 9.76 22.24 -26.13
N GLY D 422 9.61 23.39 -25.50
CA GLY D 422 10.04 24.63 -26.11
C GLY D 422 11.49 24.94 -25.78
N MET D 423 11.96 24.45 -24.63
CA MET D 423 13.34 24.65 -24.18
C MET D 423 13.80 23.39 -23.47
N PRO D 424 15.10 23.11 -23.44
CA PRO D 424 15.57 21.95 -22.67
C PRO D 424 15.18 22.08 -21.20
N MET D 425 14.85 20.94 -20.60
CA MET D 425 14.39 20.85 -19.21
C MET D 425 14.89 19.55 -18.63
N ASP D 426 15.30 19.61 -17.36
CA ASP D 426 15.71 18.40 -16.65
C ASP D 426 15.15 18.51 -15.25
N LEU D 427 14.08 17.77 -14.97
CA LEU D 427 13.40 17.96 -13.71
C LEU D 427 14.31 17.67 -12.53
N LYS D 428 15.25 16.74 -12.70
CA LYS D 428 16.16 16.40 -11.59
C LYS D 428 16.91 17.65 -11.12
N SER D 429 17.68 18.27 -12.02
CA SER D 429 18.47 19.44 -11.66
C SER D 429 17.64 20.69 -11.43
N LEU D 430 16.42 20.77 -11.99
CA LEU D 430 15.51 21.85 -11.68
C LEU D 430 14.77 21.65 -10.37
N GLY D 431 14.92 20.50 -9.73
CA GLY D 431 14.21 20.31 -8.45
C GLY D 431 12.70 20.36 -8.55
N ILE D 432 12.13 19.82 -9.63
CA ILE D 432 10.70 19.84 -9.91
C ILE D 432 10.13 18.45 -9.62
N ASP D 433 9.10 18.38 -8.81
CA ASP D 433 8.58 17.08 -8.40
C ASP D 433 7.39 16.65 -9.27
N PHE D 434 6.58 17.62 -9.70
CA PHE D 434 5.43 17.44 -10.57
C PHE D 434 5.44 18.52 -11.63
N MET D 435 5.31 18.15 -12.91
CA MET D 435 5.36 19.10 -14.03
C MET D 435 4.21 18.83 -14.99
N ALA D 436 3.42 19.86 -15.32
CA ALA D 436 2.25 19.69 -16.21
C ALA D 436 2.48 20.28 -17.58
N SER D 437 1.93 19.63 -18.61
CA SER D 437 1.87 20.23 -19.94
C SER D 437 0.75 19.52 -20.70
N THR D 438 0.65 19.79 -22.01
CA THR D 438 -0.44 19.24 -22.84
C THR D 438 0.06 18.84 -24.21
N SER D 439 -0.84 18.27 -25.00
CA SER D 439 -0.46 17.80 -26.31
C SER D 439 -0.40 18.90 -27.36
N ASN D 440 -0.89 20.11 -27.09
CA ASN D 440 -1.10 21.04 -28.19
C ASN D 440 -0.28 22.30 -28.06
N LYS D 441 0.60 22.39 -27.08
CA LYS D 441 1.51 23.54 -27.03
C LYS D 441 2.83 23.22 -27.73
N ASN D 442 3.98 23.29 -27.04
CA ASN D 442 5.24 23.23 -27.80
C ASN D 442 5.60 21.82 -28.27
N ILE D 443 4.89 20.78 -27.84
CA ILE D 443 5.14 19.49 -28.48
C ILE D 443 4.47 19.38 -29.85
N GLN D 444 3.48 20.24 -30.16
CA GLN D 444 2.94 20.47 -31.51
C GLN D 444 2.03 19.35 -31.98
N GLY D 445 1.34 18.73 -31.03
CA GLY D 445 0.29 17.78 -31.32
C GLY D 445 -1.04 18.50 -31.34
N MET D 446 -2.09 17.72 -31.24
CA MET D 446 -3.44 18.25 -31.18
C MET D 446 -3.89 18.27 -29.73
N ALA D 447 -4.85 19.15 -29.43
CA ALA D 447 -5.32 19.36 -28.05
C ALA D 447 -6.16 18.19 -27.52
N GLY D 448 -6.00 17.96 -26.22
CA GLY D 448 -6.87 16.97 -25.60
C GLY D 448 -6.19 15.98 -24.67
N VAL D 449 -4.86 15.86 -24.67
CA VAL D 449 -4.15 15.03 -23.69
C VAL D 449 -3.42 15.98 -22.74
N GLY D 450 -3.85 15.98 -21.48
CA GLY D 450 -3.14 16.69 -20.39
C GLY D 450 -2.32 15.68 -19.60
N PHE D 451 -1.11 16.09 -19.19
CA PHE D 451 -0.27 15.12 -18.51
C PHE D 451 0.61 15.78 -17.44
N VAL D 452 0.98 14.97 -16.45
CA VAL D 452 1.83 15.38 -15.35
C VAL D 452 3.03 14.44 -15.33
N ILE D 453 4.22 15.00 -15.42
CA ILE D 453 5.45 14.21 -15.32
C ILE D 453 5.92 14.33 -13.88
N CYS D 454 6.11 13.17 -13.23
CA CYS D 454 6.24 13.09 -11.78
C CYS D 454 7.56 12.42 -11.36
N ASN D 455 8.29 13.06 -10.43
CA ASN D 455 9.22 12.35 -9.56
C ASN D 455 8.48 11.17 -8.95
N LYS D 456 8.98 9.95 -9.25
CA LYS D 456 8.26 8.74 -8.86
C LYS D 456 8.09 8.63 -7.36
N ALA D 457 9.15 8.91 -6.58
CA ALA D 457 9.02 8.78 -5.13
C ALA D 457 8.02 9.77 -4.59
N GLU D 458 8.00 11.00 -5.15
CA GLU D 458 7.03 11.99 -4.68
C GLU D 458 5.61 11.60 -5.10
N LEU D 459 5.43 11.13 -6.32
CA LEU D 459 4.12 10.59 -6.69
C LEU D 459 3.71 9.46 -5.74
N GLU D 460 4.65 8.59 -5.34
CA GLU D 460 4.26 7.48 -4.47
C GLU D 460 3.78 7.99 -3.12
N LYS D 461 4.35 9.09 -2.63
CA LYS D 461 3.92 9.63 -1.34
C LYS D 461 2.45 10.04 -1.34
N THR D 462 1.89 10.40 -2.52
CA THR D 462 0.49 10.85 -2.56
C THR D 462 -0.51 9.73 -2.31
N LYS D 463 -0.05 8.46 -2.29
CA LYS D 463 -0.97 7.33 -2.15
C LYS D 463 -1.81 7.48 -0.90
N ASP D 464 -1.28 8.14 0.13
CA ASP D 464 -2.00 8.27 1.40
C ASP D 464 -3.10 9.31 1.39
N TYR D 465 -3.09 10.24 0.43
CA TYR D 465 -3.96 11.40 0.56
C TYR D 465 -5.40 11.04 0.24
N PRO D 466 -6.37 11.60 0.96
CA PRO D 466 -7.77 11.43 0.52
C PRO D 466 -7.95 12.10 -0.84
N MET D 467 -8.81 11.50 -1.65
CA MET D 467 -9.06 12.05 -2.97
C MET D 467 -9.93 13.29 -2.83
N ARG D 468 -9.61 14.33 -3.60
CA ARG D 468 -10.41 15.55 -3.62
C ARG D 468 -11.40 15.58 -4.76
N ASN D 469 -11.24 14.65 -5.71
CA ASN D 469 -12.06 14.54 -6.91
C ASN D 469 -11.79 13.14 -7.45
N TYR D 470 -12.37 12.85 -8.61
CA TYR D 470 -12.24 11.52 -9.18
C TYR D 470 -11.53 11.55 -10.52
N TYR D 471 -12.12 12.22 -11.52
CA TYR D 471 -11.54 12.25 -12.87
C TYR D 471 -10.10 12.76 -12.89
N LEU D 472 -9.78 13.78 -12.07
CA LEU D 472 -8.49 14.45 -12.11
C LEU D 472 -7.54 13.99 -10.99
N ASN D 473 -7.78 12.82 -10.41
CA ASN D 473 -6.98 12.41 -9.26
C ASN D 473 -5.71 11.74 -9.76
N LEU D 474 -4.57 12.31 -9.42
CA LEU D 474 -3.30 11.88 -9.99
C LEU D 474 -2.99 10.43 -9.63
N TYR D 475 -3.07 10.10 -8.35
CA TYR D 475 -2.61 8.77 -7.93
C TYR D 475 -3.51 7.65 -8.47
N ASP D 476 -4.85 7.82 -8.44
CA ASP D 476 -5.73 6.79 -8.96
C ASP D 476 -5.50 6.60 -10.45
N GLN D 477 -5.41 7.69 -11.20
CA GLN D 477 -5.11 7.59 -12.63
C GLN D 477 -3.82 6.79 -12.88
N TYR D 478 -2.76 7.06 -12.10
CA TYR D 478 -1.46 6.41 -12.27
C TYR D 478 -1.53 4.93 -11.90
N ALA D 479 -2.13 4.65 -10.74
CA ALA D 479 -2.13 3.30 -10.20
C ALA D 479 -2.96 2.35 -11.06
N TYR D 480 -4.10 2.83 -11.59
CA TYR D 480 -4.91 1.93 -12.40
C TYR D 480 -4.16 1.45 -13.64
N PHE D 481 -3.48 2.36 -14.34
CA PHE D 481 -2.71 1.95 -15.51
C PHE D 481 -1.55 1.05 -15.12
N ALA D 482 -0.94 1.32 -13.97
CA ALA D 482 0.19 0.50 -13.55
C ALA D 482 -0.24 -0.93 -13.30
N LYS D 483 -1.45 -1.12 -12.80
CA LYS D 483 -1.94 -2.47 -12.51
C LYS D 483 -2.57 -3.14 -13.73
N THR D 484 -3.24 -2.38 -14.60
CA THR D 484 -4.08 -2.96 -15.63
C THR D 484 -3.54 -2.80 -17.05
N HIS D 485 -2.59 -1.90 -17.29
CA HIS D 485 -2.19 -1.54 -18.65
C HIS D 485 -3.33 -0.92 -19.43
N GLN D 486 -4.35 -0.45 -18.73
CA GLN D 486 -5.46 0.30 -19.29
C GLN D 486 -5.57 1.62 -18.55
N THR D 487 -6.12 2.63 -19.21
CA THR D 487 -6.44 3.84 -18.48
C THR D 487 -7.85 3.73 -17.90
N ARG D 488 -8.09 4.54 -16.85
CA ARG D 488 -9.30 4.41 -16.04
C ARG D 488 -10.59 4.54 -16.87
N PHE D 489 -10.69 5.59 -17.72
CA PHE D 489 -11.88 5.89 -18.49
C PHE D 489 -11.49 5.98 -19.95
N THR D 490 -12.44 6.25 -20.82
CA THR D 490 -12.13 6.27 -22.26
C THR D 490 -11.18 7.43 -22.56
N PRO D 491 -10.01 7.19 -23.16
CA PRO D 491 -9.09 8.29 -23.57
C PRO D 491 -9.43 8.85 -24.94
N PRO D 492 -8.97 10.12 -25.25
CA PRO D 492 -9.04 10.64 -26.64
C PRO D 492 -8.12 9.86 -27.55
N VAL D 493 -8.62 8.71 -28.01
CA VAL D 493 -7.78 7.73 -28.70
C VAL D 493 -7.07 8.37 -29.89
N GLN D 494 -7.84 9.03 -30.76
CA GLN D 494 -7.24 9.56 -31.98
C GLN D 494 -6.27 10.68 -31.66
N THR D 495 -6.56 11.46 -30.62
CA THR D 495 -5.67 12.52 -30.19
C THR D 495 -4.31 11.95 -29.76
N MET D 496 -4.33 10.80 -29.10
CA MET D 496 -3.10 10.13 -28.67
C MET D 496 -2.30 9.60 -29.84
N TYR D 497 -2.97 9.09 -30.90
CA TYR D 497 -2.23 8.78 -32.11
C TYR D 497 -1.48 9.99 -32.65
N ALA D 498 -2.15 11.15 -32.75
CA ALA D 498 -1.46 12.36 -33.21
C ALA D 498 -0.35 12.77 -32.23
N LEU D 499 -0.57 12.57 -30.93
CA LEU D 499 0.47 12.90 -29.95
C LEU D 499 1.69 12.03 -30.16
N ARG D 500 1.48 10.75 -30.50
CA ARG D 500 2.59 9.86 -30.83
C ARG D 500 3.39 10.40 -32.00
N GLN D 501 2.69 10.80 -33.07
CA GLN D 501 3.39 11.38 -34.21
C GLN D 501 4.12 12.67 -33.81
N ALA D 502 3.51 13.49 -32.95
CA ALA D 502 4.13 14.73 -32.49
C ALA D 502 5.37 14.47 -31.63
N VAL D 503 5.33 13.40 -30.81
CA VAL D 503 6.50 12.95 -30.06
C VAL D 503 7.61 12.55 -31.03
N LEU D 504 7.25 11.74 -32.04
CA LEU D 504 8.21 11.24 -33.03
C LEU D 504 8.90 12.36 -33.77
N GLU D 505 8.14 13.40 -34.10
CA GLU D 505 8.69 14.54 -34.80
C GLU D 505 9.44 15.46 -33.84
N THR D 506 9.12 15.43 -32.54
CA THR D 506 9.93 16.18 -31.57
C THR D 506 11.30 15.51 -31.38
N LYS D 507 11.33 14.18 -31.38
CA LYS D 507 12.60 13.47 -31.35
C LYS D 507 13.40 13.71 -32.61
N GLN D 508 12.73 13.90 -33.75
CA GLN D 508 13.44 14.14 -35.01
C GLN D 508 14.08 15.52 -35.00
N GLU D 509 13.33 16.53 -34.53
CA GLU D 509 13.91 17.86 -34.54
C GLU D 509 14.91 18.05 -33.39
N THR D 510 14.59 17.49 -32.22
CA THR D 510 15.21 17.66 -30.89
C THR D 510 14.77 18.96 -30.25
N VAL D 511 14.57 18.91 -28.92
CA VAL D 511 14.10 20.07 -28.18
C VAL D 511 15.05 21.23 -28.34
N GLN D 512 16.36 20.95 -28.33
CA GLN D 512 17.34 22.02 -28.47
C GLN D 512 17.21 22.74 -29.81
N LYS D 513 17.10 22.00 -30.90
CA LYS D 513 16.95 22.68 -32.18
C LYS D 513 15.58 23.33 -32.30
N ARG D 514 14.53 22.73 -31.70
CA ARG D 514 13.24 23.40 -31.65
C ARG D 514 13.35 24.72 -30.90
N TYR D 515 14.16 24.75 -29.83
CA TYR D 515 14.33 26.00 -29.09
C TYR D 515 14.99 27.05 -29.97
N GLU D 516 15.95 26.63 -30.78
CA GLU D 516 16.64 27.56 -31.67
C GLU D 516 15.70 28.11 -32.72
N ARG D 517 14.84 27.25 -33.31
CA ARG D 517 13.88 27.70 -34.31
C ARG D 517 12.92 28.73 -33.74
N TYR D 518 12.37 28.45 -32.55
CA TYR D 518 11.48 29.41 -31.91
C TYR D 518 12.20 30.73 -31.64
N THR D 519 13.46 30.65 -31.21
CA THR D 519 14.22 31.84 -30.88
C THR D 519 14.62 32.61 -32.14
N ALA D 520 14.97 31.87 -33.20
CA ALA D 520 15.18 32.52 -34.49
C ALA D 520 13.97 33.34 -34.88
N CYS D 521 12.78 32.73 -34.82
CA CYS D 521 11.54 33.47 -35.09
C CYS D 521 11.41 34.68 -34.17
N TRP D 522 11.56 34.48 -32.86
CA TRP D 522 11.45 35.57 -31.90
C TRP D 522 12.39 36.71 -32.25
N ASN D 523 13.65 36.39 -32.54
CA ASN D 523 14.63 37.42 -32.87
C ASN D 523 14.17 38.25 -34.05
N ILE D 524 13.49 37.61 -35.01
CA ILE D 524 13.01 38.34 -36.17
C ILE D 524 11.94 39.34 -35.77
N LEU D 525 10.97 38.87 -34.99
CA LEU D 525 9.91 39.74 -34.45
C LEU D 525 10.49 40.92 -33.69
N VAL D 526 11.45 40.65 -32.80
CA VAL D 526 11.89 41.68 -31.86
C VAL D 526 12.62 42.79 -32.61
N ALA D 527 13.42 42.41 -33.60
CA ALA D 527 14.08 43.39 -34.44
C ALA D 527 13.08 44.28 -35.15
N ALA D 528 12.04 43.67 -35.72
CA ALA D 528 11.02 44.42 -36.43
C ALA D 528 10.22 45.31 -35.47
N ILE D 529 9.86 44.76 -34.31
CA ILE D 529 9.27 45.54 -33.21
C ILE D 529 10.10 46.81 -32.96
N LYS D 530 11.41 46.64 -32.74
CA LYS D 530 12.24 47.78 -32.36
C LYS D 530 12.29 48.81 -33.48
N LYS D 531 12.42 48.34 -34.73
CA LYS D 531 12.52 49.23 -35.89
C LYS D 531 11.25 50.03 -36.09
N LEU D 532 10.10 49.50 -35.67
CA LEU D 532 8.84 50.24 -35.68
C LEU D 532 8.68 51.14 -34.46
N GLY D 533 9.60 51.11 -33.51
CA GLY D 533 9.40 51.84 -32.28
C GLY D 533 8.30 51.31 -31.38
N LEU D 534 7.85 50.07 -31.59
CA LEU D 534 6.95 49.44 -30.62
C LEU D 534 7.72 49.10 -29.36
N LYS D 535 7.02 49.06 -28.22
CA LYS D 535 7.63 48.72 -26.95
C LYS D 535 7.12 47.37 -26.43
N MET D 536 8.04 46.56 -25.91
CA MET D 536 7.70 45.30 -25.27
C MET D 536 7.40 45.51 -23.79
N LEU D 537 6.43 44.76 -23.27
CA LEU D 537 6.10 44.97 -21.85
C LEU D 537 7.16 44.36 -20.94
N VAL D 538 7.66 43.17 -21.29
CA VAL D 538 8.68 42.47 -20.49
C VAL D 538 10.04 42.72 -21.10
N LYS D 539 11.03 43.03 -20.25
CA LYS D 539 12.40 43.22 -20.77
C LYS D 539 12.92 41.92 -21.38
N GLU D 540 13.72 42.07 -22.45
CA GLU D 540 14.16 40.94 -23.27
C GLU D 540 14.81 39.83 -22.45
N GLU D 541 15.60 40.21 -21.44
CA GLU D 541 16.37 39.23 -20.68
C GLU D 541 15.48 38.33 -19.85
N HIS D 542 14.24 38.74 -19.59
CA HIS D 542 13.31 38.01 -18.75
C HIS D 542 12.25 37.28 -19.55
N GLN D 543 12.37 37.25 -20.88
CA GLN D 543 11.36 36.70 -21.78
C GLN D 543 11.63 35.21 -22.09
N SER D 544 10.56 34.52 -22.43
CA SER D 544 10.65 33.11 -22.80
C SER D 544 11.14 32.89 -24.22
N HIS D 545 11.05 33.90 -25.10
CA HIS D 545 11.21 33.78 -26.57
C HIS D 545 10.07 33.03 -27.27
N PHE D 546 9.01 32.62 -26.55
CA PHE D 546 7.87 31.92 -27.14
C PHE D 546 6.65 32.80 -27.41
N ILE D 547 6.44 33.87 -26.66
CA ILE D 547 5.38 34.84 -26.94
C ILE D 547 5.84 36.21 -26.46
N THR D 548 5.43 37.25 -27.19
CA THR D 548 5.86 38.63 -26.91
C THR D 548 4.65 39.52 -26.69
N ALA D 549 4.59 40.16 -25.52
CA ALA D 549 3.53 41.12 -25.24
C ALA D 549 4.03 42.50 -25.68
N ILE D 550 3.28 43.14 -26.57
CA ILE D 550 3.68 44.39 -27.19
C ILE D 550 2.68 45.46 -26.79
N LEU D 551 3.19 46.61 -26.32
CA LEU D 551 2.30 47.71 -25.96
C LEU D 551 1.55 48.20 -27.21
N GLU D 552 0.26 48.40 -27.06
CA GLU D 552 -0.54 48.83 -28.20
C GLU D 552 -0.25 50.31 -28.48
N PRO D 553 -0.05 50.70 -29.74
CA PRO D 553 0.19 52.13 -30.04
C PRO D 553 -0.94 53.00 -29.52
N GLU D 554 -0.60 54.21 -29.08
CA GLU D 554 -1.61 55.08 -28.49
C GLU D 554 -2.51 55.77 -29.52
N THR D 555 -2.08 55.89 -30.78
CA THR D 555 -2.88 56.61 -31.75
C THR D 555 -4.30 56.04 -31.79
N PRO D 556 -5.33 56.89 -31.87
CA PRO D 556 -6.70 56.36 -31.97
C PRO D 556 -6.94 55.54 -33.22
N LYS D 557 -6.08 55.61 -34.24
CA LYS D 557 -6.26 54.85 -35.47
C LYS D 557 -5.95 53.37 -35.28
N TYR D 558 -5.29 53.00 -34.19
CA TYR D 558 -5.04 51.58 -33.92
C TYR D 558 -6.26 50.91 -33.33
N SER D 559 -6.45 49.63 -33.69
CA SER D 559 -7.33 48.70 -32.97
C SER D 559 -6.79 47.29 -33.15
N PHE D 560 -6.96 46.48 -32.11
CA PHE D 560 -6.58 45.08 -32.26
C PHE D 560 -7.37 44.44 -33.39
N GLU D 561 -8.67 44.73 -33.45
CA GLU D 561 -9.55 44.17 -34.48
C GLU D 561 -9.02 44.46 -35.89
N ALA D 562 -8.64 45.71 -36.19
CA ALA D 562 -8.15 46.01 -37.53
C ALA D 562 -6.82 45.33 -37.80
N LEU D 563 -5.89 45.36 -36.84
CA LEU D 563 -4.63 44.65 -37.07
C LEU D 563 -4.86 43.15 -37.25
N HIS D 564 -5.76 42.57 -36.43
CA HIS D 564 -6.01 41.13 -36.49
C HIS D 564 -6.70 40.76 -37.81
N ASP D 565 -7.67 41.54 -38.24
CA ASP D 565 -8.39 41.14 -39.45
C ASP D 565 -7.49 41.29 -40.66
N PHE D 566 -6.61 42.29 -40.66
CA PHE D 566 -5.64 42.46 -41.74
C PHE D 566 -4.63 41.31 -41.79
N ALA D 567 -4.06 40.95 -40.63
CA ALA D 567 -3.14 39.82 -40.60
C ALA D 567 -3.83 38.52 -41.02
N ALA D 568 -5.10 38.35 -40.61
CA ALA D 568 -5.82 37.13 -40.97
C ALA D 568 -6.02 37.03 -42.49
N GLU D 569 -6.14 38.17 -43.17
CA GLU D 569 -6.24 38.17 -44.63
C GLU D 569 -5.02 37.55 -45.25
N HIS D 570 -3.90 37.59 -44.54
CA HIS D 570 -2.65 37.04 -45.03
C HIS D 570 -2.27 35.75 -44.30
N SER D 571 -3.24 35.10 -43.66
CA SER D 571 -3.09 33.76 -43.09
C SER D 571 -2.22 33.74 -41.83
N PHE D 572 -2.17 34.86 -41.11
CA PHE D 572 -1.54 34.99 -39.80
C PHE D 572 -2.64 35.26 -38.76
N THR D 573 -2.69 34.43 -37.69
CA THR D 573 -3.61 34.64 -36.57
C THR D 573 -2.85 35.23 -35.38
N ILE D 574 -3.08 36.51 -35.06
CA ILE D 574 -2.45 37.13 -33.89
C ILE D 574 -3.39 36.96 -32.70
N TYR D 575 -2.94 37.40 -31.50
CA TYR D 575 -3.60 37.12 -30.22
C TYR D 575 -3.74 38.38 -29.37
N PRO D 576 -4.87 38.57 -28.71
CA PRO D 576 -5.07 39.79 -27.93
C PRO D 576 -4.29 39.77 -26.61
N GLY D 577 -4.12 40.98 -26.05
CA GLY D 577 -3.52 41.10 -24.74
C GLY D 577 -4.46 40.65 -23.64
N LYS D 578 -3.90 40.38 -22.46
CA LYS D 578 -4.62 39.69 -21.37
C LYS D 578 -4.72 40.51 -20.10
N LEU D 579 -4.02 41.64 -19.99
CA LEU D 579 -3.90 42.37 -18.74
C LEU D 579 -5.00 43.41 -18.63
N GLY D 580 -5.55 43.55 -17.41
CA GLY D 580 -6.69 44.44 -17.21
C GLY D 580 -6.36 45.91 -17.28
N ASN D 581 -5.11 46.30 -17.01
CA ASN D 581 -4.78 47.70 -16.90
C ASN D 581 -3.70 48.19 -17.85
N ILE D 582 -3.17 47.31 -18.72
CA ILE D 582 -2.19 47.68 -19.73
C ILE D 582 -2.70 47.12 -21.05
N ASP D 583 -2.75 47.95 -22.10
CA ASP D 583 -3.21 47.50 -23.40
C ASP D 583 -2.02 46.91 -24.16
N THR D 584 -2.14 45.65 -24.54
CA THR D 584 -1.10 44.94 -25.27
C THR D 584 -1.75 44.05 -26.31
N PHE D 585 -0.96 43.62 -27.29
CA PHE D 585 -1.31 42.50 -28.14
C PHE D 585 -0.16 41.50 -28.12
N ARG D 586 -0.47 40.23 -28.38
CA ARG D 586 0.51 39.17 -28.26
C ARG D 586 0.85 38.52 -29.60
N ILE D 587 2.13 38.23 -29.80
CA ILE D 587 2.59 37.49 -30.98
C ILE D 587 3.44 36.31 -30.50
N ALA D 588 2.93 35.09 -30.68
CA ALA D 588 3.69 33.89 -30.33
C ALA D 588 4.36 33.32 -31.58
N ASN D 589 5.42 32.53 -31.36
CA ASN D 589 6.07 31.81 -32.47
C ASN D 589 6.38 30.37 -32.05
N ILE D 590 5.34 29.59 -31.78
CA ILE D 590 5.57 28.18 -31.51
C ILE D 590 4.95 27.35 -32.64
N GLY D 591 4.82 26.04 -32.44
CA GLY D 591 4.31 25.23 -33.54
C GLY D 591 5.30 25.13 -34.68
N ASP D 592 4.75 24.78 -35.85
CA ASP D 592 5.53 24.53 -37.06
C ASP D 592 5.92 25.84 -37.79
N ILE D 593 5.87 26.98 -37.11
CA ILE D 593 6.22 28.24 -37.76
C ILE D 593 7.67 28.19 -38.24
N GLN D 594 7.90 28.69 -39.44
CA GLN D 594 9.25 28.78 -39.94
C GLN D 594 9.72 30.23 -39.89
N PRO D 595 11.02 30.46 -39.71
CA PRO D 595 11.51 31.85 -39.66
C PRO D 595 11.04 32.70 -40.84
N GLU D 596 11.00 32.12 -42.05
CA GLU D 596 10.56 32.89 -43.22
C GLU D 596 9.14 33.38 -43.04
N GLU D 597 8.29 32.54 -42.44
CA GLU D 597 6.91 32.95 -42.18
C GLU D 597 6.85 34.09 -41.17
N MET D 598 7.69 34.03 -40.13
CA MET D 598 7.70 35.16 -39.20
C MET D 598 8.20 36.42 -39.90
N ARG D 599 9.21 36.31 -40.77
CA ARG D 599 9.66 37.48 -41.52
C ARG D 599 8.51 38.06 -42.34
N ARG D 600 7.78 37.20 -43.04
CA ARG D 600 6.66 37.66 -43.85
C ARG D 600 5.61 38.35 -42.99
N PHE D 601 5.33 37.81 -41.80
CA PHE D 601 4.41 38.50 -40.90
C PHE D 601 4.91 39.88 -40.53
N THR D 602 6.21 40.00 -40.22
CA THR D 602 6.72 41.32 -39.83
C THR D 602 6.60 42.33 -40.95
N VAL D 603 6.69 41.87 -42.21
CA VAL D 603 6.44 42.78 -43.33
C VAL D 603 4.99 43.27 -43.32
N LYS D 604 4.04 42.35 -43.11
CA LYS D 604 2.65 42.77 -42.99
C LYS D 604 2.41 43.65 -41.76
N LEU D 605 3.18 43.43 -40.69
CA LEU D 605 3.00 44.25 -39.50
C LEU D 605 3.48 45.69 -39.74
N LYS D 606 4.63 45.83 -40.41
CA LYS D 606 5.12 47.15 -40.75
C LYS D 606 4.17 47.85 -41.72
N GLU D 607 3.63 47.11 -42.67
CA GLU D 607 2.62 47.67 -43.55
C GLU D 607 1.43 48.20 -42.76
N TYR D 608 0.86 47.38 -41.86
CA TYR D 608 -0.26 47.85 -41.04
C TYR D 608 0.13 49.07 -40.20
N MET D 609 1.26 49.00 -39.50
CA MET D 609 1.63 50.06 -38.55
C MET D 609 1.95 51.36 -39.29
N ASN D 610 2.77 51.28 -40.34
CA ASN D 610 3.05 52.46 -41.15
C ASN D 610 1.76 53.10 -41.65
N GLY D 611 0.78 52.30 -42.04
CA GLY D 611 -0.48 52.83 -42.54
C GLY D 611 -1.30 53.60 -41.53
N ILE D 612 -1.11 53.36 -40.23
CA ILE D 612 -1.78 54.16 -39.20
C ILE D 612 -0.81 55.15 -38.55
N GLY D 613 0.37 55.36 -39.14
CA GLY D 613 1.28 56.41 -38.70
C GLY D 613 2.37 55.99 -37.74
N VAL D 614 2.55 54.70 -37.49
CA VAL D 614 3.51 54.19 -36.50
C VAL D 614 4.79 53.76 -37.22
N GLY D 615 5.94 54.17 -36.72
CA GLY D 615 7.21 53.70 -37.28
C GLY D 615 7.74 54.32 -38.56
N1 PLP E . 22.05 -26.46 21.42
C2 PLP E . 22.35 -27.16 22.53
C2A PLP E . 23.76 -27.65 22.68
C3 PLP E . 21.36 -27.34 23.50
O3 PLP E . 21.66 -28.03 24.63
C4 PLP E . 20.06 -26.84 23.33
C4A PLP E . 18.93 -27.44 24.12
O4A PLP E . 19.20 -28.17 25.10
C5 PLP E . 19.79 -26.15 22.16
C6 PLP E . 20.78 -25.95 21.23
C5A PLP E . 18.42 -25.61 21.88
O4P PLP E . 18.02 -24.83 22.96
P PLP E . 16.46 -24.43 22.95
O1P PLP E . 16.44 -23.24 23.90
O2P PLP E . 16.14 -24.24 21.48
O3P PLP E . 15.62 -25.54 23.53
MG MG F . 21.87 2.70 65.59
MG MG G . 20.07 4.07 67.42
P PO4 H . 16.14 -29.89 25.06
O1 PO4 H . 16.72 -28.73 25.87
O2 PO4 H . 14.65 -29.67 25.05
O3 PO4 H . 16.49 -31.16 25.82
O4 PO4 H . 16.66 -29.93 23.61
O3B 0RC I . 21.90 3.81 67.09
PB 0RC I . 21.70 5.11 66.25
O2B 0RC I . 21.95 6.38 67.10
C1B 0RC I . 20.01 5.26 65.67
C14 0RC I . 20.33 6.00 64.29
N15 0RC I . 19.22 6.21 63.35
O3A 0RC I . 22.91 5.52 65.12
PA 0RC I . 24.36 4.62 65.11
O1A 0RC I . 23.92 3.09 65.12
O2A 0RC I . 25.27 4.97 66.25
O5' 0RC I . 25.11 4.98 63.67
C5' 0RC I . 24.27 4.89 62.65
C4' 0RC I . 25.06 4.50 61.45
C3' 0RC I . 26.04 3.19 61.86
O3' 0RC I . 25.83 2.17 60.87
C2' 0RC I . 27.26 3.70 61.95
O2' 0RC I . 28.39 2.82 61.67
O4' 0RC I . 25.80 5.49 61.10
C1' 0RC I . 27.30 4.94 61.02
N1 0RC I . 28.21 5.82 61.34
C6 0RC I . 28.30 6.33 62.59
C5 0RC I . 29.24 7.24 62.90
C4 0RC I . 30.16 7.64 61.90
N4 0RC I . 31.22 8.61 62.16
N3 0RC I . 30.01 7.09 60.72
C2 0RC I . 29.06 6.21 60.44
O2 0RC I . 28.99 5.74 59.36
C1 EDO J . 12.98 -8.20 19.72
O1 EDO J . 13.65 -7.59 18.60
C2 EDO J . 12.53 -9.65 19.42
O2 EDO J . 13.58 -10.49 18.86
C ACT K . 9.56 6.22 23.26
O ACT K . 10.65 5.70 23.01
OXT ACT K . 8.43 5.67 23.14
CH3 ACT K . 9.62 7.75 23.77
C1 EDO L . 25.31 -3.33 21.82
O1 EDO L . 26.34 -2.35 21.61
C2 EDO L . 25.69 -4.64 21.13
O2 EDO L . 26.90 -5.17 21.69
C1 EDO M . 23.06 -5.63 18.86
O1 EDO M . 22.53 -6.15 20.04
C2 EDO M . 22.64 -4.16 18.88
O2 EDO M . 23.59 -3.30 18.31
C1 EDO N . 18.71 -5.45 20.63
O1 EDO N . 18.16 -6.71 20.21
C2 EDO N . 19.83 -5.76 21.58
O2 EDO N . 20.59 -6.75 20.90
C1 EDO O . 38.17 -0.66 53.36
O1 EDO O . 37.45 0.30 54.16
C2 EDO O . 39.20 0.29 52.72
O2 EDO O . 38.56 1.45 52.18
C1 EDO P . 15.93 -20.91 45.78
O1 EDO P . 15.39 -21.92 46.64
C2 EDO P . 15.82 -19.60 46.50
O2 EDO P . 16.93 -18.87 46.02
C1 EDO Q . 35.75 -15.34 31.74
O1 EDO Q . 34.79 -14.58 31.00
C2 EDO Q . 35.23 -16.75 31.99
O2 EDO Q . 34.51 -17.19 30.83
C1 EDO R . 19.05 -7.95 1.33
O1 EDO R . 17.97 -8.85 1.54
C2 EDO R . 18.98 -6.81 2.33
O2 EDO R . 20.22 -6.78 3.05
C ACT S . 27.38 4.55 69.59
O ACT S . 27.21 3.54 70.30
OXT ACT S . 26.50 5.34 69.14
CH3 ACT S . 28.87 4.85 69.20
C1 EDO T . 23.81 -19.64 29.59
O1 EDO T . 22.41 -19.93 29.73
C2 EDO T . 24.49 -20.68 28.71
O2 EDO T . 24.58 -22.04 29.10
C1 EDO U . 15.26 4.55 65.74
O1 EDO U . 14.15 4.89 64.93
C2 EDO U . 16.44 4.17 64.88
O2 EDO U . 17.09 5.35 64.44
P PO4 V . 14.83 -52.12 29.82
O1 PO4 V . 14.31 -52.59 31.19
O2 PO4 V . 16.36 -52.08 29.88
O3 PO4 V . 14.36 -53.09 28.77
O4 PO4 V . 14.29 -50.72 29.44
N1 PLP W . -21.60 5.86 -18.23
C2 PLP W . -21.94 4.85 -19.11
C2A PLP W . -23.34 4.32 -19.13
C3 PLP W . -20.99 4.31 -19.98
O3 PLP W . -21.34 3.29 -20.84
C4 PLP W . -19.69 4.79 -19.96
C4A PLP W . -18.61 3.87 -20.47
O4A PLP W . -18.90 2.95 -21.25
C5 PLP W . -19.36 5.80 -19.07
C6 PLP W . -20.31 6.35 -18.21
C5A PLP W . -17.95 6.34 -19.01
O4P PLP W . -17.62 6.98 -20.20
P PLP W . -16.07 7.21 -20.41
O1P PLP W . -15.50 7.94 -19.18
O2P PLP W . -15.98 8.02 -21.68
O3P PLP W . -15.31 5.90 -20.62
MG MG X . -22.12 18.32 -69.58
MG MG Y . -20.26 19.07 -71.71
P PO4 Z . -15.79 1.49 -20.67
O1 PO4 Z . -16.27 1.89 -19.28
O2 PO4 Z . -16.27 2.42 -21.78
O3 PO4 Z . -16.36 0.09 -20.93
O4 PO4 Z . -14.29 1.48 -20.64
O3B 0RC AA . -22.25 18.79 -71.33
PB 0RC AA . -22.03 20.32 -71.08
O2B 0RC AA . -21.97 21.06 -72.42
C1B 0RC AA . -20.42 20.73 -70.41
C14 0RC AA . -20.61 22.00 -69.47
N15 0RC AA . -19.35 22.55 -68.96
O3A 0RC AA . -23.33 21.21 -70.49
PA 0RC AA . -24.67 20.39 -69.93
O1A 0RC AA . -24.16 18.98 -69.46
O2A 0RC AA . -25.72 20.25 -71.00
O5' 0RC AA . -25.26 21.22 -68.61
C5' 0RC AA . -24.43 21.24 -67.60
C4' 0RC AA . -25.30 21.37 -66.39
C3' 0RC AA . -26.30 20.03 -66.25
O3' 0RC AA . -26.11 19.44 -64.95
C2' 0RC AA . -27.50 20.53 -66.42
O2' 0RC AA . -28.62 19.70 -65.99
O4' 0RC AA . -26.02 22.41 -66.49
C1' 0RC AA . -27.49 22.04 -65.99
N1 0RC AA . -28.45 22.69 -66.60
C6 0RC AA . -28.52 22.73 -67.94
C5 0RC AA . -29.51 23.37 -68.56
C4 0RC AA . -30.51 23.97 -67.78
N4 0RC AA . -31.64 24.66 -68.39
N3 0RC AA . -30.40 23.87 -66.49
C2 0RC AA . -29.39 23.25 -65.92
O2 0RC AA . -29.33 23.19 -64.77
C1 EDO BA . -4.18 23.12 -34.14
O1 EDO BA . -2.93 23.23 -34.81
C2 EDO BA . -5.07 24.30 -34.44
O2 EDO BA . -6.40 23.92 -34.15
C1 EDO CA . -18.28 25.79 -24.49
O1 EDO CA . -17.76 25.03 -23.39
C2 EDO CA . -19.53 25.14 -25.05
O2 EDO CA . -20.32 24.67 -23.96
P PO4 DA . -27.74 18.81 -74.17
O1 PO4 DA . -26.97 19.61 -73.11
O2 PO4 DA . -27.10 17.47 -74.44
O3 PO4 DA . -27.74 19.65 -75.44
O4 PO4 DA . -29.15 18.55 -73.69
C1 GOL EA . -30.71 28.64 -29.33
O1 GOL EA . -31.14 29.91 -29.77
C2 GOL EA . -29.53 28.88 -28.36
O2 GOL EA . -28.99 30.17 -28.43
C3 GOL EA . -30.07 28.54 -26.98
O3 GOL EA . -28.92 28.31 -26.14
C1 EDO FA . -9.47 35.91 -30.64
O1 EDO FA . -8.25 35.32 -30.17
C2 EDO FA . -9.10 37.15 -31.45
O2 EDO FA . -10.22 37.56 -32.26
C1 GOL GA . -12.01 22.05 -21.86
O1 GOL GA . -13.22 21.77 -21.16
C2 GOL GA . -11.95 23.59 -22.30
O2 GOL GA . -11.93 23.79 -23.64
C3 GOL GA . -13.20 24.23 -21.83
O3 GOL GA . -13.00 25.51 -22.15
P PO4 HA . -14.36 -21.22 -17.83
O1 PO4 HA . -14.09 -21.87 -16.49
O2 PO4 HA . -13.80 -19.77 -17.77
O3 PO4 HA . -15.89 -21.23 -18.06
O4 PO4 HA . -13.71 -22.00 -19.00
C ACT IA . 9.97 -35.77 30.27
O ACT IA . 11.10 -35.11 30.22
OXT ACT IA . 8.88 -35.52 29.69
CH3 ACT IA . 9.94 -37.07 31.10
N1 PLP JA . 1.27 -6.24 14.06
C2 PLP JA . 0.54 -5.30 14.74
C2A PLP JA . -0.80 -4.90 14.23
C3 PLP JA . 1.08 -4.72 15.89
O3 PLP JA . 0.36 -3.78 16.53
C4 PLP JA . 2.34 -5.10 16.36
C4A PLP JA . 2.92 -4.55 17.64
O4A PLP JA . 2.71 -3.35 17.93
C5 PLP JA . 3.04 -6.06 15.64
C6 PLP JA . 2.49 -6.63 14.50
C5A PLP JA . 4.42 -6.52 16.05
O4P PLP JA . 4.34 -7.19 17.27
P PLP JA . 5.72 -7.34 18.09
O1P PLP JA . 6.20 -5.98 18.50
O2P PLP JA . 6.75 -7.93 17.20
O3P PLP JA . 5.43 -8.22 19.29
MG MG KA . -15.26 -20.65 64.80
P PO4 LA . 5.44 -1.57 18.41
O1 PO4 LA . 6.88 -1.65 18.78
O2 PO4 LA . 4.68 -2.50 19.35
O3 PO4 LA . 4.88 -0.16 18.51
O4 PO4 LA . 5.42 -2.01 16.94
O3B 0RC MA . -16.18 -21.16 63.44
PB 0RC MA . -16.28 -22.67 63.72
O2B 0RC MA . -17.13 -23.15 64.89
C1B 0RC MA . -14.75 -23.61 63.70
C14 0RC MA . -14.28 -23.86 62.20
N15 0RC MA . -12.84 -24.07 62.17
O3A 0RC MA . -17.16 -23.24 62.40
PA 0RC MA . -18.32 -22.32 61.54
O1A 0RC MA . -17.78 -20.82 61.39
O2A 0RC MA . -19.67 -22.36 62.19
O5' 0RC MA . -18.44 -23.06 60.05
C5' 0RC MA . -17.37 -23.36 59.39
C4' 0RC MA . -17.80 -23.39 57.95
C3' 0RC MA . -18.89 -22.12 57.63
O3' 0RC MA . -18.32 -21.36 56.56
C2' 0RC MA . -20.03 -22.70 57.33
O2' 0RC MA . -20.88 -22.00 56.37
O4' 0RC MA . -18.38 -24.52 57.70
C1' 0RC MA . -19.71 -24.18 56.89
N1 0RC MA . -20.69 -24.99 57.12
C6 0RC MA . -21.22 -25.09 58.35
C5 0RC MA . -22.25 -25.91 58.58
C4 0RC MA . -22.77 -26.67 57.51
N4 0RC MA . -23.90 -27.56 57.71
N3 0RC MA . -22.22 -26.53 56.32
C2 0RC MA . -21.19 -25.70 56.14
O2 0RC MA . -20.73 -25.63 55.08
C1 EDO NA . 2.12 -12.78 58.83
O1 EDO NA . 3.25 -11.96 58.61
C2 EDO NA . 1.21 -12.53 57.63
O2 EDO NA . -0.16 -12.71 57.98
P PO4 OA . -23.13 -21.30 64.26
O1 PO4 OA . -23.74 -21.99 65.48
O2 PO4 OA . -21.87 -22.06 63.87
O3 PO4 OA . -24.14 -21.35 63.14
O4 PO4 OA . -22.82 -19.84 64.56
C1 EDO PA . -12.82 -19.41 7.66
O1 EDO PA . -12.28 -19.35 6.36
C2 EDO PA . -11.78 -20.18 8.43
O2 EDO PA . -12.09 -20.08 9.80
C1 EDO QA . -5.72 4.88 -1.57
O1 EDO QA . -4.35 5.23 -1.85
C2 EDO QA . -6.24 5.47 -0.26
O2 EDO QA . -6.61 6.88 -0.38
C1 EDO RA . 12.20 -7.03 1.51
O1 EDO RA . 12.98 -7.66 0.49
C2 EDO RA . 13.00 -5.80 1.98
O2 EDO RA . 14.20 -6.18 2.69
MG MG SA . -16.18 -19.84 62.15
C1 EDO TA . 9.19 -23.47 21.72
O1 EDO TA . 9.06 -24.45 20.68
C2 EDO TA . 9.66 -22.12 21.15
O2 EDO TA . 8.99 -21.81 19.93
C1 EDO UA . -3.50 -27.34 19.13
O1 EDO UA . -4.68 -26.54 19.18
C2 EDO UA . -3.35 -28.21 20.38
O2 EDO UA . -4.26 -29.33 20.30
C1 EDO VA . 3.45 -26.13 21.05
O1 EDO VA . 4.10 -24.85 20.89
C2 EDO VA . 1.95 -25.93 21.22
O2 EDO VA . 1.54 -25.05 20.16
P PO4 WA . 6.99 21.48 16.27
O1 PO4 WA . 6.72 22.17 17.61
O2 PO4 WA . 8.16 22.19 15.61
O3 PO4 WA . 7.29 19.99 16.48
O4 PO4 WA . 5.74 21.51 15.41
MG MG XA . 14.95 -3.18 -61.22
N1 PLP YA . -0.87 27.41 -18.02
C2 PLP YA . -0.19 28.08 -19.01
C2A PLP YA . 1.18 28.65 -18.73
C3 PLP YA . -0.73 28.20 -20.28
O3 PLP YA . -0.06 28.84 -21.27
C4 PLP YA . -1.98 27.66 -20.54
C4A PLP YA . -2.62 27.99 -21.85
O4A PLP YA . -2.19 28.93 -22.53
C5 PLP YA . -2.67 27.01 -19.51
C6 PLP YA . -2.11 26.91 -18.23
C5A PLP YA . -4.03 26.43 -19.74
O4P PLP YA . -3.98 25.48 -20.77
P PLP YA . -5.39 25.04 -21.44
O1P PLP YA . -6.42 24.77 -20.36
O2P PLP YA . -5.07 23.88 -22.33
O3P PLP YA . -5.86 26.20 -22.30
MG MG ZA . 15.19 -1.18 -59.10
P PO4 AB . 22.66 -3.69 -60.66
O1 PO4 AB . 23.61 -3.29 -59.56
O2 PO4 AB . 21.27 -3.97 -60.12
O3 PO4 AB . 23.16 -4.96 -61.31
O4 PO4 AB . 22.62 -2.54 -61.67
O3B 0RC BB . 16.05 -3.69 -59.68
PB 0RC BB . 16.30 -5.16 -59.19
O2B 0RC BB . 17.00 -5.99 -60.24
C1B 0RC BB . 14.80 -6.07 -58.72
C14 0RC BB . 14.01 -5.33 -57.58
N15 0RC BB . 12.64 -5.81 -57.56
O3A 0RC BB . 17.34 -5.10 -57.87
PA 0RC BB . 18.25 -3.74 -57.49
O1A 0RC BB . 17.60 -2.37 -57.95
O2A 0RC BB . 19.60 -4.00 -58.07
O5' 0RC BB . 18.32 -3.86 -55.83
C5' 0RC BB . 17.26 -4.23 -55.18
C4' 0RC BB . 17.58 -3.77 -53.78
C3' 0RC BB . 18.61 -2.42 -53.90
O3' 0RC BB . 18.07 -1.36 -53.13
C2' 0RC BB . 19.77 -2.83 -53.47
O2' 0RC BB . 20.62 -1.75 -52.95
O4' 0RC BB . 18.25 -4.70 -53.18
C1' 0RC BB . 19.48 -3.99 -52.46
N1 0RC BB . 20.50 -4.79 -52.36
C6 0RC BB . 20.98 -5.38 -53.47
C5 0RC BB . 22.04 -6.19 -53.40
C4 0RC BB . 22.62 -6.45 -52.14
N4 0RC BB . 23.77 -7.34 -51.99
N3 0RC BB . 22.11 -5.85 -51.10
C2 0RC BB . 21.07 -5.04 -51.21
O2 0RC BB . 20.65 -4.56 -50.23
C1 EDO CB . -4.64 15.68 -1.20
O1 EDO CB . -5.19 16.32 -2.32
C2 EDO CB . -5.73 15.64 -0.16
O2 EDO CB . -5.88 14.31 0.21
C1 EDO DB . -3.59 9.51 -46.85
O1 EDO DB . -5.00 9.68 -47.00
C2 EDO DB . -2.97 8.99 -48.14
O2 EDO DB . -1.54 9.08 -47.97
C1 EDO EB . 0.56 15.04 -47.10
O1 EDO EB . 0.17 13.70 -47.39
C2 EDO EB . 0.47 15.31 -45.60
O2 EDO EB . 1.43 14.61 -44.77
P PO4 FB . -5.17 30.42 -23.64
O1 PO4 FB . -5.32 30.50 -22.12
O2 PO4 FB . -4.19 29.35 -24.04
O3 PO4 FB . -4.56 31.72 -24.13
O4 PO4 FB . -6.53 30.14 -24.25
C1 EDO GB . 3.77 4.60 -17.10
O1 EDO GB . 4.61 3.50 -16.66
C2 EDO GB . 3.95 5.84 -16.22
O2 EDO GB . 5.20 6.49 -16.48
C1 EDO HB . -1.55 6.73 -18.51
O1 EDO HB . -1.33 7.73 -17.53
C2 EDO HB . -2.96 6.23 -18.27
O2 EDO HB . -3.83 7.34 -18.48
C1 EDO IB . -8.71 8.59 -19.58
O1 EDO IB . -8.63 7.96 -18.29
C2 EDO IB . -9.35 9.96 -19.34
O2 EDO IB . -8.54 10.75 -18.43
C1 EDO JB . -9.69 -7.23 -24.21
O1 EDO JB . -8.39 -7.87 -24.17
C2 EDO JB . -9.51 -5.76 -23.81
O2 EDO JB . -10.78 -5.08 -23.85
P PO4 KB . -6.93 52.86 -28.73
O1 PO4 KB . -5.81 53.47 -27.91
O2 PO4 KB . -7.07 51.38 -28.33
O3 PO4 KB . -6.61 53.01 -30.23
O4 PO4 KB . -8.23 53.63 -28.46
#